data_3FA4
#
_entry.id   3FA4
#
_cell.length_a   79.090
_cell.length_b   115.470
_cell.length_c   115.750
_cell.angle_alpha   119.66
_cell.angle_beta   90.71
_cell.angle_gamma   96.28
#
_symmetry.space_group_name_H-M   'P 1'
#
loop_
_entity.id
_entity.type
_entity.pdbx_description
1 polymer '2,3-dimethylmalate lyase'
2 non-polymer 'MAGNESIUM ION'
3 water water
#
_entity_poly.entity_id   1
_entity_poly.type   'polypeptide(L)'
_entity_poly.pdbx_seq_one_letter_code
;PMVTAATSLRRALENPDSFIVAPGVYDGLSARVALSAGFDALYMTGAGTAASVHGQADLGICTLNDMRANAEMISNISPS
TPVIADADTGYGGPIMVARTTEQYSRSGVAAFHIEDQVQTKRCGHLAGKILVDTDTYVTRIRAAVQARQRIGSDIVVIAR
TDSLQTHGYEESVARLRAARDAGADVGFLEGITSREMARQVIQDLAGWPLLLNMVEHGATPSISAAEAKEMGFRIIIFPF
AALGPAVAAMREAMEKLKRDGIPGLDKEMTPQMLFRVCGLDESMKVDAQAGGAAFDGGVDLK
;
_entity_poly.pdbx_strand_id   A,B,C,D,E,F,G,H,I,J,K,L
#
loop_
_chem_comp.id
_chem_comp.type
_chem_comp.name
_chem_comp.formula
MG non-polymer 'MAGNESIUM ION' 'Mg 2'
#
# COMPACT_ATOMS: atom_id res chain seq x y z
N PRO A 1 -12.70 -13.10 33.49
CA PRO A 1 -11.42 -13.42 32.85
C PRO A 1 -11.63 -14.21 31.55
N MET A 2 -11.36 -15.50 31.60
CA MET A 2 -10.91 -16.23 30.42
C MET A 2 -11.99 -17.22 30.04
N VAL A 3 -12.46 -17.21 28.80
CA VAL A 3 -13.77 -17.88 28.54
C VAL A 3 -13.77 -19.01 27.49
N THR A 4 -14.56 -20.08 27.74
CA THR A 4 -14.72 -21.17 26.76
C THR A 4 -16.15 -21.23 26.18
N ALA A 5 -16.25 -21.80 24.98
CA ALA A 5 -17.49 -21.92 24.24
C ALA A 5 -18.25 -23.16 24.70
N ALA A 6 -17.63 -23.97 25.57
CA ALA A 6 -18.39 -25.04 26.30
C ALA A 6 -19.56 -24.47 27.13
N THR A 7 -19.36 -23.32 27.77
CA THR A 7 -20.41 -22.73 28.61
C THR A 7 -21.57 -22.46 27.72
N SER A 8 -21.38 -21.68 26.64
CA SER A 8 -22.46 -21.33 25.71
C SER A 8 -23.08 -22.53 24.98
N LEU A 9 -22.31 -23.53 24.57
CA LEU A 9 -22.94 -24.74 24.02
C LEU A 9 -23.86 -25.40 25.03
N ARG A 10 -23.35 -25.50 26.23
CA ARG A 10 -24.03 -26.01 27.37
C ARG A 10 -25.36 -25.38 27.60
N ARG A 11 -25.42 -24.08 27.56
CA ARG A 11 -26.74 -23.41 27.75
C ARG A 11 -27.71 -23.65 26.59
N ALA A 12 -27.19 -23.77 25.36
CA ALA A 12 -28.02 -24.06 24.19
C ALA A 12 -28.69 -25.38 24.45
N LEU A 13 -27.93 -26.40 24.87
CA LEU A 13 -28.56 -27.71 25.11
C LEU A 13 -29.64 -27.72 26.24
N GLU A 14 -29.52 -26.78 27.17
CA GLU A 14 -30.44 -26.62 28.26
C GLU A 14 -31.74 -26.00 27.73
N ASN A 15 -31.66 -25.18 26.68
CA ASN A 15 -32.86 -24.67 26.03
C ASN A 15 -33.47 -25.76 25.12
N PRO A 16 -34.72 -26.20 25.46
CA PRO A 16 -35.32 -27.34 24.73
C PRO A 16 -35.55 -27.07 23.22
N ASP A 17 -35.48 -25.78 22.84
CA ASP A 17 -35.67 -25.28 21.45
C ASP A 17 -34.44 -25.21 20.48
N SER A 18 -33.22 -25.19 21.04
CA SER A 18 -31.96 -25.09 20.25
C SER A 18 -31.64 -26.32 19.44
N PHE A 19 -31.29 -26.12 18.18
CA PHE A 19 -30.95 -27.23 17.38
C PHE A 19 -29.60 -26.88 16.75
N ILE A 20 -28.62 -27.77 16.93
CA ILE A 20 -27.24 -27.49 16.59
C ILE A 20 -26.81 -28.21 15.29
N VAL A 21 -26.39 -27.45 14.27
CA VAL A 21 -25.76 -28.02 13.06
C VAL A 21 -24.25 -27.79 13.10
N ALA A 22 -23.51 -28.89 13.09
CA ALA A 22 -22.09 -28.90 13.19
C ALA A 22 -21.52 -29.62 11.96
N PRO A 23 -21.07 -28.87 10.92
CA PRO A 23 -20.42 -29.58 9.81
C PRO A 23 -19.08 -30.19 10.21
N GLY A 24 -18.74 -31.31 9.59
CA GLY A 24 -17.39 -31.92 9.77
C GLY A 24 -16.15 -31.25 9.14
N VAL A 25 -15.21 -30.90 10.04
CA VAL A 25 -13.93 -30.27 9.69
C VAL A 25 -12.66 -31.07 10.21
N TYR A 26 -11.52 -30.84 9.59
CA TYR A 26 -10.44 -31.75 9.88
C TYR A 26 -9.05 -31.13 10.07
N ASP A 27 -8.94 -29.85 9.75
CA ASP A 27 -7.69 -29.12 9.74
C ASP A 27 -8.05 -27.63 9.79
N GLY A 28 -7.08 -26.74 9.64
CA GLY A 28 -7.30 -25.29 9.73
C GLY A 28 -8.08 -24.69 8.57
N LEU A 29 -7.81 -25.16 7.32
CA LEU A 29 -8.52 -24.76 6.12
C LEU A 29 -10.01 -25.10 6.14
N SER A 30 -10.34 -26.39 6.22
CA SER A 30 -11.72 -26.84 6.27
C SER A 30 -12.45 -26.09 7.31
N ALA A 31 -11.82 -25.87 8.47
CA ALA A 31 -12.41 -25.10 9.59
C ALA A 31 -12.73 -23.65 9.24
N ARG A 32 -11.73 -22.93 8.69
CA ARG A 32 -11.82 -21.57 8.24
C ARG A 32 -12.92 -21.40 7.16
N VAL A 33 -12.94 -22.34 6.21
CA VAL A 33 -13.90 -22.30 5.12
C VAL A 33 -15.35 -22.50 5.57
N ALA A 34 -15.58 -23.37 6.56
CA ALA A 34 -16.87 -23.62 7.20
C ALA A 34 -17.34 -22.43 8.06
N LEU A 35 -16.43 -21.73 8.73
CA LEU A 35 -16.82 -20.59 9.56
C LEU A 35 -17.18 -19.43 8.68
N SER A 36 -16.50 -19.35 7.56
CA SER A 36 -16.82 -18.37 6.51
C SER A 36 -18.13 -18.61 5.85
N ALA A 37 -18.62 -19.84 5.91
CA ALA A 37 -19.94 -20.12 5.34
C ALA A 37 -21.08 -19.78 6.29
N GLY A 38 -20.80 -19.44 7.55
CA GLY A 38 -21.81 -18.99 8.50
C GLY A 38 -22.32 -19.98 9.55
N PHE A 39 -21.69 -21.15 9.63
CA PHE A 39 -21.97 -22.14 10.63
C PHE A 39 -21.55 -21.74 12.05
N ASP A 40 -22.33 -22.24 12.98
CA ASP A 40 -22.32 -21.78 14.36
C ASP A 40 -21.92 -22.84 15.36
N ALA A 41 -21.54 -24.03 14.87
CA ALA A 41 -20.79 -24.98 15.62
C ALA A 41 -19.90 -25.68 14.60
N LEU A 42 -18.86 -26.34 15.07
CA LEU A 42 -18.07 -27.19 14.18
C LEU A 42 -17.96 -28.56 14.79
N TYR A 43 -17.63 -29.53 13.93
CA TYR A 43 -17.41 -30.90 14.37
C TYR A 43 -16.07 -31.36 13.86
N MET A 44 -15.14 -31.64 14.79
CA MET A 44 -13.87 -32.24 14.45
C MET A 44 -14.00 -33.77 14.29
N THR A 45 -14.00 -34.23 13.05
CA THR A 45 -14.04 -35.63 12.72
C THR A 45 -12.62 -36.25 13.01
N GLY A 46 -12.59 -37.42 13.64
CA GLY A 46 -11.32 -38.07 13.93
C GLY A 46 -10.87 -38.84 12.68
N ALA A 47 -11.82 -39.31 11.84
CA ALA A 47 -11.49 -40.00 10.57
C ALA A 47 -10.81 -38.98 9.68
N GLY A 48 -11.36 -37.77 9.63
CA GLY A 48 -10.78 -36.65 8.91
C GLY A 48 -9.42 -36.23 9.47
N THR A 49 -9.29 -36.17 10.79
CA THR A 49 -7.99 -36.04 11.51
C THR A 49 -6.98 -37.12 11.21
N ALA A 50 -7.40 -38.38 11.15
CA ALA A 50 -6.47 -39.43 10.76
C ALA A 50 -6.03 -39.25 9.31
N ALA A 51 -6.93 -38.79 8.42
CA ALA A 51 -6.58 -38.67 7.02
C ALA A 51 -5.65 -37.48 6.78
N SER A 52 -5.95 -36.32 7.39
CA SER A 52 -5.11 -35.14 7.30
C SER A 52 -3.77 -35.20 8.09
N VAL A 53 -3.83 -35.34 9.41
CA VAL A 53 -2.59 -35.49 10.22
C VAL A 53 -1.64 -36.66 9.79
N HIS A 54 -2.20 -37.84 9.47
CA HIS A 54 -1.38 -39.06 9.25
C HIS A 54 -1.54 -39.69 7.87
N GLY A 55 -2.59 -39.35 7.14
CA GLY A 55 -2.71 -39.92 5.79
C GLY A 55 -3.16 -41.36 5.77
N GLN A 56 -4.00 -41.73 6.74
CA GLN A 56 -4.28 -43.12 7.12
C GLN A 56 -5.76 -43.29 7.24
N ALA A 57 -6.28 -44.53 7.28
CA ALA A 57 -7.76 -44.66 7.57
C ALA A 57 -8.09 -44.39 9.04
N ASP A 58 -9.38 -44.27 9.36
CA ASP A 58 -9.81 -44.19 10.76
C ASP A 58 -9.78 -45.55 11.53
N LEU A 59 -8.59 -45.90 12.03
CA LEU A 59 -8.28 -47.19 12.56
C LEU A 59 -7.65 -47.01 13.96
N GLY A 60 -7.94 -45.94 14.70
CA GLY A 60 -7.32 -45.78 16.03
C GLY A 60 -5.80 -45.47 16.04
N ILE A 61 -5.33 -44.74 15.01
CA ILE A 61 -3.91 -44.43 14.87
C ILE A 61 -3.53 -43.04 15.39
N CYS A 62 -4.49 -42.29 15.85
CA CYS A 62 -4.21 -40.97 16.37
C CYS A 62 -4.16 -41.08 17.85
N THR A 63 -3.21 -40.38 18.43
CA THR A 63 -2.84 -40.50 19.82
C THR A 63 -3.63 -39.35 20.47
N LEU A 64 -3.64 -39.20 21.79
CA LEU A 64 -4.21 -38.02 22.47
C LEU A 64 -3.48 -36.74 22.08
N ASN A 65 -2.15 -36.76 22.03
CA ASN A 65 -1.33 -35.64 21.55
C ASN A 65 -1.87 -35.12 20.20
N ASP A 66 -1.94 -36.03 19.21
CA ASP A 66 -2.54 -35.81 17.86
C ASP A 66 -3.86 -35.13 17.77
N MET A 67 -4.83 -35.65 18.52
CA MET A 67 -6.20 -35.20 18.54
C MET A 67 -6.41 -33.96 19.35
N ARG A 68 -5.70 -33.87 20.44
CA ARG A 68 -5.80 -32.73 21.31
C ARG A 68 -5.23 -31.53 20.64
N ALA A 69 -4.14 -31.67 19.93
CA ALA A 69 -3.59 -30.53 19.19
C ALA A 69 -4.50 -30.05 18.02
N ASN A 70 -5.12 -30.98 17.25
CA ASN A 70 -5.95 -30.59 16.10
C ASN A 70 -7.17 -29.88 16.58
N ALA A 71 -7.72 -30.33 17.73
CA ALA A 71 -8.98 -29.76 18.38
C ALA A 71 -8.75 -28.43 19.08
N GLU A 72 -7.63 -28.29 19.77
CA GLU A 72 -7.19 -26.98 20.23
C GLU A 72 -6.99 -25.96 19.11
N MET A 73 -6.38 -26.31 17.96
CA MET A 73 -6.32 -25.22 17.01
C MET A 73 -7.61 -24.90 16.29
N ILE A 74 -8.49 -25.86 16.11
CA ILE A 74 -9.77 -25.62 15.40
C ILE A 74 -10.60 -24.83 16.38
N SER A 75 -10.52 -25.18 17.65
CA SER A 75 -11.30 -24.50 18.68
C SER A 75 -10.92 -23.03 18.85
N ASN A 76 -9.74 -22.64 18.39
CA ASN A 76 -9.22 -21.29 18.67
C ASN A 76 -9.05 -20.45 17.45
N ILE A 77 -9.52 -20.99 16.33
CA ILE A 77 -9.78 -20.20 15.13
C ILE A 77 -10.87 -19.14 15.38
N SER A 78 -12.00 -19.60 15.92
CA SER A 78 -13.07 -18.74 16.40
C SER A 78 -13.34 -19.20 17.83
N PRO A 79 -12.70 -18.59 18.82
CA PRO A 79 -12.88 -19.09 20.23
C PRO A 79 -14.34 -19.07 20.78
N SER A 80 -15.20 -18.32 20.14
CA SER A 80 -16.56 -18.23 20.63
C SER A 80 -17.51 -19.19 19.85
N THR A 81 -16.99 -19.97 18.88
CA THR A 81 -17.80 -20.96 18.17
C THR A 81 -17.59 -22.32 18.78
N PRO A 82 -18.66 -22.90 19.34
CA PRO A 82 -18.58 -24.22 19.96
C PRO A 82 -17.96 -25.25 19.00
N VAL A 83 -16.97 -25.99 19.49
CA VAL A 83 -16.39 -27.08 18.74
C VAL A 83 -16.68 -28.44 19.43
N ILE A 84 -17.21 -29.39 18.65
CA ILE A 84 -17.47 -30.75 19.11
C ILE A 84 -16.37 -31.65 18.58
N ALA A 85 -15.65 -32.29 19.50
CA ALA A 85 -14.49 -33.11 19.11
C ALA A 85 -14.62 -34.59 19.39
N ASP A 86 -14.28 -35.41 18.41
CA ASP A 86 -14.10 -36.84 18.63
C ASP A 86 -13.00 -36.94 19.69
N ALA A 87 -13.26 -37.63 20.84
CA ALA A 87 -12.22 -38.10 21.78
C ALA A 87 -12.09 -39.64 21.81
N ASP A 88 -12.56 -40.30 20.76
CA ASP A 88 -12.50 -41.77 20.72
C ASP A 88 -13.01 -42.48 22.01
N THR A 89 -12.15 -43.20 22.74
CA THR A 89 -12.53 -44.02 23.88
C THR A 89 -11.81 -43.46 25.08
N GLY A 90 -11.35 -42.19 24.96
CA GLY A 90 -10.69 -41.41 26.02
C GLY A 90 -9.24 -41.75 26.26
N TYR A 91 -8.61 -42.47 25.31
CA TYR A 91 -7.13 -42.79 25.24
C TYR A 91 -6.48 -43.60 26.38
N GLY A 92 -7.30 -44.37 27.07
CA GLY A 92 -6.86 -45.39 28.02
C GLY A 92 -7.95 -45.54 29.07
N GLY A 93 -7.54 -45.85 30.30
CA GLY A 93 -8.42 -46.00 31.42
C GLY A 93 -8.67 -44.65 32.07
N PRO A 94 -9.40 -44.66 33.20
CA PRO A 94 -9.85 -43.49 33.97
C PRO A 94 -8.86 -42.34 34.11
N ILE A 95 -7.59 -42.65 34.39
CA ILE A 95 -6.52 -41.67 34.49
C ILE A 95 -6.32 -40.94 33.15
N MET A 96 -6.45 -41.67 32.04
CA MET A 96 -6.30 -41.10 30.68
C MET A 96 -7.56 -40.39 30.16
N VAL A 97 -8.71 -40.99 30.40
CA VAL A 97 -9.96 -40.27 30.24
C VAL A 97 -9.96 -38.87 30.94
N ALA A 98 -9.44 -38.76 32.17
CA ALA A 98 -9.30 -37.49 32.89
C ALA A 98 -8.23 -36.56 32.28
N ARG A 99 -7.13 -37.08 31.74
CA ARG A 99 -6.18 -36.18 31.09
C ARG A 99 -6.80 -35.62 29.84
N THR A 100 -7.50 -36.47 29.07
CA THR A 100 -8.11 -36.11 27.82
C THR A 100 -9.11 -35.00 28.03
N THR A 101 -9.84 -35.15 29.12
CA THR A 101 -10.85 -34.24 29.59
C THR A 101 -10.28 -32.90 30.02
N GLU A 102 -9.22 -32.91 30.82
CA GLU A 102 -8.55 -31.66 31.26
C GLU A 102 -7.82 -30.97 30.10
N GLN A 103 -7.14 -31.74 29.27
CA GLN A 103 -6.45 -31.19 28.11
C GLN A 103 -7.44 -30.57 27.12
N TYR A 104 -8.55 -31.25 26.78
CA TYR A 104 -9.64 -30.63 25.96
C TYR A 104 -10.27 -29.35 26.59
N SER A 105 -10.53 -29.34 27.90
CA SER A 105 -11.01 -28.16 28.57
C SER A 105 -10.04 -27.01 28.44
N ARG A 106 -8.79 -27.16 28.86
CA ARG A 106 -7.82 -26.05 28.75
C ARG A 106 -7.78 -25.45 27.34
N SER A 107 -7.97 -26.30 26.34
CA SER A 107 -7.81 -26.02 24.92
C SER A 107 -9.08 -25.35 24.39
N GLY A 108 -10.10 -25.24 25.23
CA GLY A 108 -11.38 -24.63 24.84
C GLY A 108 -12.31 -25.47 23.96
N VAL A 109 -12.11 -26.78 23.90
CA VAL A 109 -13.10 -27.66 23.25
C VAL A 109 -14.46 -27.45 23.93
N ALA A 110 -15.53 -27.34 23.13
CA ALA A 110 -16.90 -27.23 23.69
C ALA A 110 -17.57 -28.57 24.13
N ALA A 111 -17.26 -29.67 23.41
CA ALA A 111 -17.85 -30.97 23.68
C ALA A 111 -16.95 -32.00 23.14
N PHE A 112 -17.00 -33.20 23.72
CA PHE A 112 -16.28 -34.33 23.08
C PHE A 112 -17.15 -35.58 23.21
N HIS A 113 -16.96 -36.57 22.33
CA HIS A 113 -17.63 -37.87 22.49
C HIS A 113 -16.73 -39.07 22.80
N ILE A 114 -17.10 -39.85 23.82
CA ILE A 114 -16.43 -41.09 24.25
C ILE A 114 -17.38 -42.22 23.93
N GLU A 115 -16.84 -43.26 23.28
CA GLU A 115 -17.55 -44.48 22.88
C GLU A 115 -17.17 -45.70 23.72
N ASP A 116 -17.83 -46.82 23.40
CA ASP A 116 -17.78 -48.02 24.20
C ASP A 116 -17.02 -49.13 23.57
N GLN A 117 -16.09 -48.78 22.69
CA GLN A 117 -15.28 -49.76 21.94
C GLN A 117 -13.98 -50.03 22.67
N VAL A 118 -13.32 -51.13 22.32
CA VAL A 118 -11.95 -51.41 22.78
C VAL A 118 -11.02 -50.28 22.26
N GLN A 119 -9.97 -49.92 23.01
CA GLN A 119 -9.07 -48.77 22.64
C GLN A 119 -8.59 -48.49 21.16
N THR A 120 -7.93 -49.39 20.39
CA THR A 120 -7.55 -50.83 20.55
C THR A 120 -7.97 -51.94 19.53
N GLY A 128 -13.71 -53.68 13.06
CA GLY A 128 -14.37 -54.56 14.09
C GLY A 128 -15.85 -54.88 13.85
N LYS A 129 -16.77 -54.27 14.63
CA LYS A 129 -16.48 -53.44 15.80
C LYS A 129 -16.43 -54.33 17.05
N ILE A 130 -15.79 -53.83 18.10
CA ILE A 130 -15.54 -54.64 19.29
C ILE A 130 -15.68 -53.77 20.54
N LEU A 131 -16.51 -54.25 21.47
CA LEU A 131 -17.09 -53.45 22.50
C LEU A 131 -16.55 -53.79 23.87
N VAL A 132 -16.40 -52.81 24.75
CA VAL A 132 -16.22 -53.11 26.18
C VAL A 132 -17.57 -53.24 26.91
N ASP A 133 -17.54 -53.83 28.11
CA ASP A 133 -18.71 -54.05 28.95
C ASP A 133 -19.28 -52.73 29.48
N THR A 134 -20.53 -52.77 29.92
CA THR A 134 -21.20 -51.56 30.39
C THR A 134 -20.49 -50.94 31.61
N ASP A 135 -19.97 -51.75 32.54
CA ASP A 135 -19.22 -51.22 33.69
C ASP A 135 -17.90 -50.47 33.29
N THR A 136 -17.10 -51.07 32.40
CA THR A 136 -15.97 -50.37 31.82
C THR A 136 -16.34 -49.11 31.11
N TYR A 137 -17.27 -49.21 30.15
CA TYR A 137 -17.86 -48.02 29.51
C TYR A 137 -18.35 -46.94 30.47
N VAL A 138 -19.08 -47.29 31.51
CA VAL A 138 -19.56 -46.24 32.48
C VAL A 138 -18.43 -45.61 33.39
N THR A 139 -17.40 -46.42 33.68
CA THR A 139 -16.17 -45.92 34.29
C THR A 139 -15.47 -44.81 33.46
N ARG A 140 -15.48 -44.95 32.13
CA ARG A 140 -14.94 -43.93 31.25
C ARG A 140 -15.80 -42.67 31.37
N ILE A 141 -17.11 -42.90 31.32
CA ILE A 141 -18.07 -41.80 31.34
C ILE A 141 -17.96 -41.08 32.67
N ARG A 142 -17.92 -41.82 33.77
CA ARG A 142 -17.73 -41.23 35.10
C ARG A 142 -16.34 -40.56 35.37
N ALA A 143 -15.25 -41.11 34.80
CA ALA A 143 -13.93 -40.43 34.79
C ALA A 143 -13.94 -39.05 34.12
N ALA A 144 -14.67 -38.95 32.99
CA ALA A 144 -14.84 -37.73 32.22
C ALA A 144 -15.66 -36.67 32.93
N VAL A 145 -16.79 -37.10 33.51
CA VAL A 145 -17.63 -36.22 34.32
C VAL A 145 -16.86 -35.77 35.57
N GLN A 146 -16.23 -36.68 36.30
CA GLN A 146 -15.69 -36.29 37.63
C GLN A 146 -14.43 -35.42 37.45
N ALA A 147 -13.72 -35.66 36.35
CA ALA A 147 -12.57 -34.88 35.98
C ALA A 147 -12.86 -33.41 35.64
N ARG A 148 -13.97 -33.16 34.91
CA ARG A 148 -14.35 -31.79 34.54
C ARG A 148 -14.92 -31.06 35.75
N GLN A 149 -15.48 -31.82 36.69
CA GLN A 149 -15.98 -31.24 37.92
C GLN A 149 -14.87 -30.79 38.85
N ARG A 150 -13.72 -31.46 38.83
CA ARG A 150 -12.61 -31.09 39.72
C ARG A 150 -11.94 -29.77 39.32
N ILE A 151 -11.99 -29.47 38.01
CA ILE A 151 -11.31 -28.32 37.38
C ILE A 151 -12.37 -27.28 37.08
N GLY A 152 -13.64 -27.66 37.27
CA GLY A 152 -14.76 -26.73 37.06
C GLY A 152 -15.04 -26.39 35.60
N SER A 153 -14.81 -27.36 34.71
CA SER A 153 -15.02 -27.20 33.30
C SER A 153 -16.47 -27.53 32.95
N ASP A 154 -17.10 -26.66 32.15
CA ASP A 154 -18.43 -26.89 31.57
C ASP A 154 -18.45 -27.80 30.32
N ILE A 155 -17.30 -28.27 29.86
CA ILE A 155 -17.22 -29.19 28.67
C ILE A 155 -18.37 -30.25 28.70
N VAL A 156 -19.03 -30.42 27.58
CA VAL A 156 -20.22 -31.24 27.41
C VAL A 156 -19.69 -32.62 27.08
N VAL A 157 -20.09 -33.60 27.88
CA VAL A 157 -19.62 -34.96 27.71
C VAL A 157 -20.61 -35.72 26.84
N ILE A 158 -20.19 -36.18 25.69
CA ILE A 158 -21.15 -36.90 24.86
C ILE A 158 -20.89 -38.42 24.98
N ALA A 159 -21.91 -39.15 25.44
CA ALA A 159 -21.86 -40.62 25.49
C ALA A 159 -22.27 -41.28 24.20
N ARG A 160 -21.36 -41.93 23.50
CA ARG A 160 -21.71 -42.57 22.27
C ARG A 160 -21.64 -44.12 22.44
N THR A 161 -22.58 -44.83 21.80
CA THR A 161 -22.48 -46.28 21.71
C THR A 161 -22.34 -46.78 20.25
N ASP A 162 -21.41 -47.74 20.01
CA ASP A 162 -21.28 -48.48 18.76
C ASP A 162 -21.91 -49.91 18.78
N SER A 163 -22.82 -50.16 19.73
CA SER A 163 -23.35 -51.51 19.97
C SER A 163 -24.50 -51.95 19.10
N LEU A 164 -25.05 -51.09 18.26
CA LEU A 164 -26.20 -51.45 17.42
C LEU A 164 -25.88 -52.56 16.47
N GLN A 165 -24.80 -52.41 15.72
CA GLN A 165 -24.53 -53.42 14.68
C GLN A 165 -24.35 -54.82 15.28
N THR A 166 -23.62 -54.95 16.37
CA THR A 166 -23.35 -56.25 16.99
C THR A 166 -24.49 -56.84 17.79
N HIS A 167 -25.05 -55.99 18.67
CA HIS A 167 -26.02 -56.34 19.71
C HIS A 167 -27.43 -55.83 19.57
N GLY A 168 -27.65 -54.92 18.66
CA GLY A 168 -29.04 -54.54 18.34
C GLY A 168 -29.52 -53.42 19.18
N TYR A 169 -30.73 -52.99 18.88
CA TYR A 169 -31.37 -51.78 19.41
C TYR A 169 -31.53 -51.62 20.95
N GLU A 170 -32.22 -52.56 21.61
CA GLU A 170 -32.30 -52.47 23.09
C GLU A 170 -30.98 -52.46 23.83
N GLU A 171 -29.94 -53.09 23.28
CA GLU A 171 -28.65 -53.03 23.91
C GLU A 171 -28.09 -51.59 23.82
N SER A 172 -28.19 -50.99 22.64
CA SER A 172 -27.76 -49.59 22.45
C SER A 172 -28.47 -48.67 23.45
N VAL A 173 -29.78 -48.78 23.52
CA VAL A 173 -30.59 -47.87 24.35
C VAL A 173 -30.21 -47.92 25.84
N ALA A 174 -30.10 -49.14 26.36
CA ALA A 174 -29.69 -49.42 27.74
C ALA A 174 -28.26 -48.97 28.07
N ARG A 175 -27.32 -49.10 27.13
CA ARG A 175 -25.96 -48.52 27.33
C ARG A 175 -26.03 -47.01 27.46
N LEU A 176 -26.88 -46.38 26.65
CA LEU A 176 -27.07 -44.94 26.72
C LEU A 176 -27.81 -44.48 27.99
N ARG A 177 -28.86 -45.18 28.44
CA ARG A 177 -29.43 -44.92 29.74
C ARG A 177 -28.37 -45.05 30.87
N ALA A 178 -27.48 -46.04 30.76
CA ALA A 178 -26.46 -46.26 31.77
C ALA A 178 -25.55 -45.08 31.81
N ALA A 179 -25.20 -44.54 30.64
CA ALA A 179 -24.33 -43.35 30.52
C ALA A 179 -25.05 -42.07 30.94
N ARG A 180 -26.34 -41.96 30.59
CA ARG A 180 -27.11 -40.82 31.01
C ARG A 180 -27.04 -40.73 32.53
N ASP A 181 -27.28 -41.85 33.21
CA ASP A 181 -27.30 -41.93 34.67
C ASP A 181 -25.95 -41.68 35.34
N ALA A 182 -24.87 -41.74 34.58
CA ALA A 182 -23.54 -41.53 35.10
C ALA A 182 -23.10 -40.05 34.94
N GLY A 183 -23.94 -39.25 34.28
CA GLY A 183 -23.61 -37.84 34.09
C GLY A 183 -23.42 -37.27 32.69
N ALA A 184 -23.50 -38.11 31.66
CA ALA A 184 -23.22 -37.67 30.26
C ALA A 184 -24.31 -36.70 29.87
N ASP A 185 -23.99 -35.73 29.03
CA ASP A 185 -24.97 -34.64 28.75
C ASP A 185 -25.77 -34.86 27.50
N VAL A 186 -25.25 -35.68 26.58
CA VAL A 186 -25.87 -35.89 25.25
C VAL A 186 -25.69 -37.36 24.97
N GLY A 187 -26.68 -37.98 24.31
CA GLY A 187 -26.46 -39.34 23.75
C GLY A 187 -26.16 -39.41 22.26
N PHE A 188 -25.61 -40.51 21.79
CA PHE A 188 -25.17 -40.61 20.42
C PHE A 188 -25.25 -42.16 20.01
N LEU A 189 -26.29 -42.56 19.28
CA LEU A 189 -26.47 -43.94 18.87
C LEU A 189 -25.95 -43.85 17.49
N GLU A 190 -24.85 -44.53 17.24
CA GLU A 190 -24.13 -44.46 16.01
C GLU A 190 -24.68 -45.50 15.04
N GLY A 191 -24.60 -45.17 13.76
CA GLY A 191 -24.96 -46.15 12.74
C GLY A 191 -26.45 -46.48 12.76
N ILE A 192 -27.30 -45.54 13.23
CA ILE A 192 -28.74 -45.69 13.10
C ILE A 192 -29.14 -46.15 11.67
N THR A 193 -29.97 -47.22 11.56
CA THR A 193 -30.21 -47.93 10.26
C THR A 193 -31.54 -47.61 9.49
N SER A 194 -32.40 -46.81 10.12
CA SER A 194 -33.76 -46.44 9.58
C SER A 194 -34.26 -45.16 10.20
N ARG A 195 -35.21 -44.48 9.50
CA ARG A 195 -35.98 -43.33 9.97
C ARG A 195 -36.81 -43.62 11.23
N GLU A 196 -37.53 -44.73 11.21
CA GLU A 196 -38.25 -45.23 12.37
C GLU A 196 -37.38 -45.41 13.65
N MET A 197 -36.15 -45.96 13.55
CA MET A 197 -35.30 -46.14 14.73
C MET A 197 -34.80 -44.81 15.22
N ALA A 198 -34.54 -43.89 14.31
CA ALA A 198 -34.28 -42.48 14.70
C ALA A 198 -35.46 -41.85 15.52
N ARG A 199 -36.69 -42.14 15.14
CA ARG A 199 -37.83 -41.61 15.87
C ARG A 199 -37.95 -42.30 17.19
N GLN A 200 -37.65 -43.61 17.23
CA GLN A 200 -37.82 -44.39 18.43
C GLN A 200 -36.81 -44.04 19.51
N VAL A 201 -35.52 -43.92 19.15
CA VAL A 201 -34.46 -43.60 20.19
C VAL A 201 -34.74 -42.31 20.87
N ILE A 202 -35.38 -41.40 20.16
CA ILE A 202 -35.58 -40.07 20.66
C ILE A 202 -36.56 -40.09 21.79
N GLN A 203 -37.61 -40.90 21.59
CA GLN A 203 -38.68 -41.03 22.55
C GLN A 203 -38.33 -41.99 23.68
N ASP A 204 -37.53 -43.00 23.38
CA ASP A 204 -36.95 -43.94 24.32
C ASP A 204 -36.02 -43.31 25.32
N LEU A 205 -35.45 -42.19 24.89
CA LEU A 205 -34.55 -41.42 25.74
C LEU A 205 -35.05 -39.98 25.80
N ALA A 206 -36.38 -39.79 25.77
CA ALA A 206 -37.02 -38.45 25.95
C ALA A 206 -36.45 -37.70 27.14
N GLY A 207 -36.27 -36.37 27.02
CA GLY A 207 -35.69 -35.52 28.08
C GLY A 207 -34.17 -35.29 27.97
N TRP A 208 -33.49 -36.17 27.26
CA TRP A 208 -32.05 -36.22 27.24
C TRP A 208 -31.65 -35.99 25.76
N PRO A 209 -30.79 -34.98 25.48
CA PRO A 209 -30.56 -34.54 24.10
C PRO A 209 -29.76 -35.59 23.34
N LEU A 210 -30.01 -35.75 22.03
CA LEU A 210 -29.30 -36.74 21.24
C LEU A 210 -28.69 -36.11 19.99
N LEU A 211 -27.60 -36.74 19.52
CA LEU A 211 -26.82 -36.28 18.41
C LEU A 211 -27.09 -37.29 17.27
N LEU A 212 -27.37 -36.82 16.06
CA LEU A 212 -27.35 -37.67 14.90
C LEU A 212 -26.03 -37.47 14.11
N ASN A 213 -25.24 -38.52 13.99
CA ASN A 213 -24.16 -38.52 13.00
C ASN A 213 -24.62 -38.80 11.55
N MET A 214 -24.72 -37.76 10.72
CA MET A 214 -25.07 -37.92 9.30
C MET A 214 -23.90 -38.00 8.29
N VAL A 215 -23.33 -39.20 8.12
CA VAL A 215 -22.38 -39.54 7.05
C VAL A 215 -23.22 -40.23 5.98
N GLU A 216 -23.41 -39.62 4.81
CA GLU A 216 -24.26 -40.21 3.86
C GLU A 216 -23.67 -41.46 3.23
N HIS A 217 -24.57 -42.28 2.70
CA HIS A 217 -24.23 -43.50 1.93
C HIS A 217 -23.53 -44.56 2.75
N GLY A 218 -23.77 -44.55 4.06
CA GLY A 218 -23.33 -45.66 4.93
C GLY A 218 -24.52 -46.49 5.42
N ALA A 219 -24.53 -46.76 6.75
CA ALA A 219 -25.62 -47.45 7.49
C ALA A 219 -26.94 -46.68 7.62
N THR A 220 -26.87 -45.34 7.68
CA THR A 220 -28.06 -44.48 7.92
C THR A 220 -28.71 -43.88 6.64
N PRO A 221 -30.07 -43.97 6.51
CA PRO A 221 -30.66 -43.23 5.38
C PRO A 221 -30.21 -41.73 5.37
N SER A 222 -30.35 -41.06 4.25
CA SER A 222 -29.94 -39.66 4.15
C SER A 222 -31.03 -38.78 4.75
N ILE A 223 -30.76 -38.25 5.94
CA ILE A 223 -31.68 -37.38 6.72
C ILE A 223 -31.09 -35.98 6.72
N SER A 224 -31.90 -34.96 6.42
CA SER A 224 -31.41 -33.59 6.37
C SER A 224 -31.53 -32.96 7.75
N ALA A 225 -30.91 -31.79 7.95
CA ALA A 225 -31.01 -31.05 9.22
C ALA A 225 -32.47 -30.89 9.63
N ALA A 226 -33.31 -30.62 8.63
CA ALA A 226 -34.74 -30.40 8.76
C ALA A 226 -35.55 -31.63 9.16
N GLU A 227 -35.32 -32.76 8.52
CA GLU A 227 -35.91 -33.97 9.03
C GLU A 227 -35.40 -34.35 10.42
N ALA A 228 -34.08 -34.24 10.72
CA ALA A 228 -33.58 -34.51 12.12
C ALA A 228 -34.14 -33.62 13.26
N LYS A 229 -34.46 -32.36 12.98
CA LYS A 229 -35.07 -31.53 14.01
C LYS A 229 -36.55 -31.87 14.22
N GLU A 230 -37.28 -32.23 13.13
CA GLU A 230 -38.62 -32.86 13.24
C GLU A 230 -38.58 -34.10 14.13
N MET A 231 -37.66 -35.06 13.89
CA MET A 231 -37.59 -36.25 14.76
C MET A 231 -37.33 -35.93 16.24
N GLY A 232 -36.56 -34.86 16.49
CA GLY A 232 -36.29 -34.37 17.84
C GLY A 232 -34.84 -34.48 18.30
N PHE A 233 -33.94 -34.77 17.36
CA PHE A 233 -32.52 -34.71 17.64
C PHE A 233 -32.14 -33.29 18.07
N ARG A 234 -31.18 -33.15 18.99
CA ARG A 234 -30.75 -31.81 19.38
C ARG A 234 -29.49 -31.28 18.67
N ILE A 235 -28.74 -32.19 18.02
CA ILE A 235 -27.52 -31.89 17.31
C ILE A 235 -27.45 -32.82 16.11
N ILE A 236 -27.06 -32.26 14.98
CA ILE A 236 -26.73 -33.06 13.78
C ILE A 236 -25.26 -32.72 13.32
N ILE A 237 -24.45 -33.71 12.93
CA ILE A 237 -23.09 -33.53 12.46
C ILE A 237 -22.95 -34.17 11.07
N PHE A 238 -22.02 -33.64 10.28
CA PHE A 238 -21.83 -34.06 8.90
C PHE A 238 -20.33 -34.24 8.67
N PRO A 239 -19.74 -35.30 9.21
CA PRO A 239 -18.29 -35.46 9.29
C PRO A 239 -17.51 -35.32 7.94
N PHE A 240 -18.09 -35.82 6.85
CA PHE A 240 -17.48 -35.78 5.50
C PHE A 240 -17.94 -34.55 4.71
N ALA A 241 -18.57 -33.59 5.37
CA ALA A 241 -18.99 -32.38 4.73
C ALA A 241 -17.89 -31.53 4.05
N ALA A 242 -16.71 -31.44 4.66
CA ALA A 242 -15.60 -30.70 4.02
C ALA A 242 -14.73 -31.65 3.15
N LEU A 243 -14.59 -32.87 3.65
CA LEU A 243 -13.66 -33.82 3.17
C LEU A 243 -14.03 -34.62 1.90
N GLY A 244 -15.29 -34.92 1.67
CA GLY A 244 -15.59 -35.54 0.39
C GLY A 244 -15.44 -34.63 -0.85
N PRO A 245 -15.95 -33.37 -0.78
CA PRO A 245 -15.67 -32.26 -1.71
C PRO A 245 -14.19 -31.93 -1.94
N ALA A 246 -13.40 -31.77 -0.85
CA ALA A 246 -11.96 -31.60 -1.02
C ALA A 246 -11.33 -32.78 -1.77
N VAL A 247 -11.63 -34.03 -1.41
CA VAL A 247 -11.05 -35.20 -2.15
C VAL A 247 -11.39 -35.29 -3.64
N ALA A 248 -12.68 -35.18 -3.98
CA ALA A 248 -13.13 -35.14 -5.39
C ALA A 248 -12.47 -34.01 -6.19
N ALA A 249 -12.37 -32.80 -5.62
CA ALA A 249 -11.69 -31.66 -6.24
C ALA A 249 -10.18 -31.78 -6.44
N MET A 250 -9.45 -32.30 -5.45
CA MET A 250 -8.00 -32.53 -5.58
C MET A 250 -7.69 -33.61 -6.60
N ARG A 251 -8.50 -34.67 -6.60
CA ARG A 251 -8.32 -35.82 -7.50
C ARG A 251 -8.48 -35.38 -8.95
N GLU A 252 -9.55 -34.65 -9.18
CA GLU A 252 -9.80 -34.01 -10.44
C GLU A 252 -8.65 -33.08 -10.87
N ALA A 253 -8.19 -32.22 -9.96
CA ALA A 253 -7.10 -31.26 -10.31
C ALA A 253 -5.77 -31.94 -10.56
N MET A 254 -5.48 -32.99 -9.81
CA MET A 254 -4.23 -33.77 -10.01
C MET A 254 -4.24 -34.56 -11.34
N GLU A 255 -5.33 -35.20 -11.72
CA GLU A 255 -5.29 -35.95 -12.97
C GLU A 255 -5.39 -35.04 -14.19
N LYS A 256 -5.74 -33.78 -13.96
CA LYS A 256 -5.73 -32.75 -15.01
C LYS A 256 -4.33 -32.16 -15.13
N LEU A 257 -3.75 -31.84 -13.98
CA LEU A 257 -2.36 -31.51 -13.93
C LEU A 257 -1.48 -32.64 -14.55
N LYS A 258 -1.84 -33.93 -14.40
CA LYS A 258 -1.05 -35.05 -15.00
C LYS A 258 -1.15 -35.03 -16.50
N ARG A 259 -2.31 -34.69 -17.02
CA ARG A 259 -2.54 -34.72 -18.44
C ARG A 259 -1.95 -33.49 -19.12
N ASP A 260 -2.18 -32.34 -18.54
CA ASP A 260 -1.78 -31.03 -19.11
C ASP A 260 -0.38 -30.53 -18.79
N GLY A 261 0.19 -30.97 -17.67
CA GLY A 261 1.49 -30.45 -17.26
C GLY A 261 1.44 -29.07 -16.60
N ILE A 262 0.24 -28.57 -16.34
CA ILE A 262 0.03 -27.30 -15.64
C ILE A 262 -1.33 -27.30 -14.91
N PRO A 263 -1.41 -26.73 -13.68
CA PRO A 263 -2.71 -26.82 -13.01
C PRO A 263 -3.93 -26.29 -13.78
N GLY A 264 -3.82 -25.12 -14.42
CA GLY A 264 -4.93 -24.51 -15.14
C GLY A 264 -5.96 -24.02 -14.13
N LEU A 265 -5.51 -23.74 -12.90
CA LEU A 265 -6.32 -23.11 -11.87
C LEU A 265 -7.12 -21.91 -12.36
N ASP A 266 -8.33 -21.77 -11.84
CA ASP A 266 -9.11 -20.58 -12.08
C ASP A 266 -8.31 -19.36 -11.66
N LYS A 267 -8.43 -18.29 -12.42
CA LYS A 267 -7.79 -17.00 -12.14
C LYS A 267 -7.84 -16.53 -10.66
N GLU A 268 -8.90 -16.91 -9.94
CA GLU A 268 -9.00 -16.50 -8.52
C GLU A 268 -8.27 -17.38 -7.51
N MET A 269 -7.76 -18.55 -7.89
CA MET A 269 -7.18 -19.44 -6.88
C MET A 269 -5.73 -19.00 -6.75
N THR A 270 -5.49 -17.90 -6.03
CA THR A 270 -4.15 -17.36 -5.89
C THR A 270 -3.71 -17.57 -4.45
N PRO A 271 -2.42 -17.35 -4.15
CA PRO A 271 -1.98 -17.53 -2.79
C PRO A 271 -2.62 -16.46 -1.88
N GLN A 272 -2.86 -15.26 -2.40
CA GLN A 272 -3.52 -14.15 -1.69
C GLN A 272 -4.95 -14.52 -1.27
N MET A 273 -5.71 -15.11 -2.19
CA MET A 273 -7.01 -15.72 -1.89
C MET A 273 -6.96 -16.61 -0.66
N LEU A 274 -5.97 -17.51 -0.63
CA LEU A 274 -5.82 -18.42 0.50
C LEU A 274 -5.43 -17.69 1.78
N PHE A 275 -4.74 -16.59 1.66
CA PHE A 275 -4.26 -15.90 2.85
C PHE A 275 -5.37 -15.19 3.52
N ARG A 276 -6.31 -14.69 2.71
CA ARG A 276 -7.43 -13.99 3.25
C ARG A 276 -8.50 -14.96 3.76
N VAL A 277 -8.68 -16.11 3.10
CA VAL A 277 -9.41 -17.27 3.68
C VAL A 277 -8.88 -17.69 5.05
N CYS A 278 -7.56 -17.62 5.21
CA CYS A 278 -6.93 -18.02 6.46
C CYS A 278 -6.70 -16.86 7.44
N GLY A 279 -7.44 -15.76 7.27
CA GLY A 279 -7.46 -14.73 8.33
C GLY A 279 -6.30 -13.75 8.32
N LEU A 280 -5.80 -13.44 7.11
CA LEU A 280 -4.71 -12.50 6.89
C LEU A 280 -5.04 -11.10 7.41
N ASP A 281 -6.16 -10.50 6.97
CA ASP A 281 -6.51 -9.14 7.37
C ASP A 281 -6.51 -8.89 8.90
N GLU A 282 -6.80 -9.94 9.65
CA GLU A 282 -6.76 -9.97 11.12
C GLU A 282 -5.37 -10.18 11.74
N SER A 283 -4.59 -11.05 11.13
CA SER A 283 -3.19 -11.22 11.47
C SER A 283 -2.47 -9.88 11.31
N MET A 284 -2.85 -9.13 10.25
CA MET A 284 -2.26 -7.85 9.92
C MET A 284 -2.57 -6.78 10.97
N LYS A 285 -3.74 -6.93 11.59
CA LYS A 285 -4.30 -6.02 12.61
C LYS A 285 -3.59 -6.25 13.93
N VAL A 286 -3.44 -7.51 14.30
CA VAL A 286 -2.64 -7.91 15.46
C VAL A 286 -1.21 -7.30 15.47
N ASP A 287 -0.49 -7.46 14.35
CA ASP A 287 0.84 -6.95 14.18
C ASP A 287 0.85 -5.46 14.23
N ALA A 288 0.03 -4.85 13.37
CA ALA A 288 -0.21 -3.40 13.36
C ALA A 288 -0.54 -2.82 14.74
N GLN A 289 -1.35 -3.52 15.53
CA GLN A 289 -1.75 -2.98 16.79
C GLN A 289 -0.62 -3.00 17.83
N ALA A 290 0.22 -4.04 17.78
CA ALA A 290 1.39 -4.13 18.64
C ALA A 290 2.47 -3.05 18.36
N GLY A 291 2.44 -2.48 17.17
CA GLY A 291 3.52 -1.60 16.70
C GLY A 291 4.53 -2.35 15.78
N PRO B 1 19.36 -52.61 5.74
CA PRO B 1 19.51 -51.17 6.00
C PRO B 1 18.40 -50.35 5.36
N MET B 2 18.07 -49.26 6.06
CA MET B 2 17.18 -48.26 5.52
C MET B 2 17.75 -47.51 4.30
N VAL B 3 16.86 -47.21 3.33
CA VAL B 3 17.17 -46.45 2.11
C VAL B 3 16.36 -45.14 2.24
N THR B 4 16.76 -44.07 1.54
CA THR B 4 15.88 -42.87 1.48
C THR B 4 15.62 -42.47 0.01
N ALA B 5 14.50 -41.77 -0.17
CA ALA B 5 14.22 -41.17 -1.46
C ALA B 5 15.12 -39.95 -1.79
N ALA B 6 15.99 -39.54 -0.85
CA ALA B 6 17.07 -38.53 -1.09
C ALA B 6 18.07 -38.95 -2.17
N THR B 7 18.54 -40.19 -1.98
CA THR B 7 19.46 -40.90 -2.84
C THR B 7 18.93 -41.13 -4.25
N SER B 8 17.66 -41.44 -4.41
CA SER B 8 17.21 -41.66 -5.78
C SER B 8 16.94 -40.27 -6.47
N LEU B 9 16.45 -39.28 -5.73
CA LEU B 9 16.41 -37.86 -6.21
C LEU B 9 17.78 -37.38 -6.65
N ARG B 10 18.78 -37.55 -5.79
CA ARG B 10 20.15 -37.14 -6.07
C ARG B 10 20.63 -37.75 -7.36
N ARG B 11 20.39 -39.04 -7.50
CA ARG B 11 20.83 -39.83 -8.62
C ARG B 11 20.09 -39.37 -9.90
N ALA B 12 18.82 -39.00 -9.80
CA ALA B 12 18.04 -38.52 -10.96
C ALA B 12 18.54 -37.15 -11.40
N LEU B 13 18.99 -36.32 -10.43
CA LEU B 13 19.53 -34.96 -10.69
C LEU B 13 20.88 -35.00 -11.35
N GLU B 14 21.69 -36.02 -11.06
CA GLU B 14 23.01 -36.19 -11.70
C GLU B 14 22.80 -36.73 -13.10
N ASN B 15 21.55 -37.05 -13.41
CA ASN B 15 21.23 -37.45 -14.79
C ASN B 15 20.50 -36.38 -15.64
N PRO B 16 21.14 -35.90 -16.73
CA PRO B 16 20.52 -34.84 -17.53
C PRO B 16 19.16 -35.15 -18.23
N ASP B 17 18.76 -36.40 -18.31
CA ASP B 17 17.46 -36.69 -18.94
C ASP B 17 16.20 -36.56 -18.04
N SER B 18 16.42 -36.62 -16.73
CA SER B 18 15.37 -36.70 -15.70
C SER B 18 14.82 -35.35 -15.41
N PHE B 19 13.50 -35.25 -15.38
CA PHE B 19 12.83 -34.01 -15.05
C PHE B 19 11.86 -34.37 -13.94
N ILE B 20 11.87 -33.59 -12.88
CA ILE B 20 11.06 -33.83 -11.65
C ILE B 20 9.82 -32.91 -11.59
N VAL B 21 8.64 -33.53 -11.44
CA VAL B 21 7.38 -32.85 -11.51
C VAL B 21 6.76 -33.15 -10.19
N ALA B 22 6.54 -32.12 -9.39
CA ALA B 22 6.19 -32.34 -8.07
C ALA B 22 5.03 -31.45 -7.67
N PRO B 23 3.79 -32.02 -7.63
CA PRO B 23 2.69 -31.19 -7.21
C PRO B 23 2.77 -30.81 -5.75
N GLY B 24 2.26 -29.62 -5.48
CA GLY B 24 2.29 -29.15 -4.10
C GLY B 24 1.19 -29.81 -3.28
N VAL B 25 1.60 -30.49 -2.22
CA VAL B 25 0.71 -31.10 -1.24
C VAL B 25 1.00 -30.53 0.19
N TYR B 26 0.07 -30.72 1.11
CA TYR B 26 0.11 -29.96 2.40
C TYR B 26 -0.36 -30.77 3.62
N ASP B 27 -0.72 -32.04 3.38
CA ASP B 27 -1.33 -32.91 4.38
C ASP B 27 -1.42 -34.37 3.89
N GLY B 28 -1.93 -35.24 4.76
CA GLY B 28 -2.02 -36.65 4.41
C GLY B 28 -2.86 -36.90 3.19
N LEU B 29 -4.02 -36.26 3.15
CA LEU B 29 -5.05 -36.37 2.12
C LEU B 29 -4.66 -35.95 0.73
N SER B 30 -4.06 -34.75 0.61
CA SER B 30 -3.55 -34.22 -0.64
C SER B 30 -2.43 -35.06 -1.17
N ALA B 31 -1.55 -35.48 -0.25
CA ALA B 31 -0.47 -36.43 -0.52
C ALA B 31 -0.96 -37.76 -1.09
N ARG B 32 -2.01 -38.36 -0.50
CA ARG B 32 -2.63 -39.59 -1.03
C ARG B 32 -3.26 -39.40 -2.38
N VAL B 33 -4.07 -38.33 -2.54
CA VAL B 33 -4.65 -37.97 -3.86
C VAL B 33 -3.61 -37.80 -5.00
N ALA B 34 -2.57 -37.02 -4.74
CA ALA B 34 -1.50 -36.81 -5.71
C ALA B 34 -0.75 -38.11 -6.05
N LEU B 35 -0.43 -38.91 -5.04
CA LEU B 35 0.19 -40.20 -5.29
C LEU B 35 -0.71 -41.16 -6.17
N SER B 36 -2.03 -41.17 -5.94
CA SER B 36 -2.99 -42.01 -6.64
C SER B 36 -3.11 -41.61 -8.09
N ALA B 37 -2.72 -40.36 -8.41
CA ALA B 37 -2.85 -39.79 -9.73
C ALA B 37 -1.56 -40.13 -10.46
N GLY B 38 -0.55 -40.55 -9.72
CA GLY B 38 0.56 -41.18 -10.42
C GLY B 38 1.77 -40.28 -10.47
N PHE B 39 1.81 -39.25 -9.64
CA PHE B 39 3.02 -38.40 -9.50
C PHE B 39 4.17 -39.13 -8.84
N ASP B 40 5.40 -39.00 -9.41
CA ASP B 40 6.64 -39.61 -8.88
C ASP B 40 7.47 -38.70 -7.94
N ALA B 41 6.87 -37.61 -7.47
CA ALA B 41 7.52 -36.68 -6.57
C ALA B 41 6.44 -35.80 -5.99
N LEU B 42 6.62 -35.32 -4.76
CA LEU B 42 5.68 -34.41 -4.18
C LEU B 42 6.46 -33.21 -3.62
N TYR B 43 5.74 -32.11 -3.40
CA TYR B 43 6.34 -30.95 -2.84
C TYR B 43 5.51 -30.58 -1.65
N MET B 44 6.10 -30.53 -0.45
CA MET B 44 5.38 -30.01 0.73
C MET B 44 5.46 -28.56 0.80
N THR B 45 4.33 -27.89 0.56
CA THR B 45 4.30 -26.44 0.62
C THR B 45 4.20 -25.92 2.07
N GLY B 46 4.94 -24.87 2.40
CA GLY B 46 4.90 -24.35 3.74
C GLY B 46 3.67 -23.47 3.87
N ALA B 47 3.18 -22.88 2.77
CA ALA B 47 1.99 -22.03 2.84
C ALA B 47 0.78 -22.88 3.19
N GLY B 48 0.72 -24.07 2.60
CA GLY B 48 -0.29 -25.06 2.88
C GLY B 48 -0.24 -25.74 4.24
N THR B 49 0.97 -25.91 4.81
CA THR B 49 1.18 -26.43 6.19
C THR B 49 0.68 -25.40 7.19
N ALA B 50 1.08 -24.14 7.03
CA ALA B 50 0.55 -23.05 7.81
C ALA B 50 -0.96 -23.01 7.71
N ALA B 51 -1.53 -23.11 6.50
CA ALA B 51 -3.02 -23.12 6.32
C ALA B 51 -3.70 -24.32 6.99
N SER B 52 -3.15 -25.53 6.80
CA SER B 52 -3.73 -26.75 7.40
C SER B 52 -3.41 -27.00 8.89
N VAL B 53 -2.18 -26.80 9.28
CA VAL B 53 -1.81 -27.10 10.67
C VAL B 53 -2.31 -26.02 11.62
N HIS B 54 -2.29 -24.76 11.21
CA HIS B 54 -2.59 -23.70 12.12
C HIS B 54 -3.80 -22.86 11.65
N GLY B 55 -4.32 -23.13 10.44
CA GLY B 55 -5.38 -22.29 9.87
C GLY B 55 -4.95 -20.82 9.83
N GLN B 56 -3.71 -20.58 9.39
CA GLN B 56 -3.10 -19.23 9.28
C GLN B 56 -2.54 -18.95 7.88
N ALA B 57 -2.28 -17.66 7.60
CA ALA B 57 -1.52 -17.31 6.40
C ALA B 57 -0.03 -17.65 6.66
N ASP B 58 0.75 -17.70 5.61
CA ASP B 58 2.16 -18.08 5.69
C ASP B 58 3.03 -16.90 6.15
N LEU B 59 2.99 -16.57 7.44
CA LEU B 59 3.63 -15.42 7.94
C LEU B 59 4.81 -15.82 8.81
N GLY B 60 5.18 -17.10 8.70
CA GLY B 60 6.30 -17.66 9.46
C GLY B 60 5.88 -18.11 10.86
N ILE B 61 4.72 -18.79 10.93
CA ILE B 61 4.11 -19.28 12.20
C ILE B 61 4.33 -20.79 12.49
N CYS B 62 4.86 -21.53 11.51
CA CYS B 62 5.29 -22.87 11.72
C CYS B 62 6.71 -22.88 12.30
N THR B 63 6.87 -23.65 13.39
CA THR B 63 8.20 -23.97 13.97
C THR B 63 8.92 -25.13 13.22
N LEU B 64 10.14 -25.46 13.63
CA LEU B 64 10.80 -26.69 13.13
C LEU B 64 9.88 -27.94 13.39
N ASN B 65 9.40 -28.06 14.63
CA ASN B 65 8.51 -29.11 15.06
C ASN B 65 7.32 -29.33 14.07
N ASP B 66 6.53 -28.29 13.83
CA ASP B 66 5.42 -28.42 12.86
C ASP B 66 5.82 -28.99 11.50
N MET B 67 6.85 -28.37 10.94
CA MET B 67 7.24 -28.46 9.60
C MET B 67 7.86 -29.81 9.34
N ARG B 68 8.78 -30.22 10.22
CA ARG B 68 9.30 -31.59 10.22
C ARG B 68 8.26 -32.68 10.47
N ALA B 69 7.27 -32.44 11.36
CA ALA B 69 6.26 -33.50 11.61
C ALA B 69 5.44 -33.73 10.32
N ASN B 70 5.21 -32.64 9.59
CA ASN B 70 4.38 -32.68 8.36
C ASN B 70 5.18 -33.29 7.24
N ALA B 71 6.45 -32.90 7.06
CA ALA B 71 7.32 -33.53 6.00
C ALA B 71 7.61 -34.99 6.22
N GLU B 72 7.94 -35.41 7.46
CA GLU B 72 8.06 -36.80 7.77
C GLU B 72 6.83 -37.64 7.49
N MET B 73 5.65 -37.13 7.82
CA MET B 73 4.44 -37.80 7.49
C MET B 73 4.24 -37.93 5.97
N ILE B 74 4.45 -36.86 5.21
CA ILE B 74 4.28 -36.94 3.72
C ILE B 74 5.34 -37.82 3.04
N SER B 75 6.60 -37.72 3.45
CA SER B 75 7.63 -38.60 2.99
C SER B 75 7.37 -40.08 3.22
N ASN B 76 6.59 -40.44 4.23
CA ASN B 76 6.47 -41.83 4.57
C ASN B 76 5.17 -42.46 4.20
N ILE B 77 4.29 -41.72 3.55
CA ILE B 77 3.15 -42.26 2.81
C ILE B 77 3.58 -43.27 1.72
N SER B 78 4.51 -42.85 0.86
CA SER B 78 5.18 -43.70 -0.17
C SER B 78 6.68 -43.37 0.01
N PRO B 79 7.44 -44.14 0.86
CA PRO B 79 8.88 -43.80 1.10
C PRO B 79 9.86 -43.78 -0.13
N SER B 80 9.47 -44.35 -1.27
CA SER B 80 10.38 -44.40 -2.39
C SER B 80 10.07 -43.26 -3.31
N THR B 81 8.98 -42.52 -3.02
CA THR B 81 8.69 -41.31 -3.79
C THR B 81 9.34 -40.06 -3.13
N PRO B 82 10.24 -39.34 -3.88
CA PRO B 82 10.90 -38.14 -3.35
C PRO B 82 9.91 -37.06 -2.90
N VAL B 83 10.08 -36.55 -1.69
CA VAL B 83 9.40 -35.37 -1.20
C VAL B 83 10.34 -34.19 -1.07
N ILE B 84 9.99 -33.10 -1.72
CA ILE B 84 10.73 -31.80 -1.61
C ILE B 84 9.96 -30.99 -0.64
N ALA B 85 10.56 -30.56 0.47
CA ALA B 85 9.88 -29.87 1.54
C ALA B 85 10.31 -28.40 1.74
N ASP B 86 9.35 -27.50 1.95
CA ASP B 86 9.74 -26.12 2.35
C ASP B 86 10.53 -26.25 3.68
N ALA B 87 11.58 -25.40 3.93
CA ALA B 87 12.27 -25.36 5.25
C ALA B 87 12.53 -23.91 5.62
N ASP B 88 11.80 -22.99 4.97
CA ASP B 88 11.91 -21.56 5.26
C ASP B 88 13.36 -21.09 5.34
N THR B 89 13.81 -20.57 6.48
CA THR B 89 15.16 -19.99 6.58
C THR B 89 15.99 -20.90 7.46
N GLY B 90 15.45 -22.10 7.74
CA GLY B 90 16.17 -23.03 8.64
C GLY B 90 15.99 -22.82 10.12
N TYR B 91 15.07 -21.95 10.54
CA TYR B 91 14.60 -21.91 11.93
C TYR B 91 15.63 -21.43 12.97
N GLY B 92 16.64 -20.68 12.50
CA GLY B 92 17.60 -19.94 13.38
C GLY B 92 18.96 -19.84 12.71
N GLY B 93 20.01 -19.75 13.54
CA GLY B 93 21.41 -19.70 13.13
C GLY B 93 21.88 -21.03 12.57
N PRO B 94 23.18 -21.17 12.20
CA PRO B 94 23.78 -22.45 11.73
C PRO B 94 23.45 -23.69 12.60
N ILE B 95 23.38 -23.50 13.93
CA ILE B 95 23.02 -24.59 14.86
C ILE B 95 21.63 -25.12 14.56
N MET B 96 20.71 -24.18 14.27
CA MET B 96 19.35 -24.50 13.89
C MET B 96 19.23 -25.02 12.48
N VAL B 97 19.99 -24.49 11.56
CA VAL B 97 20.05 -25.13 10.20
C VAL B 97 20.45 -26.63 10.23
N ALA B 98 21.45 -26.96 11.03
CA ALA B 98 22.06 -28.30 11.14
C ALA B 98 21.05 -29.28 11.68
N ARG B 99 20.43 -28.86 12.77
CA ARG B 99 19.30 -29.56 13.42
C ARG B 99 18.15 -29.85 12.49
N THR B 100 17.76 -28.87 11.68
CA THR B 100 16.68 -29.03 10.68
C THR B 100 17.13 -30.07 9.62
N THR B 101 18.39 -29.96 9.22
CA THR B 101 18.98 -30.81 8.14
C THR B 101 18.97 -32.28 8.60
N GLU B 102 19.40 -32.52 9.85
CA GLU B 102 19.52 -33.84 10.48
C GLU B 102 18.12 -34.52 10.68
N GLN B 103 17.19 -33.78 11.28
CA GLN B 103 15.80 -34.15 11.45
C GLN B 103 15.02 -34.39 10.14
N TYR B 104 15.10 -33.49 9.17
CA TYR B 104 14.59 -33.79 7.80
C TYR B 104 15.21 -35.04 7.19
N SER B 105 16.52 -35.23 7.31
CA SER B 105 17.17 -36.42 6.80
C SER B 105 16.65 -37.71 7.43
N ARG B 106 16.76 -37.82 8.78
CA ARG B 106 16.14 -38.94 9.54
C ARG B 106 14.69 -39.24 9.21
N SER B 107 13.87 -38.20 8.98
CA SER B 107 12.49 -38.30 8.52
C SER B 107 12.24 -38.82 7.10
N GLY B 108 13.24 -38.80 6.27
CA GLY B 108 13.14 -39.40 4.94
C GLY B 108 12.81 -38.38 3.90
N VAL B 109 12.98 -37.10 4.24
CA VAL B 109 12.78 -35.99 3.26
C VAL B 109 13.83 -36.10 2.16
N ALA B 110 13.46 -36.01 0.86
CA ALA B 110 14.45 -36.03 -0.22
C ALA B 110 15.23 -34.71 -0.53
N ALA B 111 14.61 -33.56 -0.35
CA ALA B 111 15.24 -32.28 -0.62
C ALA B 111 14.50 -31.25 0.22
N PHE B 112 15.11 -30.12 0.56
CA PHE B 112 14.36 -29.03 1.24
C PHE B 112 14.90 -27.73 0.72
N HIS B 113 14.08 -26.71 0.56
CA HIS B 113 14.75 -25.43 0.25
C HIS B 113 14.98 -24.50 1.45
N ILE B 114 16.06 -23.72 1.40
CA ILE B 114 16.43 -22.68 2.42
C ILE B 114 16.68 -21.32 1.74
N GLU B 115 16.04 -20.27 2.25
CA GLU B 115 16.02 -18.97 1.57
C GLU B 115 16.79 -17.86 2.31
N ASP B 116 16.91 -16.68 1.66
CA ASP B 116 17.78 -15.59 2.14
C ASP B 116 17.03 -14.46 2.93
N GLN B 117 15.78 -14.74 3.29
CA GLN B 117 14.96 -13.84 4.07
C GLN B 117 15.36 -13.87 5.54
N VAL B 118 14.89 -12.86 6.27
CA VAL B 118 15.05 -12.78 7.71
C VAL B 118 14.03 -13.76 8.31
N GLN B 119 14.39 -14.32 9.47
CA GLN B 119 13.52 -15.29 10.08
C GLN B 119 12.12 -14.74 10.27
N THR B 120 12.05 -13.51 10.84
CA THR B 120 10.86 -12.90 11.46
C THR B 120 10.03 -11.97 10.56
N LYS B 121 10.39 -10.66 10.63
CA LYS B 121 9.71 -9.52 9.96
C LYS B 121 8.62 -8.98 10.90
N LYS B 129 8.86 -8.43 1.79
CA LYS B 129 9.97 -9.42 1.85
C LYS B 129 11.27 -8.77 2.23
N ILE B 130 11.74 -9.07 3.45
CA ILE B 130 12.98 -8.49 4.03
C ILE B 130 14.16 -9.48 3.98
N LEU B 131 15.30 -9.02 3.49
CA LEU B 131 16.39 -9.96 3.18
C LEU B 131 17.58 -9.83 4.10
N VAL B 132 18.31 -10.93 4.26
CA VAL B 132 19.56 -10.95 5.06
C VAL B 132 20.78 -10.87 4.11
N ASP B 133 21.87 -10.23 4.57
CA ASP B 133 23.07 -10.06 3.74
C ASP B 133 23.53 -11.42 3.18
N THR B 134 24.33 -11.41 2.11
CA THR B 134 24.69 -12.63 1.40
C THR B 134 25.52 -13.52 2.26
N ASP B 135 26.41 -12.93 3.07
CA ASP B 135 27.28 -13.67 4.02
C ASP B 135 26.52 -14.55 4.96
N THR B 136 25.58 -13.93 5.67
CA THR B 136 24.66 -14.66 6.53
C THR B 136 23.84 -15.72 5.82
N TYR B 137 23.41 -15.48 4.58
CA TYR B 137 22.73 -16.48 3.74
C TYR B 137 23.57 -17.72 3.42
N VAL B 138 24.83 -17.48 3.04
CA VAL B 138 25.77 -18.57 2.68
C VAL B 138 26.11 -19.32 3.93
N THR B 139 26.05 -18.63 5.06
CA THR B 139 26.20 -19.27 6.36
C THR B 139 25.14 -20.38 6.64
N ARG B 140 23.92 -20.21 6.13
CA ARG B 140 22.85 -21.18 6.32
C ARG B 140 23.09 -22.30 5.35
N ILE B 141 23.45 -21.95 4.12
CA ILE B 141 23.88 -22.94 3.09
C ILE B 141 24.99 -23.89 3.56
N ARG B 142 26.09 -23.34 4.03
CA ARG B 142 27.25 -24.07 4.50
C ARG B 142 26.92 -25.00 5.64
N ALA B 143 26.18 -24.53 6.61
CA ALA B 143 25.75 -25.29 7.80
C ALA B 143 24.87 -26.51 7.48
N ALA B 144 24.05 -26.38 6.44
CA ALA B 144 23.21 -27.47 5.87
C ALA B 144 24.05 -28.52 5.14
N VAL B 145 24.86 -28.06 4.22
CA VAL B 145 25.82 -28.94 3.51
C VAL B 145 26.75 -29.64 4.50
N GLN B 146 27.26 -28.93 5.49
CA GLN B 146 28.14 -29.60 6.42
C GLN B 146 27.40 -30.54 7.38
N ALA B 147 26.18 -30.20 7.72
CA ALA B 147 25.35 -31.02 8.59
C ALA B 147 25.04 -32.35 7.98
N ARG B 148 24.58 -32.40 6.73
CA ARG B 148 24.22 -33.64 6.05
C ARG B 148 25.46 -34.42 5.76
N GLN B 149 26.54 -33.72 5.45
CA GLN B 149 27.88 -34.34 5.39
C GLN B 149 28.34 -35.08 6.68
N ARG B 150 28.13 -34.51 7.85
CA ARG B 150 28.42 -35.16 9.11
C ARG B 150 27.72 -36.49 9.26
N ILE B 151 26.46 -36.54 8.88
CA ILE B 151 25.61 -37.74 9.10
C ILE B 151 25.47 -38.67 7.90
N GLY B 152 26.23 -38.40 6.83
CA GLY B 152 26.30 -39.24 5.64
C GLY B 152 25.01 -39.19 4.87
N SER B 153 24.33 -38.05 4.93
CA SER B 153 23.00 -37.94 4.34
C SER B 153 23.05 -37.31 2.99
N ASP B 154 22.29 -37.89 2.05
CA ASP B 154 22.17 -37.47 0.66
C ASP B 154 21.03 -36.48 0.46
N ILE B 155 20.40 -35.99 1.54
CA ILE B 155 19.34 -35.03 1.36
C ILE B 155 19.89 -33.94 0.39
N VAL B 156 19.05 -33.48 -0.54
CA VAL B 156 19.32 -32.49 -1.59
C VAL B 156 19.07 -31.05 -1.05
N VAL B 157 20.10 -30.23 -1.00
CA VAL B 157 19.98 -28.85 -0.55
C VAL B 157 19.61 -27.92 -1.70
N ILE B 158 18.42 -27.36 -1.63
CA ILE B 158 18.01 -26.37 -2.62
C ILE B 158 18.23 -24.99 -2.06
N ALA B 159 18.95 -24.11 -2.79
CA ALA B 159 19.23 -22.73 -2.41
C ALA B 159 18.21 -21.80 -3.09
N ARG B 160 17.32 -21.22 -2.30
CA ARG B 160 16.35 -20.29 -2.78
C ARG B 160 16.76 -18.85 -2.48
N THR B 161 16.45 -17.96 -3.41
CA THR B 161 16.64 -16.55 -3.23
C THR B 161 15.39 -15.77 -3.52
N ASP B 162 15.05 -14.95 -2.52
CA ASP B 162 13.87 -14.11 -2.62
C ASP B 162 14.24 -12.70 -2.97
N SER B 163 15.46 -12.52 -3.51
CA SER B 163 16.01 -11.15 -3.76
C SER B 163 15.61 -10.46 -5.05
N LEU B 164 14.94 -11.16 -5.97
CA LEU B 164 14.61 -10.56 -7.29
C LEU B 164 13.91 -9.18 -7.26
N GLN B 165 12.68 -9.16 -6.82
CA GLN B 165 11.95 -7.86 -6.69
C GLN B 165 12.70 -6.78 -5.90
N THR B 166 13.43 -7.21 -4.86
CA THR B 166 14.12 -6.36 -3.88
C THR B 166 15.35 -5.75 -4.58
N HIS B 167 16.29 -6.62 -4.99
CA HIS B 167 17.62 -6.19 -5.45
C HIS B 167 17.89 -6.50 -6.95
N GLY B 168 16.95 -7.15 -7.62
CA GLY B 168 16.93 -7.31 -9.08
C GLY B 168 17.79 -8.44 -9.58
N TYR B 169 17.67 -8.74 -10.87
CA TYR B 169 18.22 -9.97 -11.44
C TYR B 169 19.69 -10.31 -11.14
N GLU B 170 20.63 -9.42 -11.38
CA GLU B 170 22.05 -9.78 -11.21
C GLU B 170 22.45 -10.09 -9.78
N GLU B 171 21.76 -9.49 -8.82
CA GLU B 171 22.09 -9.69 -7.41
C GLU B 171 21.60 -11.07 -7.09
N SER B 172 20.44 -11.42 -7.67
CA SER B 172 19.78 -12.73 -7.50
C SER B 172 20.69 -13.85 -7.97
N VAL B 173 21.18 -13.67 -9.17
CA VAL B 173 22.13 -14.60 -9.77
C VAL B 173 23.44 -14.68 -8.92
N ALA B 174 23.97 -13.54 -8.43
CA ALA B 174 25.08 -13.47 -7.46
C ALA B 174 24.91 -14.31 -6.21
N ARG B 175 23.77 -14.16 -5.54
CA ARG B 175 23.45 -14.93 -4.33
C ARG B 175 23.27 -16.45 -4.64
N LEU B 176 22.65 -16.75 -5.77
CA LEU B 176 22.64 -18.19 -6.22
C LEU B 176 24.01 -18.79 -6.36
N ARG B 177 24.90 -18.12 -7.10
CA ARG B 177 26.29 -18.55 -7.35
C ARG B 177 27.08 -18.64 -6.03
N ALA B 178 26.92 -17.70 -5.11
CA ALA B 178 27.54 -17.87 -3.81
C ALA B 178 27.06 -19.20 -3.17
N ALA B 179 25.78 -19.53 -3.26
CA ALA B 179 25.29 -20.74 -2.60
C ALA B 179 25.66 -22.04 -3.37
N ARG B 180 25.78 -21.94 -4.68
CA ARG B 180 26.32 -23.04 -5.47
C ARG B 180 27.75 -23.34 -5.06
N ASP B 181 28.57 -22.30 -4.90
CA ASP B 181 29.95 -22.41 -4.40
C ASP B 181 30.09 -22.95 -2.96
N ALA B 182 29.02 -22.92 -2.18
CA ALA B 182 29.10 -23.34 -0.77
C ALA B 182 28.49 -24.72 -0.64
N GLY B 183 28.10 -25.33 -1.77
CA GLY B 183 27.69 -26.70 -1.83
C GLY B 183 26.23 -27.05 -2.16
N ALA B 184 25.33 -26.07 -2.24
CA ALA B 184 23.90 -26.35 -2.52
C ALA B 184 23.77 -27.12 -3.83
N ASP B 185 22.72 -27.96 -3.94
CA ASP B 185 22.63 -28.89 -5.08
C ASP B 185 21.74 -28.34 -6.24
N VAL B 186 20.85 -27.43 -5.89
CA VAL B 186 19.87 -26.91 -6.83
C VAL B 186 19.68 -25.44 -6.53
N GLY B 187 19.47 -24.66 -7.59
CA GLY B 187 19.06 -23.25 -7.41
C GLY B 187 17.60 -22.91 -7.68
N PHE B 188 17.06 -21.95 -6.94
CA PHE B 188 15.60 -21.67 -6.93
C PHE B 188 15.48 -20.13 -6.90
N LEU B 189 15.28 -19.52 -8.08
CA LEU B 189 14.99 -18.08 -8.22
C LEU B 189 13.48 -17.85 -8.17
N GLU B 190 13.05 -17.35 -7.02
CA GLU B 190 11.66 -17.16 -6.73
C GLU B 190 11.12 -16.01 -7.53
N GLY B 191 10.00 -16.27 -8.17
CA GLY B 191 9.28 -15.23 -8.89
C GLY B 191 9.88 -14.71 -10.18
N ILE B 192 10.49 -15.63 -10.95
CA ILE B 192 10.95 -15.28 -12.29
C ILE B 192 9.82 -14.52 -13.00
N THR B 193 10.11 -13.36 -13.58
CA THR B 193 9.07 -12.49 -14.18
C THR B 193 8.69 -12.64 -15.67
N SER B 194 9.47 -13.37 -16.45
CA SER B 194 9.16 -13.66 -17.84
C SER B 194 9.78 -15.00 -18.26
N ARG B 195 9.36 -15.51 -19.43
CA ARG B 195 10.01 -16.67 -20.04
C ARG B 195 11.42 -16.32 -20.45
N GLU B 196 11.64 -15.04 -20.72
CA GLU B 196 12.95 -14.57 -21.11
C GLU B 196 13.92 -14.63 -19.95
N MET B 197 13.50 -14.20 -18.78
CA MET B 197 14.32 -14.32 -17.57
C MET B 197 14.57 -15.76 -17.15
N ALA B 198 13.63 -16.66 -17.49
CA ALA B 198 13.78 -18.09 -17.19
C ALA B 198 14.79 -18.77 -18.08
N ARG B 199 14.82 -18.41 -19.36
CA ARG B 199 15.87 -18.85 -20.24
C ARG B 199 17.26 -18.29 -19.84
N GLN B 200 17.37 -16.98 -19.54
CA GLN B 200 18.63 -16.39 -19.06
C GLN B 200 19.19 -17.10 -17.81
N VAL B 201 18.36 -17.41 -16.82
CA VAL B 201 18.91 -17.91 -15.55
C VAL B 201 19.41 -19.33 -15.69
N ILE B 202 18.77 -20.10 -16.59
CA ILE B 202 19.27 -21.42 -16.99
C ILE B 202 20.67 -21.27 -17.60
N GLN B 203 20.84 -20.32 -18.50
CA GLN B 203 22.15 -20.06 -19.14
C GLN B 203 23.20 -19.48 -18.19
N ASP B 204 22.80 -18.57 -17.29
CA ASP B 204 23.64 -17.98 -16.28
C ASP B 204 24.20 -18.89 -15.20
N LEU B 205 23.40 -19.89 -14.83
CA LEU B 205 23.83 -20.89 -13.89
C LEU B 205 23.90 -22.22 -14.60
N ALA B 206 24.44 -22.20 -15.81
CA ALA B 206 24.52 -23.38 -16.69
C ALA B 206 25.17 -24.54 -15.98
N GLY B 207 24.55 -25.68 -16.16
CA GLY B 207 25.15 -26.91 -15.62
C GLY B 207 24.75 -27.20 -14.18
N TRP B 208 24.13 -26.24 -13.50
CA TRP B 208 23.61 -26.43 -12.13
C TRP B 208 22.09 -26.60 -12.21
N PRO B 209 21.48 -27.63 -11.55
CA PRO B 209 20.04 -27.84 -11.66
C PRO B 209 19.26 -26.69 -11.07
N LEU B 210 18.22 -26.31 -11.78
CA LEU B 210 17.32 -25.31 -11.27
C LEU B 210 15.90 -25.77 -11.20
N LEU B 211 15.16 -25.10 -10.36
CA LEU B 211 13.83 -25.45 -9.98
C LEU B 211 12.96 -24.28 -10.34
N LEU B 212 11.93 -24.50 -11.12
CA LEU B 212 10.92 -23.50 -11.34
C LEU B 212 9.75 -23.57 -10.39
N ASN B 213 9.47 -22.48 -9.72
CA ASN B 213 8.26 -22.38 -8.93
C ASN B 213 6.99 -21.86 -9.67
N MET B 214 6.10 -22.80 -9.98
CA MET B 214 4.97 -22.47 -10.82
C MET B 214 3.69 -22.32 -10.01
N VAL B 215 3.56 -21.18 -9.39
CA VAL B 215 2.30 -20.77 -8.83
C VAL B 215 1.65 -19.89 -9.90
N GLU B 216 0.55 -20.37 -10.50
CA GLU B 216 -0.08 -19.60 -11.55
C GLU B 216 -0.64 -18.32 -10.99
N HIS B 217 -0.79 -17.36 -11.91
CA HIS B 217 -1.50 -16.06 -11.68
C HIS B 217 -0.69 -15.09 -10.82
N GLY B 218 0.65 -15.17 -10.89
CA GLY B 218 1.56 -14.32 -10.06
C GLY B 218 2.60 -13.62 -10.92
N ALA B 219 3.85 -13.52 -10.46
CA ALA B 219 4.92 -12.86 -11.24
C ALA B 219 5.34 -13.66 -12.51
N THR B 220 5.15 -14.97 -12.43
CA THR B 220 5.59 -15.91 -13.50
C THR B 220 4.51 -16.26 -14.57
N PRO B 221 4.86 -16.15 -15.87
CA PRO B 221 3.94 -16.59 -16.90
C PRO B 221 3.63 -18.08 -16.70
N SER B 222 2.63 -18.66 -17.35
CA SER B 222 2.20 -20.04 -17.07
C SER B 222 3.00 -20.97 -17.92
N ILE B 223 3.86 -21.76 -17.30
CA ILE B 223 4.87 -22.54 -18.01
C ILE B 223 4.55 -23.96 -17.62
N SER B 224 4.18 -24.80 -18.59
CA SER B 224 3.94 -26.20 -18.31
C SER B 224 5.23 -26.95 -18.02
N ALA B 225 5.07 -28.17 -17.51
CA ALA B 225 6.18 -29.04 -17.17
C ALA B 225 6.97 -29.49 -18.41
N ALA B 226 6.30 -29.67 -19.55
CA ALA B 226 7.06 -30.00 -20.79
C ALA B 226 7.90 -28.84 -21.26
N GLU B 227 7.36 -27.62 -21.21
CA GLU B 227 8.09 -26.38 -21.51
C GLU B 227 9.20 -26.02 -20.53
N ALA B 228 8.96 -26.00 -19.21
CA ALA B 228 10.08 -25.98 -18.26
C ALA B 228 11.20 -26.99 -18.60
N LYS B 229 10.87 -28.24 -18.90
CA LYS B 229 11.87 -29.25 -19.13
C LYS B 229 12.79 -28.90 -20.30
N GLU B 230 12.17 -28.42 -21.38
CA GLU B 230 12.78 -27.92 -22.60
C GLU B 230 13.49 -26.60 -22.48
N MET B 231 13.03 -25.70 -21.60
CA MET B 231 13.87 -24.55 -21.30
C MET B 231 15.15 -25.03 -20.61
N GLY B 232 15.10 -26.15 -19.91
CA GLY B 232 16.29 -26.66 -19.24
C GLY B 232 16.23 -26.74 -17.74
N PHE B 233 15.04 -26.58 -17.13
CA PHE B 233 14.91 -26.73 -15.64
C PHE B 233 14.98 -28.19 -15.33
N ARG B 234 15.29 -28.51 -14.10
CA ARG B 234 15.38 -29.86 -13.63
C ARG B 234 14.24 -30.25 -12.73
N ILE B 235 13.57 -29.27 -12.15
CA ILE B 235 12.43 -29.51 -11.27
C ILE B 235 11.42 -28.43 -11.53
N ILE B 236 10.17 -28.88 -11.60
CA ILE B 236 9.02 -27.97 -11.49
C ILE B 236 8.11 -28.40 -10.32
N ILE B 237 7.63 -27.41 -9.58
CA ILE B 237 6.78 -27.57 -8.39
C ILE B 237 5.57 -26.76 -8.62
N PHE B 238 4.43 -27.14 -8.06
CA PHE B 238 3.22 -26.41 -8.23
C PHE B 238 2.58 -26.36 -6.88
N PRO B 239 2.97 -25.42 -6.01
CA PRO B 239 2.57 -25.41 -4.62
C PRO B 239 1.06 -25.34 -4.33
N PHE B 240 0.29 -24.80 -5.29
CA PHE B 240 -1.19 -24.73 -5.20
C PHE B 240 -2.03 -25.78 -5.96
N ALA B 241 -1.43 -26.84 -6.46
CA ALA B 241 -2.16 -27.83 -7.26
C ALA B 241 -3.34 -28.44 -6.51
N ALA B 242 -3.22 -28.54 -5.19
CA ALA B 242 -4.19 -29.19 -4.32
C ALA B 242 -4.98 -28.17 -3.52
N LEU B 243 -4.30 -27.11 -3.09
CA LEU B 243 -4.93 -26.07 -2.23
C LEU B 243 -6.03 -25.32 -2.94
N GLY B 244 -5.75 -24.83 -4.14
CA GLY B 244 -6.72 -24.03 -4.85
C GLY B 244 -8.01 -24.78 -5.02
N PRO B 245 -8.00 -25.91 -5.78
CA PRO B 245 -9.12 -26.84 -5.85
C PRO B 245 -9.78 -27.17 -4.52
N ALA B 246 -9.01 -27.51 -3.46
CA ALA B 246 -9.64 -27.90 -2.20
C ALA B 246 -10.42 -26.79 -1.58
N VAL B 247 -9.93 -25.55 -1.61
CA VAL B 247 -10.59 -24.43 -0.97
C VAL B 247 -11.87 -24.10 -1.73
N ALA B 248 -11.81 -24.03 -3.08
CA ALA B 248 -13.02 -23.78 -3.92
C ALA B 248 -14.08 -24.82 -3.68
N ALA B 249 -13.71 -26.09 -3.67
CA ALA B 249 -14.73 -27.12 -3.48
C ALA B 249 -15.32 -27.16 -2.07
N MET B 250 -14.51 -26.87 -1.06
CA MET B 250 -15.01 -26.86 0.31
C MET B 250 -15.95 -25.69 0.50
N ARG B 251 -15.68 -24.59 -0.20
CA ARG B 251 -16.55 -23.43 -0.07
C ARG B 251 -17.89 -23.67 -0.72
N GLU B 252 -17.91 -24.16 -1.98
CA GLU B 252 -19.19 -24.47 -2.63
C GLU B 252 -19.93 -25.68 -2.04
N ALA B 253 -19.21 -26.63 -1.47
CA ALA B 253 -19.86 -27.66 -0.59
C ALA B 253 -20.49 -27.12 0.69
N MET B 254 -19.82 -26.18 1.37
CA MET B 254 -20.34 -25.64 2.65
C MET B 254 -21.60 -24.87 2.46
N GLU B 255 -21.61 -24.04 1.44
CA GLU B 255 -22.77 -23.29 1.02
C GLU B 255 -23.95 -24.14 0.54
N LYS B 256 -23.71 -25.28 -0.12
CA LYS B 256 -24.74 -26.22 -0.51
C LYS B 256 -25.38 -26.92 0.70
N LEU B 257 -24.58 -27.35 1.66
CA LEU B 257 -25.05 -27.80 2.97
C LEU B 257 -25.91 -26.81 3.73
N LYS B 258 -25.50 -25.55 3.70
CA LYS B 258 -26.22 -24.46 4.40
C LYS B 258 -27.56 -24.22 3.72
N ARG B 259 -27.61 -24.38 2.37
CA ARG B 259 -28.88 -24.29 1.62
C ARG B 259 -29.75 -25.51 1.90
N ASP B 260 -29.19 -26.69 1.60
CA ASP B 260 -29.89 -27.97 1.48
C ASP B 260 -30.04 -28.73 2.76
N GLY B 261 -29.21 -28.47 3.76
CA GLY B 261 -29.37 -29.17 5.05
C GLY B 261 -28.76 -30.56 5.06
N ILE B 262 -27.99 -30.91 4.03
CA ILE B 262 -27.37 -32.22 3.92
C ILE B 262 -26.28 -32.06 2.88
N PRO B 263 -25.11 -32.71 3.04
CA PRO B 263 -24.10 -32.39 2.05
C PRO B 263 -24.42 -32.80 0.57
N GLY B 264 -25.24 -33.84 0.38
CA GLY B 264 -25.64 -34.30 -0.93
C GLY B 264 -24.43 -34.71 -1.76
N LEU B 265 -23.48 -35.42 -1.15
CA LEU B 265 -22.27 -35.97 -1.82
C LEU B 265 -22.58 -37.13 -2.79
N ASP B 266 -21.69 -37.39 -3.76
CA ASP B 266 -21.99 -38.39 -4.81
C ASP B 266 -21.99 -39.76 -4.10
N LYS B 267 -22.75 -40.71 -4.61
CA LYS B 267 -22.96 -42.01 -4.01
C LYS B 267 -21.67 -42.84 -3.88
N GLU B 268 -20.58 -42.28 -4.45
CA GLU B 268 -19.25 -42.94 -4.40
C GLU B 268 -18.41 -42.47 -3.22
N MET B 269 -18.72 -41.30 -2.63
CA MET B 269 -18.08 -40.89 -1.38
C MET B 269 -18.63 -41.55 -0.11
N THR B 270 -18.64 -42.88 -0.12
CA THR B 270 -18.77 -43.66 1.10
C THR B 270 -17.57 -43.36 2.02
N PRO B 271 -17.72 -43.67 3.32
CA PRO B 271 -16.52 -43.48 4.19
C PRO B 271 -15.41 -44.51 3.83
N GLN B 272 -15.82 -45.75 3.51
CA GLN B 272 -14.94 -46.81 2.97
C GLN B 272 -14.05 -46.39 1.83
N MET B 273 -14.62 -45.66 0.91
CA MET B 273 -13.84 -45.09 -0.13
C MET B 273 -12.82 -44.10 0.31
N LEU B 274 -13.11 -43.31 1.31
CA LEU B 274 -12.12 -42.36 1.76
C LEU B 274 -11.07 -43.07 2.65
N PHE B 275 -11.44 -44.16 3.30
CA PHE B 275 -10.39 -44.99 3.88
C PHE B 275 -9.56 -45.70 2.81
N ARG B 276 -10.14 -46.07 1.67
CA ARG B 276 -9.32 -46.62 0.59
C ARG B 276 -8.33 -45.64 0.00
N VAL B 277 -8.75 -44.41 -0.21
CA VAL B 277 -7.88 -43.35 -0.70
C VAL B 277 -6.69 -43.27 0.24
N CYS B 278 -6.98 -43.36 1.56
CA CYS B 278 -5.98 -43.41 2.60
C CYS B 278 -5.37 -44.77 2.91
N GLY B 279 -5.32 -45.65 1.92
CA GLY B 279 -4.60 -46.91 2.11
C GLY B 279 -5.12 -47.89 3.17
N LEU B 280 -6.44 -48.08 3.27
CA LEU B 280 -7.08 -49.14 4.08
C LEU B 280 -6.57 -50.50 3.74
N ASP B 281 -6.64 -50.86 2.45
CA ASP B 281 -6.36 -52.22 1.99
C ASP B 281 -4.97 -52.62 2.48
N GLU B 282 -3.96 -51.79 2.20
CA GLU B 282 -2.59 -51.94 2.73
C GLU B 282 -2.48 -52.04 4.28
N SER B 283 -3.10 -51.15 5.05
CA SER B 283 -3.21 -51.36 6.50
C SER B 283 -3.81 -52.71 6.83
N MET B 284 -4.92 -53.07 6.16
CA MET B 284 -5.59 -54.34 6.45
C MET B 284 -4.67 -55.54 6.24
N LYS B 285 -3.81 -55.48 5.21
CA LYS B 285 -2.87 -56.61 5.00
C LYS B 285 -1.67 -56.58 5.94
N VAL B 286 -1.30 -55.40 6.42
CA VAL B 286 -0.34 -55.26 7.53
C VAL B 286 -0.87 -55.92 8.81
N ASP B 287 -2.12 -55.65 9.16
CA ASP B 287 -2.75 -56.34 10.28
C ASP B 287 -2.93 -57.87 10.10
N ALA B 288 -3.43 -58.28 8.94
CA ALA B 288 -3.54 -59.70 8.57
C ALA B 288 -2.22 -60.43 8.62
N GLN B 289 -1.17 -59.79 8.15
CA GLN B 289 0.10 -60.47 8.10
C GLN B 289 0.70 -60.73 9.51
N ALA B 290 0.44 -59.88 10.49
CA ALA B 290 1.05 -60.00 11.82
C ALA B 290 0.30 -61.11 12.54
N GLY B 291 -0.58 -61.78 11.84
CA GLY B 291 -1.37 -62.78 12.50
C GLY B 291 -2.60 -62.02 12.98
N GLY B 292 -3.56 -62.74 13.51
CA GLY B 292 -4.89 -62.17 13.59
C GLY B 292 -5.30 -61.59 12.23
N ALA B 293 -6.27 -60.69 12.27
CA ALA B 293 -7.09 -60.48 13.46
C ALA B 293 -8.22 -59.50 13.15
N ALA B 294 -7.94 -58.19 13.31
CA ALA B 294 -9.03 -57.19 13.59
C ALA B 294 -9.93 -56.92 12.38
N PHE B 295 -9.52 -57.43 11.22
CA PHE B 295 -10.27 -57.30 9.97
C PHE B 295 -10.54 -58.67 9.33
N MET C 2 -13.86 -22.46 36.18
CA MET C 2 -12.43 -22.88 35.73
C MET C 2 -11.32 -21.86 36.06
N VAL C 3 -10.33 -22.25 36.86
CA VAL C 3 -9.34 -21.28 37.41
C VAL C 3 -7.90 -21.56 37.01
N THR C 4 -7.07 -20.49 36.92
CA THR C 4 -5.59 -20.63 36.90
C THR C 4 -4.89 -19.69 37.89
N ALA C 5 -3.68 -20.12 38.23
CA ALA C 5 -2.79 -19.58 39.27
C ALA C 5 -2.26 -18.25 38.85
N ALA C 6 -2.39 -17.96 37.54
CA ALA C 6 -2.16 -16.63 37.00
C ALA C 6 -2.97 -15.60 37.79
N THR C 7 -4.23 -15.92 38.08
CA THR C 7 -5.09 -15.03 38.91
C THR C 7 -4.57 -14.76 40.32
N SER C 8 -4.22 -15.82 41.01
CA SER C 8 -3.71 -15.69 42.37
C SER C 8 -2.28 -15.03 42.44
N LEU C 9 -1.43 -15.29 41.43
CA LEU C 9 -0.11 -14.62 41.37
C LEU C 9 -0.24 -13.12 41.11
N ARG C 10 -1.17 -12.78 40.25
CA ARG C 10 -1.57 -11.43 40.00
C ARG C 10 -1.99 -10.61 41.19
N ARG C 11 -2.85 -11.12 42.05
CA ARG C 11 -3.19 -10.42 43.29
C ARG C 11 -2.15 -10.53 44.40
N ALA C 12 -1.45 -11.66 44.48
CA ALA C 12 -0.24 -11.70 45.33
C ALA C 12 0.66 -10.49 45.01
N LEU C 13 0.86 -10.22 43.71
CA LEU C 13 1.67 -9.06 43.26
C LEU C 13 1.05 -7.64 43.45
N GLU C 14 -0.29 -7.54 43.50
CA GLU C 14 -0.91 -6.21 43.81
C GLU C 14 -0.93 -5.91 45.31
N ASN C 15 -0.96 -6.97 46.14
CA ASN C 15 -0.72 -6.90 47.60
C ASN C 15 0.78 -6.71 47.90
N PRO C 16 1.15 -5.58 48.54
CA PRO C 16 2.56 -5.22 48.78
C PRO C 16 3.40 -6.09 49.78
N ASP C 17 2.75 -7.03 50.45
CA ASP C 17 3.40 -7.76 51.53
C ASP C 17 3.77 -9.13 51.11
N SER C 18 3.31 -9.53 49.92
CA SER C 18 3.66 -10.83 49.37
C SER C 18 4.97 -10.87 48.63
N PHE C 19 5.75 -11.89 48.94
CA PHE C 19 7.05 -12.10 48.31
C PHE C 19 7.04 -13.52 47.76
N ILE C 20 7.49 -13.71 46.53
CA ILE C 20 7.38 -14.98 45.84
C ILE C 20 8.74 -15.60 45.73
N VAL C 21 8.87 -16.85 46.18
CA VAL C 21 10.14 -17.56 46.15
C VAL C 21 9.92 -18.72 45.21
N ALA C 22 10.56 -18.67 44.05
CA ALA C 22 10.40 -19.72 43.04
C ALA C 22 11.73 -20.46 42.60
N PRO C 23 11.96 -21.72 43.06
CA PRO C 23 13.17 -22.46 42.73
C PRO C 23 13.06 -22.96 41.32
N GLY C 24 14.20 -23.07 40.63
CA GLY C 24 14.18 -23.45 39.25
C GLY C 24 13.93 -24.93 39.11
N VAL C 25 13.03 -25.23 38.20
CA VAL C 25 12.54 -26.56 37.97
C VAL C 25 12.59 -26.77 36.44
N TYR C 26 12.99 -27.95 35.93
CA TYR C 26 13.16 -28.15 34.46
C TYR C 26 12.36 -29.32 33.75
N ASP C 27 11.77 -30.21 34.54
CA ASP C 27 11.00 -31.36 34.08
C ASP C 27 9.96 -31.59 35.22
N GLY C 28 9.20 -32.69 35.17
CA GLY C 28 8.20 -33.04 36.18
C GLY C 28 8.73 -33.57 37.48
N LEU C 29 9.80 -34.33 37.44
CA LEU C 29 10.48 -34.74 38.63
C LEU C 29 10.98 -33.59 39.51
N SER C 30 11.69 -32.61 38.95
CA SER C 30 12.24 -31.58 39.72
C SER C 30 11.13 -30.70 40.36
N ALA C 31 10.02 -30.56 39.62
CA ALA C 31 8.76 -29.94 40.02
C ALA C 31 8.11 -30.66 41.18
N ARG C 32 7.91 -31.99 41.08
CA ARG C 32 7.44 -32.80 42.20
C ARG C 32 8.35 -32.72 43.42
N VAL C 33 9.67 -32.84 43.23
CA VAL C 33 10.57 -32.65 44.42
C VAL C 33 10.45 -31.28 45.08
N ALA C 34 10.32 -30.18 44.31
CA ALA C 34 10.24 -28.80 44.92
C ALA C 34 8.96 -28.57 45.65
N LEU C 35 7.90 -29.09 45.06
CA LEU C 35 6.57 -29.02 45.66
C LEU C 35 6.54 -29.75 46.99
N SER C 36 7.13 -30.93 47.00
CA SER C 36 7.24 -31.69 48.27
C SER C 36 8.06 -31.00 49.35
N ALA C 37 9.06 -30.19 48.98
CA ALA C 37 9.86 -29.42 49.96
C ALA C 37 9.07 -28.31 50.62
N GLY C 38 7.91 -27.98 50.05
CA GLY C 38 6.96 -26.96 50.61
C GLY C 38 6.87 -25.64 49.85
N PHE C 39 7.32 -25.61 48.59
CA PHE C 39 7.42 -24.36 47.85
C PHE C 39 6.12 -23.99 47.20
N ASP C 40 5.72 -22.73 47.43
CA ASP C 40 4.46 -22.12 46.99
C ASP C 40 4.49 -21.46 45.56
N ALA C 41 5.65 -21.48 44.88
CA ALA C 41 5.75 -21.01 43.51
C ALA C 41 6.89 -21.79 42.84
N LEU C 42 6.86 -21.92 41.54
CA LEU C 42 7.94 -22.59 40.82
C LEU C 42 8.36 -21.75 39.64
N TYR C 43 9.64 -21.88 39.23
CA TYR C 43 10.21 -21.20 38.08
C TYR C 43 10.69 -22.16 36.97
N MET C 44 10.16 -22.10 35.75
CA MET C 44 10.63 -23.05 34.76
C MET C 44 11.80 -22.41 34.03
N THR C 45 13.03 -22.87 34.32
CA THR C 45 14.21 -22.39 33.61
C THR C 45 14.25 -22.87 32.15
N GLY C 46 14.50 -21.95 31.24
CA GLY C 46 14.66 -22.32 29.80
C GLY C 46 16.02 -22.99 29.59
N ALA C 47 17.05 -22.57 30.34
CA ALA C 47 18.36 -23.23 30.37
C ALA C 47 18.26 -24.73 30.61
N GLY C 48 17.56 -25.06 31.67
CA GLY C 48 17.22 -26.40 32.07
C GLY C 48 16.31 -27.19 31.18
N THR C 49 15.26 -26.54 30.64
CA THR C 49 14.39 -27.11 29.61
C THR C 49 15.22 -27.51 28.41
N ALA C 50 16.07 -26.61 27.89
CA ALA C 50 17.04 -26.96 26.86
C ALA C 50 17.89 -28.18 27.10
N ALA C 51 18.45 -28.26 28.31
CA ALA C 51 19.38 -29.33 28.69
C ALA C 51 18.67 -30.66 28.80
N SER C 52 17.44 -30.64 29.35
CA SER C 52 16.59 -31.81 29.61
C SER C 52 15.83 -32.32 28.37
N VAL C 53 14.98 -31.48 27.77
CA VAL C 53 14.31 -31.95 26.57
C VAL C 53 15.20 -32.15 25.38
N HIS C 54 16.34 -31.43 25.32
CA HIS C 54 17.17 -31.44 24.16
C HIS C 54 18.61 -31.85 24.46
N GLY C 55 19.03 -31.93 25.71
CA GLY C 55 20.46 -32.30 25.97
C GLY C 55 21.50 -31.34 25.37
N GLN C 56 21.14 -30.05 25.37
CA GLN C 56 21.86 -29.00 24.66
C GLN C 56 22.07 -27.74 25.57
N ALA C 57 23.10 -26.91 25.33
CA ALA C 57 23.27 -25.66 26.11
C ALA C 57 22.21 -24.62 25.75
N ASP C 58 22.04 -23.60 26.61
CA ASP C 58 21.01 -22.57 26.44
C ASP C 58 21.31 -21.63 25.24
N LEU C 59 20.97 -22.10 24.04
CA LEU C 59 21.42 -21.46 22.87
C LEU C 59 20.28 -21.02 21.98
N GLY C 60 19.04 -20.87 22.50
CA GLY C 60 17.86 -20.53 21.62
C GLY C 60 17.46 -21.69 20.68
N ILE C 61 17.64 -22.94 21.14
CA ILE C 61 17.36 -24.18 20.38
C ILE C 61 15.98 -24.72 20.70
N CYS C 62 15.36 -24.18 21.73
CA CYS C 62 14.02 -24.53 22.14
C CYS C 62 12.96 -23.72 21.40
N THR C 63 11.97 -24.46 20.94
CA THR C 63 10.88 -23.94 20.15
C THR C 63 9.68 -23.65 21.05
N LEU C 64 8.72 -22.86 20.55
CA LEU C 64 7.51 -22.51 21.32
C LEU C 64 6.79 -23.84 21.62
N ASN C 65 6.87 -24.79 20.67
CA ASN C 65 6.25 -26.10 20.92
C ASN C 65 6.88 -26.74 22.17
N ASP C 66 8.21 -26.66 22.31
CA ASP C 66 8.97 -27.35 23.38
C ASP C 66 8.74 -26.72 24.74
N MET C 67 8.80 -25.39 24.74
CA MET C 67 8.70 -24.60 25.95
C MET C 67 7.29 -24.64 26.44
N ARG C 68 6.33 -24.53 25.52
CA ARG C 68 4.92 -24.59 25.93
C ARG C 68 4.46 -25.95 26.47
N ALA C 69 4.93 -27.06 25.89
CA ALA C 69 4.57 -28.38 26.45
C ALA C 69 5.07 -28.53 27.87
N ASN C 70 6.34 -28.18 28.10
CA ASN C 70 6.99 -28.33 29.48
C ASN C 70 6.38 -27.39 30.50
N ALA C 71 6.10 -26.17 30.05
CA ALA C 71 5.35 -25.20 30.92
C ALA C 71 3.93 -25.61 31.27
N GLU C 72 3.18 -26.18 30.31
CA GLU C 72 1.83 -26.75 30.63
C GLU C 72 1.84 -27.90 31.62
N MET C 73 2.72 -28.88 31.36
CA MET C 73 2.94 -29.98 32.24
C MET C 73 3.28 -29.57 33.69
N ILE C 74 4.24 -28.65 33.88
CA ILE C 74 4.71 -28.23 35.23
C ILE C 74 3.62 -27.43 35.97
N SER C 75 2.93 -26.58 35.22
CA SER C 75 1.82 -25.82 35.69
C SER C 75 0.71 -26.67 36.19
N ASN C 76 0.57 -27.86 35.59
CA ASN C 76 -0.51 -28.76 35.92
C ASN C 76 -0.20 -29.94 36.81
N ILE C 77 1.05 -30.17 37.20
CA ILE C 77 1.33 -30.98 38.40
C ILE C 77 0.54 -30.53 39.64
N SER C 78 0.55 -29.22 39.90
CA SER C 78 -0.20 -28.59 41.04
C SER C 78 -0.77 -27.28 40.50
N PRO C 79 -1.99 -27.30 39.93
CA PRO C 79 -2.62 -26.15 39.24
C PRO C 79 -2.82 -24.85 40.08
N SER C 80 -2.93 -24.99 41.39
CA SER C 80 -3.06 -23.87 42.33
C SER C 80 -1.69 -23.25 42.72
N THR C 81 -0.56 -23.92 42.39
CA THR C 81 0.74 -23.30 42.61
C THR C 81 1.20 -22.56 41.35
N PRO C 82 1.46 -21.22 41.50
CA PRO C 82 1.95 -20.35 40.42
C PRO C 82 3.28 -20.87 39.79
N VAL C 83 3.32 -20.95 38.46
CA VAL C 83 4.54 -21.29 37.76
C VAL C 83 4.96 -20.13 36.83
N ILE C 84 6.20 -19.63 37.05
CA ILE C 84 6.78 -18.59 36.24
C ILE C 84 7.63 -19.29 35.25
N ALA C 85 7.36 -19.06 33.97
CA ALA C 85 8.06 -19.75 32.89
C ALA C 85 8.91 -18.81 31.98
N ASP C 86 10.19 -19.16 31.76
CA ASP C 86 10.88 -18.55 30.58
C ASP C 86 10.00 -18.60 29.30
N ALA C 87 9.91 -17.49 28.57
CA ALA C 87 9.32 -17.49 27.19
C ALA C 87 10.24 -16.78 26.19
N ASP C 88 11.54 -16.80 26.53
CA ASP C 88 12.67 -16.37 25.70
C ASP C 88 12.42 -14.96 25.07
N THR C 89 12.41 -14.86 23.73
CA THR C 89 11.96 -13.64 23.02
C THR C 89 10.47 -13.63 22.48
N GLY C 90 9.61 -14.59 22.92
CA GLY C 90 8.27 -14.75 22.33
C GLY C 90 8.28 -15.43 20.95
N TYR C 91 9.43 -15.98 20.53
CA TYR C 91 9.53 -16.96 19.40
C TYR C 91 9.12 -16.36 18.07
N GLY C 92 9.41 -15.07 17.88
CA GLY C 92 9.10 -14.38 16.62
C GLY C 92 8.57 -12.96 16.81
N GLY C 93 7.83 -12.49 15.80
CA GLY C 93 7.26 -11.13 15.81
C GLY C 93 5.96 -11.10 16.59
N PRO C 94 5.27 -9.96 16.60
CA PRO C 94 4.04 -9.81 17.42
C PRO C 94 3.01 -10.93 17.23
N ILE C 95 2.92 -11.47 16.00
CA ILE C 95 2.08 -12.63 15.66
C ILE C 95 2.47 -13.82 16.53
N MET C 96 3.75 -14.21 16.57
CA MET C 96 4.20 -15.24 17.50
C MET C 96 4.13 -14.82 18.99
N VAL C 97 4.67 -13.68 19.38
CA VAL C 97 4.47 -13.24 20.78
C VAL C 97 3.00 -13.41 21.29
N ALA C 98 2.02 -13.21 20.38
CA ALA C 98 0.59 -13.29 20.71
C ALA C 98 0.18 -14.72 20.92
N ARG C 99 0.49 -15.61 19.99
CA ARG C 99 0.37 -17.05 20.20
C ARG C 99 0.97 -17.66 21.40
N THR C 100 2.20 -17.31 21.69
CA THR C 100 2.87 -17.70 22.95
C THR C 100 2.02 -17.32 24.22
N THR C 101 1.55 -16.09 24.29
CA THR C 101 0.78 -15.56 25.43
C THR C 101 -0.51 -16.37 25.48
N GLU C 102 -1.15 -16.60 24.35
CA GLU C 102 -2.46 -17.23 24.41
C GLU C 102 -2.30 -18.66 24.80
N GLN C 103 -1.31 -19.32 24.23
CA GLN C 103 -1.04 -20.71 24.51
C GLN C 103 -0.61 -20.92 25.97
N TYR C 104 0.28 -20.10 26.56
CA TYR C 104 0.67 -20.23 27.99
C TYR C 104 -0.56 -20.00 28.93
N SER C 105 -1.38 -19.02 28.60
CA SER C 105 -2.61 -18.75 29.36
C SER C 105 -3.49 -20.01 29.39
N ARG C 106 -3.92 -20.51 28.22
CA ARG C 106 -4.71 -21.78 28.13
C ARG C 106 -4.09 -22.93 28.91
N SER C 107 -2.75 -22.93 28.94
CA SER C 107 -1.91 -23.92 29.64
C SER C 107 -1.88 -23.89 31.17
N GLY C 108 -2.41 -22.81 31.77
CA GLY C 108 -2.40 -22.63 33.23
C GLY C 108 -1.18 -21.91 33.79
N VAL C 109 -0.35 -21.36 32.91
CA VAL C 109 1.01 -20.87 33.29
C VAL C 109 0.68 -19.54 33.98
N ALA C 110 1.23 -19.31 35.19
CA ALA C 110 0.90 -18.09 35.97
C ALA C 110 1.62 -16.82 35.43
N ALA C 111 2.88 -16.93 35.03
CA ALA C 111 3.65 -15.76 34.64
C ALA C 111 4.68 -16.19 33.63
N PHE C 112 5.14 -15.28 32.76
CA PHE C 112 6.24 -15.72 31.82
C PHE C 112 7.07 -14.56 31.57
N HIS C 113 8.33 -14.75 31.14
CA HIS C 113 9.16 -13.59 30.81
C HIS C 113 9.65 -13.50 29.38
N ILE C 114 9.61 -12.28 28.85
CA ILE C 114 10.02 -11.91 27.48
C ILE C 114 11.19 -10.94 27.59
N GLU C 115 12.21 -11.16 26.73
CA GLU C 115 13.47 -10.38 26.72
C GLU C 115 13.72 -9.69 25.36
N ASP C 116 14.75 -8.82 25.37
CA ASP C 116 15.16 -7.93 24.30
C ASP C 116 16.37 -8.43 23.47
N GLN C 117 16.75 -9.70 23.61
CA GLN C 117 17.71 -10.27 22.70
C GLN C 117 17.11 -10.52 21.34
N VAL C 118 17.98 -10.66 20.36
CA VAL C 118 17.55 -11.10 19.05
C VAL C 118 17.20 -12.56 19.26
N GLN C 119 16.17 -13.02 18.56
CA GLN C 119 15.72 -14.39 18.61
C GLN C 119 16.86 -15.35 18.24
N THR C 120 17.40 -15.11 17.05
CA THR C 120 18.40 -15.96 16.45
C THR C 120 19.68 -15.17 16.31
N LYS C 121 20.70 -15.59 17.08
CA LYS C 121 22.10 -15.16 16.86
C LYS C 121 22.63 -15.96 15.65
N ARG C 122 23.71 -15.51 15.01
CA ARG C 122 24.40 -16.36 14.02
C ARG C 122 25.93 -16.26 14.01
N LYS C 129 26.02 -11.79 23.77
CA LYS C 129 24.65 -11.24 23.65
C LYS C 129 24.55 -10.10 22.62
N ILE C 130 23.50 -10.18 21.79
CA ILE C 130 23.14 -9.20 20.75
C ILE C 130 21.68 -8.88 20.97
N LEU C 131 21.35 -7.60 21.10
CA LEU C 131 19.93 -7.20 21.36
C LEU C 131 19.21 -6.52 20.18
N VAL C 132 17.92 -6.30 20.32
CA VAL C 132 17.14 -5.64 19.25
C VAL C 132 16.88 -4.21 19.73
N ASP C 133 16.36 -3.31 18.91
CA ASP C 133 16.23 -1.95 19.40
C ASP C 133 15.09 -1.92 20.39
N THR C 134 14.92 -0.77 21.05
CA THR C 134 13.86 -0.62 22.06
C THR C 134 12.44 -0.70 21.49
N ASP C 135 12.20 -0.16 20.29
CA ASP C 135 10.88 -0.20 19.70
C ASP C 135 10.45 -1.65 19.39
N THR C 136 11.38 -2.48 18.87
CA THR C 136 11.12 -3.90 18.61
C THR C 136 10.83 -4.66 19.92
N TYR C 137 11.56 -4.30 20.96
CA TYR C 137 11.36 -4.86 22.27
C TYR C 137 9.99 -4.50 22.82
N VAL C 138 9.66 -3.22 22.83
CA VAL C 138 8.37 -2.73 23.31
C VAL C 138 7.19 -3.30 22.48
N THR C 139 7.45 -3.59 21.22
CA THR C 139 6.49 -4.21 20.34
C THR C 139 6.15 -5.63 20.84
N ARG C 140 7.17 -6.34 21.31
CA ARG C 140 7.02 -7.65 21.91
C ARG C 140 6.12 -7.59 23.12
N ILE C 141 6.38 -6.61 24.00
CA ILE C 141 5.72 -6.53 25.28
C ILE C 141 4.28 -6.08 25.05
N ARG C 142 4.10 -5.27 24.01
CA ARG C 142 2.82 -4.77 23.72
C ARG C 142 1.98 -5.86 23.14
N ALA C 143 2.55 -6.72 22.27
CA ALA C 143 1.85 -7.86 21.64
C ALA C 143 1.30 -8.84 22.67
N ALA C 144 2.00 -8.96 23.81
CA ALA C 144 1.71 -9.84 24.91
C ALA C 144 0.61 -9.26 25.81
N VAL C 145 0.75 -7.98 26.19
CA VAL C 145 -0.31 -7.38 26.96
C VAL C 145 -1.61 -7.46 26.18
N GLN C 146 -1.60 -7.04 24.91
CA GLN C 146 -2.82 -6.97 24.09
C GLN C 146 -3.46 -8.33 23.85
N ALA C 147 -2.60 -9.33 23.65
CA ALA C 147 -3.02 -10.69 23.39
C ALA C 147 -3.77 -11.20 24.61
N ARG C 148 -3.23 -11.01 25.82
CA ARG C 148 -3.90 -11.56 26.98
C ARG C 148 -5.18 -10.80 27.25
N GLN C 149 -5.18 -9.49 27.01
CA GLN C 149 -6.38 -8.65 27.18
C GLN C 149 -7.58 -9.11 26.30
N ARG C 150 -7.34 -9.37 24.99
CA ARG C 150 -8.33 -9.97 24.07
C ARG C 150 -9.05 -11.24 24.58
N ILE C 151 -8.31 -12.14 25.26
CA ILE C 151 -8.82 -13.43 25.71
C ILE C 151 -9.18 -13.48 27.20
N GLY C 152 -9.06 -12.32 27.87
CA GLY C 152 -9.36 -12.15 29.31
C GLY C 152 -8.40 -12.88 30.23
N SER C 153 -7.15 -13.10 29.77
CA SER C 153 -6.13 -13.84 30.56
C SER C 153 -5.44 -12.95 31.56
N ASP C 154 -5.23 -13.49 32.78
CA ASP C 154 -4.53 -12.77 33.88
C ASP C 154 -3.02 -13.11 33.88
N ILE C 155 -2.56 -13.93 32.93
CA ILE C 155 -1.15 -14.30 32.86
C ILE C 155 -0.31 -13.07 33.04
N VAL C 156 0.62 -13.13 34.01
CA VAL C 156 1.45 -11.99 34.40
C VAL C 156 2.60 -11.83 33.38
N VAL C 157 2.78 -10.63 32.81
CA VAL C 157 3.79 -10.38 31.76
C VAL C 157 5.07 -9.74 32.39
N ILE C 158 6.18 -10.46 32.38
CA ILE C 158 7.43 -10.02 32.98
C ILE C 158 8.41 -9.56 31.89
N ALA C 159 8.73 -8.27 31.91
CA ALA C 159 9.63 -7.65 30.98
C ALA C 159 11.04 -7.83 31.54
N ARG C 160 11.86 -8.61 30.84
CA ARG C 160 13.29 -8.74 31.14
C ARG C 160 14.19 -7.97 30.15
N THR C 161 15.34 -7.47 30.61
CA THR C 161 16.30 -6.80 29.73
C THR C 161 17.68 -7.41 29.97
N ASP C 162 18.35 -7.81 28.90
CA ASP C 162 19.77 -8.22 28.96
C ASP C 162 20.79 -7.12 28.53
N SER C 163 20.41 -5.86 28.72
CA SER C 163 21.20 -4.74 28.21
C SER C 163 22.23 -4.22 29.22
N LEU C 164 22.14 -4.65 30.47
CA LEU C 164 23.11 -4.18 31.48
C LEU C 164 24.53 -4.21 31.00
N GLN C 165 24.96 -5.32 30.38
CA GLN C 165 26.37 -5.48 30.01
C GLN C 165 26.66 -4.72 28.72
N THR C 166 25.75 -4.86 27.73
CA THR C 166 25.96 -4.39 26.36
C THR C 166 25.75 -2.87 26.17
N HIS C 167 24.88 -2.28 26.99
CA HIS C 167 24.42 -0.88 26.84
C HIS C 167 24.63 -0.03 28.12
N GLY C 168 24.59 -0.70 29.27
CA GLY C 168 24.83 -0.05 30.53
C GLY C 168 23.56 0.04 31.34
N TYR C 169 23.68 0.37 32.62
CA TYR C 169 22.56 0.45 33.55
C TYR C 169 21.49 1.52 33.21
N GLU C 170 21.94 2.67 32.71
CA GLU C 170 20.99 3.73 32.36
C GLU C 170 20.09 3.30 31.22
N GLU C 171 20.68 2.63 30.21
CA GLU C 171 19.88 2.06 29.11
C GLU C 171 18.91 0.94 29.53
N SER C 172 19.42 0.01 30.37
CA SER C 172 18.64 -1.03 31.02
C SER C 172 17.42 -0.47 31.73
N VAL C 173 17.59 0.67 32.43
CA VAL C 173 16.49 1.24 33.21
C VAL C 173 15.47 1.86 32.26
N ALA C 174 15.95 2.52 31.19
CA ALA C 174 15.09 3.10 30.17
C ALA C 174 14.17 2.05 29.45
N ARG C 175 14.76 0.92 29.03
CA ARG C 175 14.02 -0.27 28.51
C ARG C 175 13.08 -0.86 29.58
N LEU C 176 13.49 -0.94 30.85
CA LEU C 176 12.51 -1.34 31.87
C LEU C 176 11.32 -0.37 32.05
N ARG C 177 11.57 0.93 32.19
CA ARG C 177 10.47 1.92 32.10
C ARG C 177 9.67 1.90 30.76
N ALA C 178 10.29 1.67 29.60
CA ALA C 178 9.47 1.58 28.36
C ALA C 178 8.59 0.35 28.32
N ALA C 179 9.01 -0.72 28.99
CA ALA C 179 8.20 -1.96 29.09
C ALA C 179 7.05 -1.73 30.04
N ARG C 180 7.30 -1.04 31.17
CA ARG C 180 6.26 -0.69 32.14
C ARG C 180 5.12 0.12 31.51
N ASP C 181 5.49 1.19 30.82
CA ASP C 181 4.54 1.98 30.03
C ASP C 181 3.68 1.17 29.02
N ALA C 182 4.23 0.08 28.43
CA ALA C 182 3.53 -0.80 27.47
C ALA C 182 2.58 -1.82 28.13
N GLY C 183 2.44 -1.76 29.46
CA GLY C 183 1.64 -2.68 30.23
C GLY C 183 2.25 -3.86 31.00
N ALA C 184 3.57 -3.98 31.13
CA ALA C 184 4.20 -5.13 31.80
C ALA C 184 3.90 -5.12 33.29
N ASP C 185 3.81 -6.29 33.92
CA ASP C 185 3.45 -6.41 35.33
C ASP C 185 4.65 -6.40 36.32
N VAL C 186 5.77 -6.90 35.85
CA VAL C 186 6.99 -7.06 36.62
C VAL C 186 8.14 -6.79 35.63
N GLY C 187 9.21 -6.20 36.14
CA GLY C 187 10.44 -6.00 35.37
C GLY C 187 11.56 -6.89 35.90
N PHE C 188 12.59 -7.12 35.11
CA PHE C 188 13.57 -8.14 35.41
C PHE C 188 14.82 -7.60 34.73
N LEU C 189 15.69 -6.97 35.54
CA LEU C 189 17.05 -6.60 35.15
C LEU C 189 17.92 -7.85 35.29
N GLU C 190 18.37 -8.40 34.16
CA GLU C 190 19.30 -9.51 34.23
C GLU C 190 20.77 -9.17 34.59
N GLY C 191 21.32 -9.89 35.57
CA GLY C 191 22.78 -9.81 35.85
C GLY C 191 23.22 -8.69 36.80
N ILE C 192 22.33 -8.25 37.66
CA ILE C 192 22.61 -7.19 38.64
C ILE C 192 23.95 -7.47 39.29
N THR C 193 24.85 -6.49 39.35
CA THR C 193 26.25 -6.72 39.78
C THR C 193 26.57 -6.37 41.27
N SER C 194 25.58 -5.84 41.99
CA SER C 194 25.83 -5.46 43.38
C SER C 194 24.54 -5.10 44.07
N ARG C 195 24.61 -4.98 45.40
CA ARG C 195 23.43 -4.71 46.18
C ARG C 195 23.01 -3.24 46.12
N GLU C 196 23.98 -2.38 45.85
CA GLU C 196 23.67 -0.98 45.64
C GLU C 196 22.91 -0.82 44.32
N MET C 197 23.29 -1.57 43.29
CA MET C 197 22.52 -1.61 42.08
C MET C 197 21.14 -2.27 42.28
N ALA C 198 21.09 -3.31 43.11
CA ALA C 198 19.83 -3.93 43.45
C ALA C 198 18.89 -2.90 44.05
N ARG C 199 19.32 -2.29 45.16
CA ARG C 199 18.52 -1.27 45.81
C ARG C 199 18.27 -0.05 44.93
N GLN C 200 19.10 0.15 43.91
CA GLN C 200 18.94 1.28 43.05
C GLN C 200 17.87 1.01 42.00
N VAL C 201 17.77 -0.24 41.52
CA VAL C 201 16.72 -0.56 40.48
C VAL C 201 15.33 -0.58 41.09
N ILE C 202 15.30 -1.03 42.35
CA ILE C 202 14.05 -1.15 43.06
C ILE C 202 13.50 0.23 43.17
N GLN C 203 14.38 1.21 43.41
CA GLN C 203 14.00 2.63 43.57
C GLN C 203 13.73 3.35 42.25
N ASP C 204 14.53 3.10 41.22
CA ASP C 204 14.29 3.63 39.88
C ASP C 204 12.94 3.26 39.25
N LEU C 205 12.47 2.06 39.60
CA LEU C 205 11.15 1.61 39.18
C LEU C 205 10.24 1.39 40.40
N ALA C 206 10.28 2.33 41.33
CA ALA C 206 9.46 2.32 42.53
C ALA C 206 7.97 2.10 42.23
N GLY C 207 7.35 1.16 42.96
CA GLY C 207 5.91 0.92 42.83
C GLY C 207 5.58 -0.15 41.80
N TRP C 208 6.60 -0.58 41.04
CA TRP C 208 6.56 -1.65 40.06
C TRP C 208 7.36 -2.82 40.62
N PRO C 209 6.74 -4.03 40.67
CA PRO C 209 7.39 -5.21 41.19
C PRO C 209 8.51 -5.69 40.30
N LEU C 210 9.64 -6.05 40.94
CA LEU C 210 10.84 -6.55 40.25
C LEU C 210 11.22 -7.96 40.71
N LEU C 211 11.89 -8.70 39.81
CA LEU C 211 12.26 -10.06 40.01
C LEU C 211 13.73 -10.09 40.07
N LEU C 212 14.28 -10.78 41.07
CA LEU C 212 15.74 -11.08 41.13
C LEU C 212 16.05 -12.54 40.63
N ASN C 213 16.94 -12.63 39.64
CA ASN C 213 17.47 -13.89 39.20
C ASN C 213 18.74 -14.23 40.03
N MET C 214 18.60 -15.17 40.98
CA MET C 214 19.69 -15.55 41.87
C MET C 214 20.28 -16.91 41.46
N VAL C 215 21.04 -16.91 40.37
CA VAL C 215 21.97 -17.95 40.05
C VAL C 215 23.29 -17.58 40.71
N GLU C 216 23.76 -18.45 41.63
CA GLU C 216 24.99 -18.21 42.40
C GLU C 216 26.26 -18.26 41.56
N HIS C 217 27.30 -17.60 42.09
CA HIS C 217 28.66 -17.65 41.52
C HIS C 217 28.80 -16.94 40.17
N GLY C 218 27.80 -16.09 39.81
CA GLY C 218 27.74 -15.30 38.55
C GLY C 218 28.16 -13.85 38.76
N ALA C 219 27.59 -12.94 37.97
CA ALA C 219 27.68 -11.47 38.18
C ALA C 219 27.05 -10.99 39.48
N THR C 220 26.09 -11.77 40.02
CA THR C 220 25.27 -11.33 41.19
C THR C 220 25.84 -11.83 42.53
N PRO C 221 26.03 -10.90 43.49
CA PRO C 221 26.40 -11.30 44.87
C PRO C 221 25.33 -12.30 45.38
N SER C 222 25.54 -12.94 46.53
CA SER C 222 24.54 -13.87 46.99
C SER C 222 23.50 -13.18 47.82
N ILE C 223 22.29 -13.14 47.32
CA ILE C 223 21.18 -12.51 48.05
C ILE C 223 20.14 -13.59 48.36
N SER C 224 19.81 -13.71 49.63
CA SER C 224 18.94 -14.76 50.06
C SER C 224 17.49 -14.25 49.90
N ALA C 225 16.52 -15.14 49.87
CA ALA C 225 15.14 -14.69 49.81
C ALA C 225 14.78 -13.52 50.75
N ALA C 226 15.20 -13.58 52.02
CA ALA C 226 14.85 -12.55 53.06
C ALA C 226 15.50 -11.18 52.82
N GLU C 227 16.79 -11.19 52.52
CA GLU C 227 17.46 -9.94 52.20
C GLU C 227 16.75 -9.35 50.98
N ALA C 228 16.49 -10.16 49.93
CA ALA C 228 15.88 -9.67 48.69
C ALA C 228 14.50 -9.04 48.93
N LYS C 229 13.71 -9.68 49.80
CA LYS C 229 12.42 -9.14 50.25
C LYS C 229 12.61 -7.80 50.94
N GLU C 230 13.59 -7.75 51.85
CA GLU C 230 13.90 -6.59 52.67
C GLU C 230 14.26 -5.41 51.81
N MET C 231 15.09 -5.62 50.77
CA MET C 231 15.41 -4.62 49.70
C MET C 231 14.22 -4.11 48.90
N GLY C 232 13.24 -4.99 48.68
CA GLY C 232 11.98 -4.65 48.01
C GLY C 232 11.68 -5.36 46.72
N PHE C 233 12.44 -6.42 46.41
CA PHE C 233 12.07 -7.33 45.34
C PHE C 233 10.76 -8.03 45.72
N ARG C 234 9.98 -8.42 44.71
CA ARG C 234 8.74 -9.08 44.99
C ARG C 234 8.79 -10.57 44.57
N ILE C 235 9.83 -10.95 43.85
CA ILE C 235 9.97 -12.35 43.34
C ILE C 235 11.47 -12.65 43.31
N ILE C 236 11.84 -13.80 43.81
CA ILE C 236 13.19 -14.17 43.68
C ILE C 236 13.10 -15.57 43.05
N ILE C 237 13.93 -15.81 42.05
CA ILE C 237 13.98 -17.12 41.41
C ILE C 237 15.38 -17.70 41.58
N PHE C 238 15.51 -19.04 41.58
CA PHE C 238 16.82 -19.68 41.70
C PHE C 238 16.87 -20.74 40.58
N PRO C 239 17.22 -20.34 39.34
CA PRO C 239 17.13 -21.21 38.15
C PRO C 239 17.96 -22.46 38.29
N PHE C 240 19.08 -22.40 39.02
CA PHE C 240 19.86 -23.61 39.16
C PHE C 240 19.66 -24.44 40.38
N ALA C 241 18.57 -24.25 41.12
CA ALA C 241 18.37 -24.89 42.45
C ALA C 241 18.26 -26.43 42.35
N ALA C 242 17.73 -26.91 41.21
CA ALA C 242 17.57 -28.36 40.95
C ALA C 242 18.68 -28.90 40.07
N LEU C 243 18.96 -28.19 38.96
CA LEU C 243 19.99 -28.61 37.94
C LEU C 243 21.35 -28.87 38.54
N GLY C 244 21.86 -27.96 39.35
CA GLY C 244 23.24 -28.11 39.88
C GLY C 244 23.35 -29.38 40.70
N PRO C 245 22.49 -29.56 41.72
CA PRO C 245 22.56 -30.80 42.49
C PRO C 245 22.21 -32.08 41.74
N ALA C 246 21.34 -32.02 40.74
CA ALA C 246 21.06 -33.23 39.99
C ALA C 246 22.27 -33.61 39.21
N VAL C 247 22.97 -32.67 38.57
CA VAL C 247 24.09 -33.00 37.64
C VAL C 247 25.24 -33.59 38.43
N ALA C 248 25.73 -32.88 39.47
CA ALA C 248 26.83 -33.38 40.35
C ALA C 248 26.52 -34.78 40.91
N ALA C 249 25.31 -35.03 41.39
CA ALA C 249 25.02 -36.40 41.87
C ALA C 249 24.90 -37.51 40.79
N MET C 250 24.31 -37.23 39.65
CA MET C 250 24.29 -38.22 38.56
C MET C 250 25.68 -38.45 38.03
N ARG C 251 26.51 -37.41 37.92
CA ARG C 251 27.90 -37.66 37.42
C ARG C 251 28.69 -38.60 38.35
N GLU C 252 28.67 -38.32 39.65
CA GLU C 252 29.21 -39.24 40.65
C GLU C 252 28.67 -40.68 40.66
N ALA C 253 27.34 -40.81 40.50
CA ALA C 253 26.65 -42.12 40.41
C ALA C 253 27.14 -42.89 39.23
N MET C 254 27.15 -42.27 38.07
CA MET C 254 27.67 -42.86 36.82
C MET C 254 29.12 -43.23 36.87
N GLU C 255 29.99 -42.40 37.46
CA GLU C 255 31.41 -42.76 37.47
C GLU C 255 31.68 -43.98 38.38
N LYS C 256 30.92 -44.04 39.46
CA LYS C 256 30.95 -45.11 40.42
C LYS C 256 30.42 -46.40 39.86
N LEU C 257 29.30 -46.34 39.12
CA LEU C 257 28.81 -47.47 38.33
C LEU C 257 29.81 -47.90 37.28
N LYS C 258 30.55 -46.96 36.68
CA LYS C 258 31.57 -47.31 35.70
C LYS C 258 32.72 -48.09 36.29
N ARG C 259 33.02 -47.79 37.57
CA ARG C 259 34.09 -48.39 38.36
C ARG C 259 33.67 -49.74 38.89
N ASP C 260 32.42 -49.87 39.34
CA ASP C 260 31.98 -51.05 40.09
C ASP C 260 31.32 -52.10 39.26
N GLY C 261 30.45 -51.72 38.36
CA GLY C 261 29.65 -52.72 37.62
C GLY C 261 28.25 -52.93 38.21
N ILE C 262 27.84 -52.03 39.09
CA ILE C 262 26.58 -52.08 39.80
C ILE C 262 26.40 -50.67 40.45
N PRO C 263 25.16 -50.15 40.50
CA PRO C 263 25.11 -48.76 40.98
C PRO C 263 25.45 -48.54 42.46
N GLY C 264 25.05 -49.47 43.32
CA GLY C 264 25.25 -49.35 44.76
C GLY C 264 24.39 -48.26 45.39
N LEU C 265 23.12 -48.18 45.02
CA LEU C 265 22.26 -47.06 45.42
C LEU C 265 21.76 -47.27 46.83
N ASP C 266 21.59 -46.19 47.56
CA ASP C 266 20.90 -46.23 48.87
C ASP C 266 19.55 -47.04 48.77
N LYS C 267 19.24 -47.78 49.82
CA LYS C 267 18.11 -48.71 49.81
C LYS C 267 16.81 -47.90 49.71
N GLU C 268 16.83 -46.59 49.89
CA GLU C 268 15.59 -45.94 49.59
C GLU C 268 15.46 -45.39 48.19
N MET C 269 16.39 -45.73 47.32
CA MET C 269 16.31 -45.24 45.93
C MET C 269 15.61 -46.28 45.13
N THR C 270 14.28 -46.23 45.17
CA THR C 270 13.48 -47.33 44.58
C THR C 270 12.43 -46.83 43.58
N PRO C 271 11.96 -47.71 42.69
CA PRO C 271 10.82 -47.30 41.85
C PRO C 271 9.55 -46.94 42.65
N GLN C 272 9.36 -47.52 43.81
CA GLN C 272 8.23 -47.20 44.72
C GLN C 272 8.37 -45.83 45.31
N MET C 273 9.60 -45.41 45.61
CA MET C 273 9.81 -44.03 46.07
C MET C 273 9.58 -43.05 44.94
N LEU C 274 10.01 -43.39 43.73
CA LEU C 274 9.72 -42.52 42.60
C LEU C 274 8.24 -42.22 42.40
N PHE C 275 7.45 -43.27 42.22
CA PHE C 275 6.00 -43.24 42.08
C PHE C 275 5.36 -42.46 43.21
N ARG C 276 5.80 -42.60 44.45
CA ARG C 276 5.25 -41.76 45.53
C ARG C 276 5.58 -40.28 45.34
N VAL C 277 6.84 -39.99 44.98
CA VAL C 277 7.26 -38.66 44.60
C VAL C 277 6.33 -38.06 43.54
N CYS C 278 5.92 -38.91 42.58
CA CYS C 278 5.24 -38.51 41.35
C CYS C 278 3.74 -38.78 41.45
N GLY C 279 3.22 -38.78 42.68
CA GLY C 279 1.77 -38.80 42.96
C GLY C 279 1.04 -40.03 42.48
N LEU C 280 1.41 -41.19 43.02
CA LEU C 280 0.69 -42.41 42.72
C LEU C 280 -0.54 -42.49 43.61
N ASP C 281 -0.46 -41.96 44.84
CA ASP C 281 -1.58 -42.11 45.75
C ASP C 281 -2.74 -41.33 45.16
N GLU C 282 -2.52 -40.12 44.66
CA GLU C 282 -3.62 -39.35 44.00
C GLU C 282 -4.16 -39.93 42.67
N SER C 283 -3.26 -40.48 41.85
CA SER C 283 -3.63 -41.16 40.62
C SER C 283 -4.50 -42.30 41.00
N MET C 284 -4.29 -42.83 42.20
CA MET C 284 -5.05 -43.98 42.70
C MET C 284 -6.42 -43.62 43.29
N LYS C 285 -6.49 -42.49 44.00
CA LYS C 285 -7.76 -41.84 44.32
C LYS C 285 -8.62 -41.55 43.04
N VAL C 286 -8.01 -41.03 41.99
CA VAL C 286 -8.75 -40.70 40.78
C VAL C 286 -9.36 -41.96 40.15
N ASP C 287 -8.58 -43.03 40.05
CA ASP C 287 -9.02 -44.24 39.34
C ASP C 287 -10.10 -45.02 40.13
N ALA C 288 -9.97 -44.98 41.46
CA ALA C 288 -10.94 -45.57 42.37
C ALA C 288 -12.25 -44.79 42.29
N GLN C 289 -12.17 -43.47 42.29
CA GLN C 289 -13.37 -42.61 42.14
C GLN C 289 -14.28 -42.91 40.93
N ALA C 290 -13.69 -43.31 39.80
CA ALA C 290 -14.42 -43.52 38.56
C ALA C 290 -15.08 -44.87 38.54
N GLY C 291 -14.78 -45.67 39.55
CA GLY C 291 -15.32 -47.00 39.65
C GLY C 291 -16.44 -47.04 40.67
N PRO D 1 24.47 -42.61 2.24
CA PRO D 1 24.72 -43.65 3.23
C PRO D 1 24.67 -43.08 4.64
N MET D 2 23.47 -43.03 5.23
CA MET D 2 23.25 -42.60 6.62
C MET D 2 23.23 -43.90 7.37
N VAL D 3 23.86 -43.96 8.54
CA VAL D 3 24.03 -45.26 9.27
C VAL D 3 23.34 -45.13 10.61
N THR D 4 23.01 -46.25 11.25
CA THR D 4 22.31 -46.17 12.55
C THR D 4 23.08 -46.97 13.60
N ALA D 5 23.05 -46.59 14.86
CA ALA D 5 23.59 -47.52 15.83
C ALA D 5 22.90 -48.93 15.96
N ALA D 6 21.70 -49.11 15.38
CA ALA D 6 21.04 -50.41 15.33
C ALA D 6 21.90 -51.46 14.62
N THR D 7 22.71 -51.02 13.67
CA THR D 7 23.53 -51.93 12.89
C THR D 7 24.71 -52.42 13.74
N SER D 8 25.42 -51.51 14.39
CA SER D 8 26.52 -51.93 15.26
C SER D 8 26.02 -52.81 16.43
N LEU D 9 24.87 -52.49 17.03
CA LEU D 9 24.30 -53.30 18.10
C LEU D 9 23.90 -54.69 17.68
N ARG D 10 23.27 -54.79 16.54
CA ARG D 10 22.77 -56.04 16.06
C ARG D 10 23.93 -56.94 15.71
N ARG D 11 25.01 -56.34 15.31
CA ARG D 11 26.20 -57.03 14.87
C ARG D 11 27.05 -57.42 16.12
N ALA D 12 27.15 -56.52 17.09
CA ALA D 12 27.71 -56.86 18.39
C ALA D 12 27.04 -58.07 19.00
N LEU D 13 25.70 -58.10 18.93
CA LEU D 13 24.91 -59.17 19.53
C LEU D 13 25.05 -60.52 18.77
N GLU D 14 25.44 -60.49 17.51
CA GLU D 14 25.80 -61.71 16.78
C GLU D 14 27.16 -62.26 17.22
N ASN D 15 27.92 -61.49 17.98
CA ASN D 15 29.31 -61.85 18.30
C ASN D 15 29.37 -62.23 19.75
N PRO D 16 29.47 -63.53 20.11
CA PRO D 16 29.31 -64.05 21.51
C PRO D 16 30.17 -63.31 22.53
N ASP D 17 31.25 -62.71 22.06
CA ASP D 17 32.17 -62.13 22.99
C ASP D 17 31.63 -60.86 23.51
N SER D 18 30.67 -60.27 22.79
CA SER D 18 30.14 -58.91 23.10
C SER D 18 29.13 -58.88 24.26
N PHE D 19 29.35 -57.95 25.18
CA PHE D 19 28.49 -57.77 26.32
C PHE D 19 28.10 -56.33 26.32
N ILE D 20 26.81 -56.05 26.53
CA ILE D 20 26.29 -54.71 26.44
C ILE D 20 25.89 -54.14 27.81
N VAL D 21 26.50 -53.02 28.23
CA VAL D 21 26.24 -52.41 29.57
C VAL D 21 25.67 -51.03 29.34
N ALA D 22 24.42 -50.82 29.76
CA ALA D 22 23.70 -49.59 29.53
C ALA D 22 22.99 -49.07 30.81
N PRO D 23 23.41 -47.91 31.36
CA PRO D 23 22.61 -47.25 32.42
C PRO D 23 21.36 -46.61 31.93
N GLY D 24 20.40 -46.52 32.81
CA GLY D 24 19.23 -45.78 32.54
C GLY D 24 19.30 -44.29 32.65
N VAL D 25 18.77 -43.70 31.56
CA VAL D 25 18.78 -42.30 31.34
C VAL D 25 17.38 -42.02 30.95
N TYR D 26 16.91 -40.83 31.34
CA TYR D 26 15.56 -40.46 31.17
C TYR D 26 15.38 -39.17 30.41
N ASP D 27 16.46 -38.40 30.16
CA ASP D 27 16.40 -37.02 29.63
C ASP D 27 17.73 -36.63 29.07
N GLY D 28 17.87 -35.47 28.47
CA GLY D 28 19.17 -35.07 27.80
C GLY D 28 20.29 -34.91 28.81
N LEU D 29 20.03 -34.44 30.03
CA LEU D 29 21.05 -34.30 31.06
C LEU D 29 21.63 -35.61 31.52
N SER D 30 20.75 -36.58 31.79
CA SER D 30 21.22 -37.76 32.43
C SER D 30 21.91 -38.54 31.34
N ALA D 31 21.59 -38.27 30.07
CA ALA D 31 22.28 -38.94 28.96
C ALA D 31 23.65 -38.32 28.66
N ARG D 32 23.81 -37.01 28.85
CA ARG D 32 25.10 -36.33 28.68
C ARG D 32 26.05 -36.85 29.73
N VAL D 33 25.55 -36.92 30.94
CA VAL D 33 26.28 -37.32 32.12
C VAL D 33 26.77 -38.75 32.10
N ALA D 34 25.96 -39.71 31.59
CA ALA D 34 26.37 -41.13 31.39
C ALA D 34 27.39 -41.32 30.26
N LEU D 35 27.16 -40.72 29.11
CA LEU D 35 28.11 -40.66 28.00
C LEU D 35 29.50 -40.12 28.44
N SER D 36 29.55 -39.01 29.18
CA SER D 36 30.81 -38.50 29.72
C SER D 36 31.48 -39.40 30.75
N ALA D 37 30.81 -40.44 31.20
CA ALA D 37 31.36 -41.27 32.26
C ALA D 37 32.01 -42.42 31.57
N GLY D 38 31.81 -42.47 30.27
CA GLY D 38 32.52 -43.43 29.44
C GLY D 38 31.62 -44.54 28.94
N PHE D 39 30.33 -44.56 29.26
CA PHE D 39 29.43 -45.65 28.78
C PHE D 39 29.27 -45.64 27.27
N ASP D 40 29.15 -46.85 26.67
CA ASP D 40 29.00 -47.12 25.25
C ASP D 40 27.64 -47.71 24.83
N ALA D 41 26.67 -47.70 25.72
CA ALA D 41 25.27 -48.00 25.40
C ALA D 41 24.48 -47.27 26.41
N LEU D 42 23.27 -46.85 26.00
CA LEU D 42 22.34 -46.17 26.92
C LEU D 42 21.00 -46.87 26.97
N TYR D 43 20.37 -46.89 28.14
CA TYR D 43 18.99 -47.42 28.24
C TYR D 43 18.04 -46.24 28.50
N MET D 44 17.03 -46.03 27.65
CA MET D 44 15.97 -45.05 27.98
C MET D 44 14.86 -45.71 28.76
N THR D 45 14.68 -45.24 30.00
CA THR D 45 13.70 -45.80 30.92
C THR D 45 12.36 -45.14 30.72
N GLY D 46 11.31 -45.97 30.76
CA GLY D 46 9.92 -45.57 30.67
C GLY D 46 9.38 -44.96 31.96
N ALA D 47 9.74 -45.49 33.13
CA ALA D 47 9.34 -44.88 34.41
C ALA D 47 9.98 -43.48 34.52
N GLY D 48 11.25 -43.30 34.16
CA GLY D 48 11.89 -42.00 34.14
C GLY D 48 11.36 -41.06 33.09
N THR D 49 11.11 -41.58 31.86
CA THR D 49 10.31 -40.75 30.91
C THR D 49 8.95 -40.26 31.54
N ALA D 50 8.10 -41.14 32.05
CA ALA D 50 6.87 -40.65 32.66
C ALA D 50 7.10 -39.60 33.74
N ALA D 51 8.17 -39.73 34.54
CA ALA D 51 8.41 -38.80 35.72
C ALA D 51 8.97 -37.49 35.17
N SER D 52 9.71 -37.54 34.08
CA SER D 52 10.36 -36.33 33.63
C SER D 52 9.42 -35.56 32.67
N VAL D 53 8.89 -36.27 31.70
CA VAL D 53 8.09 -35.69 30.66
C VAL D 53 6.71 -35.28 31.15
N HIS D 54 6.18 -35.98 32.15
CA HIS D 54 4.80 -35.82 32.62
C HIS D 54 4.66 -35.53 34.10
N GLY D 55 5.68 -35.82 34.93
CA GLY D 55 5.52 -35.51 36.39
C GLY D 55 4.70 -36.60 37.11
N GLN D 56 4.68 -37.81 36.54
CA GLN D 56 3.71 -38.82 36.93
C GLN D 56 4.34 -40.25 37.17
N ALA D 57 3.60 -41.13 37.84
CA ALA D 57 4.08 -42.48 38.03
C ALA D 57 4.08 -43.25 36.69
N ASP D 58 4.60 -44.46 36.65
CA ASP D 58 4.72 -45.22 35.37
C ASP D 58 3.43 -46.01 35.24
N LEU D 59 2.41 -45.35 34.69
CA LEU D 59 1.02 -45.76 34.75
C LEU D 59 0.34 -45.98 33.39
N GLY D 60 1.13 -46.11 32.30
CA GLY D 60 0.60 -46.10 30.92
C GLY D 60 0.22 -44.74 30.38
N ILE D 61 0.76 -43.66 30.96
CA ILE D 61 0.49 -42.23 30.59
C ILE D 61 1.23 -41.78 29.30
N CYS D 62 2.40 -42.35 28.99
CA CYS D 62 3.15 -41.89 27.82
C CYS D 62 2.53 -42.42 26.54
N THR D 63 2.66 -41.66 25.47
CA THR D 63 2.02 -41.92 24.21
C THR D 63 3.16 -42.28 23.25
N LEU D 64 2.90 -42.95 22.13
CA LEU D 64 3.98 -43.06 21.11
C LEU D 64 4.77 -41.74 20.89
N ASN D 65 4.05 -40.62 20.91
CA ASN D 65 4.58 -39.33 20.52
C ASN D 65 5.61 -38.91 21.59
N ASP D 66 5.22 -39.07 22.86
CA ASP D 66 6.05 -38.75 24.07
C ASP D 66 7.34 -39.59 24.09
N MET D 67 7.17 -40.87 23.80
CA MET D 67 8.20 -41.89 23.94
C MET D 67 9.13 -41.90 22.76
N ARG D 68 8.62 -41.76 21.53
CA ARG D 68 9.48 -41.63 20.34
C ARG D 68 10.33 -40.32 20.35
N ALA D 69 9.84 -39.24 20.96
CA ALA D 69 10.55 -37.96 20.90
C ALA D 69 11.65 -38.01 21.88
N ASN D 70 11.38 -38.41 23.10
CA ASN D 70 12.46 -38.56 24.07
C ASN D 70 13.52 -39.54 23.53
N ALA D 71 13.10 -40.61 22.86
CA ALA D 71 14.05 -41.63 22.31
C ALA D 71 14.96 -41.17 21.21
N GLU D 72 14.40 -40.36 20.31
CA GLU D 72 15.17 -39.76 19.25
C GLU D 72 16.13 -38.70 19.77
N MET D 73 15.73 -37.87 20.75
CA MET D 73 16.66 -36.91 21.31
C MET D 73 17.82 -37.67 21.92
N ILE D 74 17.56 -38.71 22.73
CA ILE D 74 18.67 -39.45 23.42
C ILE D 74 19.59 -40.19 22.42
N SER D 75 19.02 -40.84 21.41
CA SER D 75 19.83 -41.54 20.40
C SER D 75 20.77 -40.63 19.64
N ASN D 76 20.46 -39.35 19.65
CA ASN D 76 21.11 -38.43 18.71
C ASN D 76 22.06 -37.48 19.41
N ILE D 77 22.17 -37.63 20.72
CA ILE D 77 23.28 -36.96 21.45
C ILE D 77 24.63 -37.52 21.02
N SER D 78 24.71 -38.85 20.91
CA SER D 78 25.92 -39.56 20.46
C SER D 78 25.39 -40.66 19.54
N PRO D 79 25.12 -40.33 18.25
CA PRO D 79 24.44 -41.23 17.32
C PRO D 79 25.16 -42.56 17.04
N SER D 80 26.44 -42.66 17.39
CA SER D 80 27.17 -43.87 17.15
C SER D 80 27.01 -44.80 18.35
N THR D 81 26.62 -44.21 19.49
CA THR D 81 26.26 -44.97 20.70
C THR D 81 24.84 -45.59 20.78
N PRO D 82 24.75 -46.92 20.86
CA PRO D 82 23.46 -47.60 20.83
C PRO D 82 22.56 -47.32 22.04
N VAL D 83 21.31 -46.97 21.72
CA VAL D 83 20.28 -46.68 22.73
C VAL D 83 19.13 -47.68 22.66
N ILE D 84 18.94 -48.38 23.78
CA ILE D 84 17.81 -49.31 24.00
C ILE D 84 16.75 -48.50 24.69
N ALA D 85 15.62 -48.33 24.01
CA ALA D 85 14.42 -47.64 24.56
C ALA D 85 13.25 -48.54 24.96
N ASP D 86 12.56 -48.17 26.05
CA ASP D 86 11.29 -48.79 26.36
C ASP D 86 10.29 -48.52 25.17
N ALA D 87 9.43 -49.50 24.79
CA ALA D 87 8.29 -49.26 23.88
C ALA D 87 6.94 -49.74 24.43
N ASP D 88 6.85 -49.92 25.77
CA ASP D 88 5.64 -50.40 26.47
C ASP D 88 5.08 -51.59 25.71
N THR D 89 3.82 -51.52 25.27
CA THR D 89 3.16 -52.59 24.57
C THR D 89 3.04 -52.27 23.07
N GLY D 90 3.80 -51.24 22.61
CA GLY D 90 3.87 -50.79 21.20
C GLY D 90 2.72 -49.93 20.76
N TYR D 91 1.85 -49.57 21.70
CA TYR D 91 0.84 -48.50 21.53
C TYR D 91 -0.41 -48.83 20.70
N GLY D 92 -0.82 -50.10 20.64
CA GLY D 92 -2.02 -50.52 20.00
C GLY D 92 -1.77 -51.90 19.43
N GLY D 93 -2.37 -52.16 18.27
CA GLY D 93 -2.31 -53.48 17.58
C GLY D 93 -1.26 -53.52 16.51
N PRO D 94 -1.24 -54.58 15.69
CA PRO D 94 -0.21 -54.65 14.61
C PRO D 94 0.13 -53.30 13.93
N ILE D 95 -0.89 -52.50 13.61
CA ILE D 95 -0.76 -51.21 12.90
C ILE D 95 0.08 -50.15 13.66
N MET D 96 -0.16 -50.02 14.96
CA MET D 96 0.59 -49.12 15.91
C MET D 96 1.95 -49.66 16.36
N VAL D 97 2.07 -50.96 16.51
CA VAL D 97 3.38 -51.58 16.77
C VAL D 97 4.29 -51.32 15.60
N ALA D 98 3.74 -51.37 14.39
CA ALA D 98 4.52 -51.15 13.15
C ALA D 98 4.91 -49.66 13.07
N ARG D 99 4.00 -48.73 13.33
CA ARG D 99 4.37 -47.32 13.37
C ARG D 99 5.43 -47.03 14.35
N THR D 100 5.33 -47.63 15.54
CA THR D 100 6.32 -47.53 16.61
C THR D 100 7.65 -47.96 16.13
N THR D 101 7.68 -49.02 15.32
CA THR D 101 8.89 -49.65 14.79
C THR D 101 9.62 -48.85 13.68
N GLU D 102 8.85 -48.45 12.67
CA GLU D 102 9.22 -47.42 11.72
C GLU D 102 9.71 -46.09 12.36
N GLN D 103 8.91 -45.47 13.20
CA GLN D 103 9.34 -44.24 13.82
C GLN D 103 10.56 -44.44 14.70
N TYR D 104 10.63 -45.48 15.54
CA TYR D 104 11.89 -45.72 16.29
C TYR D 104 13.07 -45.92 15.37
N SER D 105 12.90 -46.66 14.23
CA SER D 105 13.99 -46.89 13.34
C SER D 105 14.54 -45.59 12.83
N ARG D 106 13.68 -44.76 12.20
CA ARG D 106 14.04 -43.48 11.58
C ARG D 106 14.72 -42.55 12.57
N SER D 107 14.35 -42.63 13.85
CA SER D 107 14.99 -41.87 14.95
C SER D 107 16.40 -42.27 15.41
N GLY D 108 16.95 -43.38 14.91
CA GLY D 108 18.26 -43.81 15.31
C GLY D 108 18.27 -44.73 16.53
N VAL D 109 17.09 -45.20 17.01
CA VAL D 109 17.02 -46.08 18.21
C VAL D 109 17.64 -47.36 17.77
N ALA D 110 18.48 -47.94 18.64
CA ALA D 110 19.21 -49.18 18.32
C ALA D 110 18.42 -50.48 18.63
N ALA D 111 17.60 -50.46 19.70
CA ALA D 111 16.79 -51.59 20.14
C ALA D 111 15.58 -51.02 20.87
N PHE D 112 14.48 -51.77 20.93
CA PHE D 112 13.36 -51.38 21.84
C PHE D 112 12.73 -52.59 22.46
N HIS D 113 12.05 -52.43 23.58
CA HIS D 113 11.33 -53.61 24.08
C HIS D 113 9.83 -53.52 24.00
N ILE D 114 9.17 -54.65 23.70
CA ILE D 114 7.68 -54.68 23.73
C ILE D 114 7.28 -55.75 24.71
N GLU D 115 6.34 -55.46 25.59
CA GLU D 115 6.02 -56.41 26.61
C GLU D 115 4.61 -56.97 26.42
N ASP D 116 4.14 -57.75 27.41
CA ASP D 116 2.85 -58.47 27.31
C ASP D 116 1.70 -58.02 28.20
N GLN D 117 1.80 -56.83 28.77
CA GLN D 117 0.66 -56.31 29.56
C GLN D 117 -0.44 -55.74 28.70
N VAL D 118 -1.60 -55.49 29.30
CA VAL D 118 -2.66 -54.78 28.60
C VAL D 118 -2.15 -53.36 28.37
N GLN D 119 -2.65 -52.71 27.32
CA GLN D 119 -2.30 -51.30 27.01
C GLN D 119 -2.84 -50.44 28.17
N THR D 120 -4.06 -50.79 28.62
CA THR D 120 -4.81 -49.98 29.56
C THR D 120 -5.24 -50.78 30.80
N LYS D 129 -0.36 -55.81 37.81
CA LYS D 129 0.05 -56.20 36.45
C LYS D 129 -1.03 -57.12 35.78
N ILE D 130 -1.66 -56.66 34.68
CA ILE D 130 -2.66 -57.53 33.96
C ILE D 130 -2.08 -57.76 32.58
N LEU D 131 -2.15 -59.01 32.11
CA LEU D 131 -1.46 -59.47 30.90
C LEU D 131 -2.46 -59.79 29.82
N VAL D 132 -1.97 -59.77 28.58
CA VAL D 132 -2.73 -60.19 27.39
C VAL D 132 -2.37 -61.65 27.04
N ASP D 133 -3.19 -62.41 26.30
CA ASP D 133 -2.91 -63.80 26.03
C ASP D 133 -1.70 -63.93 25.12
N THR D 134 -1.12 -65.13 25.02
CA THR D 134 0.09 -65.31 24.28
C THR D 134 -0.11 -64.88 22.84
N ASP D 135 -1.22 -65.26 22.20
CA ASP D 135 -1.46 -64.97 20.79
C ASP D 135 -1.45 -63.49 20.43
N THR D 136 -2.19 -62.66 21.15
CA THR D 136 -2.13 -61.22 21.03
C THR D 136 -0.72 -60.62 21.17
N TYR D 137 0.00 -61.06 22.19
CA TYR D 137 1.35 -60.63 22.47
C TYR D 137 2.25 -60.99 21.26
N VAL D 138 2.12 -62.23 20.74
CA VAL D 138 2.90 -62.67 19.58
C VAL D 138 2.54 -61.84 18.33
N THR D 139 1.27 -61.57 18.09
CA THR D 139 0.92 -60.61 17.05
C THR D 139 1.77 -59.27 17.04
N ARG D 140 2.01 -58.66 18.19
CA ARG D 140 2.88 -57.49 18.31
C ARG D 140 4.32 -57.72 17.94
N ILE D 141 4.92 -58.80 18.45
CA ILE D 141 6.30 -59.17 18.14
C ILE D 141 6.42 -59.36 16.66
N ARG D 142 5.49 -60.08 16.07
CA ARG D 142 5.44 -60.33 14.64
C ARG D 142 5.24 -59.06 13.84
N ALA D 143 4.44 -58.14 14.35
CA ALA D 143 4.22 -56.86 13.68
C ALA D 143 5.45 -55.93 13.69
N ALA D 144 6.14 -55.81 14.84
CA ALA D 144 7.51 -55.27 14.95
C ALA D 144 8.54 -55.83 13.91
N VAL D 145 8.60 -57.15 13.79
CA VAL D 145 9.58 -57.82 12.94
C VAL D 145 9.21 -57.47 11.55
N GLN D 146 7.95 -57.61 11.16
CA GLN D 146 7.58 -57.45 9.75
C GLN D 146 7.65 -55.99 9.28
N ALA D 147 7.31 -55.06 10.18
CA ALA D 147 7.53 -53.63 9.97
C ALA D 147 8.96 -53.29 9.66
N ARG D 148 9.91 -53.72 10.49
CA ARG D 148 11.27 -53.37 10.21
C ARG D 148 11.88 -54.09 8.93
N GLN D 149 11.42 -55.30 8.61
CA GLN D 149 11.90 -56.02 7.40
C GLN D 149 11.53 -55.22 6.15
N ARG D 150 10.25 -54.87 6.05
CA ARG D 150 9.70 -53.93 5.07
C ARG D 150 10.47 -52.62 4.81
N ILE D 151 11.10 -52.00 5.82
CA ILE D 151 11.84 -50.74 5.62
C ILE D 151 13.38 -51.00 5.53
N GLY D 152 13.74 -52.26 5.78
CA GLY D 152 15.12 -52.71 5.85
C GLY D 152 15.87 -52.21 7.11
N SER D 153 15.17 -52.10 8.23
CA SER D 153 15.75 -51.59 9.46
C SER D 153 16.42 -52.75 10.19
N ASP D 154 17.62 -52.50 10.73
CA ASP D 154 18.32 -53.40 11.63
C ASP D 154 17.90 -53.22 13.10
N ILE D 155 16.94 -52.37 13.37
CA ILE D 155 16.52 -52.17 14.79
C ILE D 155 16.30 -53.54 15.52
N VAL D 156 16.85 -53.68 16.74
CA VAL D 156 16.78 -54.89 17.58
C VAL D 156 15.47 -54.99 18.34
N VAL D 157 14.75 -56.10 18.09
CA VAL D 157 13.43 -56.33 18.68
C VAL D 157 13.60 -57.19 19.93
N ILE D 158 13.26 -56.61 21.10
CA ILE D 158 13.47 -57.25 22.35
C ILE D 158 12.08 -57.63 22.84
N ALA D 159 11.90 -58.89 23.23
CA ALA D 159 10.59 -59.34 23.70
C ALA D 159 10.62 -59.47 25.20
N ARG D 160 9.79 -58.68 25.90
CA ARG D 160 9.70 -58.64 27.39
C ARG D 160 8.44 -59.36 27.89
N THR D 161 8.58 -60.17 28.94
CA THR D 161 7.41 -60.71 29.65
C THR D 161 7.41 -60.33 31.13
N ASP D 162 6.26 -59.78 31.54
CA ASP D 162 5.94 -59.45 32.92
C ASP D 162 5.07 -60.54 33.55
N SER D 163 5.04 -61.74 32.96
CA SER D 163 4.20 -62.83 33.52
C SER D 163 4.75 -63.46 34.77
N LEU D 164 5.99 -63.16 35.15
CA LEU D 164 6.59 -63.95 36.25
C LEU D 164 5.83 -63.77 37.54
N GLN D 165 5.68 -62.56 38.06
CA GLN D 165 4.96 -62.49 39.39
C GLN D 165 3.48 -62.97 39.39
N THR D 166 2.81 -62.92 38.27
CA THR D 166 1.42 -63.41 38.18
C THR D 166 1.24 -64.86 37.70
N HIS D 167 2.15 -65.42 36.93
CA HIS D 167 1.92 -66.79 36.33
C HIS D 167 3.05 -67.76 36.67
N GLY D 168 4.15 -67.20 37.14
CA GLY D 168 5.27 -67.99 37.55
C GLY D 168 6.16 -68.31 36.36
N TYR D 169 7.26 -68.98 36.68
CA TYR D 169 8.41 -69.16 35.81
C TYR D 169 8.04 -69.87 34.49
N GLU D 170 7.39 -71.03 34.56
CA GLU D 170 7.17 -71.84 33.37
C GLU D 170 6.26 -71.13 32.28
N GLU D 171 5.34 -70.27 32.71
CA GLU D 171 4.57 -69.44 31.81
C GLU D 171 5.40 -68.33 31.14
N SER D 172 6.16 -67.56 31.93
CA SER D 172 7.25 -66.71 31.47
C SER D 172 8.06 -67.33 30.32
N VAL D 173 8.57 -68.55 30.53
CA VAL D 173 9.45 -69.22 29.53
C VAL D 173 8.65 -69.51 28.23
N ALA D 174 7.43 -69.99 28.36
CA ALA D 174 6.52 -70.21 27.22
C ALA D 174 6.27 -68.92 26.39
N ARG D 175 6.04 -67.79 27.04
CA ARG D 175 5.92 -66.50 26.33
C ARG D 175 7.22 -66.01 25.58
N LEU D 176 8.38 -66.13 26.20
CA LEU D 176 9.61 -65.82 25.48
C LEU D 176 9.90 -66.83 24.33
N ARG D 177 9.61 -68.12 24.49
CA ARG D 177 9.74 -69.03 23.36
C ARG D 177 8.82 -68.63 22.21
N ALA D 178 7.60 -68.23 22.50
CA ALA D 178 6.67 -67.82 21.45
C ALA D 178 7.09 -66.52 20.79
N ALA D 179 7.56 -65.51 21.56
CA ALA D 179 8.19 -64.29 21.00
C ALA D 179 9.44 -64.61 20.17
N ARG D 180 10.37 -65.37 20.73
CA ARG D 180 11.48 -65.89 19.97
C ARG D 180 11.05 -66.44 18.62
N ASP D 181 10.09 -67.34 18.57
CA ASP D 181 9.75 -68.07 17.36
C ASP D 181 9.13 -67.20 16.29
N ALA D 182 8.57 -66.10 16.74
CA ALA D 182 7.91 -65.12 15.89
C ALA D 182 8.93 -64.11 15.37
N GLY D 183 10.17 -64.14 15.85
CA GLY D 183 11.18 -63.24 15.31
C GLY D 183 11.89 -62.27 16.25
N ALA D 184 11.55 -62.21 17.52
CA ALA D 184 12.27 -61.25 18.38
C ALA D 184 13.72 -61.62 18.48
N ASP D 185 14.56 -60.62 18.71
CA ASP D 185 16.03 -60.76 18.70
C ASP D 185 16.58 -61.10 20.08
N VAL D 186 15.96 -60.51 21.12
CA VAL D 186 16.42 -60.62 22.49
C VAL D 186 15.26 -60.90 23.43
N GLY D 187 15.50 -61.56 24.57
CA GLY D 187 14.44 -61.86 25.51
C GLY D 187 14.58 -61.06 26.77
N PHE D 188 13.49 -60.76 27.45
CA PHE D 188 13.61 -59.91 28.66
C PHE D 188 12.62 -60.46 29.69
N LEU D 189 13.07 -61.40 30.51
CA LEU D 189 12.35 -61.81 31.69
C LEU D 189 12.36 -60.72 32.76
N GLU D 190 11.28 -59.97 32.90
CA GLU D 190 11.21 -59.00 34.01
C GLU D 190 11.19 -59.65 35.43
N GLY D 191 11.97 -59.07 36.35
CA GLY D 191 11.83 -59.38 37.77
C GLY D 191 12.37 -60.72 38.26
N ILE D 192 13.45 -61.15 37.65
CA ILE D 192 14.11 -62.43 37.94
C ILE D 192 14.52 -62.45 39.44
N THR D 193 14.20 -63.53 40.15
CA THR D 193 14.10 -63.50 41.61
C THR D 193 15.27 -64.20 42.31
N SER D 194 16.11 -64.85 41.50
CA SER D 194 17.31 -65.45 42.04
C SER D 194 18.38 -65.64 40.97
N ARG D 195 19.60 -65.89 41.48
CA ARG D 195 20.77 -66.21 40.72
C ARG D 195 20.53 -67.51 40.02
N GLU D 196 19.87 -68.48 40.65
CA GLU D 196 19.48 -69.76 40.01
C GLU D 196 18.45 -69.63 38.91
N MET D 197 17.40 -68.83 39.11
CA MET D 197 16.48 -68.55 38.05
C MET D 197 17.11 -67.88 36.88
N ALA D 198 18.08 -67.00 37.16
CA ALA D 198 18.85 -66.30 36.12
C ALA D 198 19.67 -67.25 35.21
N ARG D 199 20.42 -68.18 35.80
CA ARG D 199 21.04 -69.26 35.05
C ARG D 199 20.11 -70.23 34.36
N GLN D 200 19.01 -70.58 35.04
CA GLN D 200 17.99 -71.45 34.41
C GLN D 200 17.37 -70.83 33.15
N VAL D 201 16.97 -69.54 33.18
CA VAL D 201 16.41 -68.94 31.94
C VAL D 201 17.43 -68.82 30.77
N ILE D 202 18.65 -68.36 31.05
CA ILE D 202 19.73 -68.21 30.08
C ILE D 202 19.84 -69.51 29.37
N GLN D 203 19.87 -70.57 30.15
CA GLN D 203 19.91 -71.98 29.70
C GLN D 203 18.67 -72.48 28.91
N ASP D 204 17.45 -72.28 29.44
CA ASP D 204 16.23 -72.75 28.81
C ASP D 204 16.07 -72.16 27.40
N LEU D 205 16.67 -70.99 27.20
CA LEU D 205 16.59 -70.26 25.93
C LEU D 205 18.00 -70.13 25.33
N ALA D 206 18.78 -71.21 25.37
CA ALA D 206 20.20 -71.11 25.02
C ALA D 206 20.32 -70.64 23.60
N GLY D 207 21.22 -69.65 23.39
CA GLY D 207 21.63 -69.21 22.05
C GLY D 207 20.71 -68.09 21.59
N TRP D 208 19.82 -67.67 22.47
CA TRP D 208 18.95 -66.57 22.16
C TRP D 208 19.33 -65.47 23.13
N PRO D 209 19.85 -64.35 22.62
CA PRO D 209 20.26 -63.31 23.54
C PRO D 209 19.26 -62.94 24.65
N LEU D 210 19.74 -62.90 25.91
CA LEU D 210 18.99 -62.34 27.02
C LEU D 210 19.51 -61.07 27.66
N LEU D 211 18.56 -60.28 28.16
CA LEU D 211 18.78 -59.02 28.86
C LEU D 211 18.38 -59.12 30.33
N LEU D 212 19.22 -58.55 31.21
CA LEU D 212 18.92 -58.52 32.64
C LEU D 212 18.57 -57.13 33.10
N ASN D 213 17.36 -56.95 33.61
CA ASN D 213 17.00 -55.72 34.28
C ASN D 213 17.59 -55.64 35.70
N MET D 214 18.52 -54.72 35.92
CA MET D 214 19.03 -54.68 37.26
C MET D 214 18.66 -53.44 38.03
N VAL D 215 17.54 -53.55 38.74
CA VAL D 215 17.07 -52.48 39.59
C VAL D 215 17.24 -53.01 40.98
N GLU D 216 18.22 -52.48 41.69
CA GLU D 216 18.51 -52.91 43.02
C GLU D 216 17.36 -52.58 44.00
N HIS D 217 17.35 -53.36 45.09
CA HIS D 217 16.45 -53.36 46.22
C HIS D 217 15.06 -53.90 45.92
N GLY D 218 14.94 -54.63 44.80
CA GLY D 218 13.66 -55.23 44.46
C GLY D 218 13.56 -56.73 44.69
N ALA D 219 13.14 -57.46 43.64
CA ALA D 219 13.02 -58.90 43.67
C ALA D 219 14.25 -59.56 43.13
N THR D 220 15.07 -58.80 42.40
CA THR D 220 16.32 -59.33 41.83
C THR D 220 17.54 -59.06 42.73
N PRO D 221 18.39 -60.10 42.96
CA PRO D 221 19.63 -59.91 43.74
C PRO D 221 20.54 -58.91 43.03
N SER D 222 21.39 -58.17 43.78
CA SER D 222 22.46 -57.41 43.13
C SER D 222 23.46 -58.32 42.36
N ILE D 223 23.34 -58.24 41.03
CA ILE D 223 24.20 -58.93 40.10
C ILE D 223 24.92 -57.85 39.31
N SER D 224 26.21 -57.74 39.42
CA SER D 224 26.99 -56.75 38.68
C SER D 224 27.15 -57.09 37.19
N ALA D 225 27.61 -56.13 36.40
CA ALA D 225 27.79 -56.37 34.99
C ALA D 225 28.69 -57.60 34.72
N ALA D 226 29.82 -57.69 35.41
CA ALA D 226 30.78 -58.76 35.26
C ALA D 226 30.16 -60.12 35.57
N GLU D 227 29.41 -60.20 36.68
CA GLU D 227 28.70 -61.42 37.03
C GLU D 227 27.60 -61.77 36.03
N ALA D 228 26.84 -60.78 35.55
CA ALA D 228 25.78 -61.03 34.54
C ALA D 228 26.42 -61.60 33.31
N LYS D 229 27.55 -61.03 32.91
CA LYS D 229 28.19 -61.48 31.68
C LYS D 229 28.64 -62.94 31.81
N GLU D 230 29.28 -63.24 32.96
CA GLU D 230 29.81 -64.54 33.30
C GLU D 230 28.68 -65.57 33.26
N MET D 231 27.51 -65.17 33.78
CA MET D 231 26.29 -65.98 33.73
C MET D 231 25.87 -66.39 32.32
N GLY D 232 26.05 -65.51 31.32
CA GLY D 232 25.47 -65.75 29.98
C GLY D 232 24.55 -64.69 29.38
N PHE D 233 24.07 -63.70 30.15
CA PHE D 233 23.37 -62.50 29.63
C PHE D 233 24.21 -61.79 28.57
N ARG D 234 23.56 -61.14 27.61
CA ARG D 234 24.22 -60.36 26.61
C ARG D 234 24.10 -58.87 26.78
N ILE D 235 23.21 -58.49 27.66
CA ILE D 235 22.85 -57.10 27.92
C ILE D 235 22.47 -57.00 29.40
N ILE D 236 22.98 -55.97 30.08
CA ILE D 236 22.52 -55.56 31.42
C ILE D 236 22.12 -54.11 31.41
N ILE D 237 20.92 -53.83 31.95
CA ILE D 237 20.41 -52.47 32.11
C ILE D 237 20.23 -52.06 33.60
N PHE D 238 20.32 -50.75 33.85
CA PHE D 238 20.34 -50.15 35.18
C PHE D 238 19.40 -48.99 35.13
N PRO D 239 18.09 -49.29 35.04
CA PRO D 239 17.08 -48.22 34.88
C PRO D 239 17.16 -47.07 35.83
N PHE D 240 17.64 -47.29 37.06
CA PHE D 240 17.49 -46.33 38.16
C PHE D 240 18.85 -45.63 38.48
N ALA D 241 19.89 -45.95 37.70
CA ALA D 241 21.24 -45.32 37.78
C ALA D 241 21.29 -43.78 37.98
N ALA D 242 20.39 -43.06 37.32
CA ALA D 242 20.43 -41.61 37.32
C ALA D 242 19.27 -41.07 38.14
N LEU D 243 18.15 -41.82 38.17
CA LEU D 243 16.92 -41.38 38.84
C LEU D 243 17.15 -41.27 40.35
N GLY D 244 17.67 -42.34 40.96
CA GLY D 244 17.92 -42.40 42.39
C GLY D 244 18.73 -41.23 42.89
N PRO D 245 20.00 -41.12 42.45
CA PRO D 245 20.86 -39.94 42.71
C PRO D 245 20.23 -38.54 42.46
N ALA D 246 19.62 -38.33 41.26
CA ALA D 246 18.91 -37.09 40.95
C ALA D 246 17.90 -36.74 42.01
N VAL D 247 16.92 -37.62 42.27
CA VAL D 247 15.84 -37.32 43.24
C VAL D 247 16.31 -36.99 44.66
N ALA D 248 17.24 -37.80 45.21
CA ALA D 248 17.80 -37.60 46.55
C ALA D 248 18.55 -36.27 46.70
N ALA D 249 19.47 -36.02 45.76
CA ALA D 249 20.22 -34.73 45.60
C ALA D 249 19.32 -33.43 45.54
N MET D 250 18.34 -33.45 44.62
CA MET D 250 17.34 -32.38 44.48
C MET D 250 16.52 -32.24 45.76
N ARG D 251 16.04 -33.34 46.33
CA ARG D 251 15.26 -33.26 47.58
C ARG D 251 16.05 -32.51 48.65
N GLU D 252 17.25 -32.97 48.87
CA GLU D 252 18.14 -32.44 49.85
C GLU D 252 18.51 -30.95 49.64
N ALA D 253 18.67 -30.53 48.39
CA ALA D 253 18.95 -29.16 48.01
C ALA D 253 17.70 -28.30 48.16
N MET D 254 16.57 -28.83 47.70
CA MET D 254 15.29 -28.17 47.96
C MET D 254 15.06 -27.94 49.46
N GLU D 255 15.27 -28.95 50.29
CA GLU D 255 14.95 -28.73 51.73
C GLU D 255 15.84 -27.71 52.39
N LYS D 256 17.08 -27.64 51.91
CA LYS D 256 18.14 -26.78 52.38
C LYS D 256 17.95 -25.30 52.00
N LEU D 257 17.56 -25.11 50.72
CA LEU D 257 17.00 -23.87 50.17
C LEU D 257 15.73 -23.38 50.94
N LYS D 258 14.86 -24.32 51.30
CA LYS D 258 13.72 -23.91 52.15
C LYS D 258 14.17 -23.38 53.51
N ARG D 259 15.13 -24.03 54.17
CA ARG D 259 15.61 -23.58 55.49
C ARG D 259 16.44 -22.32 55.36
N ASP D 260 17.29 -22.27 54.33
CA ASP D 260 18.31 -21.21 54.25
C ASP D 260 17.97 -19.97 53.42
N GLY D 261 17.03 -20.09 52.50
CA GLY D 261 16.67 -18.97 51.64
C GLY D 261 17.71 -18.66 50.56
N ILE D 262 18.71 -19.54 50.39
CA ILE D 262 19.68 -19.43 49.31
C ILE D 262 20.11 -20.85 49.00
N PRO D 263 20.28 -21.29 47.71
CA PRO D 263 20.83 -22.67 47.59
C PRO D 263 22.11 -23.01 48.41
N GLY D 264 23.09 -22.10 48.45
CA GLY D 264 24.42 -22.44 48.96
C GLY D 264 25.01 -23.52 48.06
N LEU D 265 24.85 -23.40 46.73
CA LEU D 265 25.35 -24.47 45.83
C LEU D 265 26.86 -24.43 45.79
N ASP D 266 27.46 -25.57 45.47
CA ASP D 266 28.93 -25.62 45.37
C ASP D 266 29.44 -24.65 44.27
N LYS D 267 30.68 -24.12 44.42
CA LYS D 267 31.25 -23.12 43.50
C LYS D 267 31.40 -23.57 42.05
N GLU D 268 31.43 -24.87 41.86
CA GLU D 268 31.45 -25.49 40.55
C GLU D 268 30.07 -25.39 39.88
N MET D 269 29.01 -25.24 40.65
CA MET D 269 27.66 -25.40 40.08
C MET D 269 27.16 -24.14 39.42
N THR D 270 27.61 -23.95 38.17
CA THR D 270 27.29 -22.78 37.33
C THR D 270 26.69 -23.22 35.99
N PRO D 271 26.06 -22.25 35.27
CA PRO D 271 25.70 -22.33 33.83
C PRO D 271 26.83 -22.79 32.91
N GLN D 272 27.94 -22.04 32.86
CA GLN D 272 29.11 -22.51 32.05
C GLN D 272 29.28 -24.02 32.10
N MET D 273 29.24 -24.55 33.32
CA MET D 273 29.45 -25.97 33.57
C MET D 273 28.38 -26.86 32.98
N LEU D 274 27.12 -26.43 33.12
CA LEU D 274 26.00 -27.13 32.52
C LEU D 274 26.09 -27.17 30.98
N PHE D 275 26.49 -26.03 30.43
CA PHE D 275 26.57 -25.80 29.02
C PHE D 275 27.72 -26.65 28.48
N ARG D 276 28.85 -26.73 29.19
CA ARG D 276 29.88 -27.72 28.90
C ARG D 276 29.43 -29.21 29.02
N VAL D 277 28.76 -29.58 30.09
CA VAL D 277 28.23 -30.93 30.23
C VAL D 277 27.31 -31.24 29.01
N CYS D 278 26.52 -30.25 28.58
CA CYS D 278 25.62 -30.42 27.42
C CYS D 278 26.19 -29.94 26.11
N GLY D 279 27.51 -30.11 25.90
CA GLY D 279 28.12 -29.97 24.60
C GLY D 279 28.40 -28.60 24.01
N LEU D 280 28.42 -27.57 24.86
CA LEU D 280 28.73 -26.20 24.38
C LEU D 280 29.85 -26.07 23.34
N ASP D 281 31.02 -26.66 23.60
CA ASP D 281 32.18 -26.51 22.72
C ASP D 281 31.89 -27.03 21.33
N GLU D 282 31.30 -28.22 21.26
CA GLU D 282 30.87 -28.83 19.99
C GLU D 282 29.80 -28.00 19.24
N SER D 283 28.73 -27.54 19.91
CA SER D 283 27.89 -26.44 19.38
C SER D 283 28.62 -25.17 18.82
N MET D 284 29.67 -24.70 19.46
CA MET D 284 30.41 -23.57 18.93
C MET D 284 31.28 -23.85 17.69
N LYS D 285 31.86 -25.06 17.62
CA LYS D 285 32.61 -25.53 16.45
C LYS D 285 31.71 -25.59 15.22
N VAL D 286 30.55 -26.22 15.38
CA VAL D 286 29.51 -26.29 14.34
C VAL D 286 29.17 -24.92 13.83
N ASP D 287 29.01 -23.96 14.75
CA ASP D 287 28.78 -22.57 14.36
C ASP D 287 29.93 -21.92 13.58
N ALA D 288 31.16 -22.04 14.09
CA ALA D 288 32.36 -21.49 13.45
C ALA D 288 32.59 -22.18 12.10
N GLN D 289 32.30 -23.47 11.96
CA GLN D 289 32.49 -24.12 10.65
C GLN D 289 31.55 -23.61 9.54
N ALA D 290 30.32 -23.25 9.93
CA ALA D 290 29.30 -22.64 9.04
C ALA D 290 29.66 -21.25 8.54
N GLY D 291 30.49 -20.53 9.26
CA GLY D 291 30.68 -19.10 8.90
C GLY D 291 32.01 -18.39 8.69
N GLY D 292 33.03 -19.01 8.08
CA GLY D 292 33.13 -20.44 7.71
C GLY D 292 34.55 -20.82 7.28
N PRO E 1 58.17 12.29 5.68
CA PRO E 1 57.41 13.53 5.46
C PRO E 1 57.06 13.67 3.98
N MET E 2 56.33 14.73 3.64
CA MET E 2 55.91 14.94 2.21
C MET E 2 57.02 15.59 1.39
N VAL E 3 57.04 15.27 0.10
CA VAL E 3 58.12 15.74 -0.79
C VAL E 3 57.46 16.34 -2.02
N THR E 4 58.05 17.43 -2.52
CA THR E 4 57.52 18.05 -3.72
C THR E 4 58.50 17.88 -4.89
N ALA E 5 57.96 17.81 -6.11
CA ALA E 5 58.78 17.78 -7.31
C ALA E 5 59.62 19.05 -7.46
N ALA E 6 59.29 20.09 -6.70
CA ALA E 6 60.10 21.30 -6.63
C ALA E 6 61.55 21.10 -6.27
N THR E 7 61.78 20.33 -5.20
CA THR E 7 63.11 19.91 -4.71
C THR E 7 63.92 19.17 -5.81
N SER E 8 63.36 18.17 -6.42
CA SER E 8 64.10 17.51 -7.47
C SER E 8 64.40 18.45 -8.69
N LEU E 9 63.43 19.28 -9.09
CA LEU E 9 63.66 20.31 -10.16
C LEU E 9 64.81 21.25 -9.77
N ARG E 10 64.68 21.89 -8.63
CA ARG E 10 65.72 22.78 -8.07
C ARG E 10 67.12 22.22 -8.08
N ARG E 11 67.26 20.92 -7.77
CA ARG E 11 68.55 20.15 -7.84
C ARG E 11 68.99 19.85 -9.27
N ALA E 12 68.03 19.56 -10.15
CA ALA E 12 68.39 19.32 -11.56
C ALA E 12 69.08 20.59 -12.09
N LEU E 13 68.51 21.75 -11.77
CA LEU E 13 68.97 23.03 -12.32
C LEU E 13 70.25 23.51 -11.70
N GLU E 14 70.64 22.94 -10.57
CA GLU E 14 71.96 23.20 -9.94
C GLU E 14 73.06 22.42 -10.63
N ASN E 15 72.72 21.21 -11.06
CA ASN E 15 73.65 20.38 -11.85
C ASN E 15 73.71 20.83 -13.29
N PRO E 16 74.84 21.47 -13.74
CA PRO E 16 74.65 22.21 -15.00
C PRO E 16 74.48 21.30 -16.25
N ASP E 17 74.29 20.00 -16.09
CA ASP E 17 74.13 19.13 -17.25
C ASP E 17 72.67 18.74 -17.52
N SER E 18 71.74 19.19 -16.69
CA SER E 18 70.36 18.75 -16.80
C SER E 18 69.60 19.63 -17.80
N PHE E 19 68.67 19.03 -18.54
CA PHE E 19 67.91 19.81 -19.51
C PHE E 19 66.49 19.42 -19.33
N ILE E 20 65.64 20.40 -19.03
CA ILE E 20 64.26 20.11 -18.81
C ILE E 20 63.44 20.30 -20.10
N VAL E 21 62.65 19.28 -20.49
CA VAL E 21 61.79 19.33 -21.69
C VAL E 21 60.33 19.20 -21.27
N ALA E 22 59.58 20.33 -21.35
CA ALA E 22 58.23 20.42 -20.76
C ALA E 22 57.19 20.78 -21.81
N PRO E 23 56.38 19.78 -22.27
CA PRO E 23 55.32 20.10 -23.21
C PRO E 23 54.13 20.71 -22.52
N GLY E 24 53.37 21.49 -23.27
CA GLY E 24 52.26 22.31 -22.69
C GLY E 24 50.95 21.58 -22.62
N VAL E 25 50.33 21.57 -21.42
CA VAL E 25 49.16 20.82 -21.11
C VAL E 25 48.18 21.78 -20.41
N TYR E 26 46.86 21.56 -20.59
CA TYR E 26 45.86 22.48 -20.07
C TYR E 26 44.78 21.86 -19.23
N ASP E 27 44.79 20.54 -19.08
CA ASP E 27 43.67 19.87 -18.38
C ASP E 27 44.07 18.45 -18.04
N GLY E 28 43.18 17.66 -17.48
CA GLY E 28 43.61 16.36 -16.97
C GLY E 28 43.99 15.48 -18.14
N LEU E 29 43.32 15.68 -19.28
CA LEU E 29 43.45 14.84 -20.43
C LEU E 29 44.78 14.98 -21.15
N SER E 30 45.15 16.18 -21.56
CA SER E 30 46.45 16.40 -22.09
C SER E 30 47.57 16.09 -21.11
N ALA E 31 47.41 16.28 -19.79
CA ALA E 31 48.46 15.86 -18.81
C ALA E 31 48.77 14.35 -18.83
N ARG E 32 47.72 13.54 -18.79
CA ARG E 32 47.78 12.08 -18.96
C ARG E 32 48.40 11.60 -20.24
N VAL E 33 47.96 12.18 -21.36
CA VAL E 33 48.49 11.81 -22.67
C VAL E 33 50.00 12.21 -22.78
N ALA E 34 50.33 13.42 -22.33
CA ALA E 34 51.72 13.87 -22.26
C ALA E 34 52.57 13.00 -21.34
N LEU E 35 52.07 12.63 -20.16
CA LEU E 35 52.82 11.68 -19.29
C LEU E 35 53.01 10.28 -19.90
N SER E 36 51.98 9.67 -20.48
CA SER E 36 52.18 8.42 -21.22
C SER E 36 53.08 8.51 -22.42
N ALA E 37 53.28 9.70 -22.97
CA ALA E 37 54.25 9.71 -24.07
C ALA E 37 55.71 9.65 -23.50
N GLY E 38 55.86 9.73 -22.18
CA GLY E 38 57.12 9.55 -21.50
C GLY E 38 57.85 10.82 -21.06
N PHE E 39 57.26 11.99 -21.23
CA PHE E 39 57.85 13.25 -20.71
C PHE E 39 57.94 13.23 -19.21
N ASP E 40 58.94 13.94 -18.70
CA ASP E 40 59.34 13.89 -17.31
C ASP E 40 59.30 15.26 -16.69
N ALA E 41 58.81 16.24 -17.45
CA ALA E 41 58.30 17.53 -16.94
C ALA E 41 57.09 17.86 -17.74
N LEU E 42 56.21 18.66 -17.15
CA LEU E 42 55.11 19.28 -17.83
C LEU E 42 55.02 20.81 -17.62
N TYR E 43 54.38 21.43 -18.61
CA TYR E 43 54.21 22.82 -18.59
C TYR E 43 52.75 23.13 -18.74
N MET E 44 52.17 23.72 -17.67
CA MET E 44 50.82 24.29 -17.70
C MET E 44 50.61 25.70 -18.24
N THR E 45 50.01 25.67 -19.42
CA THR E 45 49.75 26.82 -20.22
C THR E 45 48.56 27.59 -19.68
N GLY E 46 48.78 28.89 -19.39
CA GLY E 46 47.72 29.81 -18.99
C GLY E 46 46.72 30.11 -20.11
N ALA E 47 47.17 30.08 -21.37
CA ALA E 47 46.34 30.35 -22.52
C ALA E 47 45.35 29.18 -22.80
N GLY E 48 45.80 27.94 -22.58
CA GLY E 48 44.97 26.73 -22.73
C GLY E 48 44.09 26.55 -21.51
N THR E 49 44.57 26.98 -20.35
CA THR E 49 43.75 27.09 -19.16
C THR E 49 42.50 28.05 -19.36
N ALA E 50 42.72 29.32 -19.78
CA ALA E 50 41.63 30.20 -20.24
C ALA E 50 40.67 29.56 -21.25
N ALA E 51 41.19 28.71 -22.13
CA ALA E 51 40.40 28.15 -23.22
C ALA E 51 39.55 26.93 -22.72
N SER E 52 40.12 26.03 -21.90
CA SER E 52 39.41 24.92 -21.25
C SER E 52 38.44 25.35 -20.13
N VAL E 53 38.94 26.13 -19.18
CA VAL E 53 38.16 26.42 -18.01
C VAL E 53 37.11 27.45 -18.31
N HIS E 54 37.42 28.31 -19.26
CA HIS E 54 36.55 29.44 -19.55
C HIS E 54 36.00 29.57 -20.99
N GLY E 55 36.49 28.80 -21.96
CA GLY E 55 36.09 29.02 -23.37
C GLY E 55 36.35 30.42 -23.86
N GLN E 56 37.45 31.02 -23.37
CA GLN E 56 37.89 32.43 -23.63
C GLN E 56 39.35 32.60 -24.15
N ALA E 57 39.61 33.69 -24.88
CA ALA E 57 40.97 34.06 -25.29
C ALA E 57 41.81 34.34 -24.05
N ASP E 58 43.14 34.34 -24.22
CA ASP E 58 44.05 34.54 -23.11
C ASP E 58 44.08 36.05 -22.82
N LEU E 59 42.99 36.52 -22.24
CA LEU E 59 42.80 37.93 -21.99
C LEU E 59 42.95 38.42 -20.51
N GLY E 60 43.71 37.72 -19.65
CA GLY E 60 43.62 37.91 -18.15
C GLY E 60 42.26 37.59 -17.47
N ILE E 61 41.56 36.58 -18.01
CA ILE E 61 40.28 36.05 -17.55
C ILE E 61 40.39 35.10 -16.31
N CYS E 62 41.39 34.21 -16.27
CA CYS E 62 41.59 33.31 -15.09
C CYS E 62 42.02 34.09 -13.84
N THR E 63 41.57 33.52 -12.70
CA THR E 63 41.69 34.02 -11.33
C THR E 63 42.75 33.14 -10.68
N LEU E 64 43.30 33.59 -9.56
CA LEU E 64 44.25 32.74 -8.83
C LEU E 64 43.61 31.39 -8.54
N ASN E 65 42.38 31.38 -8.00
CA ASN E 65 41.52 30.19 -7.84
C ASN E 65 41.50 29.22 -9.02
N ASP E 66 41.32 29.75 -10.24
CA ASP E 66 41.30 28.92 -11.47
C ASP E 66 42.61 28.26 -11.80
N MET E 67 43.65 29.07 -11.79
CA MET E 67 44.99 28.63 -12.19
C MET E 67 45.55 27.68 -11.14
N ARG E 68 45.41 28.06 -9.87
CA ARG E 68 45.82 27.21 -8.77
C ARG E 68 45.09 25.85 -8.74
N ALA E 69 43.77 25.78 -8.99
CA ALA E 69 43.10 24.48 -8.97
C ALA E 69 43.63 23.62 -10.11
N ASN E 70 43.70 24.18 -11.34
CA ASN E 70 44.22 23.47 -12.57
C ASN E 70 45.68 23.00 -12.37
N ALA E 71 46.61 23.85 -11.91
CA ALA E 71 47.99 23.50 -11.52
C ALA E 71 48.19 22.42 -10.43
N GLU E 72 47.36 22.43 -9.36
CA GLU E 72 47.47 21.38 -8.31
C GLU E 72 46.94 20.04 -8.79
N MET E 73 45.96 20.09 -9.69
CA MET E 73 45.46 18.88 -10.28
C MET E 73 46.54 18.28 -11.19
N ILE E 74 47.02 19.07 -12.17
CA ILE E 74 48.07 18.57 -13.12
C ILE E 74 49.27 18.09 -12.32
N SER E 75 49.71 18.82 -11.28
CA SER E 75 50.91 18.41 -10.44
C SER E 75 50.84 17.04 -9.77
N ASN E 76 49.63 16.66 -9.38
CA ASN E 76 49.39 15.45 -8.69
C ASN E 76 48.88 14.27 -9.52
N ILE E 77 48.64 14.43 -10.82
CA ILE E 77 48.47 13.25 -11.72
C ILE E 77 49.67 12.36 -11.45
N SER E 78 50.88 12.88 -11.64
CA SER E 78 52.13 12.13 -11.41
C SER E 78 53.08 12.91 -10.49
N PRO E 79 52.96 12.79 -9.12
CA PRO E 79 53.58 13.80 -8.16
C PRO E 79 55.10 13.99 -8.13
N SER E 80 55.85 13.09 -8.76
CA SER E 80 57.28 13.17 -8.78
C SER E 80 57.79 13.85 -10.06
N THR E 81 56.92 14.00 -11.09
CA THR E 81 57.17 14.72 -12.36
C THR E 81 56.93 16.21 -12.11
N PRO E 82 57.98 17.06 -12.27
CA PRO E 82 57.78 18.46 -12.00
C PRO E 82 56.91 19.16 -13.04
N VAL E 83 55.99 20.01 -12.52
CA VAL E 83 55.17 20.88 -13.34
C VAL E 83 55.59 22.38 -13.21
N ILE E 84 55.88 22.98 -14.36
CA ILE E 84 56.04 24.45 -14.46
C ILE E 84 54.70 25.07 -14.92
N ALA E 85 54.19 26.01 -14.14
CA ALA E 85 52.87 26.53 -14.29
C ALA E 85 52.97 28.01 -14.53
N ASP E 86 52.14 28.50 -15.42
CA ASP E 86 51.89 29.88 -15.55
C ASP E 86 51.33 30.45 -14.24
N ALA E 87 51.84 31.60 -13.78
CA ALA E 87 51.23 32.29 -12.62
C ALA E 87 51.03 33.77 -12.99
N ASP E 88 50.97 34.03 -14.30
CA ASP E 88 50.63 35.39 -14.86
C ASP E 88 51.46 36.52 -14.25
N THR E 89 50.76 37.53 -13.75
CA THR E 89 51.32 38.68 -13.08
C THR E 89 51.50 38.43 -11.56
N GLY E 90 51.06 37.24 -11.12
CA GLY E 90 50.97 36.90 -9.67
C GLY E 90 49.70 37.31 -8.96
N TYR E 91 48.73 37.89 -9.69
CA TYR E 91 47.33 38.13 -9.21
C TYR E 91 47.14 39.33 -8.28
N GLY E 92 48.19 40.16 -8.23
CA GLY E 92 48.09 41.50 -7.62
C GLY E 92 49.39 42.02 -7.10
N GLY E 93 49.31 42.74 -5.98
CA GLY E 93 50.51 43.23 -5.29
C GLY E 93 51.32 42.15 -4.58
N PRO E 94 52.36 42.56 -3.80
CA PRO E 94 53.19 41.56 -3.05
C PRO E 94 52.44 40.55 -2.18
N ILE E 95 51.34 40.95 -1.52
CA ILE E 95 50.49 40.06 -0.68
C ILE E 95 49.83 38.85 -1.45
N MET E 96 49.30 39.11 -2.64
CA MET E 96 48.81 38.11 -3.56
C MET E 96 49.87 37.26 -4.30
N VAL E 97 51.01 37.84 -4.65
CA VAL E 97 52.18 37.07 -5.03
C VAL E 97 52.64 36.08 -3.93
N ALA E 98 52.81 36.54 -2.65
CA ALA E 98 53.01 35.69 -1.50
C ALA E 98 51.97 34.52 -1.48
N ARG E 99 50.68 34.85 -1.58
CA ARG E 99 49.62 33.83 -1.51
C ARG E 99 49.64 32.85 -2.70
N THR E 100 49.96 33.37 -3.88
CA THR E 100 50.14 32.55 -5.09
C THR E 100 51.21 31.51 -4.94
N THR E 101 52.32 31.93 -4.34
CA THR E 101 53.55 31.16 -4.08
C THR E 101 53.32 30.10 -3.02
N GLU E 102 52.77 30.44 -1.83
CA GLU E 102 52.33 29.49 -0.81
C GLU E 102 51.29 28.46 -1.33
N GLN E 103 50.21 28.88 -2.01
CA GLN E 103 49.25 27.95 -2.62
C GLN E 103 49.88 27.05 -3.72
N TYR E 104 50.71 27.62 -4.57
CA TYR E 104 51.40 26.83 -5.60
C TYR E 104 52.30 25.76 -4.95
N SER E 105 53.07 26.20 -3.95
CA SER E 105 53.96 25.38 -3.14
C SER E 105 53.30 24.21 -2.47
N ARG E 106 52.27 24.51 -1.63
CA ARG E 106 51.38 23.51 -0.99
C ARG E 106 50.73 22.52 -1.98
N SER E 107 50.41 22.99 -3.19
CA SER E 107 49.77 22.18 -4.26
C SER E 107 50.72 21.17 -4.93
N GLY E 108 52.02 21.27 -4.70
CA GLY E 108 52.98 20.35 -5.38
C GLY E 108 53.62 20.85 -6.66
N VAL E 109 53.31 22.08 -7.05
CA VAL E 109 53.88 22.74 -8.24
C VAL E 109 55.42 22.88 -8.10
N ALA E 110 56.18 22.56 -9.16
CA ALA E 110 57.62 22.53 -9.08
C ALA E 110 58.25 23.93 -9.43
N ALA E 111 57.61 24.66 -10.33
CA ALA E 111 58.06 25.97 -10.77
C ALA E 111 56.87 26.82 -11.22
N PHE E 112 57.05 28.14 -11.24
CA PHE E 112 56.03 29.04 -11.80
C PHE E 112 56.70 30.33 -12.26
N HIS E 113 56.17 30.92 -13.34
CA HIS E 113 56.69 32.15 -13.88
C HIS E 113 55.84 33.37 -13.55
N ILE E 114 56.47 34.49 -13.16
CA ILE E 114 55.77 35.76 -12.95
C ILE E 114 56.30 36.72 -13.98
N GLU E 115 55.42 37.57 -14.56
CA GLU E 115 55.78 38.42 -15.70
C GLU E 115 55.58 39.83 -15.34
N ASP E 116 55.95 40.72 -16.25
CA ASP E 116 56.13 42.17 -15.98
C ASP E 116 55.07 43.00 -16.69
N GLN E 117 54.05 42.32 -17.18
CA GLN E 117 52.86 42.96 -17.67
C GLN E 117 51.94 43.45 -16.53
N VAL E 118 51.13 44.46 -16.81
CA VAL E 118 50.02 44.96 -15.92
C VAL E 118 48.90 43.91 -15.69
N GLN E 119 48.30 43.88 -14.50
CA GLN E 119 47.11 43.05 -14.31
C GLN E 119 46.04 43.32 -15.41
N THR E 120 45.71 44.61 -15.60
CA THR E 120 44.64 45.17 -16.45
C THR E 120 45.17 46.52 -17.03
N GLY E 128 46.99 43.70 -26.61
CA GLY E 128 48.13 44.58 -26.42
C GLY E 128 49.27 43.90 -25.69
N LYS E 129 50.29 44.69 -25.35
CA LYS E 129 51.12 44.39 -24.18
C LYS E 129 51.51 45.68 -23.45
N ILE E 130 51.02 45.83 -22.23
CA ILE E 130 51.33 47.01 -21.41
C ILE E 130 52.10 46.58 -20.14
N LEU E 131 53.25 47.22 -19.91
CA LEU E 131 54.27 46.72 -19.02
C LEU E 131 54.32 47.59 -17.77
N VAL E 132 54.35 46.92 -16.62
CA VAL E 132 54.61 47.54 -15.32
C VAL E 132 56.10 48.05 -15.28
N ASP E 133 56.44 49.08 -14.53
CA ASP E 133 57.84 49.46 -14.38
C ASP E 133 58.68 48.36 -13.71
N THR E 134 59.99 48.48 -13.84
CA THR E 134 60.95 47.52 -13.29
C THR E 134 60.86 47.39 -11.77
N ASP E 135 60.65 48.47 -11.03
CA ASP E 135 60.64 48.43 -9.58
C ASP E 135 59.50 47.56 -9.10
N THR E 136 58.34 47.67 -9.76
CA THR E 136 57.07 46.98 -9.38
C THR E 136 57.12 45.54 -9.73
N TYR E 137 57.68 45.27 -10.90
CA TYR E 137 58.04 43.92 -11.24
C TYR E 137 58.99 43.24 -10.23
N VAL E 138 60.01 43.96 -9.77
CA VAL E 138 61.02 43.39 -8.88
C VAL E 138 60.41 43.16 -7.52
N THR E 139 59.52 44.06 -7.12
CA THR E 139 58.73 43.89 -5.91
C THR E 139 57.95 42.55 -5.93
N ARG E 140 57.49 42.12 -7.12
CA ARG E 140 56.72 40.92 -7.28
C ARG E 140 57.60 39.72 -7.10
N ILE E 141 58.69 39.67 -7.88
CA ILE E 141 59.82 38.71 -7.73
C ILE E 141 60.32 38.52 -6.29
N ARG E 142 60.77 39.58 -5.65
CA ARG E 142 61.24 39.60 -4.28
C ARG E 142 60.13 39.06 -3.35
N ALA E 143 58.87 39.39 -3.64
CA ALA E 143 57.72 38.88 -2.88
C ALA E 143 57.56 37.36 -2.94
N ALA E 144 57.69 36.74 -4.13
CA ALA E 144 57.63 35.29 -4.30
C ALA E 144 58.76 34.60 -3.51
N VAL E 145 59.97 35.19 -3.61
CA VAL E 145 61.21 34.69 -3.05
C VAL E 145 61.12 34.71 -1.58
N GLN E 146 60.64 35.81 -0.98
CA GLN E 146 60.54 35.85 0.46
C GLN E 146 59.39 34.95 1.00
N ALA E 147 58.35 34.76 0.17
CA ALA E 147 57.18 33.94 0.51
C ALA E 147 57.55 32.51 0.62
N ARG E 148 58.31 31.98 -0.32
CA ARG E 148 58.87 30.66 -0.21
C ARG E 148 59.84 30.39 0.90
N GLN E 149 60.85 31.22 1.04
CA GLN E 149 61.78 31.16 2.15
C GLN E 149 61.10 31.09 3.48
N ARG E 150 60.01 31.84 3.66
CA ARG E 150 59.30 31.87 4.95
C ARG E 150 58.65 30.51 5.27
N ILE E 151 58.14 29.81 4.26
CA ILE E 151 57.49 28.52 4.53
C ILE E 151 58.46 27.33 4.25
N GLY E 152 59.72 27.63 3.95
CA GLY E 152 60.69 26.59 3.66
C GLY E 152 60.51 25.92 2.31
N SER E 153 59.96 26.58 1.31
CA SER E 153 59.68 25.92 0.00
C SER E 153 60.78 25.96 -1.08
N ASP E 154 60.96 24.85 -1.80
CA ASP E 154 61.89 24.82 -2.88
C ASP E 154 61.32 25.17 -4.22
N ILE E 155 60.16 25.81 -4.26
CA ILE E 155 59.49 26.07 -5.55
C ILE E 155 60.39 27.02 -6.38
N VAL E 156 60.64 26.68 -7.65
CA VAL E 156 61.51 27.45 -8.57
C VAL E 156 60.78 28.70 -9.05
N VAL E 157 61.32 29.90 -8.76
CA VAL E 157 60.73 31.16 -9.23
C VAL E 157 61.36 31.58 -10.57
N ILE E 158 60.55 31.65 -11.62
CA ILE E 158 61.01 31.97 -12.94
C ILE E 158 60.53 33.39 -13.21
N ALA E 159 61.47 34.30 -13.49
CA ALA E 159 61.21 35.69 -13.91
C ALA E 159 61.00 35.80 -15.41
N ARG E 160 59.78 36.14 -15.83
CA ARG E 160 59.44 36.36 -17.25
C ARG E 160 59.40 37.85 -17.62
N THR E 161 59.95 38.19 -18.77
CA THR E 161 59.70 39.50 -19.28
C THR E 161 58.99 39.52 -20.61
N ASP E 162 58.03 40.42 -20.68
CA ASP E 162 57.32 40.64 -21.95
C ASP E 162 57.76 41.90 -22.73
N SER E 163 58.93 42.45 -22.32
CA SER E 163 59.39 43.76 -22.83
C SER E 163 59.95 43.75 -24.24
N LEU E 164 60.17 42.60 -24.83
CA LEU E 164 60.92 42.62 -26.10
C LEU E 164 60.21 43.37 -27.25
N GLN E 165 58.99 43.00 -27.60
CA GLN E 165 58.37 43.64 -28.77
C GLN E 165 58.20 45.13 -28.54
N THR E 166 57.95 45.54 -27.29
CA THR E 166 57.73 46.95 -26.92
C THR E 166 59.03 47.78 -26.88
N HIS E 167 60.03 47.38 -26.11
CA HIS E 167 61.23 48.17 -25.88
C HIS E 167 62.56 47.66 -26.48
N GLY E 168 62.56 46.43 -26.95
CA GLY E 168 63.75 45.81 -27.46
C GLY E 168 64.54 45.07 -26.40
N TYR E 169 65.65 44.51 -26.85
CA TYR E 169 66.48 43.58 -26.17
C TYR E 169 67.20 44.19 -24.99
N GLU E 170 67.80 45.36 -25.14
CA GLU E 170 68.54 46.02 -24.06
C GLU E 170 67.68 46.27 -22.80
N GLU E 171 66.40 46.53 -23.03
CA GLU E 171 65.43 46.66 -21.95
C GLU E 171 65.09 45.29 -21.27
N SER E 172 64.85 44.26 -22.08
CA SER E 172 64.62 42.89 -21.62
C SER E 172 65.71 42.36 -20.73
N VAL E 173 66.97 42.52 -21.15
CA VAL E 173 68.11 42.06 -20.32
C VAL E 173 68.24 42.81 -19.00
N ALA E 174 68.06 44.13 -19.00
CA ALA E 174 68.15 44.93 -17.81
C ALA E 174 67.13 44.43 -16.79
N ARG E 175 65.86 44.26 -17.22
CA ARG E 175 64.72 43.64 -16.49
C ARG E 175 64.96 42.24 -15.93
N LEU E 176 65.51 41.37 -16.78
CA LEU E 176 66.00 40.07 -16.38
C LEU E 176 67.12 40.13 -15.29
N ARG E 177 68.06 41.08 -15.38
CA ARG E 177 69.12 41.21 -14.41
C ARG E 177 68.63 41.72 -13.10
N ALA E 178 67.66 42.65 -13.12
CA ALA E 178 66.99 43.07 -11.89
C ALA E 178 66.21 41.93 -11.19
N ALA E 179 65.54 41.07 -11.94
CA ALA E 179 64.86 39.88 -11.37
C ALA E 179 65.85 38.88 -10.73
N ARG E 180 66.94 38.70 -11.44
CA ARG E 180 67.97 37.82 -11.01
C ARG E 180 68.53 38.31 -9.70
N ASP E 181 68.77 39.61 -9.56
CA ASP E 181 69.33 40.16 -8.34
C ASP E 181 68.34 40.14 -7.19
N ALA E 182 67.05 40.10 -7.50
CA ALA E 182 66.03 40.11 -6.44
C ALA E 182 65.83 38.68 -5.89
N GLY E 183 66.29 37.70 -6.65
CA GLY E 183 66.19 36.32 -6.20
C GLY E 183 65.61 35.28 -7.14
N ALA E 184 65.06 35.67 -8.30
CA ALA E 184 64.49 34.70 -9.24
C ALA E 184 65.50 33.61 -9.55
N ASP E 185 65.04 32.38 -9.86
CA ASP E 185 65.94 31.23 -10.16
C ASP E 185 66.26 31.07 -11.63
N VAL E 186 65.30 31.42 -12.47
CA VAL E 186 65.32 31.15 -13.87
C VAL E 186 64.77 32.39 -14.55
N GLY E 187 65.37 32.80 -15.66
CA GLY E 187 64.86 33.87 -16.52
C GLY E 187 64.20 33.38 -17.77
N PHE E 188 63.15 34.09 -18.20
CA PHE E 188 62.30 33.74 -19.35
C PHE E 188 62.15 35.05 -20.25
N LEU E 189 62.91 35.13 -21.35
CA LEU E 189 62.74 36.21 -22.34
C LEU E 189 61.69 35.75 -23.36
N GLU E 190 60.47 36.28 -23.22
CA GLU E 190 59.44 35.96 -24.17
C GLU E 190 59.70 36.55 -25.55
N GLY E 191 59.60 35.67 -26.55
CA GLY E 191 59.45 36.14 -27.92
C GLY E 191 60.76 36.44 -28.62
N ILE E 192 61.81 35.69 -28.28
CA ILE E 192 63.14 35.77 -28.85
C ILE E 192 63.07 35.69 -30.36
N THR E 193 63.75 36.62 -31.08
CA THR E 193 63.60 36.80 -32.56
C THR E 193 64.55 35.97 -33.44
N SER E 194 65.70 35.58 -32.91
CA SER E 194 66.66 34.93 -33.79
C SER E 194 67.44 33.98 -32.93
N ARG E 195 68.32 33.22 -33.56
CA ARG E 195 69.24 32.40 -32.84
C ARG E 195 70.36 33.27 -32.34
N GLU E 196 70.65 34.37 -33.04
CA GLU E 196 71.65 35.33 -32.55
C GLU E 196 71.26 35.95 -31.20
N MET E 197 69.95 36.12 -30.99
CA MET E 197 69.45 36.79 -29.78
C MET E 197 69.49 35.80 -28.62
N ALA E 198 69.18 34.54 -28.94
CA ALA E 198 69.15 33.45 -28.02
C ALA E 198 70.55 33.16 -27.54
N ARG E 199 71.55 33.24 -28.40
CA ARG E 199 72.93 33.12 -27.95
C ARG E 199 73.40 34.31 -27.14
N GLN E 200 72.92 35.47 -27.46
CA GLN E 200 73.26 36.69 -26.76
C GLN E 200 72.64 36.74 -25.37
N VAL E 201 71.40 36.31 -25.15
CA VAL E 201 70.85 36.24 -23.75
C VAL E 201 71.62 35.31 -22.81
N ILE E 202 71.85 34.09 -23.30
CA ILE E 202 72.59 33.04 -22.61
C ILE E 202 73.92 33.63 -22.17
N GLN E 203 74.59 34.37 -23.07
CA GLN E 203 75.88 34.94 -22.70
C GLN E 203 75.78 36.06 -21.65
N ASP E 204 74.82 36.99 -21.76
CA ASP E 204 74.64 38.11 -20.81
C ASP E 204 74.19 37.74 -19.42
N LEU E 205 73.42 36.64 -19.35
CA LEU E 205 72.93 36.07 -18.08
C LEU E 205 73.68 34.78 -17.68
N ALA E 206 74.97 34.70 -17.95
CA ALA E 206 75.69 33.41 -17.78
C ALA E 206 75.69 32.96 -16.31
N GLY E 207 75.42 31.67 -16.11
CA GLY E 207 75.38 31.06 -14.79
C GLY E 207 74.01 31.05 -14.15
N TRP E 208 73.09 31.88 -14.70
CA TRP E 208 71.70 32.00 -14.33
C TRP E 208 70.93 31.25 -15.37
N PRO E 209 70.25 30.14 -15.02
CA PRO E 209 69.47 29.36 -15.97
C PRO E 209 68.39 30.07 -16.76
N LEU E 210 68.25 29.71 -18.03
CA LEU E 210 67.22 30.33 -18.87
C LEU E 210 66.22 29.33 -19.52
N LEU E 211 64.93 29.76 -19.59
CA LEU E 211 63.85 28.99 -20.21
C LEU E 211 63.56 29.47 -21.66
N LEU E 212 63.55 28.57 -22.65
CA LEU E 212 63.10 28.95 -24.00
C LEU E 212 61.63 28.63 -24.16
N ASN E 213 60.86 29.60 -24.62
CA ASN E 213 59.46 29.41 -25.05
C ASN E 213 59.24 29.10 -26.56
N MET E 214 58.93 27.86 -26.89
CA MET E 214 58.70 27.51 -28.25
C MET E 214 57.29 27.28 -28.68
N VAL E 215 56.65 28.31 -29.17
CA VAL E 215 55.37 28.16 -29.80
C VAL E 215 55.75 28.40 -31.25
N GLU E 216 55.63 27.40 -32.08
CA GLU E 216 56.02 27.60 -33.49
C GLU E 216 55.13 28.59 -34.31
N HIS E 217 55.68 29.00 -35.46
CA HIS E 217 55.07 29.95 -36.42
C HIS E 217 54.86 31.38 -35.94
N GLY E 218 55.50 31.78 -34.84
CA GLY E 218 55.39 33.14 -34.33
C GLY E 218 56.69 33.88 -34.61
N ALA E 219 57.17 34.63 -33.61
CA ALA E 219 58.38 35.48 -33.75
C ALA E 219 59.66 34.69 -33.56
N THR E 220 59.57 33.52 -32.91
CA THR E 220 60.74 32.72 -32.52
C THR E 220 60.96 31.67 -33.57
N PRO E 221 62.21 31.54 -34.09
CA PRO E 221 62.48 30.50 -35.08
C PRO E 221 62.26 29.14 -34.47
N SER E 222 62.05 28.12 -35.31
CA SER E 222 61.95 26.73 -34.85
C SER E 222 63.28 26.20 -34.29
N ILE E 223 63.43 26.28 -32.96
CA ILE E 223 64.58 25.77 -32.21
C ILE E 223 63.97 24.53 -31.51
N SER E 224 64.44 23.33 -31.82
CA SER E 224 64.13 22.07 -31.15
C SER E 224 64.83 21.91 -29.79
N ALA E 225 64.40 20.92 -29.01
CA ALA E 225 64.93 20.65 -27.68
C ALA E 225 66.44 20.50 -27.69
N ALA E 226 66.97 19.68 -28.61
CA ALA E 226 68.40 19.51 -28.82
C ALA E 226 69.24 20.77 -29.15
N GLU E 227 68.70 21.64 -29.98
CA GLU E 227 69.44 22.83 -30.33
C GLU E 227 69.42 23.81 -29.13
N ALA E 228 68.27 23.95 -28.49
CA ALA E 228 68.19 24.75 -27.28
C ALA E 228 69.09 24.26 -26.14
N LYS E 229 69.20 22.97 -25.92
CA LYS E 229 70.23 22.43 -24.97
C LYS E 229 71.65 22.85 -25.34
N GLU E 230 71.97 22.64 -26.61
CA GLU E 230 73.23 23.10 -27.17
C GLU E 230 73.49 24.63 -27.04
N MET E 231 72.45 25.47 -27.14
CA MET E 231 72.64 26.90 -26.88
C MET E 231 73.03 27.23 -25.42
N GLY E 232 72.45 26.53 -24.43
CA GLY E 232 72.76 26.72 -23.00
C GLY E 232 71.50 27.00 -22.25
N PHE E 233 70.34 26.75 -22.87
CA PHE E 233 69.05 26.84 -22.14
C PHE E 233 68.99 25.69 -21.17
N ARG E 234 68.34 25.89 -20.03
CA ARG E 234 68.14 24.80 -19.08
C ARG E 234 66.74 24.18 -19.17
N ILE E 235 65.76 24.96 -19.62
CA ILE E 235 64.37 24.46 -19.78
C ILE E 235 63.89 24.93 -21.16
N ILE E 236 63.23 24.03 -21.90
CA ILE E 236 62.41 24.43 -23.03
C ILE E 236 60.95 24.04 -22.79
N ILE E 237 60.02 24.95 -23.11
CA ILE E 237 58.60 24.63 -23.05
C ILE E 237 57.91 24.55 -24.46
N PHE E 238 56.84 23.75 -24.61
CA PHE E 238 56.00 23.67 -25.88
C PHE E 238 54.52 23.90 -25.61
N PRO E 239 54.11 25.18 -25.46
CA PRO E 239 52.79 25.49 -24.86
C PRO E 239 51.57 25.07 -25.73
N PHE E 240 51.82 24.82 -27.02
CA PHE E 240 50.73 24.59 -27.95
C PHE E 240 50.76 23.12 -28.43
N ALA E 241 51.63 22.32 -27.84
CA ALA E 241 51.87 20.92 -28.21
C ALA E 241 50.59 20.02 -28.13
N ALA E 242 49.69 20.30 -27.17
CA ALA E 242 48.41 19.60 -27.08
C ALA E 242 47.23 20.38 -27.68
N LEU E 243 47.28 21.71 -27.57
CA LEU E 243 46.19 22.58 -27.96
C LEU E 243 45.94 22.56 -29.43
N GLY E 244 47.01 22.68 -30.20
CA GLY E 244 46.88 22.75 -31.63
C GLY E 244 46.19 21.51 -32.15
N PRO E 245 46.81 20.32 -31.98
CA PRO E 245 46.18 19.04 -32.37
C PRO E 245 44.73 18.84 -31.88
N ALA E 246 44.49 19.06 -30.59
CA ALA E 246 43.18 18.86 -30.00
C ALA E 246 42.15 19.66 -30.82
N VAL E 247 42.42 20.95 -31.07
CA VAL E 247 41.43 21.86 -31.70
C VAL E 247 41.15 21.45 -33.11
N ALA E 248 42.21 21.22 -33.89
CA ALA E 248 42.05 20.81 -35.26
C ALA E 248 41.27 19.51 -35.37
N ALA E 249 41.56 18.52 -34.49
CA ALA E 249 40.90 17.22 -34.59
C ALA E 249 39.44 17.28 -34.13
N MET E 250 39.13 18.16 -33.17
CA MET E 250 37.73 18.33 -32.72
C MET E 250 36.90 19.03 -33.81
N ARG E 251 37.50 19.95 -34.56
CA ARG E 251 36.81 20.68 -35.62
C ARG E 251 36.47 19.77 -36.80
N GLU E 252 37.44 18.98 -37.28
CA GLU E 252 37.16 17.99 -38.34
C GLU E 252 36.02 17.03 -37.90
N ALA E 253 36.06 16.53 -36.66
CA ALA E 253 35.02 15.58 -36.14
C ALA E 253 33.65 16.17 -35.91
N MET E 254 33.60 17.39 -35.37
CA MET E 254 32.35 18.13 -35.29
C MET E 254 31.69 18.39 -36.72
N GLU E 255 32.48 18.76 -37.73
CA GLU E 255 31.93 18.98 -39.07
C GLU E 255 31.54 17.69 -39.78
N LYS E 256 32.29 16.62 -39.52
CA LYS E 256 31.90 15.30 -39.93
C LYS E 256 30.55 14.87 -39.35
N LEU E 257 30.42 14.95 -38.02
CA LEU E 257 29.19 14.63 -37.33
C LEU E 257 27.99 15.44 -37.88
N LYS E 258 28.22 16.73 -38.15
CA LYS E 258 27.22 17.63 -38.71
C LYS E 258 26.67 17.08 -39.97
N ARG E 259 27.54 16.67 -40.89
CA ARG E 259 27.02 16.23 -42.18
C ARG E 259 26.58 14.76 -42.28
N ASP E 260 27.08 13.93 -41.37
CA ASP E 260 26.76 12.48 -41.27
C ASP E 260 25.61 12.12 -40.32
N GLY E 261 25.43 12.91 -39.26
CA GLY E 261 24.39 12.61 -38.28
C GLY E 261 24.84 11.51 -37.34
N ILE E 262 26.11 11.11 -37.47
CA ILE E 262 26.76 10.17 -36.55
C ILE E 262 28.24 10.47 -36.55
N PRO E 263 28.91 10.32 -35.40
CA PRO E 263 30.31 10.75 -35.43
C PRO E 263 31.24 9.84 -36.26
N GLY E 264 30.93 8.56 -36.41
CA GLY E 264 31.83 7.66 -37.11
C GLY E 264 33.22 7.51 -36.52
N LEU E 265 33.37 7.48 -35.21
CA LEU E 265 34.67 7.28 -34.58
C LEU E 265 35.35 5.97 -34.91
N ASP E 266 36.69 6.01 -35.01
CA ASP E 266 37.57 4.82 -34.94
C ASP E 266 37.12 3.93 -33.79
N LYS E 267 37.19 2.63 -34.05
CA LYS E 267 36.74 1.52 -33.20
C LYS E 267 37.36 1.45 -31.80
N GLU E 268 38.44 2.21 -31.59
CA GLU E 268 39.22 2.20 -30.34
C GLU E 268 38.85 3.35 -29.44
N MET E 269 37.97 4.22 -29.93
CA MET E 269 37.56 5.39 -29.19
C MET E 269 36.36 4.99 -28.31
N THR E 270 36.61 4.13 -27.31
CA THR E 270 35.59 3.64 -26.39
C THR E 270 35.83 4.15 -25.00
N PRO E 271 34.73 4.47 -24.29
CA PRO E 271 34.81 4.90 -22.91
C PRO E 271 35.90 4.18 -22.15
N GLN E 272 35.97 2.86 -22.28
CA GLN E 272 36.95 2.03 -21.56
C GLN E 272 38.37 2.40 -21.85
N MET E 273 38.64 2.81 -23.09
CA MET E 273 39.93 3.42 -23.48
C MET E 273 40.13 4.73 -22.76
N LEU E 274 39.24 5.70 -22.97
CA LEU E 274 39.31 6.94 -22.22
C LEU E 274 39.68 6.77 -20.74
N PHE E 275 39.01 5.82 -20.10
CA PHE E 275 39.16 5.57 -18.67
C PHE E 275 40.56 4.98 -18.41
N ARG E 276 41.05 4.10 -19.33
CA ARG E 276 42.38 3.59 -19.17
C ARG E 276 43.37 4.71 -19.24
N VAL E 277 43.14 5.70 -20.10
CA VAL E 277 44.03 6.86 -20.22
C VAL E 277 44.15 7.67 -18.92
N CYS E 278 43.07 7.73 -18.15
CA CYS E 278 42.97 8.56 -16.98
C CYS E 278 43.15 7.75 -15.71
N GLY E 279 43.99 6.72 -15.82
CA GLY E 279 44.43 5.88 -14.71
C GLY E 279 43.37 5.09 -13.98
N LEU E 280 42.51 4.36 -14.71
CA LEU E 280 41.48 3.52 -14.15
C LEU E 280 42.12 2.40 -13.34
N ASP E 281 43.23 1.88 -13.86
CA ASP E 281 43.85 0.73 -13.30
C ASP E 281 44.36 1.03 -11.86
N GLU E 282 44.94 2.22 -11.68
CA GLU E 282 45.38 2.68 -10.39
C GLU E 282 44.22 3.09 -9.45
N SER E 283 43.13 3.67 -9.97
CA SER E 283 41.97 3.91 -9.14
C SER E 283 41.47 2.55 -8.63
N MET E 284 41.55 1.54 -9.49
CA MET E 284 41.14 0.17 -9.16
C MET E 284 41.99 -0.52 -8.04
N LYS E 285 43.32 -0.40 -8.07
CA LYS E 285 44.20 -0.92 -7.01
C LYS E 285 43.93 -0.28 -5.64
N VAL E 286 43.73 1.03 -5.63
CA VAL E 286 43.44 1.84 -4.43
C VAL E 286 42.14 1.42 -3.71
N ASP E 287 41.08 1.15 -4.47
CA ASP E 287 39.82 0.70 -3.89
C ASP E 287 40.02 -0.67 -3.29
N ALA E 288 40.71 -1.55 -4.03
CA ALA E 288 40.88 -3.00 -3.70
C ALA E 288 41.82 -3.19 -2.53
N GLN E 289 42.81 -2.32 -2.39
CA GLN E 289 43.67 -2.30 -1.19
C GLN E 289 42.98 -1.84 0.05
N ALA E 290 41.97 -1.01 -0.09
CA ALA E 290 41.19 -0.55 1.05
C ALA E 290 40.27 -1.54 1.82
N GLY E 291 39.59 -2.56 1.25
CA GLY E 291 39.24 -2.80 -0.15
C GLY E 291 37.79 -2.68 -0.66
N GLY E 292 37.39 -3.55 -1.60
CA GLY E 292 36.12 -3.34 -2.33
C GLY E 292 35.28 -4.55 -2.72
N ALA E 293 34.47 -4.43 -3.78
CA ALA E 293 34.51 -3.30 -4.75
C ALA E 293 33.13 -2.92 -5.29
N PRO F 1 12.71 39.64 -18.35
CA PRO F 1 14.01 40.32 -18.47
C PRO F 1 15.10 39.29 -18.83
N MET F 2 15.67 38.68 -17.79
CA MET F 2 16.50 37.51 -17.91
C MET F 2 15.77 36.22 -18.36
N VAL F 3 16.40 35.55 -19.33
CA VAL F 3 15.83 34.41 -20.06
C VAL F 3 16.87 33.28 -20.01
N THR F 4 16.34 32.05 -19.99
CA THR F 4 17.16 30.87 -20.05
C THR F 4 16.71 30.00 -21.24
N ALA F 5 17.67 29.27 -21.78
CA ALA F 5 17.46 28.28 -22.82
C ALA F 5 16.67 27.05 -22.34
N ALA F 6 16.46 26.91 -21.03
CA ALA F 6 15.56 25.87 -20.47
C ALA F 6 14.13 26.06 -20.95
N THR F 7 13.73 27.33 -21.12
CA THR F 7 12.41 27.63 -21.65
C THR F 7 12.21 27.29 -23.13
N SER F 8 13.12 27.71 -23.99
CA SER F 8 13.14 27.29 -25.39
C SER F 8 13.12 25.76 -25.64
N LEU F 9 13.92 24.98 -24.91
CA LEU F 9 13.98 23.51 -25.06
C LEU F 9 12.71 22.79 -24.52
N ARG F 10 12.24 23.27 -23.40
CA ARG F 10 10.91 22.99 -22.92
C ARG F 10 9.87 23.17 -24.02
N ARG F 11 9.75 24.37 -24.53
CA ARG F 11 8.74 24.69 -25.52
C ARG F 11 8.93 23.80 -26.77
N ALA F 12 10.20 23.60 -27.21
CA ALA F 12 10.49 22.73 -28.39
C ALA F 12 10.06 21.29 -28.19
N LEU F 13 10.23 20.72 -26.99
CA LEU F 13 9.79 19.34 -26.72
C LEU F 13 8.30 19.19 -26.75
N GLU F 14 7.58 20.30 -26.77
CA GLU F 14 6.13 20.27 -26.97
C GLU F 14 5.73 20.41 -28.44
N ASN F 15 6.65 20.87 -29.29
CA ASN F 15 6.47 20.84 -30.76
C ASN F 15 6.71 19.41 -31.31
N PRO F 16 5.71 18.82 -31.99
CA PRO F 16 5.82 17.42 -32.43
C PRO F 16 6.98 17.14 -33.38
N ASP F 17 7.44 18.13 -34.12
CA ASP F 17 8.44 17.84 -35.17
C ASP F 17 9.88 18.25 -34.80
N SER F 18 10.06 18.87 -33.64
CA SER F 18 11.37 19.32 -33.25
C SER F 18 12.18 18.11 -32.74
N PHE F 19 13.49 18.17 -32.95
CA PHE F 19 14.34 17.06 -32.62
C PHE F 19 15.70 17.64 -32.32
N ILE F 20 16.21 17.34 -31.11
CA ILE F 20 17.40 17.95 -30.59
C ILE F 20 18.61 17.07 -30.83
N VAL F 21 19.62 17.63 -31.53
CA VAL F 21 20.90 16.95 -31.74
C VAL F 21 22.03 17.58 -30.92
N ALA F 22 22.57 16.83 -29.96
CA ALA F 22 23.57 17.40 -29.02
C ALA F 22 24.90 16.64 -28.94
N PRO F 23 25.96 17.19 -29.56
CA PRO F 23 27.27 16.54 -29.44
C PRO F 23 27.85 16.76 -28.10
N GLY F 24 28.54 15.74 -27.59
CA GLY F 24 29.20 15.85 -26.30
C GLY F 24 30.46 16.69 -26.25
N VAL F 25 30.58 17.44 -25.14
CA VAL F 25 31.46 18.59 -25.02
C VAL F 25 31.88 18.58 -23.54
N TYR F 26 33.09 18.98 -23.18
CA TYR F 26 33.49 18.73 -21.78
C TYR F 26 34.27 19.88 -21.11
N ASP F 27 34.58 20.89 -21.90
CA ASP F 27 35.38 22.02 -21.47
C ASP F 27 35.02 23.17 -22.40
N GLY F 28 35.67 24.31 -22.23
CA GLY F 28 35.31 25.48 -23.02
C GLY F 28 35.73 25.39 -24.46
N LEU F 29 36.79 24.65 -24.72
CA LEU F 29 37.29 24.54 -26.09
C LEU F 29 36.42 23.72 -26.95
N SER F 30 36.01 22.57 -26.44
CA SER F 30 35.24 21.59 -27.24
C SER F 30 33.84 22.15 -27.55
N ALA F 31 33.32 22.95 -26.60
CA ALA F 31 32.06 23.75 -26.69
C ALA F 31 32.06 24.79 -27.78
N ARG F 32 33.05 25.72 -27.75
CA ARG F 32 33.38 26.64 -28.86
C ARG F 32 33.49 25.92 -30.20
N VAL F 33 34.15 24.79 -30.24
CA VAL F 33 34.32 24.05 -31.54
C VAL F 33 32.98 23.40 -32.01
N ALA F 34 32.16 22.89 -31.09
CA ALA F 34 30.80 22.43 -31.44
C ALA F 34 29.84 23.53 -31.97
N LEU F 35 29.81 24.67 -31.31
CA LEU F 35 29.07 25.86 -31.70
C LEU F 35 29.42 26.38 -33.12
N SER F 36 30.74 26.46 -33.43
CA SER F 36 31.22 26.94 -34.72
C SER F 36 30.78 26.03 -35.83
N ALA F 37 30.65 24.75 -35.52
CA ALA F 37 30.29 23.70 -36.49
C ALA F 37 28.79 23.69 -36.88
N GLY F 38 28.00 24.44 -36.13
CA GLY F 38 26.64 24.77 -36.53
C GLY F 38 25.57 24.16 -35.65
N PHE F 39 26.00 23.53 -34.54
CA PHE F 39 25.15 22.77 -33.66
C PHE F 39 24.25 23.68 -32.79
N ASP F 40 23.00 23.23 -32.64
CA ASP F 40 21.96 23.98 -31.98
C ASP F 40 21.66 23.48 -30.58
N ALA F 41 22.49 22.53 -30.10
CA ALA F 41 22.38 22.01 -28.71
C ALA F 41 23.67 21.37 -28.32
N LEU F 42 23.93 21.31 -27.02
CA LEU F 42 25.16 20.75 -26.52
C LEU F 42 24.85 19.87 -25.36
N TYR F 43 25.71 18.89 -25.12
CA TYR F 43 25.57 17.92 -24.06
C TYR F 43 26.88 17.90 -23.24
N MET F 44 26.81 18.35 -21.98
CA MET F 44 27.97 18.25 -21.10
C MET F 44 28.08 16.85 -20.50
N THR F 45 29.07 16.11 -20.99
CA THR F 45 29.36 14.80 -20.51
C THR F 45 30.14 14.87 -19.17
N GLY F 46 29.73 14.07 -18.18
CA GLY F 46 30.42 14.02 -16.88
C GLY F 46 31.63 13.11 -16.96
N ALA F 47 31.64 12.11 -17.87
CA ALA F 47 32.83 11.28 -18.10
C ALA F 47 33.94 12.18 -18.53
N GLY F 48 33.66 13.11 -19.43
CA GLY F 48 34.60 14.09 -19.86
C GLY F 48 34.90 15.21 -18.91
N THR F 49 33.91 15.64 -18.13
CA THR F 49 34.21 16.58 -17.03
C THR F 49 35.23 15.91 -16.06
N ALA F 50 34.97 14.64 -15.68
CA ALA F 50 35.94 13.87 -14.87
C ALA F 50 37.38 13.74 -15.50
N ALA F 51 37.45 13.47 -16.82
CA ALA F 51 38.73 13.39 -17.55
C ALA F 51 39.52 14.70 -17.55
N SER F 52 38.81 15.82 -17.73
CA SER F 52 39.36 17.14 -17.98
C SER F 52 39.60 17.94 -16.72
N VAL F 53 38.60 18.06 -15.82
CA VAL F 53 38.90 18.71 -14.50
C VAL F 53 39.80 17.93 -13.54
N HIS F 54 39.71 16.60 -13.50
CA HIS F 54 40.41 15.80 -12.49
C HIS F 54 41.45 14.86 -13.04
N GLY F 55 41.46 14.66 -14.35
CA GLY F 55 42.42 13.71 -14.91
C GLY F 55 42.06 12.29 -14.58
N GLN F 56 40.78 12.11 -14.29
CA GLN F 56 40.24 10.88 -13.69
C GLN F 56 39.24 10.10 -14.57
N ALA F 57 38.97 8.83 -14.23
CA ALA F 57 37.88 8.02 -14.85
C ALA F 57 36.56 8.43 -14.21
N ASP F 58 35.48 8.10 -14.88
CA ASP F 58 34.17 8.53 -14.49
C ASP F 58 33.70 7.63 -13.32
N LEU F 59 34.10 7.94 -12.09
CA LEU F 59 33.83 7.05 -11.00
C LEU F 59 33.22 7.78 -9.85
N GLY F 60 32.50 8.84 -10.10
CA GLY F 60 31.88 9.51 -9.00
C GLY F 60 32.83 10.49 -8.29
N ILE F 61 33.82 11.02 -9.01
CA ILE F 61 34.90 11.88 -8.44
C ILE F 61 34.59 13.34 -8.46
N CYS F 62 33.64 13.73 -9.31
CA CYS F 62 33.20 15.12 -9.41
C CYS F 62 32.19 15.44 -8.32
N THR F 63 32.36 16.58 -7.66
CA THR F 63 31.36 17.11 -6.75
C THR F 63 30.37 18.02 -7.52
N LEU F 64 29.24 18.36 -6.85
CA LEU F 64 28.37 19.37 -7.34
C LEU F 64 29.17 20.64 -7.68
N ASN F 65 30.20 20.99 -6.91
CA ASN F 65 30.97 22.22 -7.23
C ASN F 65 31.61 22.08 -8.63
N ASP F 66 32.21 20.92 -8.93
CA ASP F 66 32.90 20.73 -10.18
C ASP F 66 31.93 20.70 -11.36
N MET F 67 30.78 20.07 -11.20
CA MET F 67 29.91 19.81 -12.37
C MET F 67 29.14 21.06 -12.70
N ARG F 68 28.64 21.73 -11.66
CA ARG F 68 28.01 23.06 -11.76
C ARG F 68 28.89 24.19 -12.38
N ALA F 69 30.18 24.30 -11.98
CA ALA F 69 31.06 25.29 -12.56
C ALA F 69 31.23 24.98 -14.07
N ASN F 70 31.41 23.70 -14.40
CA ASN F 70 31.60 23.31 -15.79
C ASN F 70 30.34 23.57 -16.67
N ALA F 71 29.18 23.12 -16.20
CA ALA F 71 27.89 23.39 -16.81
C ALA F 71 27.57 24.85 -17.03
N GLU F 72 27.87 25.70 -16.04
CA GLU F 72 27.61 27.14 -16.10
C GLU F 72 28.50 27.83 -17.11
N MET F 73 29.74 27.43 -17.11
CA MET F 73 30.64 27.93 -18.08
C MET F 73 30.12 27.56 -19.49
N ILE F 74 29.89 26.26 -19.81
CA ILE F 74 29.51 25.83 -21.17
C ILE F 74 28.18 26.46 -21.64
N SER F 75 27.28 26.69 -20.68
CA SER F 75 25.89 27.13 -20.96
C SER F 75 25.85 28.55 -21.39
N ASN F 76 26.93 29.26 -21.10
CA ASN F 76 26.96 30.69 -21.20
C ASN F 76 27.99 31.15 -22.23
N ILE F 77 28.54 30.20 -22.97
CA ILE F 77 29.30 30.53 -24.20
C ILE F 77 28.32 31.09 -25.23
N SER F 78 27.21 30.37 -25.44
CA SER F 78 26.12 30.82 -26.28
C SER F 78 24.81 30.53 -25.50
N PRO F 79 24.33 31.55 -24.76
CA PRO F 79 23.19 31.40 -23.83
C PRO F 79 21.91 30.95 -24.47
N SER F 80 21.80 31.06 -25.78
CA SER F 80 20.57 30.74 -26.46
C SER F 80 20.55 29.32 -26.99
N THR F 81 21.70 28.64 -26.94
CA THR F 81 21.88 27.23 -27.23
C THR F 81 21.69 26.36 -25.99
N PRO F 82 20.60 25.55 -25.95
CA PRO F 82 20.36 24.65 -24.84
C PRO F 82 21.54 23.74 -24.64
N VAL F 83 21.92 23.63 -23.36
CA VAL F 83 22.90 22.68 -22.86
C VAL F 83 22.20 21.68 -21.93
N ILE F 84 22.31 20.41 -22.29
CA ILE F 84 21.90 19.25 -21.50
C ILE F 84 23.13 18.81 -20.72
N ALA F 85 23.08 18.88 -19.39
CA ALA F 85 24.21 18.56 -18.50
C ALA F 85 24.00 17.28 -17.67
N ASP F 86 25.03 16.46 -17.55
CA ASP F 86 24.98 15.43 -16.57
C ASP F 86 24.82 16.07 -15.12
N ALA F 87 24.03 15.40 -14.27
CA ALA F 87 23.94 15.78 -12.90
C ALA F 87 24.06 14.53 -12.04
N ASP F 88 24.55 13.45 -12.65
CA ASP F 88 24.82 12.18 -11.96
C ASP F 88 23.60 11.72 -11.12
N THR F 89 23.78 11.47 -9.80
CA THR F 89 22.71 11.03 -8.92
C THR F 89 22.10 12.16 -8.12
N GLY F 90 22.50 13.40 -8.39
CA GLY F 90 22.07 14.58 -7.63
C GLY F 90 22.85 14.92 -6.37
N TYR F 91 24.01 14.29 -6.19
CA TYR F 91 24.99 14.72 -5.20
C TYR F 91 24.53 14.55 -3.76
N GLY F 92 23.50 13.75 -3.55
CA GLY F 92 23.08 13.46 -2.18
C GLY F 92 21.65 13.09 -2.07
N GLY F 93 21.07 13.39 -0.91
CA GLY F 93 19.65 13.12 -0.67
C GLY F 93 18.82 14.18 -1.37
N PRO F 94 17.51 14.24 -1.07
CA PRO F 94 16.61 15.26 -1.58
C PRO F 94 17.11 16.72 -1.39
N ILE F 95 17.73 17.07 -0.26
CA ILE F 95 18.23 18.42 -0.03
C ILE F 95 19.29 18.79 -1.07
N MET F 96 20.17 17.84 -1.40
CA MET F 96 21.23 18.07 -2.38
C MET F 96 20.79 17.99 -3.82
N VAL F 97 19.77 17.17 -4.08
CA VAL F 97 19.13 17.23 -5.38
C VAL F 97 18.45 18.57 -5.60
N ALA F 98 17.76 19.09 -4.58
CA ALA F 98 17.19 20.41 -4.67
C ALA F 98 18.27 21.48 -4.92
N ARG F 99 19.39 21.49 -4.17
CA ARG F 99 20.52 22.40 -4.46
C ARG F 99 21.08 22.33 -5.86
N THR F 100 21.31 21.13 -6.36
CA THR F 100 21.75 20.89 -7.71
C THR F 100 20.81 21.58 -8.70
N THR F 101 19.50 21.37 -8.52
CA THR F 101 18.46 21.79 -9.49
C THR F 101 18.43 23.33 -9.58
N GLU F 102 18.52 23.97 -8.43
CA GLU F 102 18.56 25.40 -8.27
C GLU F 102 19.84 26.02 -8.88
N GLN F 103 20.99 25.50 -8.44
CA GLN F 103 22.25 25.88 -8.99
C GLN F 103 22.32 25.69 -10.52
N TYR F 104 21.91 24.56 -11.06
CA TYR F 104 21.98 24.40 -12.50
C TYR F 104 20.97 25.33 -13.14
N SER F 105 19.90 25.69 -12.46
CA SER F 105 18.90 26.61 -13.06
C SER F 105 19.43 28.03 -13.16
N ARG F 106 19.95 28.56 -12.06
CA ARG F 106 20.65 29.85 -12.07
C ARG F 106 21.79 29.96 -13.07
N SER F 107 22.47 28.86 -13.35
CA SER F 107 23.60 28.81 -14.25
C SER F 107 23.22 28.91 -15.76
N GLY F 108 21.94 28.77 -16.04
CA GLY F 108 21.46 28.80 -17.42
C GLY F 108 21.37 27.42 -18.08
N VAL F 109 21.53 26.37 -17.29
CA VAL F 109 21.47 25.01 -17.81
C VAL F 109 20.03 24.77 -18.28
N ALA F 110 19.88 24.11 -19.42
CA ALA F 110 18.56 23.89 -20.02
C ALA F 110 17.92 22.56 -19.56
N ALA F 111 18.71 21.48 -19.54
CA ALA F 111 18.24 20.19 -19.10
C ALA F 111 19.40 19.53 -18.32
N PHE F 112 19.08 18.62 -17.41
CA PHE F 112 20.09 17.73 -16.79
C PHE F 112 19.43 16.37 -16.55
N HIS F 113 20.26 15.33 -16.54
CA HIS F 113 19.74 14.03 -16.21
C HIS F 113 20.15 13.53 -14.85
N ILE F 114 19.30 12.71 -14.25
CA ILE F 114 19.60 12.15 -12.94
C ILE F 114 19.30 10.69 -13.06
N GLU F 115 20.12 9.88 -12.38
CA GLU F 115 20.06 8.46 -12.46
C GLU F 115 19.78 7.76 -11.08
N ASP F 116 19.59 6.44 -11.17
CA ASP F 116 19.27 5.55 -10.08
C ASP F 116 20.37 4.70 -9.51
N GLN F 117 21.62 4.96 -9.86
CA GLN F 117 22.80 4.34 -9.18
C GLN F 117 23.01 4.79 -7.72
N VAL F 118 23.76 4.02 -6.91
CA VAL F 118 24.26 4.54 -5.62
C VAL F 118 25.12 5.78 -5.87
N GLN F 119 25.19 6.68 -4.91
CA GLN F 119 26.03 7.86 -5.09
C GLN F 119 27.47 7.37 -5.03
N THR F 120 27.72 6.38 -4.17
CA THR F 120 29.11 6.03 -3.96
C THR F 120 29.78 4.72 -4.45
N LYS F 121 29.38 3.56 -3.89
CA LYS F 121 30.04 2.22 -4.16
C LYS F 121 30.90 1.65 -3.01
N GLY F 128 30.81 -2.70 -13.40
CA GLY F 128 29.59 -3.35 -12.89
C GLY F 128 28.92 -2.34 -11.96
N LYS F 129 27.72 -1.88 -12.35
CA LYS F 129 26.94 -0.81 -11.68
C LYS F 129 26.07 -1.24 -10.48
N ILE F 130 25.87 -0.35 -9.51
CA ILE F 130 25.07 -0.66 -8.30
C ILE F 130 23.96 0.35 -8.14
N LEU F 131 22.72 -0.12 -7.92
CA LEU F 131 21.60 0.81 -7.87
C LEU F 131 20.88 0.90 -6.53
N VAL F 132 20.09 1.93 -6.42
CA VAL F 132 19.29 2.27 -5.27
C VAL F 132 17.85 1.75 -5.60
N ASP F 133 17.01 1.46 -4.62
CA ASP F 133 15.63 0.97 -4.87
C ASP F 133 14.83 1.97 -5.68
N THR F 134 13.63 1.57 -6.13
CA THR F 134 12.82 2.50 -6.91
C THR F 134 12.39 3.75 -6.08
N ASP F 135 11.99 3.56 -4.82
CA ASP F 135 11.46 4.66 -4.00
C ASP F 135 12.46 5.79 -3.78
N THR F 136 13.72 5.43 -3.54
CA THR F 136 14.87 6.32 -3.36
C THR F 136 15.20 7.08 -4.64
N TYR F 137 15.30 6.35 -5.75
CA TYR F 137 15.36 6.98 -7.08
C TYR F 137 14.21 8.00 -7.30
N VAL F 138 12.99 7.53 -7.27
CA VAL F 138 11.88 8.44 -7.50
C VAL F 138 11.88 9.68 -6.55
N THR F 139 12.33 9.53 -5.30
CA THR F 139 12.49 10.65 -4.38
C THR F 139 13.48 11.69 -4.94
N ARG F 140 14.51 11.26 -5.65
CA ARG F 140 15.43 12.19 -6.35
C ARG F 140 14.68 12.95 -7.42
N ILE F 141 13.96 12.23 -8.27
CA ILE F 141 13.13 12.86 -9.33
C ILE F 141 12.09 13.84 -8.76
N ARG F 142 11.33 13.39 -7.80
CA ARG F 142 10.38 14.25 -7.12
C ARG F 142 11.06 15.58 -6.60
N ALA F 143 12.21 15.48 -5.94
CA ALA F 143 12.91 16.63 -5.33
C ALA F 143 13.33 17.65 -6.34
N ALA F 144 13.83 17.18 -7.48
CA ALA F 144 14.17 17.99 -8.66
C ALA F 144 12.98 18.76 -9.25
N VAL F 145 11.85 18.08 -9.42
CA VAL F 145 10.67 18.67 -10.02
C VAL F 145 10.15 19.66 -8.98
N GLN F 146 10.14 19.29 -7.70
CA GLN F 146 9.63 20.18 -6.66
C GLN F 146 10.49 21.41 -6.49
N ALA F 147 11.82 21.27 -6.56
CA ALA F 147 12.81 22.37 -6.40
C ALA F 147 12.64 23.41 -7.50
N ARG F 148 12.48 22.87 -8.70
CA ARG F 148 12.26 23.61 -9.93
C ARG F 148 11.01 24.47 -9.89
N GLN F 149 9.88 23.92 -9.45
CA GLN F 149 8.63 24.70 -9.22
C GLN F 149 8.76 25.79 -8.19
N ARG F 150 9.51 25.54 -7.08
CA ARG F 150 9.67 26.59 -6.05
C ARG F 150 10.25 27.89 -6.56
N ILE F 151 11.21 27.79 -7.48
CA ILE F 151 11.97 28.92 -7.93
C ILE F 151 11.50 29.38 -9.33
N GLY F 152 10.53 28.66 -9.89
CA GLY F 152 9.87 29.00 -11.18
C GLY F 152 10.72 28.66 -12.42
N SER F 153 11.49 27.61 -12.35
CA SER F 153 12.48 27.27 -13.39
C SER F 153 11.89 26.28 -14.37
N ASP F 154 12.14 26.54 -15.65
CA ASP F 154 11.66 25.70 -16.75
C ASP F 154 12.71 24.61 -17.10
N ILE F 155 13.68 24.37 -16.23
CA ILE F 155 14.71 23.31 -16.41
C ILE F 155 14.12 21.93 -16.63
N VAL F 156 14.53 21.28 -17.70
CA VAL F 156 14.02 19.96 -18.10
C VAL F 156 14.68 18.88 -17.20
N VAL F 157 13.87 18.05 -16.58
CA VAL F 157 14.36 17.05 -15.66
C VAL F 157 14.33 15.73 -16.43
N ILE F 158 15.49 15.31 -16.91
CA ILE F 158 15.68 14.04 -17.61
C ILE F 158 15.91 12.89 -16.58
N ALA F 159 15.04 11.87 -16.69
CA ALA F 159 14.99 10.73 -15.79
C ALA F 159 15.72 9.59 -16.43
N ARG F 160 16.91 9.29 -15.92
CA ARG F 160 17.77 8.26 -16.46
C ARG F 160 17.75 7.00 -15.64
N THR F 161 17.80 5.85 -16.27
CA THR F 161 17.92 4.60 -15.52
C THR F 161 19.07 3.75 -16.03
N ASP F 162 19.89 3.27 -15.09
CA ASP F 162 20.99 2.37 -15.38
C ASP F 162 20.68 0.87 -15.13
N SER F 163 19.40 0.54 -15.10
CA SER F 163 18.95 -0.79 -14.71
C SER F 163 18.80 -1.82 -15.83
N LEU F 164 19.24 -1.54 -17.06
CA LEU F 164 19.03 -2.49 -18.12
C LEU F 164 19.77 -3.75 -17.72
N GLN F 165 21.04 -3.68 -17.36
CA GLN F 165 21.77 -4.97 -17.28
C GLN F 165 21.93 -5.43 -15.82
N THR F 166 21.31 -4.69 -14.91
CA THR F 166 21.29 -4.91 -13.49
C THR F 166 19.92 -5.57 -13.00
N HIS F 167 18.79 -5.16 -13.58
CA HIS F 167 17.47 -5.65 -13.23
C HIS F 167 16.71 -6.23 -14.45
N GLY F 168 17.11 -5.82 -15.67
CA GLY F 168 16.38 -6.12 -16.90
C GLY F 168 15.46 -5.04 -17.47
N TYR F 169 14.95 -5.29 -18.67
CA TYR F 169 14.12 -4.36 -19.45
C TYR F 169 12.81 -3.98 -18.78
N GLU F 170 12.04 -4.95 -18.27
CA GLU F 170 10.72 -4.68 -17.74
C GLU F 170 10.85 -3.87 -16.49
N GLU F 171 11.90 -4.12 -15.73
CA GLU F 171 12.23 -3.25 -14.60
C GLU F 171 12.76 -1.87 -15.01
N SER F 172 13.52 -1.72 -16.10
CA SER F 172 13.86 -0.37 -16.60
C SER F 172 12.62 0.50 -16.95
N VAL F 173 11.65 -0.08 -17.67
CA VAL F 173 10.42 0.62 -18.05
C VAL F 173 9.60 0.99 -16.81
N ALA F 174 9.36 0.06 -15.89
CA ALA F 174 8.74 0.43 -14.60
C ALA F 174 9.41 1.59 -13.89
N ARG F 175 10.74 1.68 -13.90
CA ARG F 175 11.41 2.88 -13.28
C ARG F 175 11.25 4.16 -14.11
N LEU F 176 11.31 4.05 -15.44
CA LEU F 176 10.98 5.23 -16.25
C LEU F 176 9.52 5.76 -16.08
N ARG F 177 8.54 4.86 -16.19
CA ARG F 177 7.16 5.15 -15.74
C ARG F 177 7.05 5.71 -14.31
N ALA F 178 7.84 5.25 -13.34
CA ALA F 178 7.67 5.75 -11.99
C ALA F 178 8.24 7.15 -11.88
N ALA F 179 9.27 7.43 -12.69
CA ALA F 179 9.88 8.78 -12.80
C ALA F 179 9.01 9.76 -13.58
N ARG F 180 8.41 9.31 -14.68
CA ARG F 180 7.44 10.17 -15.40
C ARG F 180 6.33 10.60 -14.47
N ASP F 181 5.76 9.63 -13.77
CA ASP F 181 4.67 9.86 -12.80
C ASP F 181 4.98 10.94 -11.75
N ALA F 182 6.23 11.01 -11.30
CA ALA F 182 6.74 12.02 -10.35
C ALA F 182 7.17 13.35 -11.03
N GLY F 183 6.92 13.50 -12.34
CA GLY F 183 7.07 14.77 -13.08
C GLY F 183 8.29 14.89 -13.98
N ALA F 184 9.07 13.83 -14.16
CA ALA F 184 10.23 13.89 -15.04
C ALA F 184 9.79 14.27 -16.47
N ASP F 185 10.59 15.05 -17.20
CA ASP F 185 10.17 15.51 -18.53
C ASP F 185 10.60 14.56 -19.68
N VAL F 186 11.65 13.78 -19.51
CA VAL F 186 12.23 13.04 -20.69
C VAL F 186 12.81 11.80 -20.05
N GLY F 187 12.78 10.67 -20.75
CA GLY F 187 13.40 9.47 -20.21
C GLY F 187 14.61 9.04 -20.97
N PHE F 188 15.55 8.37 -20.30
CA PHE F 188 16.90 8.07 -20.82
C PHE F 188 17.12 6.66 -20.36
N LEU F 189 17.02 5.72 -21.28
CA LEU F 189 17.28 4.31 -20.99
C LEU F 189 18.71 4.13 -21.39
N GLU F 190 19.57 3.96 -20.41
CA GLU F 190 20.95 3.82 -20.69
C GLU F 190 21.34 2.44 -21.22
N GLY F 191 22.21 2.43 -22.20
CA GLY F 191 22.84 1.18 -22.61
C GLY F 191 21.92 0.30 -23.41
N ILE F 192 20.97 0.91 -24.14
CA ILE F 192 20.05 0.23 -25.09
C ILE F 192 20.86 -0.76 -25.90
N THR F 193 20.34 -1.96 -26.18
CA THR F 193 21.15 -3.04 -26.77
C THR F 193 20.86 -3.36 -28.22
N SER F 194 19.69 -2.97 -28.69
CA SER F 194 19.28 -3.45 -29.95
C SER F 194 18.58 -2.35 -30.66
N ARG F 195 18.53 -2.46 -31.99
CA ARG F 195 17.71 -1.55 -32.77
C ARG F 195 16.24 -1.79 -32.46
N GLU F 196 15.81 -3.05 -32.23
CA GLU F 196 14.36 -3.32 -32.01
C GLU F 196 13.91 -2.89 -30.63
N MET F 197 14.72 -3.17 -29.60
CA MET F 197 14.52 -2.56 -28.25
C MET F 197 14.33 -1.05 -28.26
N ALA F 198 15.19 -0.32 -28.96
CA ALA F 198 15.05 1.15 -29.02
C ALA F 198 13.65 1.59 -29.49
N ARG F 199 13.04 0.88 -30.44
CA ARG F 199 11.63 1.15 -30.83
C ARG F 199 10.57 0.60 -29.86
N GLN F 200 10.88 -0.46 -29.11
CA GLN F 200 9.98 -0.87 -28.06
C GLN F 200 9.85 0.17 -26.94
N VAL F 201 10.99 0.73 -26.50
CA VAL F 201 10.93 1.64 -25.35
C VAL F 201 10.18 2.90 -25.69
N ILE F 202 10.35 3.33 -26.93
CA ILE F 202 9.62 4.47 -27.52
C ILE F 202 8.10 4.21 -27.49
N GLN F 203 7.71 2.96 -27.72
CA GLN F 203 6.31 2.55 -27.69
C GLN F 203 5.80 2.45 -26.27
N ASP F 204 6.61 1.75 -25.46
CA ASP F 204 6.32 1.54 -24.06
C ASP F 204 6.08 2.86 -23.31
N LEU F 205 6.71 3.94 -23.77
CA LEU F 205 6.56 5.25 -23.14
C LEU F 205 6.01 6.26 -24.11
N ALA F 206 4.97 5.82 -24.78
CA ALA F 206 4.40 6.48 -25.93
C ALA F 206 3.92 7.83 -25.49
N GLY F 207 4.24 8.84 -26.30
CA GLY F 207 3.90 10.20 -25.93
C GLY F 207 4.78 10.94 -24.94
N TRP F 208 5.85 10.34 -24.42
CA TRP F 208 6.72 11.01 -23.43
C TRP F 208 8.03 10.96 -24.14
N PRO F 209 8.77 12.09 -24.19
CA PRO F 209 10.01 12.18 -24.98
C PRO F 209 11.13 11.33 -24.43
N LEU F 210 11.84 10.63 -25.34
CA LEU F 210 13.03 9.86 -24.97
C LEU F 210 14.31 10.49 -25.59
N LEU F 211 15.44 10.33 -24.88
CA LEU F 211 16.80 10.71 -25.29
C LEU F 211 17.55 9.42 -25.70
N LEU F 212 18.18 9.36 -26.88
CA LEU F 212 19.19 8.32 -27.21
C LEU F 212 20.60 8.82 -26.90
N ASN F 213 21.34 7.98 -26.16
CA ASN F 213 22.74 8.26 -25.81
C ASN F 213 23.56 7.49 -26.83
N MET F 214 24.20 8.16 -27.78
CA MET F 214 24.90 7.42 -28.83
C MET F 214 26.43 7.55 -28.63
N VAL F 215 26.93 6.68 -27.74
CA VAL F 215 28.33 6.38 -27.54
C VAL F 215 28.53 5.18 -28.44
N GLU F 216 29.37 5.34 -29.45
CA GLU F 216 29.47 4.30 -30.49
C GLU F 216 30.37 3.18 -29.95
N HIS F 217 30.22 1.94 -30.49
CA HIS F 217 31.10 0.74 -30.20
C HIS F 217 31.02 0.15 -28.72
N GLY F 218 29.84 0.30 -28.08
CA GLY F 218 29.48 -0.34 -26.76
C GLY F 218 28.19 -1.14 -26.95
N ALA F 219 27.29 -1.09 -25.95
CA ALA F 219 26.00 -1.84 -26.02
C ALA F 219 25.04 -1.45 -27.17
N THR F 220 25.15 -0.19 -27.63
CA THR F 220 24.19 0.41 -28.54
C THR F 220 24.71 0.54 -29.96
N PRO F 221 23.94 -0.04 -30.91
CA PRO F 221 24.14 -0.02 -32.36
C PRO F 221 24.27 1.40 -32.90
N SER F 222 24.79 1.57 -34.11
CA SER F 222 25.06 2.92 -34.62
C SER F 222 23.83 3.49 -35.27
N ILE F 223 23.15 4.34 -34.52
CA ILE F 223 21.91 4.93 -34.95
C ILE F 223 22.28 6.42 -35.15
N SER F 224 22.21 6.86 -36.41
CA SER F 224 22.36 8.23 -36.77
C SER F 224 21.22 9.07 -36.24
N ALA F 225 21.49 10.35 -36.08
CA ALA F 225 20.50 11.34 -35.78
C ALA F 225 19.19 11.22 -36.57
N ALA F 226 19.27 11.05 -37.89
CA ALA F 226 18.15 10.92 -38.82
C ALA F 226 17.24 9.73 -38.50
N GLU F 227 17.87 8.58 -38.44
CA GLU F 227 17.18 7.36 -38.15
C GLU F 227 16.65 7.31 -36.68
N ALA F 228 17.38 7.90 -35.71
CA ALA F 228 16.87 8.01 -34.31
C ALA F 228 15.64 8.88 -34.25
N LYS F 229 15.62 9.90 -35.10
CA LYS F 229 14.43 10.71 -35.32
C LYS F 229 13.28 9.88 -35.97
N GLU F 230 13.58 9.07 -36.96
CA GLU F 230 12.54 8.27 -37.55
C GLU F 230 11.87 7.29 -36.53
N MET F 231 12.64 6.86 -35.52
CA MET F 231 12.20 5.89 -34.55
C MET F 231 11.24 6.55 -33.59
N GLY F 232 11.36 7.87 -33.45
CA GLY F 232 10.59 8.68 -32.48
C GLY F 232 11.31 9.15 -31.23
N PHE F 233 12.64 9.12 -31.23
CA PHE F 233 13.41 9.79 -30.18
C PHE F 233 13.26 11.32 -30.28
N ARG F 234 13.51 12.05 -29.19
CA ARG F 234 13.37 13.50 -29.24
C ARG F 234 14.69 14.22 -29.17
N ILE F 235 15.65 13.56 -28.55
CA ILE F 235 17.00 14.06 -28.31
C ILE F 235 17.95 12.87 -28.67
N ILE F 236 19.05 13.16 -29.37
CA ILE F 236 20.23 12.26 -29.44
C ILE F 236 21.50 13.00 -28.93
N ILE F 237 22.18 12.42 -27.92
CA ILE F 237 23.50 12.90 -27.47
C ILE F 237 24.65 12.02 -27.99
N PHE F 238 25.81 12.63 -28.26
CA PHE F 238 26.96 11.88 -28.68
C PHE F 238 28.08 12.26 -27.71
N PRO F 239 28.12 11.62 -26.54
CA PRO F 239 29.05 11.98 -25.43
C PRO F 239 30.55 12.03 -25.79
N PHE F 240 30.97 11.23 -26.75
CA PHE F 240 32.41 11.11 -27.08
C PHE F 240 32.81 11.76 -28.41
N ALA F 241 31.92 12.64 -28.90
CA ALA F 241 32.09 13.27 -30.17
C ALA F 241 33.32 14.15 -30.25
N ALA F 242 33.74 14.72 -29.11
CA ALA F 242 34.95 15.56 -29.08
C ALA F 242 36.22 14.85 -28.48
N LEU F 243 36.07 14.23 -27.30
CA LEU F 243 37.10 13.51 -26.51
C LEU F 243 37.81 12.49 -27.28
N GLY F 244 37.07 11.64 -27.98
CA GLY F 244 37.67 10.63 -28.87
C GLY F 244 38.68 11.22 -29.83
N PRO F 245 38.20 12.08 -30.80
CA PRO F 245 39.18 12.77 -31.69
C PRO F 245 40.29 13.58 -30.97
N ALA F 246 39.96 14.25 -29.87
CA ALA F 246 40.96 15.03 -29.15
C ALA F 246 42.08 14.16 -28.59
N VAL F 247 41.75 13.05 -27.91
CA VAL F 247 42.74 12.17 -27.26
C VAL F 247 43.67 11.52 -28.28
N ALA F 248 43.17 11.14 -29.45
CA ALA F 248 43.99 10.35 -30.43
C ALA F 248 44.96 11.26 -31.14
N ALA F 249 44.57 12.52 -31.34
CA ALA F 249 45.40 13.55 -31.92
C ALA F 249 46.48 14.09 -31.00
N MET F 250 46.15 14.32 -29.71
CA MET F 250 47.09 14.67 -28.64
C MET F 250 48.10 13.55 -28.43
N ARG F 251 47.61 12.33 -28.41
CA ARG F 251 48.52 11.15 -28.42
C ARG F 251 49.58 11.16 -29.52
N GLU F 252 49.15 11.23 -30.79
CA GLU F 252 50.08 11.31 -31.92
C GLU F 252 50.98 12.54 -31.95
N ALA F 253 50.42 13.71 -31.65
CA ALA F 253 51.20 14.96 -31.45
C ALA F 253 52.36 14.90 -30.43
N MET F 254 52.15 14.23 -29.30
CA MET F 254 53.14 14.07 -28.21
C MET F 254 54.20 12.99 -28.50
N GLU F 255 53.78 11.89 -29.13
CA GLU F 255 54.73 10.86 -29.50
C GLU F 255 55.69 11.44 -30.50
N LYS F 256 55.16 12.06 -31.56
CA LYS F 256 55.95 12.85 -32.50
C LYS F 256 56.84 13.94 -31.87
N LEU F 257 56.34 14.66 -30.86
CA LEU F 257 57.20 15.62 -30.17
C LEU F 257 58.35 14.93 -29.39
N LYS F 258 58.07 13.72 -28.88
CA LYS F 258 59.03 12.92 -28.10
C LYS F 258 60.11 12.37 -29.03
N ARG F 259 59.69 11.94 -30.22
CA ARG F 259 60.62 11.55 -31.28
C ARG F 259 61.43 12.74 -31.85
N ASP F 260 60.78 13.84 -32.29
CA ASP F 260 61.49 14.98 -32.98
C ASP F 260 62.14 16.08 -32.09
N GLY F 261 61.75 16.15 -30.83
CA GLY F 261 62.17 17.26 -29.97
C GLY F 261 61.66 18.65 -30.34
N ILE F 262 60.74 18.70 -31.32
CA ILE F 262 59.94 19.90 -31.65
C ILE F 262 58.50 19.52 -32.15
N PRO F 263 57.48 20.33 -31.86
CA PRO F 263 56.21 19.74 -32.18
C PRO F 263 55.85 19.58 -33.67
N GLY F 264 56.19 20.53 -34.56
CA GLY F 264 55.96 20.33 -36.03
C GLY F 264 54.50 20.51 -36.44
N LEU F 265 53.85 21.38 -35.69
CA LEU F 265 52.48 21.77 -35.90
C LEU F 265 52.26 22.48 -37.24
N ASP F 266 51.08 22.19 -37.79
CA ASP F 266 50.55 22.82 -38.96
C ASP F 266 50.69 24.31 -38.83
N LYS F 267 50.94 24.96 -39.98
CA LYS F 267 51.12 26.40 -40.10
C LYS F 267 49.94 27.14 -39.46
N GLU F 268 48.77 26.48 -39.38
CA GLU F 268 47.51 27.12 -38.94
C GLU F 268 47.30 27.08 -37.47
N MET F 269 48.11 26.25 -36.82
CA MET F 269 47.94 25.96 -35.38
C MET F 269 48.70 26.97 -34.52
N THR F 270 48.13 28.17 -34.43
CA THR F 270 48.75 29.32 -33.72
C THR F 270 47.87 29.81 -32.52
N PRO F 271 48.48 30.54 -31.55
CA PRO F 271 47.66 31.20 -30.50
C PRO F 271 46.49 32.06 -31.08
N GLN F 272 46.69 32.66 -32.26
CA GLN F 272 45.71 33.53 -32.96
C GLN F 272 44.45 32.79 -33.38
N MET F 273 44.60 31.67 -34.06
CA MET F 273 43.44 30.85 -34.37
C MET F 273 42.70 30.37 -33.13
N LEU F 274 43.43 29.99 -32.09
CA LEU F 274 42.81 29.54 -30.87
C LEU F 274 41.96 30.65 -30.26
N PHE F 275 42.50 31.87 -30.26
CA PHE F 275 41.81 33.00 -29.63
C PHE F 275 40.55 33.34 -30.42
N ARG F 276 40.60 33.24 -31.76
CA ARG F 276 39.43 33.40 -32.61
C ARG F 276 38.46 32.24 -32.42
N VAL F 277 38.96 31.00 -32.33
CA VAL F 277 38.11 29.86 -31.93
C VAL F 277 37.39 30.12 -30.62
N CYS F 278 38.03 30.91 -29.75
CA CYS F 278 37.56 31.24 -28.38
C CYS F 278 36.93 32.62 -28.25
N GLY F 279 36.39 33.13 -29.36
CA GLY F 279 35.57 34.35 -29.35
C GLY F 279 36.27 35.67 -29.04
N LEU F 280 37.48 35.83 -29.57
CA LEU F 280 38.26 37.05 -29.39
C LEU F 280 37.56 38.27 -30.04
N ASP F 281 36.99 38.10 -31.24
CA ASP F 281 36.34 39.23 -31.90
C ASP F 281 35.18 39.75 -31.08
N GLU F 282 34.33 38.86 -30.57
CA GLU F 282 33.30 39.25 -29.59
C GLU F 282 33.81 39.99 -28.35
N SER F 283 34.88 39.49 -27.70
CA SER F 283 35.44 40.17 -26.50
C SER F 283 35.86 41.58 -26.89
N MET F 284 36.57 41.72 -28.03
CA MET F 284 36.96 43.06 -28.54
C MET F 284 35.79 43.98 -28.82
N LYS F 285 34.70 43.45 -29.38
CA LYS F 285 33.50 44.27 -29.49
C LYS F 285 32.96 44.68 -28.10
N VAL F 286 32.97 43.77 -27.14
CA VAL F 286 32.49 44.09 -25.80
C VAL F 286 33.35 45.19 -25.16
N ASP F 287 34.65 45.15 -25.42
CA ASP F 287 35.60 46.08 -24.79
C ASP F 287 35.64 47.43 -25.54
N ALA F 288 35.28 47.39 -26.83
CA ALA F 288 35.12 48.58 -27.68
C ALA F 288 33.83 49.28 -27.32
N GLN F 289 32.74 48.52 -27.15
CA GLN F 289 31.42 49.14 -26.86
C GLN F 289 31.45 49.91 -25.53
N ALA F 290 32.13 49.33 -24.53
CA ALA F 290 32.42 50.00 -23.25
C ALA F 290 33.34 51.23 -23.35
N GLY F 291 33.93 51.47 -24.52
CA GLY F 291 34.85 52.59 -24.73
C GLY F 291 34.28 53.92 -25.23
N PRO G 1 62.48 21.23 4.13
CA PRO G 1 61.69 22.24 3.51
C PRO G 1 60.35 22.58 4.18
N MET G 2 59.26 22.33 3.46
CA MET G 2 57.95 22.65 3.96
C MET G 2 57.71 21.69 5.08
N VAL G 3 57.17 22.19 6.20
CA VAL G 3 56.89 21.38 7.40
C VAL G 3 55.40 21.51 7.69
N THR G 4 54.75 20.44 8.20
CA THR G 4 53.31 20.57 8.60
C THR G 4 53.17 20.45 10.13
N ALA G 5 52.13 21.10 10.67
CA ALA G 5 51.67 20.83 12.03
C ALA G 5 51.21 19.35 12.30
N ALA G 6 50.94 18.58 11.24
CA ALA G 6 50.65 17.15 11.47
C ALA G 6 51.78 16.45 12.17
N THR G 7 53.03 16.79 11.77
CA THR G 7 54.20 16.10 12.30
C THR G 7 54.32 16.32 13.82
N SER G 8 54.05 17.55 14.28
CA SER G 8 54.28 17.87 15.62
C SER G 8 53.07 17.42 16.46
N LEU G 9 51.89 17.32 15.85
CA LEU G 9 50.74 16.83 16.63
C LEU G 9 50.98 15.37 16.89
N ARG G 10 51.39 14.67 15.84
CA ARG G 10 51.61 13.24 15.88
C ARG G 10 52.59 12.87 17.04
N ARG G 11 53.71 13.59 17.15
CA ARG G 11 54.67 13.43 18.23
C ARG G 11 54.11 13.82 19.58
N ALA G 12 53.33 14.88 19.62
CA ALA G 12 52.60 15.23 20.83
C ALA G 12 51.80 13.98 21.24
N LEU G 13 51.18 13.32 20.26
CA LEU G 13 50.22 12.25 20.54
C LEU G 13 50.81 10.95 21.06
N GLU G 14 52.12 10.74 20.83
CA GLU G 14 52.91 9.65 21.41
C GLU G 14 53.38 9.92 22.83
N ASN G 15 53.44 11.19 23.22
CA ASN G 15 53.67 11.58 24.62
C ASN G 15 52.36 11.57 25.45
N PRO G 16 52.17 10.56 26.35
CA PRO G 16 50.94 10.55 27.18
C PRO G 16 50.72 11.81 28.11
N ASP G 17 51.72 12.64 28.25
CA ASP G 17 51.61 13.77 29.16
C ASP G 17 51.21 15.05 28.40
N SER G 18 51.11 14.97 27.07
CA SER G 18 50.56 16.03 26.21
C SER G 18 49.08 15.92 25.94
N PHE G 19 48.37 16.99 26.31
CA PHE G 19 46.96 17.07 26.20
C PHE G 19 46.66 18.26 25.28
N ILE G 20 45.96 17.97 24.19
CA ILE G 20 45.57 18.97 23.20
C ILE G 20 44.17 19.55 23.46
N VAL G 21 44.07 20.85 23.54
CA VAL G 21 42.79 21.52 23.81
C VAL G 21 42.44 22.34 22.59
N ALA G 22 41.46 21.91 21.82
CA ALA G 22 41.19 22.61 20.56
C ALA G 22 39.74 23.16 20.52
N PRO G 23 39.54 24.48 20.67
CA PRO G 23 38.24 25.18 20.47
C PRO G 23 37.74 25.14 19.04
N GLY G 24 36.44 25.07 18.88
CA GLY G 24 35.84 24.87 17.57
C GLY G 24 35.75 26.18 16.81
N VAL G 25 36.33 26.22 15.59
CA VAL G 25 36.27 27.38 14.73
C VAL G 25 35.69 26.96 13.34
N TYR G 26 35.19 27.96 12.59
CA TYR G 26 34.39 27.67 11.41
C TYR G 26 34.63 28.55 10.22
N ASP G 27 35.44 29.60 10.46
CA ASP G 27 35.82 30.56 9.44
C ASP G 27 37.14 31.29 9.84
N GLY G 28 37.57 32.26 9.03
CA GLY G 28 38.76 33.07 9.29
C GLY G 28 38.73 33.89 10.58
N LEU G 29 37.59 34.42 10.92
CA LEU G 29 37.47 35.27 12.12
C LEU G 29 37.61 34.54 13.47
N SER G 30 36.77 33.52 13.65
CA SER G 30 36.82 32.62 14.76
C SER G 30 38.17 31.98 14.89
N ALA G 31 38.77 31.56 13.78
CA ALA G 31 40.16 31.07 13.82
C ALA G 31 41.11 32.12 14.45
N ARG G 32 41.06 33.38 14.00
CA ARG G 32 42.01 34.44 14.46
C ARG G 32 41.78 34.83 15.92
N VAL G 33 40.50 34.93 16.28
CA VAL G 33 40.05 35.17 17.65
C VAL G 33 40.55 34.10 18.64
N ALA G 34 40.41 32.81 18.29
CA ALA G 34 40.87 31.69 19.12
C ALA G 34 42.39 31.69 19.32
N LEU G 35 43.12 31.64 18.21
CA LEU G 35 44.58 31.89 18.16
C LEU G 35 45.10 33.09 19.04
N SER G 36 44.43 34.24 18.95
CA SER G 36 44.77 35.46 19.71
C SER G 36 44.58 35.22 21.17
N ALA G 37 43.66 34.29 21.51
CA ALA G 37 43.41 33.94 22.94
C ALA G 37 44.43 32.96 23.56
N GLY G 38 45.46 32.56 22.83
CA GLY G 38 46.49 31.66 23.39
C GLY G 38 46.27 30.18 23.13
N PHE G 39 45.29 29.80 22.32
CA PHE G 39 45.13 28.42 22.00
C PHE G 39 46.20 27.90 21.04
N ASP G 40 46.63 26.65 21.27
CA ASP G 40 47.75 25.99 20.59
C ASP G 40 47.20 24.87 19.72
N ALA G 41 45.88 24.81 19.63
CA ALA G 41 45.23 23.94 18.59
C ALA G 41 43.89 24.47 18.22
N LEU G 42 43.37 23.99 17.07
CA LEU G 42 42.05 24.43 16.57
C LEU G 42 41.30 23.24 16.04
N TYR G 43 39.99 23.31 16.22
CA TYR G 43 39.14 22.32 15.70
C TYR G 43 38.18 23.00 14.64
N MET G 44 38.25 22.53 13.39
CA MET G 44 37.28 22.98 12.43
C MET G 44 36.01 22.16 12.44
N THR G 45 34.96 22.73 13.04
CA THR G 45 33.63 22.13 13.10
C THR G 45 33.03 22.05 11.70
N GLY G 46 32.54 20.87 11.26
CA GLY G 46 31.77 20.72 10.00
C GLY G 46 30.40 21.31 10.20
N ALA G 47 29.86 21.31 11.41
CA ALA G 47 28.57 21.98 11.59
C ALA G 47 28.68 23.53 11.40
N GLY G 48 29.78 24.09 11.86
CA GLY G 48 29.99 25.51 11.81
C GLY G 48 30.27 26.03 10.43
N THR G 49 30.96 25.21 9.66
CA THR G 49 31.16 25.44 8.23
C THR G 49 29.96 25.29 7.33
N ALA G 50 29.02 24.40 7.61
CA ALA G 50 27.78 24.40 6.83
C ALA G 50 26.99 25.68 7.16
N ALA G 51 26.88 26.03 8.45
CA ALA G 51 26.21 27.29 8.90
C ALA G 51 26.81 28.53 8.21
N SER G 52 28.14 28.62 8.15
CA SER G 52 28.87 29.73 7.56
C SER G 52 29.05 29.74 6.03
N VAL G 53 29.49 28.67 5.39
CA VAL G 53 29.59 28.78 3.93
C VAL G 53 28.25 28.59 3.22
N HIS G 54 27.30 27.90 3.83
CA HIS G 54 25.98 27.69 3.21
C HIS G 54 24.83 28.27 4.05
N GLY G 55 25.04 28.62 5.29
CA GLY G 55 23.88 29.18 6.01
C GLY G 55 22.79 28.14 6.12
N GLN G 56 23.21 26.93 6.41
CA GLN G 56 22.36 25.73 6.45
C GLN G 56 22.62 24.85 7.73
N ALA G 57 21.77 23.88 8.05
CA ALA G 57 22.07 22.97 9.15
C ALA G 57 23.09 21.92 8.76
N ASP G 58 23.53 21.14 9.75
CA ASP G 58 24.57 20.11 9.52
C ASP G 58 23.93 18.80 9.04
N LEU G 59 23.65 18.73 7.74
CA LEU G 59 22.74 17.77 7.20
C LEU G 59 23.37 17.10 6.05
N GLY G 60 24.70 17.25 5.93
CA GLY G 60 25.42 16.66 4.79
C GLY G 60 25.54 17.48 3.51
N ILE G 61 25.53 18.80 3.61
CA ILE G 61 25.54 19.58 2.39
C ILE G 61 26.88 20.21 1.94
N CYS G 62 27.95 19.99 2.68
CA CYS G 62 29.26 20.56 2.39
C CYS G 62 29.94 19.48 1.58
N THR G 63 30.50 19.84 0.45
CA THR G 63 31.21 18.88 -0.43
C THR G 63 32.68 18.80 -0.05
N LEU G 64 33.48 17.88 -0.62
CA LEU G 64 34.89 17.86 -0.31
C LEU G 64 35.52 19.23 -0.59
N ASN G 65 35.08 19.89 -1.69
CA ASN G 65 35.54 21.20 -2.08
C ASN G 65 35.41 22.27 -0.98
N ASP G 66 34.25 22.30 -0.32
CA ASP G 66 33.88 23.27 0.71
C ASP G 66 34.69 23.05 1.97
N MET G 67 34.71 21.82 2.46
CA MET G 67 35.44 21.43 3.65
C MET G 67 36.94 21.59 3.50
N ARG G 68 37.53 21.13 2.38
CA ARG G 68 38.96 21.22 2.13
C ARG G 68 39.40 22.67 2.00
N ALA G 69 38.61 23.53 1.33
CA ALA G 69 39.01 24.94 1.17
C ALA G 69 39.04 25.63 2.52
N ASN G 70 38.02 25.38 3.35
CA ASN G 70 37.92 25.98 4.72
C ASN G 70 39.01 25.44 5.64
N ALA G 71 39.33 24.12 5.63
CA ALA G 71 40.47 23.60 6.45
C ALA G 71 41.80 24.11 5.96
N GLU G 72 41.97 24.26 4.63
CA GLU G 72 43.24 24.81 4.14
C GLU G 72 43.52 26.23 4.63
N MET G 73 42.50 27.08 4.71
CA MET G 73 42.74 28.41 5.17
C MET G 73 42.82 28.61 6.69
N ILE G 74 42.01 27.90 7.49
CA ILE G 74 42.19 27.80 8.93
C ILE G 74 43.61 27.29 9.28
N SER G 75 44.11 26.27 8.57
CA SER G 75 45.46 25.67 8.87
C SER G 75 46.61 26.64 8.63
N ASN G 76 46.41 27.52 7.67
CA ASN G 76 47.49 28.40 7.24
C ASN G 76 47.42 29.83 7.78
N ILE G 77 46.49 30.09 8.69
CA ILE G 77 46.58 31.30 9.46
C ILE G 77 47.85 31.29 10.37
N SER G 78 47.96 30.25 11.23
CA SER G 78 49.20 30.05 12.02
C SER G 78 49.62 28.64 11.67
N PRO G 79 50.50 28.47 10.67
CA PRO G 79 50.81 27.11 10.21
C PRO G 79 51.51 26.15 11.22
N SER G 80 52.10 26.67 12.27
CA SER G 80 52.61 25.80 13.33
C SER G 80 51.56 25.39 14.39
N THR G 81 50.35 25.97 14.34
CA THR G 81 49.24 25.56 15.20
C THR G 81 48.47 24.41 14.49
N PRO G 82 48.39 23.23 15.15
CA PRO G 82 47.55 22.06 14.81
C PRO G 82 46.09 22.36 14.60
N VAL G 83 45.56 22.04 13.42
CA VAL G 83 44.14 22.09 13.13
C VAL G 83 43.61 20.66 12.93
N ILE G 84 42.62 20.31 13.74
CA ILE G 84 41.80 19.09 13.58
C ILE G 84 40.52 19.39 12.77
N ALA G 85 40.38 18.82 11.58
CA ALA G 85 39.23 19.14 10.69
C ALA G 85 38.25 18.01 10.55
N ASP G 86 36.94 18.30 10.61
CA ASP G 86 35.91 17.33 10.33
C ASP G 86 36.08 16.95 8.88
N ALA G 87 35.78 15.69 8.54
CA ALA G 87 35.88 15.17 7.13
C ALA G 87 34.71 14.24 6.96
N ASP G 88 33.74 14.35 7.85
CA ASP G 88 32.45 13.72 7.59
C ASP G 88 32.67 12.23 7.42
N THR G 89 32.21 11.61 6.33
CA THR G 89 32.49 10.21 6.06
C THR G 89 33.55 10.00 4.93
N GLY G 90 34.36 11.03 4.63
CA GLY G 90 35.37 11.00 3.56
C GLY G 90 34.82 11.18 2.16
N TYR G 91 33.53 11.58 2.01
CA TYR G 91 32.97 12.05 0.73
C TYR G 91 32.91 11.02 -0.36
N GLY G 92 32.83 9.75 0.04
CA GLY G 92 32.42 8.70 -0.86
C GLY G 92 33.16 7.42 -0.57
N GLY G 93 33.48 6.69 -1.62
CA GLY G 93 34.24 5.42 -1.57
C GLY G 93 35.65 5.62 -1.10
N PRO G 94 36.48 4.55 -1.12
CA PRO G 94 37.94 4.63 -0.91
C PRO G 94 38.72 5.57 -1.84
N ILE G 95 38.37 5.65 -3.13
CA ILE G 95 38.93 6.60 -4.06
C ILE G 95 38.77 8.03 -3.49
N MET G 96 37.61 8.34 -2.93
CA MET G 96 37.37 9.67 -2.35
C MET G 96 37.90 9.94 -0.97
N VAL G 97 38.01 8.90 -0.15
CA VAL G 97 38.60 9.09 1.22
C VAL G 97 40.10 9.35 0.99
N ALA G 98 40.64 8.73 -0.07
CA ALA G 98 42.07 8.87 -0.38
C ALA G 98 42.38 10.30 -0.88
N ARG G 99 41.55 10.79 -1.81
CA ARG G 99 41.69 12.13 -2.24
C ARG G 99 41.37 13.16 -1.14
N THR G 100 40.45 12.88 -0.25
CA THR G 100 40.22 13.78 0.92
C THR G 100 41.51 13.81 1.77
N THR G 101 42.12 12.62 2.04
CA THR G 101 43.33 12.53 2.83
C THR G 101 44.48 13.39 2.20
N GLU G 102 44.62 13.32 0.90
CA GLU G 102 45.80 13.88 0.19
C GLU G 102 45.64 15.42 0.21
N GLN G 103 44.42 15.88 -0.14
CA GLN G 103 44.07 17.26 -0.23
C GLN G 103 44.19 17.92 1.14
N TYR G 104 43.63 17.31 2.14
CA TYR G 104 43.83 17.72 3.55
C TYR G 104 45.33 17.69 3.95
N SER G 105 46.08 16.68 3.51
CA SER G 105 47.50 16.64 3.79
C SER G 105 48.20 17.84 3.21
N ARG G 106 48.16 18.00 1.89
CA ARG G 106 48.68 19.16 1.16
C ARG G 106 48.28 20.55 1.69
N SER G 107 47.03 20.72 2.11
CA SER G 107 46.49 21.95 2.75
C SER G 107 47.08 22.34 4.09
N GLY G 108 47.74 21.38 4.77
CA GLY G 108 48.48 21.62 6.00
C GLY G 108 47.78 21.25 7.24
N VAL G 109 46.70 20.47 7.04
CA VAL G 109 45.81 19.98 8.12
C VAL G 109 46.58 18.97 9.02
N ALA G 110 46.42 19.09 10.36
CA ALA G 110 47.10 18.18 11.32
C ALA G 110 46.41 16.82 11.57
N ALA G 111 45.10 16.78 11.44
CA ALA G 111 44.28 15.61 11.83
C ALA G 111 42.89 15.85 11.29
N PHE G 112 42.14 14.78 11.05
CA PHE G 112 40.73 14.91 10.67
C PHE G 112 40.07 13.64 11.08
N HIS G 113 38.77 13.69 11.23
CA HIS G 113 38.05 12.54 11.72
C HIS G 113 37.10 11.99 10.74
N ILE G 114 36.97 10.67 10.81
CA ILE G 114 36.05 9.92 9.93
C ILE G 114 35.05 9.02 10.69
N GLU G 115 33.78 9.03 10.29
CA GLU G 115 32.72 8.42 11.09
C GLU G 115 32.05 7.31 10.33
N ASP G 116 31.18 6.55 10.99
CA ASP G 116 30.67 5.32 10.35
C ASP G 116 29.27 5.52 9.82
N GLN G 117 28.90 6.76 9.49
CA GLN G 117 27.58 7.07 8.97
C GLN G 117 27.48 6.82 7.47
N VAL G 118 26.25 6.61 7.00
CA VAL G 118 25.99 6.54 5.56
C VAL G 118 26.32 7.92 4.96
N GLN G 119 26.70 7.96 3.68
CA GLN G 119 26.95 9.29 3.09
C GLN G 119 25.61 10.08 3.08
N THR G 120 24.51 9.37 2.81
CA THR G 120 23.22 10.00 2.52
C THR G 120 22.18 9.93 3.68
N GLY G 128 18.84 11.23 14.34
CA GLY G 128 18.36 9.85 14.16
C GLY G 128 19.32 9.33 13.11
N LYS G 129 20.43 8.75 13.55
CA LYS G 129 21.56 8.39 12.66
C LYS G 129 21.38 7.05 12.00
N ILE G 130 21.94 6.93 10.81
CA ILE G 130 22.05 5.66 10.12
C ILE G 130 23.46 5.33 9.84
N LEU G 131 23.80 4.09 10.05
CA LEU G 131 25.13 3.70 10.29
C LEU G 131 25.45 2.73 9.21
N VAL G 132 26.72 2.58 8.90
CA VAL G 132 27.10 1.71 7.77
C VAL G 132 27.69 0.47 8.53
N ASP G 133 27.81 -0.69 7.91
CA ASP G 133 28.42 -1.85 8.56
C ASP G 133 29.93 -1.65 8.87
N THR G 134 30.47 -2.37 9.84
CA THR G 134 31.83 -2.17 10.28
C THR G 134 32.86 -2.32 9.18
N ASP G 135 32.72 -3.36 8.34
CA ASP G 135 33.65 -3.57 7.22
C ASP G 135 33.71 -2.38 6.26
N THR G 136 32.55 -1.75 5.96
CA THR G 136 32.50 -0.51 5.19
C THR G 136 33.22 0.61 5.88
N TYR G 137 32.93 0.79 7.17
CA TYR G 137 33.59 1.81 7.95
C TYR G 137 35.12 1.53 7.96
N VAL G 138 35.55 0.34 8.34
CA VAL G 138 36.99 0.00 8.30
C VAL G 138 37.61 0.24 6.90
N THR G 139 36.87 -0.05 5.83
CA THR G 139 37.31 0.27 4.46
C THR G 139 37.75 1.74 4.29
N ARG G 140 36.98 2.63 4.87
CA ARG G 140 37.33 4.02 5.07
C ARG G 140 38.60 4.36 5.86
N ILE G 141 38.78 3.81 7.05
CA ILE G 141 39.98 4.10 7.83
C ILE G 141 41.22 3.56 7.10
N ARG G 142 41.07 2.40 6.49
CA ARG G 142 42.13 1.84 5.71
C ARG G 142 42.56 2.68 4.53
N ALA G 143 41.62 3.18 3.75
CA ALA G 143 41.91 4.03 2.58
C ALA G 143 42.73 5.29 2.95
N ALA G 144 42.31 5.95 4.02
CA ALA G 144 42.98 7.11 4.63
C ALA G 144 44.40 6.81 5.11
N VAL G 145 44.55 5.72 5.86
CA VAL G 145 45.86 5.28 6.39
C VAL G 145 46.80 4.98 5.21
N GLN G 146 46.33 4.26 4.19
CA GLN G 146 47.16 3.86 3.06
C GLN G 146 47.52 5.06 2.22
N ALA G 147 46.56 5.99 2.08
CA ALA G 147 46.71 7.14 1.17
C ALA G 147 47.76 8.11 1.72
N ARG G 148 47.69 8.39 3.01
CA ARG G 148 48.68 9.12 3.76
C ARG G 148 50.03 8.48 3.84
N GLN G 149 50.08 7.18 3.95
CA GLN G 149 51.38 6.49 3.81
C GLN G 149 51.98 6.58 2.37
N ARG G 150 51.16 6.51 1.33
CA ARG G 150 51.65 6.55 -0.08
C ARG G 150 52.39 7.90 -0.37
N ILE G 151 51.92 8.99 0.22
CA ILE G 151 52.43 10.30 -0.12
C ILE G 151 53.31 10.78 1.04
N GLY G 152 53.47 9.93 2.04
CA GLY G 152 54.44 10.21 3.08
C GLY G 152 53.90 11.14 4.14
N SER G 153 52.60 11.38 4.14
CA SER G 153 51.96 12.36 5.11
C SER G 153 51.85 11.86 6.54
N ASP G 154 52.11 12.78 7.49
CA ASP G 154 51.94 12.51 8.93
C ASP G 154 50.54 12.87 9.49
N ILE G 155 49.62 13.28 8.63
CA ILE G 155 48.24 13.61 9.04
C ILE G 155 47.71 12.48 9.90
N VAL G 156 47.09 12.88 11.03
CA VAL G 156 46.53 12.07 12.08
C VAL G 156 45.07 11.65 11.76
N VAL G 157 44.82 10.34 11.69
CA VAL G 157 43.52 9.79 11.36
C VAL G 157 42.77 9.46 12.63
N ILE G 158 41.65 10.18 12.86
CA ILE G 158 40.82 10.05 14.04
C ILE G 158 39.62 9.23 13.66
N ALA G 159 39.49 8.05 14.27
CA ALA G 159 38.32 7.16 14.06
C ALA G 159 37.10 7.62 14.87
N ARG G 160 36.08 8.15 14.21
CA ARG G 160 34.87 8.46 14.92
C ARG G 160 33.80 7.35 14.80
N THR G 161 33.09 7.11 15.90
CA THR G 161 31.87 6.30 15.76
C THR G 161 30.62 6.96 16.31
N ASP G 162 29.52 6.88 15.58
CA ASP G 162 28.24 7.46 16.01
C ASP G 162 27.23 6.38 16.40
N SER G 163 27.73 5.22 16.80
CA SER G 163 26.92 4.02 16.99
C SER G 163 26.44 3.84 18.42
N LEU G 164 26.86 4.68 19.41
CA LEU G 164 26.42 4.50 20.80
C LEU G 164 24.90 4.50 20.92
N GLN G 165 24.30 5.53 20.38
CA GLN G 165 22.82 5.72 20.39
C GLN G 165 21.93 4.59 19.81
N THR G 166 22.21 4.22 18.57
CA THR G 166 21.53 3.16 17.90
C THR G 166 21.86 1.76 18.44
N HIS G 167 23.18 1.46 18.56
CA HIS G 167 23.70 0.10 18.83
C HIS G 167 24.31 -0.17 20.24
N GLY G 168 24.62 0.88 21.00
CA GLY G 168 25.05 0.75 22.39
C GLY G 168 26.56 0.71 22.59
N TYR G 169 26.98 0.79 23.85
CA TYR G 169 28.38 0.89 24.27
C TYR G 169 29.34 -0.10 23.67
N GLU G 170 29.18 -1.37 23.98
CA GLU G 170 30.05 -2.44 23.51
C GLU G 170 30.18 -2.54 22.02
N GLU G 171 29.15 -2.18 21.24
CA GLU G 171 29.25 -2.17 19.77
C GLU G 171 30.09 -0.97 19.30
N SER G 172 29.92 0.18 19.94
CA SER G 172 30.81 1.29 19.81
C SER G 172 32.27 0.93 20.04
N VAL G 173 32.62 0.29 21.18
CA VAL G 173 33.99 -0.12 21.40
C VAL G 173 34.46 -1.13 20.36
N ALA G 174 33.60 -2.04 19.92
CA ALA G 174 33.99 -3.03 18.97
C ALA G 174 34.45 -2.36 17.68
N ARG G 175 33.71 -1.36 17.22
CA ARG G 175 34.04 -0.56 16.03
C ARG G 175 35.32 0.29 16.12
N LEU G 176 35.55 0.89 17.28
CA LEU G 176 36.75 1.68 17.52
C LEU G 176 37.98 0.80 17.54
N ARG G 177 37.82 -0.38 18.15
CA ARG G 177 38.88 -1.36 18.20
C ARG G 177 39.23 -1.76 16.80
N ALA G 178 38.23 -2.02 15.94
CA ALA G 178 38.46 -2.35 14.48
C ALA G 178 39.18 -1.21 13.67
N ALA G 179 38.87 0.03 13.99
CA ALA G 179 39.52 1.24 13.43
C ALA G 179 40.97 1.41 13.88
N ARG G 180 41.26 1.17 15.15
CA ARG G 180 42.59 1.05 15.71
C ARG G 180 43.44 0.02 15.00
N ASP G 181 42.88 -1.18 14.85
CA ASP G 181 43.51 -2.29 14.15
C ASP G 181 43.80 -2.03 12.66
N ALA G 182 43.02 -1.16 12.04
CA ALA G 182 43.20 -0.71 10.63
C ALA G 182 44.21 0.44 10.56
N GLY G 183 44.61 0.96 11.72
CA GLY G 183 45.71 1.90 11.80
C GLY G 183 45.41 3.34 12.18
N ALA G 184 44.19 3.64 12.63
CA ALA G 184 43.76 4.96 13.05
C ALA G 184 44.61 5.42 14.23
N ASP G 185 44.83 6.73 14.37
CA ASP G 185 45.67 7.24 15.49
C ASP G 185 44.87 7.62 16.72
N VAL G 186 43.62 7.97 16.56
CA VAL G 186 42.82 8.46 17.71
C VAL G 186 41.42 7.85 17.58
N GLY G 187 40.82 7.56 18.74
CA GLY G 187 39.43 7.17 18.84
C GLY G 187 38.55 8.29 19.30
N PHE G 188 37.29 8.28 18.90
CA PHE G 188 36.39 9.39 19.08
C PHE G 188 35.04 8.72 19.26
N LEU G 189 34.62 8.50 20.52
CA LEU G 189 33.29 7.96 20.83
C LEU G 189 32.40 9.16 20.93
N GLU G 190 31.62 9.33 19.89
CA GLU G 190 30.68 10.42 19.88
C GLU G 190 29.48 10.18 20.87
N GLY G 191 29.23 11.14 21.77
CA GLY G 191 27.97 11.11 22.49
C GLY G 191 28.06 10.40 23.83
N ILE G 192 29.28 10.30 24.36
CA ILE G 192 29.51 9.66 25.66
C ILE G 192 28.47 10.18 26.66
N THR G 193 27.78 9.29 27.36
CA THR G 193 26.64 9.65 28.12
C THR G 193 26.89 9.91 29.62
N SER G 194 28.03 9.54 30.18
CA SER G 194 28.34 9.84 31.57
C SER G 194 29.81 9.83 31.78
N ARG G 195 30.22 10.33 32.94
CA ARG G 195 31.55 10.22 33.40
C ARG G 195 32.06 8.83 33.56
N GLU G 196 31.29 7.99 34.21
CA GLU G 196 31.59 6.55 34.29
C GLU G 196 31.91 5.85 32.96
N MET G 197 31.22 6.27 31.90
CA MET G 197 31.46 5.76 30.52
C MET G 197 32.69 6.33 29.90
N ALA G 198 32.96 7.61 30.18
CA ALA G 198 34.16 8.26 29.77
C ALA G 198 35.42 7.54 30.30
N ARG G 199 35.37 7.16 31.59
CA ARG G 199 36.45 6.40 32.25
C ARG G 199 36.49 4.95 31.79
N GLN G 200 35.32 4.34 31.58
CA GLN G 200 35.28 2.99 31.06
C GLN G 200 35.92 2.94 29.68
N VAL G 201 35.58 3.84 28.73
CA VAL G 201 36.14 3.79 27.34
C VAL G 201 37.69 4.03 27.35
N ILE G 202 38.20 4.94 28.20
CA ILE G 202 39.62 5.13 28.37
C ILE G 202 40.36 3.85 28.81
N GLN G 203 39.82 3.09 29.75
CA GLN G 203 40.28 1.72 30.11
C GLN G 203 40.20 0.65 29.01
N ASP G 204 39.08 0.57 28.27
CA ASP G 204 38.82 -0.47 27.29
C ASP G 204 39.68 -0.25 26.11
N LEU G 205 39.98 1.01 25.85
CA LEU G 205 40.93 1.38 24.82
C LEU G 205 42.27 1.93 25.36
N ALA G 206 42.84 1.25 26.37
CA ALA G 206 44.01 1.73 27.12
C ALA G 206 45.24 1.65 26.25
N GLY G 207 46.06 2.73 26.27
CA GLY G 207 47.18 2.90 25.33
C GLY G 207 46.99 3.56 23.93
N TRP G 208 45.74 3.76 23.48
CA TRP G 208 45.36 4.45 22.19
C TRP G 208 44.79 5.80 22.53
N PRO G 209 45.34 6.89 21.97
CA PRO G 209 44.74 8.26 22.27
C PRO G 209 43.23 8.41 22.00
N LEU G 210 42.53 9.08 22.91
CA LEU G 210 41.11 9.31 22.73
C LEU G 210 40.77 10.80 22.68
N LEU G 211 39.79 11.12 21.82
CA LEU G 211 39.18 12.45 21.73
C LEU G 211 37.85 12.63 22.52
N LEU G 212 37.78 13.57 23.46
CA LEU G 212 36.46 13.94 24.00
C LEU G 212 35.83 15.11 23.26
N ASN G 213 34.64 14.86 22.66
CA ASN G 213 33.82 15.91 22.05
C ASN G 213 32.96 16.55 23.11
N MET G 214 33.36 17.76 23.47
CA MET G 214 32.61 18.49 24.49
C MET G 214 31.70 19.61 23.93
N VAL G 215 30.47 19.23 23.55
CA VAL G 215 29.41 20.20 23.27
C VAL G 215 28.46 20.18 24.44
N GLU G 216 28.31 21.30 25.16
CA GLU G 216 27.52 21.25 26.36
C GLU G 216 26.01 21.04 26.10
N HIS G 217 25.27 20.71 27.17
CA HIS G 217 23.79 20.54 27.19
C HIS G 217 23.28 19.49 26.22
N GLY G 218 24.16 18.59 25.80
CA GLY G 218 23.78 17.47 24.96
C GLY G 218 23.74 16.17 25.75
N ALA G 219 24.25 15.08 25.15
CA ALA G 219 24.22 13.76 25.81
C ALA G 219 25.33 13.59 26.85
N THR G 220 26.42 14.37 26.72
CA THR G 220 27.64 14.34 27.59
C THR G 220 27.61 15.33 28.80
N PRO G 221 27.93 14.87 30.03
CA PRO G 221 27.98 15.85 31.11
C PRO G 221 29.12 16.87 30.86
N SER G 222 29.16 18.00 31.55
CA SER G 222 30.20 18.98 31.30
C SER G 222 31.50 18.64 32.00
N ILE G 223 32.52 18.39 31.19
CA ILE G 223 33.81 17.89 31.62
C ILE G 223 34.80 18.90 31.04
N SER G 224 35.52 19.57 31.95
CA SER G 224 36.53 20.52 31.60
C SER G 224 37.77 19.85 31.02
N ALA G 225 38.65 20.66 30.47
CA ALA G 225 39.86 20.23 29.88
C ALA G 225 40.75 19.52 30.93
N ALA G 226 40.77 20.06 32.14
CA ALA G 226 41.64 19.52 33.16
C ALA G 226 41.15 18.17 33.70
N GLU G 227 39.83 17.98 33.89
CA GLU G 227 39.27 16.64 34.20
C GLU G 227 39.51 15.62 33.14
N ALA G 228 39.21 15.97 31.88
CA ALA G 228 39.43 15.14 30.71
C ALA G 228 40.86 14.71 30.64
N LYS G 229 41.77 15.61 30.95
CA LYS G 229 43.17 15.26 30.90
C LYS G 229 43.56 14.20 31.97
N GLU G 230 43.12 14.38 33.20
CA GLU G 230 43.30 13.43 34.29
C GLU G 230 42.60 12.08 34.10
N MET G 231 41.43 12.10 33.51
CA MET G 231 40.73 10.88 33.10
C MET G 231 41.61 10.06 32.14
N GLY G 232 42.36 10.74 31.29
CA GLY G 232 43.23 10.07 30.34
C GLY G 232 42.93 10.33 28.88
N PHE G 233 41.99 11.24 28.58
CA PHE G 233 41.76 11.65 27.14
C PHE G 233 43.00 12.36 26.64
N ARG G 234 43.26 12.37 25.32
CA ARG G 234 44.43 13.06 24.76
C ARG G 234 44.08 14.38 24.04
N ILE G 235 42.85 14.46 23.52
CA ILE G 235 42.29 15.65 22.88
C ILE G 235 40.92 15.90 23.46
N ILE G 236 40.66 17.16 23.73
CA ILE G 236 39.31 17.72 23.91
C ILE G 236 39.07 18.83 22.84
N ILE G 237 37.95 18.71 22.12
CA ILE G 237 37.48 19.73 21.19
C ILE G 237 36.25 20.36 21.80
N PHE G 238 36.01 21.64 21.54
CA PHE G 238 34.78 22.32 21.98
C PHE G 238 34.02 22.91 20.76
N PRO G 239 33.31 22.08 19.97
CA PRO G 239 32.85 22.49 18.59
C PRO G 239 31.96 23.74 18.50
N PHE G 240 31.25 24.02 19.59
CA PHE G 240 30.38 25.20 19.72
C PHE G 240 31.00 26.43 20.41
N ALA G 241 32.30 26.47 20.65
CA ALA G 241 32.87 27.54 21.50
C ALA G 241 32.78 28.95 20.90
N ALA G 242 32.72 29.02 19.57
CA ALA G 242 32.64 30.28 18.82
C ALA G 242 31.24 30.56 18.32
N LEU G 243 30.56 29.51 17.80
CA LEU G 243 29.21 29.57 17.21
C LEU G 243 28.18 30.07 18.15
N GLY G 244 28.12 29.55 19.36
CA GLY G 244 27.03 29.89 20.25
C GLY G 244 27.10 31.37 20.54
N PRO G 245 28.25 31.84 21.04
CA PRO G 245 28.49 33.27 21.24
C PRO G 245 28.29 34.16 20.01
N ALA G 246 28.85 33.82 18.84
CA ALA G 246 28.60 34.58 17.59
C ALA G 246 27.15 34.79 17.30
N VAL G 247 26.37 33.70 17.27
CA VAL G 247 24.93 33.74 17.02
C VAL G 247 24.20 34.65 18.00
N ALA G 248 24.33 34.44 19.32
CA ALA G 248 23.58 35.27 20.31
C ALA G 248 23.94 36.77 20.22
N ALA G 249 25.24 37.07 20.12
CA ALA G 249 25.72 38.46 19.90
C ALA G 249 25.25 39.12 18.58
N MET G 250 25.24 38.40 17.45
CA MET G 250 24.70 38.93 16.18
C MET G 250 23.18 39.14 16.20
N ARG G 251 22.42 38.11 16.63
CA ARG G 251 20.94 38.28 16.95
C ARG G 251 20.65 39.49 17.82
N GLU G 252 21.31 39.52 18.96
CA GLU G 252 21.24 40.66 19.92
C GLU G 252 21.58 42.05 19.29
N ALA G 253 22.56 42.09 18.37
CA ALA G 253 22.93 43.37 17.72
C ALA G 253 22.04 43.76 16.50
N MET G 254 21.43 42.75 15.86
CA MET G 254 20.44 43.04 14.81
C MET G 254 19.11 43.58 15.38
N GLU G 255 18.74 43.20 16.60
CA GLU G 255 17.53 43.67 17.21
C GLU G 255 17.78 45.08 17.71
N LYS G 256 18.96 45.34 18.28
CA LYS G 256 19.44 46.70 18.66
C LYS G 256 19.39 47.66 17.46
N LEU G 257 20.06 47.28 16.37
CA LEU G 257 20.04 47.98 15.08
C LEU G 257 18.62 48.25 14.48
N LYS G 258 17.73 47.23 14.40
CA LYS G 258 16.29 47.37 13.98
C LYS G 258 15.59 48.45 14.76
N ARG G 259 15.93 48.58 16.04
CA ARG G 259 15.19 49.55 16.88
C ARG G 259 15.87 50.92 17.04
N ASP G 260 17.19 50.95 17.22
CA ASP G 260 17.97 52.18 17.40
C ASP G 260 18.26 52.89 16.09
N GLY G 261 18.35 52.16 15.00
CA GLY G 261 18.65 52.81 13.75
C GLY G 261 20.14 52.97 13.50
N ILE G 262 21.01 52.42 14.34
CA ILE G 262 22.47 52.49 14.13
C ILE G 262 23.03 51.35 14.91
N PRO G 263 24.14 50.71 14.44
CA PRO G 263 24.63 49.64 15.31
C PRO G 263 25.04 50.04 16.78
N GLY G 264 25.67 51.21 16.98
CA GLY G 264 26.01 51.65 18.32
C GLY G 264 27.08 50.77 18.93
N LEU G 265 28.03 50.33 18.10
CA LEU G 265 29.21 49.58 18.54
C LEU G 265 30.24 50.41 19.37
N ASP G 266 30.90 49.72 20.32
CA ASP G 266 31.97 50.30 21.16
C ASP G 266 33.07 50.89 20.31
N LYS G 267 33.68 51.98 20.79
CA LYS G 267 34.74 52.70 20.06
C LYS G 267 35.90 51.80 19.71
N GLU G 268 36.06 50.67 20.40
CA GLU G 268 37.15 49.76 19.98
C GLU G 268 36.88 48.98 18.68
N MET G 269 35.60 48.69 18.35
CA MET G 269 35.22 48.01 17.08
C MET G 269 35.35 48.91 15.82
N THR G 270 36.51 49.54 15.64
CA THR G 270 36.83 50.26 14.41
C THR G 270 37.05 49.31 13.23
N PRO G 271 37.18 49.85 11.99
CA PRO G 271 37.64 49.02 10.84
C PRO G 271 39.12 48.56 10.98
N GLN G 272 39.98 49.44 11.51
CA GLN G 272 41.42 49.13 11.67
C GLN G 272 41.65 48.11 12.76
N MET G 273 40.71 47.98 13.66
CA MET G 273 40.73 46.88 14.57
C MET G 273 40.41 45.51 14.07
N LEU G 274 39.56 45.39 13.07
CA LEU G 274 39.28 44.06 12.47
C LEU G 274 40.51 43.55 11.71
N PHE G 275 41.10 44.45 10.95
CA PHE G 275 42.28 44.16 10.21
C PHE G 275 43.45 43.80 11.12
N ARG G 276 43.56 44.41 12.29
CA ARG G 276 44.57 43.99 13.30
C ARG G 276 44.27 42.58 13.82
N VAL G 277 42.99 42.28 14.14
CA VAL G 277 42.59 40.91 14.54
C VAL G 277 42.92 39.90 13.38
N CYS G 278 42.92 40.44 12.16
CA CYS G 278 43.06 39.67 10.94
C CYS G 278 44.47 39.74 10.35
N GLY G 279 45.42 40.06 11.21
CA GLY G 279 46.85 39.98 10.88
C GLY G 279 47.42 41.06 9.99
N LEU G 280 46.76 42.21 9.93
CA LEU G 280 47.25 43.39 9.17
C LEU G 280 48.71 43.75 9.41
N ASP G 281 49.14 43.65 10.67
CA ASP G 281 50.46 44.17 11.06
C ASP G 281 51.55 43.30 10.43
N GLU G 282 51.31 41.97 10.37
CA GLU G 282 52.10 40.99 9.59
C GLU G 282 51.92 41.06 8.05
N SER G 283 50.72 41.44 7.56
CA SER G 283 50.53 41.71 6.09
C SER G 283 51.22 42.96 5.48
N MET G 284 51.43 44.00 6.31
CA MET G 284 52.25 45.11 5.90
C MET G 284 53.73 44.85 6.14
N LYS G 285 54.07 43.97 7.07
CA LYS G 285 55.46 43.55 7.20
C LYS G 285 55.91 42.86 5.92
N VAL G 286 55.10 41.89 5.47
CA VAL G 286 55.23 41.14 4.22
C VAL G 286 55.30 42.01 2.99
N ASP G 287 54.46 43.05 2.94
CA ASP G 287 54.51 44.06 1.89
C ASP G 287 55.79 44.90 1.97
N ALA G 288 56.13 45.36 3.17
CA ALA G 288 57.26 46.24 3.35
C ALA G 288 58.56 45.58 2.89
N GLN G 289 58.77 44.33 3.30
CA GLN G 289 59.98 43.58 2.94
C GLN G 289 60.16 43.43 1.42
N ALA G 290 59.05 43.25 0.70
CA ALA G 290 59.07 43.05 -0.77
C ALA G 290 59.56 44.29 -1.53
N GLY G 291 59.46 45.47 -0.91
CA GLY G 291 60.29 46.64 -1.26
C GLY G 291 59.69 47.91 -1.83
N PRO H 1 9.56 31.11 -16.09
CA PRO H 1 9.77 32.38 -15.35
C PRO H 1 10.52 32.27 -13.96
N MET H 2 11.85 32.18 -13.99
CA MET H 2 12.65 32.54 -12.82
C MET H 2 12.65 34.05 -12.61
N VAL H 3 12.60 34.51 -11.37
CA VAL H 3 12.53 35.96 -11.13
C VAL H 3 13.57 36.33 -10.03
N THR H 4 14.02 37.62 -9.97
CA THR H 4 15.05 38.08 -9.00
C THR H 4 14.60 39.27 -8.18
N ALA H 5 15.20 39.39 -6.99
CA ALA H 5 14.96 40.46 -6.08
C ALA H 5 15.50 41.77 -6.66
N ALA H 6 16.28 41.70 -7.74
CA ALA H 6 16.80 42.93 -8.40
C ALA H 6 15.69 43.80 -8.92
N THR H 7 14.60 43.13 -9.35
CA THR H 7 13.43 43.79 -9.94
C THR H 7 12.66 44.61 -8.93
N SER H 8 12.45 44.08 -7.75
CA SER H 8 11.72 44.79 -6.73
C SER H 8 12.59 45.85 -6.06
N LEU H 9 13.90 45.60 -5.93
CA LEU H 9 14.81 46.62 -5.42
C LEU H 9 14.73 47.82 -6.36
N ARG H 10 14.61 47.50 -7.65
CA ARG H 10 14.61 48.45 -8.74
C ARG H 10 13.34 49.28 -8.73
N ARG H 11 12.20 48.65 -8.48
CA ARG H 11 10.94 49.38 -8.40
C ARG H 11 10.92 50.20 -7.15
N ALA H 12 11.45 49.70 -6.03
CA ALA H 12 11.48 50.49 -4.79
C ALA H 12 12.32 51.77 -4.94
N LEU H 13 13.37 51.70 -5.73
CA LEU H 13 14.20 52.89 -5.95
C LEU H 13 13.54 53.94 -6.82
N GLU H 14 12.56 53.52 -7.63
CA GLU H 14 11.79 54.42 -8.48
C GLU H 14 10.66 55.11 -7.70
N ASN H 15 10.29 54.57 -6.55
CA ASN H 15 9.30 55.20 -5.69
C ASN H 15 10.11 56.20 -4.82
N PRO H 16 10.03 57.49 -5.03
CA PRO H 16 10.89 58.35 -4.23
C PRO H 16 10.77 58.21 -2.72
N ASP H 17 9.82 57.44 -2.23
CA ASP H 17 9.42 57.51 -0.85
C ASP H 17 10.02 56.40 -0.02
N SER H 18 10.65 55.48 -0.70
CA SER H 18 11.37 54.39 -0.03
C SER H 18 12.73 54.81 0.52
N PHE H 19 13.06 54.19 1.66
CA PHE H 19 14.34 54.33 2.28
C PHE H 19 14.82 52.90 2.54
N ILE H 20 15.97 52.52 2.03
CA ILE H 20 16.40 51.13 2.19
C ILE H 20 17.44 50.95 3.30
N VAL H 21 17.20 50.07 4.25
CA VAL H 21 18.23 49.72 5.28
C VAL H 21 18.78 48.33 4.98
N ALA H 22 20.12 48.27 4.82
CA ALA H 22 20.81 47.03 4.62
C ALA H 22 21.93 46.85 5.68
N PRO H 23 21.73 45.95 6.68
CA PRO H 23 22.80 45.57 7.61
C PRO H 23 23.88 44.74 6.92
N GLY H 24 25.12 44.90 7.36
CA GLY H 24 26.21 44.24 6.69
C GLY H 24 26.30 42.77 7.12
N VAL H 25 26.46 41.86 6.13
CA VAL H 25 26.57 40.42 6.45
C VAL H 25 27.73 39.79 5.67
N TYR H 26 28.38 38.78 6.24
CA TYR H 26 29.59 38.27 5.65
C TYR H 26 29.66 36.76 5.43
N ASP H 27 28.64 36.04 5.90
CA ASP H 27 28.56 34.56 5.80
C ASP H 27 27.10 34.14 5.87
N GLY H 28 26.89 32.83 5.93
CA GLY H 28 25.58 32.20 5.92
C GLY H 28 24.85 32.51 7.20
N LEU H 29 25.58 32.48 8.31
CA LEU H 29 25.08 32.67 9.64
C LEU H 29 24.67 34.09 9.90
N SER H 30 25.60 35.07 9.74
CA SER H 30 25.22 36.55 9.83
C SER H 30 23.97 36.88 8.98
N ALA H 31 23.90 36.31 7.77
CA ALA H 31 22.77 36.51 6.86
C ALA H 31 21.47 35.91 7.43
N ARG H 32 21.50 34.68 7.96
CA ARG H 32 20.28 34.04 8.50
C ARG H 32 19.75 34.95 9.64
N VAL H 33 20.71 35.44 10.42
CA VAL H 33 20.46 36.16 11.69
C VAL H 33 19.90 37.52 11.34
N ALA H 34 20.50 38.26 10.40
CA ALA H 34 19.85 39.47 9.89
C ALA H 34 18.44 39.30 9.25
N LEU H 35 18.25 38.34 8.32
CA LEU H 35 16.88 38.04 7.83
C LEU H 35 15.82 37.79 8.96
N SER H 36 16.27 37.14 10.04
CA SER H 36 15.46 36.76 11.19
C SER H 36 15.04 37.93 12.12
N ALA H 37 15.84 38.99 12.11
CA ALA H 37 15.49 40.23 12.77
C ALA H 37 14.42 41.01 12.01
N GLY H 38 14.22 40.70 10.74
CA GLY H 38 13.20 41.32 9.90
C GLY H 38 13.67 42.43 8.96
N PHE H 39 14.94 42.45 8.57
CA PHE H 39 15.46 43.43 7.63
C PHE H 39 15.00 43.05 6.21
N ASP H 40 14.54 44.04 5.43
CA ASP H 40 14.09 43.87 4.04
C ASP H 40 15.20 43.92 2.95
N ALA H 41 16.45 44.17 3.31
CA ALA H 41 17.58 44.15 2.37
C ALA H 41 18.84 43.79 3.15
N LEU H 42 19.80 43.20 2.48
CA LEU H 42 21.05 42.90 3.14
C LEU H 42 22.21 43.54 2.37
N TYR H 43 23.34 43.72 3.07
CA TYR H 43 24.56 44.20 2.43
C TYR H 43 25.69 43.23 2.68
N MET H 44 26.14 42.57 1.62
CA MET H 44 27.34 41.79 1.72
C MET H 44 28.61 42.61 1.76
N THR H 45 29.28 42.68 2.93
CA THR H 45 30.52 43.38 3.01
C THR H 45 31.69 42.54 2.44
N GLY H 46 32.58 43.17 1.64
CA GLY H 46 33.78 42.58 1.02
C GLY H 46 34.83 42.46 2.08
N ALA H 47 34.89 43.42 3.03
CA ALA H 47 35.86 43.35 4.17
C ALA H 47 35.55 42.17 5.13
N GLY H 48 34.28 42.10 5.47
CA GLY H 48 33.66 40.96 6.10
C GLY H 48 33.89 39.66 5.39
N THR H 49 33.69 39.62 4.08
CA THR H 49 33.99 38.44 3.28
C THR H 49 35.48 38.06 3.29
N ALA H 50 36.41 39.05 3.27
CA ALA H 50 37.86 38.74 3.34
C ALA H 50 38.26 38.09 4.68
N ALA H 51 37.83 38.66 5.81
CA ALA H 51 37.99 38.06 7.15
C ALA H 51 37.42 36.65 7.29
N SER H 52 36.16 36.41 6.83
CA SER H 52 35.51 35.06 6.97
C SER H 52 36.11 33.99 6.07
N VAL H 53 36.01 34.20 4.76
CA VAL H 53 36.55 33.26 3.81
C VAL H 53 38.05 33.12 3.89
N HIS H 54 38.79 34.23 4.11
CA HIS H 54 40.25 34.21 4.16
C HIS H 54 40.94 34.44 5.52
N GLY H 55 40.25 34.89 6.56
CA GLY H 55 40.99 35.19 7.81
C GLY H 55 42.05 36.29 7.65
N GLN H 56 41.78 37.21 6.73
CA GLN H 56 42.71 38.24 6.26
C GLN H 56 42.11 39.65 6.36
N ALA H 57 42.94 40.72 6.42
CA ALA H 57 42.34 42.10 6.30
C ALA H 57 41.86 42.38 4.84
N ASP H 58 41.04 43.42 4.68
CA ASP H 58 40.56 43.85 3.34
C ASP H 58 41.69 44.57 2.55
N LEU H 59 42.54 43.76 1.91
CA LEU H 59 43.69 44.21 1.15
C LEU H 59 43.63 43.66 -0.30
N GLY H 60 42.43 43.47 -0.85
CA GLY H 60 42.36 43.01 -2.25
C GLY H 60 42.69 41.55 -2.51
N ILE H 61 42.51 40.73 -1.48
CA ILE H 61 42.78 39.29 -1.53
C ILE H 61 41.61 38.41 -2.02
N CYS H 62 40.39 38.93 -2.05
CA CYS H 62 39.24 38.18 -2.61
C CYS H 62 39.20 38.27 -4.14
N THR H 63 39.01 37.13 -4.81
CA THR H 63 38.85 37.13 -6.25
C THR H 63 37.36 37.19 -6.61
N LEU H 64 37.07 37.21 -7.91
CA LEU H 64 35.71 37.18 -8.44
C LEU H 64 35.00 35.92 -7.90
N ASN H 65 35.76 34.82 -7.93
CA ASN H 65 35.24 33.52 -7.53
C ASN H 65 34.77 33.57 -6.09
N ASP H 66 35.57 34.18 -5.20
CA ASP H 66 35.24 34.28 -3.70
C ASP H 66 34.04 35.08 -3.39
N MET H 67 34.04 36.31 -3.91
CA MET H 67 32.93 37.28 -3.78
C MET H 67 31.61 36.78 -4.43
N ARG H 68 31.63 36.38 -5.70
CA ARG H 68 30.48 35.71 -6.35
C ARG H 68 29.93 34.45 -5.61
N ALA H 69 30.78 33.64 -4.96
CA ALA H 69 30.29 32.49 -4.17
C ALA H 69 29.47 32.92 -2.99
N ASN H 70 30.06 33.85 -2.19
CA ASN H 70 29.46 34.37 -1.00
C ASN H 70 28.17 35.21 -1.24
N ALA H 71 28.08 35.90 -2.38
CA ALA H 71 26.88 36.68 -2.71
C ALA H 71 25.79 35.81 -3.32
N GLU H 72 26.14 34.84 -4.17
CA GLU H 72 25.13 33.84 -4.55
C GLU H 72 24.54 33.07 -3.37
N MET H 73 25.31 32.58 -2.37
CA MET H 73 24.61 31.92 -1.24
C MET H 73 23.79 32.84 -0.42
N ILE H 74 24.27 34.06 -0.19
CA ILE H 74 23.57 35.01 0.67
C ILE H 74 22.24 35.45 0.02
N SER H 75 22.26 35.65 -1.28
CA SER H 75 21.10 36.05 -2.12
C SER H 75 20.03 35.01 -2.24
N ASN H 76 20.35 33.74 -2.02
CA ASN H 76 19.35 32.67 -2.09
C ASN H 76 18.92 31.99 -0.79
N ILE H 77 19.40 32.50 0.34
CA ILE H 77 18.83 32.19 1.65
C ILE H 77 17.39 32.75 1.72
N SER H 78 17.20 34.01 1.32
CA SER H 78 15.84 34.57 1.12
C SER H 78 15.83 35.22 -0.27
N PRO H 79 15.45 34.45 -1.31
CA PRO H 79 15.59 34.93 -2.71
C PRO H 79 14.70 36.14 -3.07
N SER H 80 13.74 36.49 -2.22
CA SER H 80 12.90 37.64 -2.47
C SER H 80 13.41 38.91 -1.79
N THR H 81 14.36 38.76 -0.86
CA THR H 81 15.09 39.88 -0.23
C THR H 81 16.35 40.33 -1.01
N PRO H 82 16.35 41.61 -1.47
CA PRO H 82 17.48 42.25 -2.08
C PRO H 82 18.76 42.14 -1.26
N VAL H 83 19.80 41.63 -1.92
CA VAL H 83 21.16 41.63 -1.44
C VAL H 83 21.99 42.62 -2.30
N ILE H 84 22.53 43.64 -1.64
CA ILE H 84 23.55 44.55 -2.21
C ILE H 84 24.89 43.96 -1.91
N ALA H 85 25.65 43.76 -2.98
CA ALA H 85 26.93 43.14 -2.90
C ALA H 85 28.15 44.05 -3.36
N ASP H 86 29.23 43.97 -2.62
CA ASP H 86 30.46 44.57 -3.05
C ASP H 86 31.01 43.82 -4.30
N ALA H 87 31.51 44.57 -5.28
CA ALA H 87 32.10 43.96 -6.44
C ALA H 87 33.45 44.65 -6.67
N ASP H 88 33.94 45.29 -5.61
CA ASP H 88 35.21 46.05 -5.61
C ASP H 88 35.48 46.85 -6.90
N THR H 89 36.30 46.37 -7.82
CA THR H 89 36.59 47.20 -8.98
C THR H 89 36.08 46.47 -10.29
N GLY H 90 35.23 45.42 -10.10
CA GLY H 90 34.74 44.60 -11.21
C GLY H 90 35.79 43.62 -11.70
N TYR H 91 36.90 43.51 -10.94
CA TYR H 91 37.88 42.40 -11.10
C TYR H 91 38.74 42.47 -12.36
N GLY H 92 38.83 43.68 -12.99
CA GLY H 92 39.68 43.93 -14.21
C GLY H 92 39.16 45.01 -15.15
N GLY H 93 39.36 44.83 -16.44
CA GLY H 93 38.84 45.77 -17.45
C GLY H 93 37.39 45.48 -17.74
N PRO H 94 36.75 46.23 -18.69
CA PRO H 94 35.36 46.08 -19.17
C PRO H 94 34.89 44.62 -19.36
N ILE H 95 35.82 43.74 -19.66
CA ILE H 95 35.50 42.36 -19.96
C ILE H 95 35.23 41.53 -18.68
N MET H 96 35.91 41.91 -17.60
CA MET H 96 35.69 41.30 -16.31
C MET H 96 34.57 42.00 -15.56
N VAL H 97 34.33 43.28 -15.87
CA VAL H 97 33.22 43.99 -15.28
C VAL H 97 31.92 43.39 -15.86
N ALA H 98 31.88 43.13 -17.17
CA ALA H 98 30.79 42.38 -17.79
C ALA H 98 30.59 40.95 -17.24
N ARG H 99 31.66 40.17 -17.14
CA ARG H 99 31.63 38.86 -16.51
C ARG H 99 31.13 38.95 -15.08
N THR H 100 31.60 39.95 -14.32
CA THR H 100 31.08 40.18 -12.98
C THR H 100 29.60 40.54 -13.00
N THR H 101 29.18 41.39 -13.94
CA THR H 101 27.78 41.79 -14.03
C THR H 101 26.91 40.60 -14.34
N GLU H 102 27.31 39.75 -15.27
CA GLU H 102 26.50 38.61 -15.64
C GLU H 102 26.45 37.58 -14.55
N GLN H 103 27.56 37.39 -13.85
CA GLN H 103 27.62 36.39 -12.79
C GLN H 103 26.77 36.72 -11.64
N TYR H 104 26.82 37.98 -11.21
CA TYR H 104 26.00 38.51 -10.15
C TYR H 104 24.46 38.43 -10.47
N SER H 105 24.04 38.80 -11.69
CA SER H 105 22.69 38.60 -12.20
C SER H 105 22.19 37.18 -12.15
N ARG H 106 22.81 36.25 -12.90
CA ARG H 106 22.53 34.81 -12.78
C ARG H 106 22.41 34.28 -11.34
N SER H 107 23.19 34.84 -10.40
CA SER H 107 23.24 34.41 -9.00
C SER H 107 22.10 34.96 -8.15
N GLY H 108 21.41 36.00 -8.63
CA GLY H 108 20.25 36.55 -7.94
C GLY H 108 20.56 37.81 -7.13
N VAL H 109 21.79 38.33 -7.33
CA VAL H 109 22.19 39.60 -6.70
C VAL H 109 21.30 40.75 -7.18
N ALA H 110 20.89 41.58 -6.21
CA ALA H 110 20.01 42.70 -6.48
C ALA H 110 20.75 43.99 -6.86
N ALA H 111 21.84 44.33 -6.19
CA ALA H 111 22.66 45.51 -6.54
C ALA H 111 24.12 45.15 -6.35
N PHE H 112 25.03 45.90 -6.97
CA PHE H 112 26.44 45.80 -6.67
C PHE H 112 27.06 47.14 -6.94
N HIS H 113 28.14 47.48 -6.22
CA HIS H 113 28.86 48.73 -6.39
C HIS H 113 30.24 48.54 -6.92
N ILE H 114 30.61 49.37 -7.91
CA ILE H 114 31.96 49.38 -8.47
C ILE H 114 32.60 50.73 -8.18
N GLU H 115 33.87 50.69 -7.76
CA GLU H 115 34.62 51.86 -7.36
C GLU H 115 35.58 52.22 -8.43
N ASP H 116 36.32 53.31 -8.14
CA ASP H 116 37.31 53.93 -9.05
C ASP H 116 38.79 53.79 -8.57
N GLN H 117 39.07 52.82 -7.69
CA GLN H 117 40.42 52.43 -7.34
C GLN H 117 40.96 51.41 -8.38
N VAL H 118 42.26 51.08 -8.23
CA VAL H 118 42.97 49.91 -8.89
C VAL H 118 42.69 48.64 -8.07
N GLN H 119 43.19 47.49 -8.55
CA GLN H 119 43.14 46.22 -7.76
C GLN H 119 44.53 45.59 -7.36
N LYS H 129 44.27 55.50 -0.16
CA LYS H 129 43.41 55.15 -1.31
C LYS H 129 44.22 55.33 -2.60
N ILE H 130 44.36 54.25 -3.38
CA ILE H 130 45.09 54.29 -4.63
C ILE H 130 44.10 54.12 -5.80
N LEU H 131 44.20 54.95 -6.86
CA LEU H 131 43.05 55.08 -7.74
C LEU H 131 43.28 55.58 -9.17
N VAL H 132 42.24 55.43 -10.02
CA VAL H 132 42.37 55.55 -11.49
C VAL H 132 41.62 56.75 -12.04
N ASP H 133 41.90 57.13 -13.30
CA ASP H 133 41.38 58.36 -13.93
C ASP H 133 39.89 58.24 -14.29
N THR H 134 39.26 59.34 -14.73
CA THR H 134 37.81 59.23 -14.84
C THR H 134 37.20 58.45 -16.01
N ASP H 135 37.67 58.60 -17.24
CA ASP H 135 37.11 57.70 -18.28
C ASP H 135 37.53 56.22 -18.21
N THR H 136 38.57 55.88 -17.43
CA THR H 136 38.86 54.46 -17.05
C THR H 136 37.77 53.93 -16.14
N TYR H 137 37.33 54.82 -15.26
CA TYR H 137 36.19 54.61 -14.37
C TYR H 137 34.85 54.49 -15.10
N VAL H 138 34.45 55.57 -15.79
CA VAL H 138 33.27 55.58 -16.67
C VAL H 138 33.27 54.38 -17.62
N THR H 139 34.43 53.97 -18.09
CA THR H 139 34.43 52.81 -18.94
C THR H 139 33.91 51.52 -18.22
N ARG H 140 34.38 51.29 -17.00
CA ARG H 140 33.83 50.29 -16.08
C ARG H 140 32.30 50.37 -15.93
N ILE H 141 31.80 51.57 -15.66
CA ILE H 141 30.39 51.78 -15.49
C ILE H 141 29.57 51.38 -16.71
N ARG H 142 30.05 51.81 -17.88
CA ARG H 142 29.48 51.50 -19.19
C ARG H 142 29.43 49.97 -19.41
N ALA H 143 30.52 49.29 -19.04
CA ALA H 143 30.72 47.86 -19.13
C ALA H 143 29.66 47.10 -18.44
N ALA H 144 29.43 47.49 -17.21
CA ALA H 144 28.38 47.00 -16.35
C ALA H 144 26.91 47.32 -16.80
N VAL H 145 26.64 48.55 -17.18
CA VAL H 145 25.32 48.90 -17.73
C VAL H 145 25.04 48.20 -19.08
N GLN H 146 26.07 47.94 -19.90
CA GLN H 146 25.83 47.26 -21.21
C GLN H 146 25.68 45.78 -21.11
N ALA H 147 26.40 45.21 -20.15
CA ALA H 147 26.39 43.77 -19.95
C ALA H 147 25.05 43.25 -19.43
N ARG H 148 24.38 44.06 -18.57
CA ARG H 148 23.05 43.74 -18.03
C ARG H 148 21.92 44.04 -19.01
N GLN H 149 22.08 45.04 -19.85
CA GLN H 149 21.03 45.33 -20.83
C GLN H 149 21.05 44.25 -21.92
N ARG H 150 22.24 43.70 -22.16
CA ARG H 150 22.46 42.65 -23.17
C ARG H 150 21.78 41.34 -22.70
N ILE H 151 21.87 41.04 -21.41
CA ILE H 151 21.28 39.81 -20.84
C ILE H 151 19.84 40.04 -20.26
N GLY H 152 19.38 41.28 -20.21
CA GLY H 152 18.03 41.62 -19.74
C GLY H 152 17.90 41.71 -18.23
N SER H 153 19.02 41.92 -17.52
CA SER H 153 19.04 41.99 -16.06
C SER H 153 18.67 43.37 -15.45
N ASP H 154 17.80 43.33 -14.44
CA ASP H 154 17.41 44.50 -13.69
C ASP H 154 18.37 44.81 -12.58
N ILE H 155 19.49 44.09 -12.51
CA ILE H 155 20.47 44.28 -11.43
C ILE H 155 20.83 45.76 -11.38
N VAL H 156 20.79 46.31 -10.19
CA VAL H 156 21.10 47.73 -9.91
C VAL H 156 22.60 48.07 -9.85
N VAL H 157 23.03 48.98 -10.71
CA VAL H 157 24.44 49.43 -10.80
C VAL H 157 24.71 50.68 -9.94
N ILE H 158 25.47 50.48 -8.86
CA ILE H 158 25.81 51.50 -7.93
C ILE H 158 27.20 52.01 -8.26
N ALA H 159 27.32 53.31 -8.50
CA ALA H 159 28.62 53.98 -8.74
C ALA H 159 29.31 54.55 -7.49
N ARG H 160 30.42 53.93 -7.09
CA ARG H 160 31.18 54.36 -5.89
C ARG H 160 32.44 55.12 -6.30
N THR H 161 32.81 56.10 -5.48
CA THR H 161 34.06 56.80 -5.69
C THR H 161 34.85 56.95 -4.36
N ASP H 162 36.14 56.59 -4.43
CA ASP H 162 37.06 56.76 -3.31
C ASP H 162 38.03 57.95 -3.53
N SER H 163 37.56 58.96 -4.26
CA SER H 163 38.35 60.14 -4.63
C SER H 163 38.33 61.32 -3.65
N LEU H 164 37.56 61.22 -2.59
CA LEU H 164 37.35 62.42 -1.78
C LEU H 164 38.63 63.08 -1.24
N GLN H 165 39.54 62.27 -0.71
CA GLN H 165 40.77 62.74 -0.07
C GLN H 165 41.86 63.03 -1.05
N THR H 166 41.78 62.37 -2.20
CA THR H 166 42.84 62.41 -3.21
C THR H 166 42.59 63.50 -4.29
N HIS H 167 41.32 63.72 -4.63
CA HIS H 167 40.92 64.80 -5.54
C HIS H 167 39.99 65.85 -4.90
N GLY H 168 39.55 65.69 -3.67
CA GLY H 168 38.65 66.70 -3.11
C GLY H 168 37.20 66.55 -3.54
N TYR H 169 36.31 67.21 -2.82
CA TYR H 169 34.86 67.11 -3.01
C TYR H 169 34.23 67.42 -4.41
N GLU H 170 34.60 68.55 -5.02
CA GLU H 170 34.02 68.88 -6.33
C GLU H 170 34.37 67.85 -7.44
N GLU H 171 35.54 67.24 -7.37
CA GLU H 171 35.95 66.22 -8.36
C GLU H 171 35.34 64.82 -8.07
N SER H 172 35.23 64.42 -6.81
CA SER H 172 34.38 63.33 -6.43
C SER H 172 32.99 63.43 -7.07
N VAL H 173 32.33 64.57 -6.90
CA VAL H 173 30.99 64.74 -7.44
C VAL H 173 30.92 64.69 -8.96
N ALA H 174 31.91 65.28 -9.63
CA ALA H 174 32.10 65.25 -11.11
C ALA H 174 32.20 63.84 -11.62
N ARG H 175 33.00 63.03 -10.94
CA ARG H 175 33.08 61.56 -11.13
C ARG H 175 31.74 60.85 -11.09
N LEU H 176 30.96 61.17 -10.06
CA LEU H 176 29.60 60.63 -9.86
C LEU H 176 28.59 61.05 -10.98
N ARG H 177 28.64 62.30 -11.44
CA ARG H 177 27.83 62.72 -12.60
C ARG H 177 28.20 61.88 -13.82
N ALA H 178 29.49 61.70 -14.06
CA ALA H 178 29.95 61.00 -15.30
C ALA H 178 29.43 59.57 -15.26
N ALA H 179 29.36 59.01 -14.05
CA ALA H 179 28.85 57.67 -13.82
C ALA H 179 27.35 57.63 -14.04
N ARG H 180 26.65 58.64 -13.52
CA ARG H 180 25.20 58.82 -13.69
C ARG H 180 24.87 58.93 -15.14
N ASP H 181 25.72 59.66 -15.87
CA ASP H 181 25.52 59.94 -17.27
C ASP H 181 25.76 58.69 -18.09
N ALA H 182 26.49 57.69 -17.55
CA ALA H 182 26.79 56.46 -18.30
C ALA H 182 25.81 55.32 -17.97
N GLY H 183 24.82 55.65 -17.13
CA GLY H 183 23.71 54.77 -16.74
C GLY H 183 23.75 54.11 -15.36
N ALA H 184 24.61 54.54 -14.44
CA ALA H 184 24.55 53.90 -13.12
C ALA H 184 23.28 54.34 -12.45
N ASP H 185 22.70 53.46 -11.61
CA ASP H 185 21.43 53.69 -10.95
C ASP H 185 21.48 54.41 -9.62
N VAL H 186 22.58 54.26 -8.88
CA VAL H 186 22.77 54.82 -7.54
C VAL H 186 24.19 55.37 -7.43
N GLY H 187 24.37 56.46 -6.70
CA GLY H 187 25.71 57.03 -6.36
C GLY H 187 26.14 56.70 -4.93
N PHE H 188 27.45 56.79 -4.64
CA PHE H 188 28.01 56.29 -3.39
C PHE H 188 29.33 57.08 -3.24
N LEU H 189 29.31 58.16 -2.47
CA LEU H 189 30.54 58.91 -2.19
C LEU H 189 31.09 58.26 -0.92
N GLU H 190 32.21 57.57 -1.02
CA GLU H 190 32.79 56.87 0.12
C GLU H 190 33.54 57.81 1.08
N GLY H 191 33.43 57.55 2.37
CA GLY H 191 34.13 58.29 3.41
C GLY H 191 33.75 59.72 3.66
N ILE H 192 32.49 60.10 3.41
CA ILE H 192 31.98 61.43 3.76
C ILE H 192 32.52 61.89 5.15
N THR H 193 32.94 63.15 5.28
CA THR H 193 33.74 63.58 6.44
C THR H 193 33.00 64.48 7.46
N SER H 194 31.81 64.93 7.04
CA SER H 194 30.93 65.78 7.80
C SER H 194 29.46 65.53 7.42
N ARG H 195 28.55 65.83 8.33
CA ARG H 195 27.14 65.99 8.04
C ARG H 195 26.81 66.96 6.95
N GLU H 196 27.50 68.08 6.91
CA GLU H 196 27.41 69.09 5.82
C GLU H 196 27.62 68.55 4.41
N MET H 197 28.70 67.83 4.22
CA MET H 197 28.97 67.22 2.95
C MET H 197 27.88 66.20 2.66
N ALA H 198 27.54 65.35 3.62
CA ALA H 198 26.43 64.39 3.37
C ALA H 198 25.13 65.05 2.93
N ARG H 199 24.75 66.16 3.53
CA ARG H 199 23.60 66.95 3.13
C ARG H 199 23.78 67.53 1.74
N GLN H 200 25.01 67.90 1.43
CA GLN H 200 25.41 68.53 0.13
C GLN H 200 25.48 67.63 -1.10
N VAL H 201 25.96 66.41 -0.97
CA VAL H 201 25.99 65.54 -2.17
C VAL H 201 24.59 65.22 -2.70
N ILE H 202 23.65 65.15 -1.79
CA ILE H 202 22.34 64.72 -2.13
C ILE H 202 21.82 65.82 -3.00
N GLN H 203 22.09 67.05 -2.54
CA GLN H 203 21.69 68.26 -3.22
C GLN H 203 22.38 68.44 -4.54
N ASP H 204 23.66 68.08 -4.65
CA ASP H 204 24.44 68.25 -5.89
C ASP H 204 24.15 67.17 -6.93
N LEU H 205 23.52 66.06 -6.49
CA LEU H 205 23.06 64.98 -7.32
C LEU H 205 21.54 64.76 -7.13
N ALA H 206 20.80 65.88 -7.01
CA ALA H 206 19.35 65.84 -6.83
C ALA H 206 18.66 64.95 -7.83
N GLY H 207 17.82 64.04 -7.33
CA GLY H 207 16.96 63.24 -8.17
C GLY H 207 17.59 61.94 -8.59
N TRP H 208 18.89 61.81 -8.31
CA TRP H 208 19.61 60.55 -8.44
C TRP H 208 19.85 59.99 -7.03
N PRO H 209 19.50 58.69 -6.81
CA PRO H 209 19.60 58.06 -5.49
C PRO H 209 21.02 57.82 -5.02
N LEU H 210 21.28 58.14 -3.76
CA LEU H 210 22.56 57.92 -3.17
C LEU H 210 22.46 57.00 -1.96
N LEU H 211 23.60 56.35 -1.70
CA LEU H 211 23.74 55.37 -0.66
C LEU H 211 24.75 55.91 0.33
N LEU H 212 24.48 55.73 1.60
CA LEU H 212 25.36 56.14 2.71
C LEU H 212 26.03 54.93 3.39
N ASN H 213 27.33 54.87 3.35
CA ASN H 213 28.07 53.78 4.01
C ASN H 213 28.44 54.13 5.46
N MET H 214 27.69 53.54 6.40
CA MET H 214 27.87 53.86 7.84
C MET H 214 28.63 52.79 8.65
N VAL H 215 29.97 52.83 8.54
CA VAL H 215 30.87 52.14 9.47
C VAL H 215 31.32 53.16 10.51
N GLU H 216 30.92 52.96 11.75
CA GLU H 216 31.21 53.93 12.83
C GLU H 216 32.73 54.04 13.12
N HIS H 217 33.16 55.11 13.79
CA HIS H 217 34.54 55.26 14.25
C HIS H 217 35.57 55.43 13.13
N GLY H 218 35.11 55.53 11.88
CA GLY H 218 35.98 55.88 10.75
C GLY H 218 35.94 57.39 10.43
N ALA H 219 36.06 57.75 9.14
CA ALA H 219 35.91 59.15 8.66
C ALA H 219 34.55 59.85 8.86
N THR H 220 33.46 59.09 8.79
CA THR H 220 32.10 59.62 8.76
C THR H 220 31.55 59.66 10.17
N PRO H 221 30.99 60.83 10.59
CA PRO H 221 30.39 60.88 11.90
C PRO H 221 29.23 59.85 11.95
N SER H 222 28.76 59.54 13.15
CA SER H 222 27.68 58.55 13.35
C SER H 222 26.34 59.09 12.95
N ILE H 223 25.87 58.59 11.81
CA ILE H 223 24.59 58.95 11.21
C ILE H 223 23.65 57.74 11.28
N SER H 224 22.53 57.88 11.96
CA SER H 224 21.56 56.81 12.13
C SER H 224 20.67 56.74 10.92
N ALA H 225 19.88 55.70 10.77
CA ALA H 225 19.02 55.52 9.60
C ALA H 225 18.04 56.62 9.38
N ALA H 226 17.50 57.15 10.47
CA ALA H 226 16.54 58.20 10.44
C ALA H 226 17.13 59.53 10.02
N GLU H 227 18.35 59.85 10.46
CA GLU H 227 19.06 61.04 9.98
C GLU H 227 19.45 60.88 8.50
N ALA H 228 19.95 59.71 8.13
CA ALA H 228 20.28 59.48 6.72
C ALA H 228 19.07 59.72 5.80
N LYS H 229 17.86 59.40 6.24
CA LYS H 229 16.66 59.45 5.43
C LYS H 229 16.14 60.87 5.31
N GLU H 230 16.12 61.60 6.44
CA GLU H 230 16.01 63.07 6.46
C GLU H 230 16.99 63.76 5.52
N MET H 231 18.28 63.46 5.52
CA MET H 231 19.18 64.04 4.52
C MET H 231 18.76 63.77 3.08
N GLY H 232 18.11 62.62 2.82
CA GLY H 232 17.69 62.29 1.43
C GLY H 232 18.36 61.09 0.82
N PHE H 233 19.15 60.35 1.61
CA PHE H 233 19.78 59.14 1.06
C PHE H 233 18.66 58.12 0.78
N ARG H 234 18.89 57.17 -0.12
CA ARG H 234 17.84 56.18 -0.47
C ARG H 234 18.19 54.82 0.04
N ILE H 235 19.46 54.66 0.37
CA ILE H 235 19.99 53.46 1.00
C ILE H 235 20.99 53.84 2.05
N ILE H 236 20.91 53.18 3.20
CA ILE H 236 21.96 53.21 4.22
C ILE H 236 22.41 51.74 4.47
N ILE H 237 23.75 51.49 4.47
CA ILE H 237 24.35 50.19 4.79
C ILE H 237 25.19 50.35 6.06
N PHE H 238 25.17 49.32 6.91
CA PHE H 238 25.97 49.21 8.11
C PHE H 238 26.91 47.94 8.00
N PRO H 239 28.04 48.01 7.20
CA PRO H 239 28.94 46.85 6.88
C PRO H 239 29.34 45.95 8.08
N PHE H 240 29.39 46.51 9.28
CA PHE H 240 29.96 45.92 10.51
C PHE H 240 28.92 45.64 11.61
N ALA H 241 27.65 45.75 11.25
CA ALA H 241 26.58 45.50 12.14
C ALA H 241 26.62 44.08 12.71
N ALA H 242 27.38 43.18 12.10
CA ALA H 242 27.37 41.80 12.52
C ALA H 242 28.76 41.34 12.95
N LEU H 243 29.78 41.70 12.15
CA LEU H 243 31.20 41.44 12.40
C LEU H 243 31.77 41.95 13.72
N GLY H 244 31.36 43.18 14.09
CA GLY H 244 31.85 43.80 15.33
C GLY H 244 31.39 43.03 16.56
N PRO H 245 30.07 42.86 16.71
CA PRO H 245 29.42 41.98 17.69
C PRO H 245 29.93 40.53 17.75
N ALA H 246 30.14 39.90 16.60
CA ALA H 246 30.58 38.52 16.54
C ALA H 246 31.96 38.45 17.12
N VAL H 247 32.86 39.33 16.66
CA VAL H 247 34.25 39.41 17.21
C VAL H 247 34.35 39.66 18.74
N ALA H 248 33.66 40.69 19.25
CA ALA H 248 33.69 40.94 20.70
C ALA H 248 33.29 39.70 21.51
N ALA H 249 32.21 39.04 21.10
CA ALA H 249 31.61 37.86 21.77
C ALA H 249 32.45 36.60 21.70
N MET H 250 33.03 36.31 20.53
CA MET H 250 33.92 35.13 20.38
C MET H 250 35.26 35.27 21.10
N ARG H 251 35.72 36.51 21.28
CA ARG H 251 36.91 36.90 22.05
C ARG H 251 36.72 36.72 23.55
N GLU H 252 35.66 37.31 24.10
CA GLU H 252 35.19 37.02 25.44
C GLU H 252 34.93 35.58 25.69
N ALA H 253 34.37 34.84 24.74
CA ALA H 253 34.06 33.42 24.94
C ALA H 253 35.25 32.50 24.84
N MET H 254 36.24 32.84 24.02
CA MET H 254 37.49 32.09 23.97
C MET H 254 38.40 32.33 25.20
N GLU H 255 38.28 33.51 25.81
CA GLU H 255 39.01 33.83 27.00
C GLU H 255 38.44 33.15 28.22
N LYS H 256 37.13 33.11 28.29
CA LYS H 256 36.43 32.31 29.27
C LYS H 256 36.88 30.83 29.20
N LEU H 257 36.81 30.23 28.02
CA LEU H 257 37.28 28.90 27.79
C LEU H 257 38.76 28.66 28.17
N LYS H 258 39.66 29.60 27.88
CA LYS H 258 41.10 29.46 28.22
C LYS H 258 41.28 29.39 29.77
N ARG H 259 40.51 30.19 30.53
CA ARG H 259 40.63 30.18 32.01
C ARG H 259 39.97 28.97 32.70
N ASP H 260 38.69 28.73 32.40
CA ASP H 260 37.89 27.66 33.02
C ASP H 260 38.08 26.30 32.36
N GLY H 261 38.42 26.26 31.10
CA GLY H 261 38.62 24.95 30.50
C GLY H 261 37.30 24.32 30.08
N ILE H 262 36.21 25.08 30.17
CA ILE H 262 34.90 24.68 29.69
C ILE H 262 34.20 25.94 29.18
N PRO H 263 33.51 25.86 28.03
CA PRO H 263 32.86 27.07 27.50
C PRO H 263 31.89 27.81 28.41
N GLY H 264 31.23 27.10 29.35
CA GLY H 264 30.13 27.66 30.14
C GLY H 264 29.10 28.42 29.32
N LEU H 265 28.56 27.80 28.28
CA LEU H 265 27.55 28.42 27.41
C LEU H 265 26.17 28.28 28.05
N ASP H 266 25.27 29.21 27.75
CA ASP H 266 23.91 29.19 28.29
C ASP H 266 23.18 27.96 27.77
N LYS H 267 22.36 27.35 28.63
CA LYS H 267 21.56 26.16 28.33
C LYS H 267 20.84 26.28 26.96
N GLU H 268 20.99 27.44 26.35
CA GLU H 268 20.26 27.79 25.12
C GLU H 268 21.09 27.57 23.87
N MET H 269 22.42 27.62 24.03
CA MET H 269 23.34 27.52 22.91
C MET H 269 23.64 26.05 22.71
N THR H 270 22.81 25.39 21.91
CA THR H 270 22.98 23.99 21.55
C THR H 270 22.91 23.94 20.04
N PRO H 271 23.49 22.89 19.42
CA PRO H 271 23.44 22.75 18.00
C PRO H 271 22.02 22.85 17.46
N GLN H 272 21.05 22.15 18.06
CA GLN H 272 19.64 22.33 17.70
C GLN H 272 19.18 23.81 17.55
N MET H 273 19.52 24.68 18.48
CA MET H 273 19.34 26.13 18.36
C MET H 273 19.99 26.74 17.09
N LEU H 274 21.25 26.34 16.78
CA LEU H 274 21.97 26.80 15.56
C LEU H 274 21.25 26.39 14.29
N PHE H 275 20.95 25.08 14.17
CA PHE H 275 20.21 24.47 13.07
C PHE H 275 18.86 25.14 12.92
N ARG H 276 18.12 25.30 14.01
CA ARG H 276 16.89 26.10 13.97
C ARG H 276 17.12 27.47 13.31
N VAL H 277 18.18 28.20 13.76
CA VAL H 277 18.62 29.48 13.17
C VAL H 277 18.94 29.43 11.65
N CYS H 278 19.53 28.29 11.22
CA CYS H 278 19.91 28.04 9.83
C CYS H 278 18.86 27.31 9.01
N GLY H 279 17.62 27.38 9.48
CA GLY H 279 16.43 26.95 8.70
C GLY H 279 16.22 25.43 8.60
N LEU H 280 16.58 24.73 9.68
CA LEU H 280 16.38 23.28 9.81
C LEU H 280 14.96 22.86 9.43
N ASP H 281 13.97 23.53 10.01
CA ASP H 281 12.58 23.19 9.74
C ASP H 281 12.11 23.23 8.25
N GLU H 282 12.59 24.21 7.48
CA GLU H 282 12.35 24.30 6.01
C GLU H 282 13.15 23.21 5.25
N SER H 283 14.35 22.89 5.72
CA SER H 283 15.14 21.80 5.11
C SER H 283 14.44 20.45 5.28
N MET H 284 13.74 20.28 6.41
CA MET H 284 13.01 19.03 6.71
C MET H 284 11.66 18.96 5.96
N LYS H 285 11.02 20.11 5.74
CA LYS H 285 9.84 20.19 4.84
C LYS H 285 10.12 19.75 3.37
N VAL H 286 11.20 20.25 2.79
CA VAL H 286 11.70 19.87 1.47
C VAL H 286 12.01 18.33 1.38
N ASP H 287 12.69 17.82 2.39
CA ASP H 287 12.99 16.41 2.44
C ASP H 287 11.65 15.62 2.58
N ALA H 288 10.73 16.20 3.34
CA ALA H 288 9.42 15.61 3.57
C ALA H 288 8.60 15.58 2.29
N GLN H 289 8.46 16.70 1.57
CA GLN H 289 7.64 16.74 0.36
C GLN H 289 8.18 15.80 -0.71
N ALA H 290 9.50 15.66 -0.76
CA ALA H 290 10.19 14.81 -1.75
C ALA H 290 9.94 13.33 -1.46
N GLY H 291 9.45 13.07 -0.26
CA GLY H 291 9.00 11.75 0.10
C GLY H 291 10.20 11.05 0.63
N MET I 2 -27.70 12.87 9.68
CA MET I 2 -28.91 12.70 8.76
C MET I 2 -29.97 11.78 9.40
N VAL I 3 -30.65 12.32 10.41
CA VAL I 3 -31.76 11.66 11.16
C VAL I 3 -33.04 11.36 10.30
N THR I 4 -33.93 10.48 10.81
CA THR I 4 -35.18 10.16 10.10
C THR I 4 -36.35 10.40 11.06
N ALA I 5 -37.55 10.50 10.48
CA ALA I 5 -38.82 10.55 11.21
C ALA I 5 -39.24 9.16 11.72
N ALA I 6 -38.67 8.08 11.16
CA ALA I 6 -38.63 6.73 11.78
C ALA I 6 -38.08 6.70 13.23
N THR I 7 -36.99 7.44 13.47
CA THR I 7 -36.31 7.46 14.77
C THR I 7 -37.18 8.14 15.84
N SER I 8 -37.94 9.18 15.46
CA SER I 8 -38.82 9.83 16.41
C SER I 8 -40.11 8.99 16.65
N LEU I 9 -40.75 8.46 15.58
CA LEU I 9 -41.92 7.54 15.69
C LEU I 9 -41.63 6.26 16.45
N ARG I 10 -40.44 5.73 16.24
CA ARG I 10 -39.93 4.59 16.98
C ARG I 10 -39.76 4.88 18.47
N ARG I 11 -39.24 6.04 18.82
CA ARG I 11 -38.95 6.37 20.24
C ARG I 11 -40.20 6.77 20.99
N ALA I 12 -41.17 7.25 20.21
CA ALA I 12 -42.47 7.62 20.67
C ALA I 12 -43.27 6.33 20.97
N LEU I 13 -42.96 5.24 20.27
CA LEU I 13 -43.67 3.95 20.48
C LEU I 13 -43.02 3.14 21.60
N GLU I 14 -41.86 3.59 22.05
CA GLU I 14 -41.18 2.96 23.16
C GLU I 14 -41.64 3.56 24.51
N ASN I 15 -42.34 4.71 24.44
CA ASN I 15 -42.89 5.41 25.63
C ASN I 15 -44.42 5.22 25.66
N PRO I 16 -44.94 4.53 26.71
CA PRO I 16 -46.34 3.99 26.73
C PRO I 16 -47.46 5.06 26.66
N ASP I 17 -47.07 6.32 26.81
CA ASP I 17 -47.99 7.42 26.87
C ASP I 17 -48.31 8.04 25.51
N SER I 18 -47.35 8.06 24.59
CA SER I 18 -47.59 8.64 23.25
C SER I 18 -48.77 7.98 22.50
N PHE I 19 -49.41 8.76 21.66
CA PHE I 19 -50.49 8.23 20.86
C PHE I 19 -50.38 8.96 19.52
N ILE I 20 -50.34 8.17 18.45
CA ILE I 20 -50.13 8.69 17.10
C ILE I 20 -51.48 8.76 16.38
N VAL I 21 -51.91 9.98 16.00
CA VAL I 21 -53.13 10.18 15.13
C VAL I 21 -52.80 10.49 13.65
N ALA I 22 -53.26 9.65 12.73
CA ALA I 22 -52.81 9.86 11.35
C ALA I 22 -53.89 9.91 10.28
N PRO I 23 -54.16 11.08 9.73
CA PRO I 23 -55.13 11.11 8.61
C PRO I 23 -54.61 10.54 7.26
N GLY I 24 -55.56 10.01 6.48
CA GLY I 24 -55.23 9.44 5.18
C GLY I 24 -55.06 10.44 4.05
N VAL I 25 -54.03 10.20 3.24
CA VAL I 25 -53.47 11.18 2.33
C VAL I 25 -53.02 10.34 1.12
N TYR I 26 -53.19 10.84 -0.10
CA TYR I 26 -53.06 9.97 -1.29
C TYR I 26 -52.25 10.66 -2.38
N ASP I 27 -51.87 11.89 -2.08
CA ASP I 27 -51.14 12.70 -3.01
C ASP I 27 -50.58 13.92 -2.29
N GLY I 28 -49.90 14.79 -3.05
CA GLY I 28 -49.19 15.95 -2.49
C GLY I 28 -50.14 16.99 -1.93
N LEU I 29 -51.27 17.13 -2.61
CA LEU I 29 -52.31 18.08 -2.23
C LEU I 29 -52.94 17.77 -0.89
N SER I 30 -53.46 16.54 -0.76
CA SER I 30 -54.09 16.03 0.45
C SER I 30 -53.08 15.99 1.57
N ALA I 31 -51.82 15.67 1.23
CA ALA I 31 -50.68 15.71 2.16
C ALA I 31 -50.46 17.14 2.70
N ARG I 32 -50.30 18.12 1.81
CA ARG I 32 -50.14 19.57 2.14
C ARG I 32 -51.24 20.08 3.09
N VAL I 33 -52.47 19.71 2.81
CA VAL I 33 -53.63 20.26 3.54
C VAL I 33 -53.78 19.63 4.93
N ALA I 34 -53.56 18.31 5.02
CA ALA I 34 -53.60 17.57 6.31
C ALA I 34 -52.54 18.19 7.21
N LEU I 35 -51.36 18.36 6.62
CA LEU I 35 -50.20 18.93 7.26
C LEU I 35 -50.46 20.37 7.75
N SER I 36 -51.15 21.14 6.93
CA SER I 36 -51.59 22.47 7.29
C SER I 36 -52.54 22.46 8.44
N ALA I 37 -53.38 21.42 8.50
CA ALA I 37 -54.43 21.28 9.54
C ALA I 37 -53.89 20.95 10.95
N GLY I 38 -52.56 20.85 11.07
CA GLY I 38 -51.89 20.76 12.37
C GLY I 38 -51.62 19.35 12.83
N PHE I 39 -51.73 18.40 11.88
CA PHE I 39 -51.55 16.97 12.17
C PHE I 39 -50.07 16.61 12.33
N ASP I 40 -49.76 15.80 13.35
CA ASP I 40 -48.38 15.38 13.66
C ASP I 40 -48.01 14.00 13.10
N ALA I 41 -48.89 13.36 12.31
CA ALA I 41 -48.52 12.18 11.52
C ALA I 41 -49.38 12.11 10.25
N LEU I 42 -48.94 11.32 9.28
CA LEU I 42 -49.71 11.18 8.03
C LEU I 42 -49.82 9.70 7.65
N TYR I 43 -50.94 9.27 7.09
CA TYR I 43 -50.99 7.88 6.64
C TYR I 43 -51.21 7.90 5.12
N MET I 44 -50.26 7.37 4.37
CA MET I 44 -50.44 7.18 2.94
C MET I 44 -51.36 5.98 2.60
N THR I 45 -52.51 6.28 2.01
CA THR I 45 -53.45 5.24 1.61
C THR I 45 -53.13 4.67 0.24
N GLY I 46 -53.12 3.34 0.20
CA GLY I 46 -52.92 2.54 -0.98
C GLY I 46 -54.12 2.54 -1.90
N ALA I 47 -55.33 2.66 -1.36
CA ALA I 47 -56.59 2.75 -2.14
C ALA I 47 -56.72 4.10 -2.89
N GLY I 48 -56.30 5.17 -2.19
CA GLY I 48 -56.29 6.51 -2.74
C GLY I 48 -55.14 6.67 -3.70
N THR I 49 -54.02 6.01 -3.43
CA THR I 49 -52.95 6.03 -4.43
C THR I 49 -53.30 5.32 -5.78
N ALA I 50 -54.00 4.18 -5.78
CA ALA I 50 -54.47 3.62 -7.08
C ALA I 50 -55.47 4.61 -7.77
N ALA I 51 -56.29 5.29 -6.97
CA ALA I 51 -57.28 6.25 -7.44
C ALA I 51 -56.60 7.38 -8.20
N SER I 52 -55.68 8.11 -7.56
CA SER I 52 -54.94 9.28 -8.16
C SER I 52 -53.98 8.95 -9.26
N VAL I 53 -53.00 8.09 -8.97
CA VAL I 53 -51.97 7.74 -9.98
C VAL I 53 -52.46 6.86 -11.15
N HIS I 54 -53.42 6.00 -10.90
CA HIS I 54 -53.91 5.21 -12.01
C HIS I 54 -55.37 5.49 -12.42
N GLY I 55 -56.15 6.04 -11.52
CA GLY I 55 -57.58 6.21 -11.75
C GLY I 55 -58.31 4.88 -11.77
N GLN I 56 -57.82 3.93 -10.97
CA GLN I 56 -58.33 2.55 -10.99
C GLN I 56 -58.72 2.22 -9.58
N ALA I 57 -59.57 1.21 -9.45
CA ALA I 57 -59.99 0.64 -8.18
C ALA I 57 -58.76 -0.03 -7.56
N ASP I 58 -58.80 -0.28 -6.25
CA ASP I 58 -57.70 -0.94 -5.51
C ASP I 58 -57.61 -2.48 -5.80
N LEU I 59 -56.96 -2.88 -6.91
CA LEU I 59 -56.89 -4.29 -7.40
C LEU I 59 -55.47 -4.88 -7.65
N GLY I 60 -54.49 -4.40 -6.88
CA GLY I 60 -53.09 -4.74 -7.08
C GLY I 60 -52.55 -4.21 -8.40
N ILE I 61 -52.92 -2.96 -8.70
CA ILE I 61 -52.62 -2.27 -9.95
C ILE I 61 -51.32 -1.49 -9.71
N CYS I 62 -51.18 -0.93 -8.50
CA CYS I 62 -49.94 -0.26 -8.13
C CYS I 62 -48.78 -1.18 -8.03
N THR I 63 -47.65 -0.63 -8.42
CA THR I 63 -46.41 -1.39 -8.55
C THR I 63 -45.45 -0.84 -7.45
N LEU I 64 -44.35 -1.52 -7.14
CA LEU I 64 -43.38 -0.93 -6.17
C LEU I 64 -42.95 0.53 -6.57
N ASN I 65 -42.61 0.71 -7.87
CA ASN I 65 -42.40 2.05 -8.47
C ASN I 65 -43.38 3.13 -8.11
N ASP I 66 -44.68 2.80 -8.22
CA ASP I 66 -45.77 3.74 -7.99
C ASP I 66 -45.99 4.05 -6.52
N MET I 67 -45.90 3.01 -5.68
CA MET I 67 -46.19 3.18 -4.26
C MET I 67 -45.04 3.98 -3.60
N ARG I 68 -43.80 3.60 -3.89
CA ARG I 68 -42.59 4.25 -3.34
C ARG I 68 -42.45 5.71 -3.76
N ALA I 69 -42.67 5.98 -5.05
CA ALA I 69 -42.57 7.33 -5.55
C ALA I 69 -43.52 8.21 -4.78
N ASN I 70 -44.74 7.74 -4.60
CA ASN I 70 -45.73 8.45 -3.81
C ASN I 70 -45.37 8.64 -2.33
N ALA I 71 -44.96 7.59 -1.65
CA ALA I 71 -44.55 7.70 -0.26
C ALA I 71 -43.33 8.59 -0.07
N GLU I 72 -42.39 8.56 -1.03
CA GLU I 72 -41.19 9.39 -0.89
C GLU I 72 -41.62 10.83 -0.93
N MET I 73 -42.42 11.20 -1.94
CA MET I 73 -42.82 12.60 -2.08
C MET I 73 -43.65 13.16 -0.94
N ILE I 74 -44.50 12.27 -0.37
CA ILE I 74 -45.39 12.64 0.73
C ILE I 74 -44.56 12.79 2.02
N SER I 75 -43.53 11.95 2.16
CA SER I 75 -42.70 11.89 3.38
C SER I 75 -41.76 13.09 3.44
N ASN I 76 -41.49 13.61 2.26
CA ASN I 76 -40.53 14.71 2.16
C ASN I 76 -41.15 16.09 1.97
N ILE I 77 -42.48 16.16 2.14
CA ILE I 77 -43.18 17.45 2.19
C ILE I 77 -42.90 18.09 3.55
N SER I 78 -43.06 17.28 4.61
CA SER I 78 -42.52 17.62 5.93
C SER I 78 -41.64 16.50 6.47
N PRO I 79 -40.29 16.60 6.33
CA PRO I 79 -39.31 15.55 6.67
C PRO I 79 -39.30 15.10 8.14
N SER I 80 -39.92 15.90 9.02
CA SER I 80 -39.90 15.63 10.46
C SER I 80 -41.25 15.10 11.00
N THR I 81 -42.30 15.19 10.18
CA THR I 81 -43.59 14.46 10.35
C THR I 81 -43.53 12.97 9.93
N PRO I 82 -43.88 12.05 10.85
CA PRO I 82 -43.92 10.64 10.46
C PRO I 82 -45.02 10.30 9.44
N VAL I 83 -44.72 9.44 8.46
CA VAL I 83 -45.69 9.04 7.45
C VAL I 83 -45.68 7.53 7.48
N ILE I 84 -46.83 6.93 7.74
CA ILE I 84 -46.99 5.47 7.79
C ILE I 84 -47.58 5.13 6.46
N ALA I 85 -46.94 4.27 5.67
CA ALA I 85 -47.40 3.93 4.32
C ALA I 85 -47.77 2.48 3.99
N ASP I 86 -48.88 2.34 3.31
CA ASP I 86 -49.28 1.07 2.79
C ASP I 86 -48.14 0.54 1.91
N ALA I 87 -47.75 -0.74 2.12
CA ALA I 87 -46.84 -1.48 1.23
C ALA I 87 -47.49 -2.80 0.74
N ASP I 88 -48.82 -2.88 0.75
CA ASP I 88 -49.53 -4.14 0.40
C ASP I 88 -48.92 -5.41 1.01
N THR I 89 -48.43 -6.31 0.13
CA THR I 89 -47.81 -7.60 0.48
C THR I 89 -46.29 -7.60 0.13
N GLY I 90 -45.79 -6.42 -0.24
CA GLY I 90 -44.38 -6.23 -0.52
C GLY I 90 -43.94 -6.52 -1.95
N TYR I 91 -44.92 -6.60 -2.86
CA TYR I 91 -44.64 -6.60 -4.29
C TYR I 91 -43.82 -7.81 -4.72
N GLY I 92 -44.03 -8.96 -4.04
CA GLY I 92 -43.33 -10.22 -4.37
C GLY I 92 -42.87 -10.97 -3.12
N GLY I 93 -41.86 -11.83 -3.31
CA GLY I 93 -41.27 -12.62 -2.21
C GLY I 93 -40.19 -11.90 -1.38
N PRO I 94 -39.48 -12.63 -0.49
CA PRO I 94 -38.47 -11.97 0.36
C PRO I 94 -37.56 -10.97 -0.31
N ILE I 95 -37.00 -11.31 -1.50
CA ILE I 95 -36.20 -10.36 -2.29
C ILE I 95 -36.90 -9.02 -2.55
N MET I 96 -38.18 -9.05 -2.96
CA MET I 96 -38.97 -7.84 -3.13
C MET I 96 -39.37 -7.16 -1.86
N VAL I 97 -39.68 -7.93 -0.82
CA VAL I 97 -40.00 -7.33 0.47
C VAL I 97 -38.78 -6.58 1.01
N ALA I 98 -37.60 -7.10 0.70
CA ALA I 98 -36.34 -6.49 1.09
C ALA I 98 -36.11 -5.12 0.40
N ARG I 99 -36.40 -5.04 -0.92
CA ARG I 99 -36.16 -3.83 -1.74
C ARG I 99 -37.10 -2.73 -1.36
N THR I 100 -38.37 -3.11 -1.19
CA THR I 100 -39.44 -2.30 -0.56
C THR I 100 -39.03 -1.61 0.76
N THR I 101 -38.53 -2.40 1.72
CA THR I 101 -38.08 -1.93 3.04
C THR I 101 -36.89 -0.96 2.93
N GLU I 102 -35.90 -1.35 2.14
CA GLU I 102 -34.77 -0.51 1.74
C GLU I 102 -35.19 0.78 0.98
N GLN I 103 -36.00 0.66 -0.06
CA GLN I 103 -36.45 1.80 -0.81
C GLN I 103 -37.32 2.78 0.00
N TYR I 104 -38.25 2.25 0.79
CA TYR I 104 -39.06 3.03 1.77
C TYR I 104 -38.16 3.72 2.77
N SER I 105 -37.17 3.04 3.34
CA SER I 105 -36.19 3.69 4.23
C SER I 105 -35.43 4.88 3.66
N ARG I 106 -34.66 4.68 2.59
CA ARG I 106 -34.06 5.80 1.87
C ARG I 106 -35.05 6.99 1.53
N SER I 107 -36.33 6.69 1.24
CA SER I 107 -37.33 7.71 0.91
C SER I 107 -37.69 8.54 2.13
N GLY I 108 -37.32 8.12 3.34
CA GLY I 108 -37.73 8.86 4.56
C GLY I 108 -39.04 8.43 5.21
N VAL I 109 -39.64 7.33 4.72
CA VAL I 109 -40.91 6.76 5.28
C VAL I 109 -40.64 6.29 6.72
N ALA I 110 -41.55 6.63 7.64
CA ALA I 110 -41.35 6.36 9.08
C ALA I 110 -41.81 4.98 9.46
N ALA I 111 -42.69 4.41 8.64
CA ALA I 111 -43.38 3.18 8.94
C ALA I 111 -44.12 2.67 7.72
N PHE I 112 -44.32 1.38 7.64
CA PHE I 112 -45.10 0.86 6.54
C PHE I 112 -45.82 -0.32 7.11
N HIS I 113 -46.88 -0.78 6.45
CA HIS I 113 -47.51 -2.09 6.80
C HIS I 113 -47.47 -3.15 5.65
N ILE I 114 -47.09 -4.38 6.02
CA ILE I 114 -47.18 -5.58 5.19
C ILE I 114 -48.35 -6.48 5.67
N GLU I 115 -49.15 -6.97 4.73
CA GLU I 115 -50.32 -7.79 5.00
C GLU I 115 -50.09 -9.24 4.54
N ASP I 116 -51.02 -10.12 4.94
CA ASP I 116 -50.93 -11.56 4.65
C ASP I 116 -51.85 -12.06 3.55
N GLN I 117 -52.32 -11.19 2.67
CA GLN I 117 -53.14 -11.68 1.54
C GLN I 117 -52.27 -12.29 0.44
N VAL I 118 -52.94 -12.91 -0.52
CA VAL I 118 -52.31 -13.32 -1.75
C VAL I 118 -51.86 -12.04 -2.53
N GLN I 119 -50.84 -12.20 -3.37
CA GLN I 119 -50.32 -11.08 -4.14
C GLN I 119 -51.18 -10.85 -5.36
N THR I 120 -51.42 -11.91 -6.14
CA THR I 120 -52.13 -11.74 -7.40
C THR I 120 -53.45 -12.48 -7.57
N LYS I 129 -61.66 -12.41 -0.47
CA LYS I 129 -60.32 -12.23 0.10
C LYS I 129 -59.63 -13.59 0.10
N ILE I 130 -58.44 -13.65 -0.48
CA ILE I 130 -57.61 -14.87 -0.55
C ILE I 130 -56.29 -14.53 0.14
N LEU I 131 -55.85 -15.37 1.10
CA LEU I 131 -54.55 -15.10 1.78
C LEU I 131 -53.55 -16.27 1.80
N VAL I 132 -52.25 -15.96 1.95
CA VAL I 132 -51.18 -17.00 2.05
C VAL I 132 -51.18 -17.64 3.45
N ASP I 133 -50.52 -18.81 3.55
CA ASP I 133 -50.37 -19.55 4.83
C ASP I 133 -49.57 -18.72 5.85
N THR I 134 -49.58 -19.09 7.12
CA THR I 134 -48.91 -18.20 8.06
C THR I 134 -47.38 -18.15 7.94
N ASP I 135 -46.73 -19.22 7.46
CA ASP I 135 -45.28 -19.18 7.22
C ASP I 135 -44.93 -18.14 6.20
N THR I 136 -45.66 -18.17 5.08
CA THR I 136 -45.36 -17.35 3.92
C THR I 136 -45.43 -15.91 4.31
N TYR I 137 -46.46 -15.57 5.11
CA TYR I 137 -46.58 -14.23 5.69
C TYR I 137 -45.51 -13.90 6.75
N VAL I 138 -45.15 -14.83 7.64
CA VAL I 138 -44.08 -14.60 8.65
C VAL I 138 -42.71 -14.47 7.95
N THR I 139 -42.61 -15.11 6.77
CA THR I 139 -41.52 -14.89 5.82
C THR I 139 -41.46 -13.43 5.32
N ARG I 140 -42.57 -12.89 4.81
CA ARG I 140 -42.68 -11.49 4.47
C ARG I 140 -42.21 -10.54 5.58
N ILE I 141 -42.58 -10.82 6.83
CA ILE I 141 -42.26 -9.87 7.92
C ILE I 141 -40.83 -10.01 8.49
N ARG I 142 -40.29 -11.22 8.37
CA ARG I 142 -38.89 -11.45 8.68
C ARG I 142 -37.93 -10.77 7.65
N ALA I 143 -38.20 -10.93 6.33
CA ALA I 143 -37.52 -10.21 5.23
C ALA I 143 -37.45 -8.68 5.40
N ALA I 144 -38.61 -8.07 5.70
CA ALA I 144 -38.69 -6.63 6.07
C ALA I 144 -37.80 -6.29 7.30
N VAL I 145 -37.98 -6.99 8.42
CA VAL I 145 -37.19 -6.83 9.67
C VAL I 145 -35.67 -7.01 9.52
N GLN I 146 -35.24 -8.02 8.78
CA GLN I 146 -33.81 -8.21 8.57
C GLN I 146 -33.25 -7.19 7.57
N ALA I 147 -34.08 -6.80 6.59
CA ALA I 147 -33.68 -5.86 5.56
C ALA I 147 -33.28 -4.53 6.19
N ARG I 148 -34.08 -4.11 7.19
CA ARG I 148 -33.97 -2.81 7.84
C ARG I 148 -32.78 -2.86 8.78
N GLN I 149 -32.61 -4.00 9.46
CA GLN I 149 -31.51 -4.19 10.39
C GLN I 149 -30.16 -4.19 9.69
N ARG I 150 -30.17 -4.63 8.44
CA ARG I 150 -28.98 -4.77 7.60
C ARG I 150 -28.51 -3.40 7.15
N ILE I 151 -29.42 -2.44 7.02
CA ILE I 151 -29.06 -1.07 6.57
C ILE I 151 -29.00 -0.02 7.69
N GLY I 152 -29.28 -0.45 8.93
CA GLY I 152 -29.26 0.43 10.10
C GLY I 152 -30.45 1.36 10.15
N SER I 153 -31.56 0.95 9.54
CA SER I 153 -32.73 1.79 9.40
C SER I 153 -33.69 1.56 10.56
N ASP I 154 -34.23 2.67 11.08
CA ASP I 154 -35.18 2.67 12.18
C ASP I 154 -36.63 2.40 11.73
N ILE I 155 -36.86 2.21 10.43
CA ILE I 155 -38.23 2.11 9.88
C ILE I 155 -39.13 1.20 10.75
N VAL I 156 -40.35 1.66 11.07
CA VAL I 156 -41.23 0.93 11.96
C VAL I 156 -41.95 -0.10 11.08
N VAL I 157 -41.81 -1.39 11.38
CA VAL I 157 -42.45 -2.45 10.57
C VAL I 157 -43.83 -2.82 11.16
N ILE I 158 -44.89 -2.51 10.42
CA ILE I 158 -46.23 -2.83 10.87
C ILE I 158 -46.63 -4.15 10.22
N ALA I 159 -47.05 -5.08 11.07
CA ALA I 159 -47.59 -6.38 10.64
C ALA I 159 -49.13 -6.28 10.61
N ARG I 160 -49.69 -6.44 9.42
CA ARG I 160 -51.12 -6.39 9.25
C ARG I 160 -51.62 -7.78 8.89
N THR I 161 -52.77 -8.15 9.44
CA THR I 161 -53.46 -9.42 9.11
C THR I 161 -54.94 -9.14 8.68
N ASP I 162 -55.31 -9.73 7.55
CA ASP I 162 -56.67 -9.70 6.97
C ASP I 162 -57.45 -11.03 7.21
N SER I 163 -56.99 -11.82 8.19
CA SER I 163 -57.42 -13.22 8.37
C SER I 163 -58.71 -13.37 9.14
N LEU I 164 -59.11 -12.34 9.88
CA LEU I 164 -60.41 -12.28 10.60
C LEU I 164 -61.63 -12.68 9.75
N GLN I 165 -61.78 -12.05 8.59
CA GLN I 165 -62.80 -12.41 7.60
C GLN I 165 -62.75 -13.89 7.18
N THR I 166 -61.58 -14.47 7.00
CA THR I 166 -61.54 -15.87 6.55
C THR I 166 -61.39 -16.94 7.68
N HIS I 167 -60.40 -16.77 8.55
CA HIS I 167 -59.99 -17.79 9.54
C HIS I 167 -60.40 -17.48 11.00
N GLY I 168 -61.29 -16.50 11.18
CA GLY I 168 -61.76 -16.16 12.54
C GLY I 168 -60.73 -15.42 13.39
N TYR I 169 -61.19 -14.90 14.54
CA TYR I 169 -60.39 -14.12 15.50
C TYR I 169 -59.15 -14.83 16.02
N GLU I 170 -59.29 -16.11 16.43
CA GLU I 170 -58.15 -16.93 16.91
C GLU I 170 -56.98 -17.03 15.94
N GLU I 171 -57.26 -17.32 14.67
CA GLU I 171 -56.21 -17.33 13.66
C GLU I 171 -55.47 -15.98 13.65
N SER I 172 -56.23 -14.89 13.46
CA SER I 172 -55.79 -13.48 13.57
C SER I 172 -54.72 -13.21 14.62
N VAL I 173 -55.04 -13.55 15.87
CA VAL I 173 -54.10 -13.36 16.99
C VAL I 173 -52.89 -14.36 16.96
N ALA I 174 -53.10 -15.56 16.43
CA ALA I 174 -51.96 -16.41 16.12
C ALA I 174 -50.97 -15.69 15.20
N ARG I 175 -51.44 -15.24 14.02
CA ARG I 175 -50.58 -14.63 12.95
C ARG I 175 -49.86 -13.40 13.43
N LEU I 176 -50.51 -12.67 14.36
CA LEU I 176 -49.96 -11.43 14.95
C LEU I 176 -48.95 -11.75 16.04
N ARG I 177 -49.24 -12.69 16.92
CA ARG I 177 -48.22 -13.16 17.85
C ARG I 177 -46.99 -13.65 17.06
N ALA I 178 -47.22 -14.46 16.02
CA ALA I 178 -46.15 -15.00 15.19
C ALA I 178 -45.36 -13.89 14.43
N ALA I 179 -46.03 -12.79 14.09
CA ALA I 179 -45.39 -11.62 13.51
C ALA I 179 -44.68 -10.77 14.56
N ARG I 180 -45.21 -10.71 15.78
CA ARG I 180 -44.55 -10.06 16.93
C ARG I 180 -43.21 -10.77 17.22
N ASP I 181 -43.27 -12.11 17.21
CA ASP I 181 -42.08 -12.93 17.38
C ASP I 181 -41.04 -12.79 16.25
N ALA I 182 -41.46 -12.54 15.01
CA ALA I 182 -40.53 -12.38 13.88
C ALA I 182 -39.91 -10.98 13.76
N GLY I 183 -40.38 -10.07 14.62
CA GLY I 183 -39.73 -8.79 14.82
C GLY I 183 -40.50 -7.54 14.44
N ALA I 184 -41.81 -7.66 14.20
CA ALA I 184 -42.63 -6.52 13.76
C ALA I 184 -42.91 -5.61 14.96
N ASP I 185 -43.04 -4.31 14.71
CA ASP I 185 -43.06 -3.35 15.83
C ASP I 185 -44.45 -2.95 16.24
N VAL I 186 -45.41 -3.08 15.31
CA VAL I 186 -46.82 -2.75 15.54
C VAL I 186 -47.71 -3.88 15.03
N GLY I 187 -48.80 -4.20 15.73
CA GLY I 187 -49.82 -5.11 15.18
C GLY I 187 -51.00 -4.41 14.53
N PHE I 188 -51.60 -5.01 13.51
CA PHE I 188 -52.67 -4.34 12.77
C PHE I 188 -53.77 -5.36 12.33
N LEU I 189 -54.78 -5.51 13.19
CA LEU I 189 -55.93 -6.35 12.89
C LEU I 189 -56.91 -5.54 12.02
N GLU I 190 -57.10 -6.02 10.77
CA GLU I 190 -58.08 -5.46 9.82
C GLU I 190 -59.50 -6.00 10.00
N GLY I 191 -60.41 -5.04 10.19
CA GLY I 191 -61.83 -5.26 10.19
C GLY I 191 -62.35 -5.61 11.55
N ILE I 192 -61.69 -5.08 12.59
CA ILE I 192 -62.10 -5.21 13.98
C ILE I 192 -63.60 -5.04 14.04
N THR I 193 -64.27 -6.02 14.59
CA THR I 193 -65.71 -6.16 14.39
C THR I 193 -66.64 -5.51 15.46
N SER I 194 -66.08 -5.11 16.60
CA SER I 194 -66.81 -4.56 17.75
C SER I 194 -65.82 -3.83 18.71
N ARG I 195 -66.30 -3.14 19.76
CA ARG I 195 -65.34 -2.60 20.78
C ARG I 195 -64.82 -3.60 21.82
N GLU I 196 -65.54 -4.71 21.99
CA GLU I 196 -65.17 -5.79 22.89
C GLU I 196 -64.02 -6.58 22.26
N MET I 197 -64.02 -6.64 20.93
CA MET I 197 -62.91 -7.17 20.15
C MET I 197 -61.67 -6.29 20.30
N ALA I 198 -61.82 -4.99 20.01
CA ALA I 198 -60.76 -3.99 20.17
C ALA I 198 -60.18 -3.97 21.60
N ARG I 199 -61.02 -4.20 22.60
CA ARG I 199 -60.53 -4.23 24.00
C ARG I 199 -59.74 -5.53 24.31
N GLN I 200 -59.98 -6.54 23.47
CA GLN I 200 -59.61 -7.92 23.75
C GLN I 200 -58.32 -8.28 23.03
N VAL I 201 -58.19 -7.84 21.76
CA VAL I 201 -56.95 -7.99 20.96
C VAL I 201 -55.85 -7.19 21.57
N ILE I 202 -56.22 -6.17 22.33
CA ILE I 202 -55.25 -5.31 23.03
C ILE I 202 -54.67 -5.96 24.30
N GLN I 203 -55.48 -6.77 24.99
CA GLN I 203 -55.03 -7.51 26.14
C GLN I 203 -54.45 -8.84 25.69
N ASP I 204 -55.05 -9.45 24.66
CA ASP I 204 -54.46 -10.63 23.98
C ASP I 204 -53.01 -10.37 23.50
N LEU I 205 -52.74 -9.18 22.94
CA LEU I 205 -51.39 -8.71 22.59
C LEU I 205 -50.83 -7.60 23.53
N ALA I 206 -50.94 -7.82 24.85
CA ALA I 206 -50.53 -6.86 25.91
C ALA I 206 -49.05 -6.48 25.85
N GLY I 207 -48.75 -5.19 25.98
CA GLY I 207 -47.36 -4.70 25.92
C GLY I 207 -46.74 -4.57 24.51
N TRP I 208 -47.55 -4.76 23.47
CA TRP I 208 -47.08 -4.60 22.08
C TRP I 208 -47.99 -3.64 21.32
N PRO I 209 -47.43 -2.51 20.78
CA PRO I 209 -48.30 -1.49 20.15
C PRO I 209 -49.24 -2.05 19.05
N LEU I 210 -50.46 -1.50 19.02
CA LEU I 210 -51.50 -1.90 18.07
C LEU I 210 -52.10 -0.72 17.30
N LEU I 211 -52.46 -0.99 16.04
CA LEU I 211 -53.10 0.03 15.20
C LEU I 211 -54.61 -0.22 15.00
N LEU I 212 -55.37 0.87 15.12
CA LEU I 212 -56.78 0.92 14.70
C LEU I 212 -57.00 1.60 13.33
N ASN I 213 -57.61 0.87 12.42
CA ASN I 213 -57.96 1.40 11.10
C ASN I 213 -59.39 1.91 11.13
N MET I 214 -59.55 3.24 11.16
CA MET I 214 -60.87 3.82 11.20
C MET I 214 -61.39 4.24 9.82
N VAL I 215 -62.05 3.32 9.11
CA VAL I 215 -62.80 3.70 7.91
C VAL I 215 -64.27 3.47 8.32
N GLU I 216 -65.00 4.57 8.61
CA GLU I 216 -66.44 4.46 8.97
C GLU I 216 -67.33 3.77 7.92
N HIS I 217 -68.37 3.10 8.39
CA HIS I 217 -69.47 2.56 7.58
C HIS I 217 -69.17 1.16 7.03
N GLY I 218 -68.21 0.47 7.64
CA GLY I 218 -68.03 -0.97 7.40
C GLY I 218 -68.14 -1.75 8.70
N ALA I 219 -67.35 -2.82 8.80
CA ALA I 219 -67.27 -3.64 10.01
C ALA I 219 -66.93 -2.89 11.32
N THR I 220 -65.82 -2.15 11.38
CA THR I 220 -65.41 -1.42 12.62
C THR I 220 -66.41 -0.32 12.97
N PRO I 221 -66.96 -0.35 14.20
CA PRO I 221 -67.87 0.77 14.59
C PRO I 221 -67.06 2.04 14.81
N SER I 222 -67.70 3.20 14.81
CA SER I 222 -66.94 4.45 14.90
C SER I 222 -66.31 4.63 16.29
N ILE I 223 -65.00 4.53 16.35
CA ILE I 223 -64.26 4.73 17.60
C ILE I 223 -63.35 5.98 17.45
N SER I 224 -63.47 6.96 18.34
CA SER I 224 -62.69 8.22 18.21
C SER I 224 -61.21 8.03 18.51
N ALA I 225 -60.42 9.08 18.20
CA ALA I 225 -59.01 9.15 18.60
C ALA I 225 -58.85 9.07 20.13
N ALA I 226 -59.71 9.77 20.87
CA ALA I 226 -59.73 9.70 22.35
C ALA I 226 -60.15 8.34 22.88
N GLU I 227 -61.17 7.71 22.30
CA GLU I 227 -61.56 6.37 22.74
C GLU I 227 -60.46 5.35 22.48
N ALA I 228 -59.95 5.29 21.24
CA ALA I 228 -58.84 4.41 20.89
C ALA I 228 -57.65 4.48 21.85
N LYS I 229 -57.36 5.67 22.38
CA LYS I 229 -56.21 5.87 23.24
C LYS I 229 -56.48 5.31 24.62
N GLU I 230 -57.70 5.57 25.10
CA GLU I 230 -58.25 4.96 26.31
C GLU I 230 -58.28 3.43 26.23
N MET I 231 -58.66 2.88 25.07
CA MET I 231 -58.84 1.44 24.91
C MET I 231 -57.55 0.69 25.08
N GLY I 232 -56.47 1.28 24.57
CA GLY I 232 -55.16 0.61 24.51
C GLY I 232 -54.33 0.87 23.26
N PHE I 233 -54.96 1.11 22.10
CA PHE I 233 -54.21 1.35 20.84
C PHE I 233 -53.08 2.41 20.94
N ARG I 234 -52.04 2.28 20.11
CA ARG I 234 -50.93 3.28 20.07
C ARG I 234 -50.99 4.18 18.83
N ILE I 235 -51.79 3.77 17.85
CA ILE I 235 -51.94 4.43 16.56
C ILE I 235 -53.45 4.32 16.18
N ILE I 236 -54.03 5.41 15.67
CA ILE I 236 -55.29 5.30 14.93
C ILE I 236 -54.99 5.93 13.56
N ILE I 237 -55.39 5.27 12.46
CA ILE I 237 -55.26 5.83 11.10
C ILE I 237 -56.65 6.13 10.50
N PHE I 238 -56.79 7.14 9.65
CA PHE I 238 -58.11 7.49 9.00
C PHE I 238 -57.98 7.51 7.46
N PRO I 239 -57.95 6.32 6.82
CA PRO I 239 -57.62 6.13 5.38
C PRO I 239 -58.41 6.96 4.37
N PHE I 240 -59.59 7.39 4.81
CA PHE I 240 -60.59 8.03 3.97
C PHE I 240 -60.85 9.51 4.28
N ALA I 241 -60.23 10.02 5.34
CA ALA I 241 -60.27 11.42 5.77
C ALA I 241 -60.27 12.53 4.64
N ALA I 242 -59.50 12.30 3.57
CA ALA I 242 -59.35 13.19 2.37
C ALA I 242 -60.17 12.76 1.14
N LEU I 243 -60.22 11.44 0.87
CA LEU I 243 -60.80 10.88 -0.37
C LEU I 243 -62.31 11.07 -0.57
N GLY I 244 -63.02 10.91 0.53
CA GLY I 244 -64.45 11.12 0.54
C GLY I 244 -64.71 12.58 0.22
N PRO I 245 -64.27 13.50 1.10
CA PRO I 245 -64.39 14.96 0.87
C PRO I 245 -63.96 15.46 -0.49
N ALA I 246 -62.82 14.96 -0.98
CA ALA I 246 -62.33 15.20 -2.33
C ALA I 246 -63.25 14.77 -3.46
N VAL I 247 -63.81 13.56 -3.45
CA VAL I 247 -64.63 13.03 -4.56
C VAL I 247 -66.02 13.69 -4.72
N ALA I 248 -66.72 13.79 -3.60
CA ALA I 248 -68.05 14.38 -3.49
C ALA I 248 -68.03 15.82 -3.99
N ALA I 249 -67.10 16.64 -3.44
CA ALA I 249 -66.93 18.06 -3.89
C ALA I 249 -66.54 18.27 -5.37
N MET I 250 -65.64 17.45 -5.90
CA MET I 250 -65.30 17.51 -7.34
C MET I 250 -66.47 17.11 -8.22
N ARG I 251 -67.22 16.10 -7.78
CA ARG I 251 -68.45 15.61 -8.41
C ARG I 251 -69.50 16.71 -8.54
N GLU I 252 -69.85 17.34 -7.40
CA GLU I 252 -70.71 18.53 -7.33
C GLU I 252 -70.25 19.76 -8.17
N ALA I 253 -68.94 20.03 -8.18
CA ALA I 253 -68.38 21.11 -9.00
C ALA I 253 -68.44 20.78 -10.50
N MET I 254 -68.24 19.50 -10.83
CA MET I 254 -68.30 19.00 -12.21
C MET I 254 -69.72 18.92 -12.75
N GLU I 255 -70.67 18.56 -11.88
CA GLU I 255 -72.10 18.58 -12.20
C GLU I 255 -72.60 19.99 -12.46
N LYS I 256 -72.04 20.93 -11.68
CA LYS I 256 -72.36 22.38 -11.80
C LYS I 256 -71.77 23.11 -13.00
N LEU I 257 -70.56 22.75 -13.39
CA LEU I 257 -69.93 23.23 -14.61
C LEU I 257 -70.73 22.69 -15.80
N LYS I 258 -71.11 21.42 -15.74
CA LYS I 258 -71.90 20.78 -16.79
C LYS I 258 -73.23 21.52 -17.00
N ARG I 259 -73.89 21.83 -15.90
CA ARG I 259 -75.16 22.56 -15.96
C ARG I 259 -74.97 24.02 -16.46
N ASP I 260 -74.10 24.77 -15.79
CA ASP I 260 -74.01 26.22 -16.09
C ASP I 260 -73.00 26.67 -17.14
N GLY I 261 -72.03 25.82 -17.53
CA GLY I 261 -71.04 26.16 -18.56
C GLY I 261 -69.89 27.05 -18.06
N ILE I 262 -69.82 27.23 -16.74
CA ILE I 262 -68.77 28.00 -16.04
C ILE I 262 -68.68 27.43 -14.61
N PRO I 263 -67.45 27.24 -14.06
CA PRO I 263 -67.35 26.63 -12.71
C PRO I 263 -68.09 27.35 -11.56
N GLY I 264 -68.06 28.68 -11.57
CA GLY I 264 -68.60 29.45 -10.48
C GLY I 264 -67.87 29.21 -9.16
N LEU I 265 -66.54 29.13 -9.18
CA LEU I 265 -65.80 29.02 -7.93
C LEU I 265 -65.82 30.30 -7.08
N ASP I 266 -65.65 30.14 -5.77
CA ASP I 266 -65.58 31.26 -4.85
C ASP I 266 -64.35 32.07 -5.22
N LYS I 267 -64.41 33.38 -5.00
CA LYS I 267 -63.25 34.29 -5.19
C LYS I 267 -62.00 33.78 -4.46
N GLU I 268 -62.21 33.00 -3.41
CA GLU I 268 -61.12 32.43 -2.62
C GLU I 268 -60.32 31.32 -3.34
N MET I 269 -60.91 30.74 -4.39
CA MET I 269 -60.34 29.59 -5.10
C MET I 269 -59.58 30.05 -6.36
N THR I 270 -58.28 30.24 -6.15
CA THR I 270 -57.40 30.88 -7.12
C THR I 270 -56.04 30.18 -7.15
N PRO I 271 -55.42 30.07 -8.34
CA PRO I 271 -54.04 29.59 -8.40
C PRO I 271 -53.14 30.11 -7.27
N GLN I 272 -53.19 31.40 -6.93
CA GLN I 272 -52.35 31.99 -5.87
C GLN I 272 -52.59 31.28 -4.54
N MET I 273 -53.87 31.07 -4.20
CA MET I 273 -54.27 30.28 -3.01
C MET I 273 -53.67 28.89 -2.99
N LEU I 274 -53.75 28.16 -4.11
CA LEU I 274 -53.15 26.81 -4.20
C LEU I 274 -51.63 26.83 -4.11
N PHE I 275 -51.01 27.90 -4.61
CA PHE I 275 -49.55 28.03 -4.52
C PHE I 275 -49.10 28.16 -3.07
N ARG I 276 -49.94 28.79 -2.24
CA ARG I 276 -49.68 28.95 -0.79
C ARG I 276 -49.83 27.66 0.03
N VAL I 277 -51.00 27.01 -0.10
CA VAL I 277 -51.26 25.62 0.35
C VAL I 277 -50.01 24.72 0.12
N CYS I 278 -49.43 24.84 -1.09
CA CYS I 278 -48.30 24.02 -1.57
C CYS I 278 -46.89 24.63 -1.28
N GLY I 279 -46.85 25.51 -0.29
CA GLY I 279 -45.58 26.07 0.18
C GLY I 279 -44.79 26.79 -0.89
N LEU I 280 -45.43 27.78 -1.50
CA LEU I 280 -44.73 28.79 -2.31
C LEU I 280 -43.78 29.62 -1.47
N ASP I 281 -44.20 29.98 -0.26
CA ASP I 281 -43.42 30.90 0.56
C ASP I 281 -42.08 30.33 1.03
N GLU I 282 -41.97 29.00 1.01
CA GLU I 282 -40.75 28.31 1.44
C GLU I 282 -39.87 27.88 0.24
N SER I 283 -40.42 27.79 -0.97
CA SER I 283 -39.63 27.68 -2.19
C SER I 283 -39.01 29.03 -2.44
N MET I 284 -39.76 30.07 -2.11
CA MET I 284 -39.33 31.46 -2.27
C MET I 284 -38.12 31.83 -1.38
N LYS I 285 -38.13 31.39 -0.12
CA LYS I 285 -37.03 31.72 0.79
C LYS I 285 -35.76 30.83 0.60
N VAL I 286 -35.93 29.61 0.06
CA VAL I 286 -34.76 28.71 -0.22
C VAL I 286 -34.03 29.15 -1.51
N ASP I 287 -34.81 29.61 -2.48
CA ASP I 287 -34.28 30.31 -3.66
C ASP I 287 -33.71 31.70 -3.33
N ALA I 288 -34.21 32.38 -2.30
CA ALA I 288 -33.64 33.68 -1.93
C ALA I 288 -32.22 33.56 -1.34
N GLN I 289 -31.98 32.47 -0.60
CA GLN I 289 -30.70 32.20 0.10
C GLN I 289 -29.59 31.73 -0.85
N ALA I 290 -29.96 30.91 -1.83
CA ALA I 290 -29.03 30.46 -2.87
C ALA I 290 -28.50 31.59 -3.75
N GLY I 291 -29.39 32.52 -4.11
CA GLY I 291 -29.11 33.65 -5.05
C GLY I 291 -30.35 34.01 -5.91
N MET J 2 -54.59 1.34 -34.89
CA MET J 2 -54.37 1.86 -33.53
C MET J 2 -54.51 3.36 -33.58
N VAL J 3 -55.66 3.84 -33.15
CA VAL J 3 -56.15 5.15 -33.58
C VAL J 3 -56.63 5.95 -32.38
N THR J 4 -56.63 7.26 -32.45
CA THR J 4 -56.66 8.04 -31.24
C THR J 4 -57.65 9.20 -31.11
N ALA J 5 -57.72 9.80 -29.94
CA ALA J 5 -58.63 10.90 -29.72
C ALA J 5 -58.12 12.10 -30.54
N ALA J 6 -56.78 12.23 -30.69
CA ALA J 6 -56.10 13.12 -31.68
C ALA J 6 -56.87 13.25 -33.00
N THR J 7 -57.18 12.12 -33.64
CA THR J 7 -57.95 12.17 -34.89
C THR J 7 -59.36 12.73 -34.76
N SER J 8 -60.15 12.26 -33.81
CA SER J 8 -61.53 12.72 -33.75
C SER J 8 -61.47 14.22 -33.41
N LEU J 9 -60.62 14.57 -32.45
CA LEU J 9 -60.34 15.99 -32.16
C LEU J 9 -59.99 16.81 -33.39
N ARG J 10 -59.09 16.29 -34.22
CA ARG J 10 -58.63 17.02 -35.41
C ARG J 10 -59.77 17.17 -36.41
N ARG J 11 -60.56 16.12 -36.63
CA ARG J 11 -61.67 16.22 -37.59
C ARG J 11 -62.67 17.21 -37.05
N ALA J 12 -62.91 17.17 -35.73
CA ALA J 12 -63.86 18.11 -35.12
C ALA J 12 -63.40 19.55 -35.31
N LEU J 13 -62.06 19.80 -35.24
CA LEU J 13 -61.56 21.18 -35.35
C LEU J 13 -61.69 21.65 -36.80
N GLU J 14 -61.90 20.70 -37.71
CA GLU J 14 -62.07 21.00 -39.13
C GLU J 14 -63.52 21.28 -39.44
N ASN J 15 -64.42 20.84 -38.55
CA ASN J 15 -65.84 21.17 -38.64
C ASN J 15 -66.17 22.50 -37.93
N PRO J 16 -66.60 23.54 -38.69
CA PRO J 16 -66.74 24.85 -37.98
C PRO J 16 -67.75 24.85 -36.80
N ASP J 17 -68.61 23.85 -36.76
CA ASP J 17 -69.72 23.82 -35.78
C ASP J 17 -69.36 23.11 -34.48
N SER J 18 -68.30 22.32 -34.49
CA SER J 18 -67.95 21.56 -33.30
C SER J 18 -67.15 22.45 -32.30
N PHE J 19 -67.49 22.36 -31.01
CA PHE J 19 -66.93 23.25 -30.02
C PHE J 19 -66.50 22.34 -28.91
N ILE J 20 -65.24 22.47 -28.48
CA ILE J 20 -64.62 21.63 -27.45
C ILE J 20 -64.67 22.28 -26.00
N VAL J 21 -65.34 21.60 -25.09
CA VAL J 21 -65.40 22.01 -23.67
C VAL J 21 -64.59 21.07 -22.77
N ALA J 22 -63.52 21.58 -22.16
CA ALA J 22 -62.61 20.73 -21.40
C ALA J 22 -62.33 21.13 -19.94
N PRO J 23 -62.98 20.48 -18.96
CA PRO J 23 -62.74 20.75 -17.52
C PRO J 23 -61.32 20.37 -17.07
N GLY J 24 -60.69 21.18 -16.24
CA GLY J 24 -59.31 20.95 -15.87
C GLY J 24 -59.25 19.87 -14.84
N VAL J 25 -58.50 18.81 -15.17
CA VAL J 25 -58.29 17.65 -14.29
C VAL J 25 -56.75 17.43 -14.05
N TYR J 26 -56.37 16.67 -13.01
CA TYR J 26 -54.98 16.65 -12.60
C TYR J 26 -54.56 15.27 -12.09
N ASP J 27 -55.51 14.36 -12.04
CA ASP J 27 -55.19 12.99 -11.63
C ASP J 27 -56.23 11.94 -12.13
N GLY J 28 -56.11 10.73 -11.59
CA GLY J 28 -57.00 9.63 -11.94
C GLY J 28 -58.40 9.87 -11.41
N LEU J 29 -58.49 10.30 -10.15
CA LEU J 29 -59.72 10.58 -9.43
C LEU J 29 -60.55 11.69 -10.07
N SER J 30 -59.87 12.82 -10.35
CA SER J 30 -60.49 13.96 -10.99
C SER J 30 -60.90 13.71 -12.45
N ALA J 31 -60.18 12.86 -13.18
CA ALA J 31 -60.59 12.56 -14.57
C ALA J 31 -61.83 11.67 -14.59
N ARG J 32 -61.89 10.71 -13.65
CA ARG J 32 -63.06 9.84 -13.48
C ARG J 32 -64.28 10.67 -13.18
N VAL J 33 -64.19 11.56 -12.18
CA VAL J 33 -65.32 12.38 -11.80
C VAL J 33 -65.90 13.27 -12.95
N ALA J 34 -65.01 13.95 -13.70
CA ALA J 34 -65.37 14.85 -14.76
C ALA J 34 -66.08 14.09 -15.84
N LEU J 35 -65.51 12.95 -16.24
CA LEU J 35 -66.05 12.01 -17.25
C LEU J 35 -67.41 11.42 -16.91
N SER J 36 -67.67 11.12 -15.63
CA SER J 36 -68.99 10.63 -15.20
C SER J 36 -70.05 11.74 -15.03
N ALA J 37 -69.64 13.01 -15.06
CA ALA J 37 -70.59 14.13 -15.13
C ALA J 37 -70.93 14.40 -16.62
N GLY J 38 -70.26 13.67 -17.52
CA GLY J 38 -70.57 13.61 -18.94
C GLY J 38 -69.73 14.46 -19.92
N PHE J 39 -68.55 14.94 -19.50
CA PHE J 39 -67.73 15.72 -20.41
C PHE J 39 -67.16 14.83 -21.52
N ASP J 40 -67.05 15.38 -22.73
CA ASP J 40 -66.60 14.65 -23.93
C ASP J 40 -65.16 15.06 -24.24
N ALA J 41 -64.55 15.90 -23.37
CA ALA J 41 -63.10 16.20 -23.46
C ALA J 41 -62.52 16.62 -22.12
N LEU J 42 -61.19 16.58 -21.97
CA LEU J 42 -60.56 16.86 -20.64
C LEU J 42 -59.32 17.73 -20.77
N TYR J 43 -59.09 18.60 -19.81
CA TYR J 43 -57.87 19.36 -19.83
C TYR J 43 -56.95 19.01 -18.67
N MET J 44 -55.78 18.47 -18.97
CA MET J 44 -54.74 18.24 -17.94
C MET J 44 -53.99 19.53 -17.50
N THR J 45 -54.33 20.02 -16.32
CA THR J 45 -53.59 21.14 -15.77
C THR J 45 -52.19 20.68 -15.38
N GLY J 46 -51.17 21.45 -15.77
CA GLY J 46 -49.81 21.36 -15.21
C GLY J 46 -49.62 21.82 -13.75
N ALA J 47 -50.38 22.84 -13.31
CA ALA J 47 -50.33 23.39 -11.92
C ALA J 47 -50.86 22.38 -10.90
N GLY J 48 -51.98 21.73 -11.26
CA GLY J 48 -52.58 20.62 -10.50
C GLY J 48 -51.72 19.37 -10.45
N THR J 49 -51.17 18.97 -11.59
CA THR J 49 -50.28 17.85 -11.55
C THR J 49 -49.00 18.15 -10.73
N ALA J 50 -48.60 19.43 -10.69
CA ALA J 50 -47.51 19.95 -9.81
C ALA J 50 -47.91 19.88 -8.36
N ALA J 51 -49.16 20.23 -8.05
CA ALA J 51 -49.65 20.11 -6.66
C ALA J 51 -49.80 18.64 -6.23
N SER J 52 -50.36 17.81 -7.11
CA SER J 52 -50.72 16.41 -6.85
C SER J 52 -49.53 15.36 -6.91
N VAL J 53 -48.79 15.30 -8.01
CA VAL J 53 -47.59 14.46 -8.06
C VAL J 53 -46.37 14.96 -7.24
N HIS J 54 -46.26 16.25 -6.92
CA HIS J 54 -45.09 16.78 -6.17
C HIS J 54 -45.42 17.57 -4.87
N GLY J 55 -46.70 17.88 -4.66
CA GLY J 55 -47.10 18.76 -3.54
C GLY J 55 -46.42 20.13 -3.54
N GLN J 56 -46.22 20.68 -4.74
CA GLN J 56 -45.33 21.86 -4.96
C GLN J 56 -46.06 22.92 -5.79
N ALA J 57 -45.83 24.22 -5.53
CA ALA J 57 -46.33 25.27 -6.44
C ALA J 57 -45.98 25.00 -7.92
N ASP J 58 -46.68 25.59 -8.85
CA ASP J 58 -46.37 25.47 -10.28
C ASP J 58 -45.14 26.25 -10.69
N LEU J 59 -43.97 25.69 -10.40
CA LEU J 59 -42.68 26.43 -10.43
C LEU J 59 -41.74 26.08 -11.59
N GLY J 60 -42.09 25.09 -12.42
CA GLY J 60 -41.15 24.45 -13.38
C GLY J 60 -40.40 23.24 -12.79
N ILE J 61 -41.08 22.59 -11.84
CA ILE J 61 -40.58 21.47 -11.07
C ILE J 61 -41.00 20.11 -11.66
N CYS J 62 -42.04 20.07 -12.51
CA CYS J 62 -42.37 18.81 -13.20
C CYS J 62 -41.47 18.58 -14.37
N THR J 63 -40.98 17.33 -14.53
CA THR J 63 -40.09 16.96 -15.66
C THR J 63 -40.96 16.45 -16.82
N LEU J 64 -40.33 16.19 -17.99
CA LEU J 64 -41.01 15.47 -19.05
C LEU J 64 -41.64 14.13 -18.52
N ASN J 65 -40.87 13.38 -17.72
CA ASN J 65 -41.35 12.09 -17.10
C ASN J 65 -42.64 12.23 -16.29
N ASP J 66 -42.70 13.25 -15.43
CA ASP J 66 -43.84 13.51 -14.56
C ASP J 66 -45.10 13.87 -15.38
N MET J 67 -44.94 14.85 -16.25
CA MET J 67 -45.97 15.32 -17.16
C MET J 67 -46.52 14.26 -18.15
N ARG J 68 -45.64 13.48 -18.80
CA ARG J 68 -46.05 12.43 -19.74
C ARG J 68 -46.88 11.32 -19.03
N ALA J 69 -46.40 10.88 -17.87
CA ALA J 69 -47.05 9.82 -17.11
C ALA J 69 -48.48 10.24 -16.71
N ASN J 70 -48.62 11.51 -16.32
CA ASN J 70 -49.92 11.96 -15.90
C ASN J 70 -50.81 12.04 -17.11
N ALA J 71 -50.30 12.65 -18.17
CA ALA J 71 -51.05 12.81 -19.45
C ALA J 71 -51.52 11.44 -20.02
N GLU J 72 -50.65 10.44 -19.95
CA GLU J 72 -50.89 9.12 -20.56
C GLU J 72 -51.99 8.32 -19.84
N MET J 73 -51.95 8.33 -18.51
CA MET J 73 -52.97 7.66 -17.71
C MET J 73 -54.39 8.26 -17.91
N ILE J 74 -54.48 9.61 -17.81
CA ILE J 74 -55.72 10.40 -18.11
C ILE J 74 -56.28 10.18 -19.54
N SER J 75 -55.42 10.21 -20.56
CA SER J 75 -55.88 9.90 -21.96
C SER J 75 -56.52 8.53 -22.10
N ASN J 76 -56.24 7.62 -21.15
CA ASN J 76 -56.57 6.22 -21.29
C ASN J 76 -57.63 5.65 -20.30
N ILE J 77 -58.14 6.48 -19.38
CA ILE J 77 -59.38 6.17 -18.65
C ILE J 77 -60.54 6.04 -19.70
N SER J 78 -60.65 7.04 -20.56
CA SER J 78 -61.55 7.01 -21.70
C SER J 78 -60.77 7.40 -22.97
N PRO J 79 -60.26 6.38 -23.72
CA PRO J 79 -59.36 6.58 -24.88
C PRO J 79 -60.05 7.17 -26.09
N SER J 80 -61.38 7.18 -26.06
CA SER J 80 -62.13 7.88 -27.11
C SER J 80 -62.40 9.34 -26.75
N THR J 81 -62.18 9.74 -25.49
CA THR J 81 -62.34 11.13 -25.05
C THR J 81 -61.03 11.92 -25.19
N PRO J 82 -61.03 12.96 -26.07
CA PRO J 82 -59.81 13.77 -26.32
C PRO J 82 -59.31 14.48 -25.04
N VAL J 83 -58.03 14.33 -24.79
CA VAL J 83 -57.39 14.97 -23.66
C VAL J 83 -56.43 16.02 -24.18
N ILE J 84 -56.52 17.20 -23.59
CA ILE J 84 -55.73 18.35 -24.00
C ILE J 84 -54.75 18.53 -22.86
N ALA J 85 -53.45 18.45 -23.15
CA ALA J 85 -52.46 18.44 -22.09
C ALA J 85 -51.55 19.65 -22.11
N ASP J 86 -51.30 20.20 -20.92
CA ASP J 86 -50.18 21.08 -20.66
C ASP J 86 -48.88 20.36 -21.04
N ALA J 87 -48.01 21.10 -21.74
CA ALA J 87 -46.69 20.61 -22.20
C ALA J 87 -45.60 21.69 -21.98
N ASP J 88 -45.91 22.64 -21.11
CA ASP J 88 -45.02 23.71 -20.68
C ASP J 88 -44.26 24.34 -21.85
N THR J 89 -42.93 24.35 -21.77
CA THR J 89 -42.08 24.93 -22.78
C THR J 89 -41.44 23.86 -23.70
N GLY J 90 -41.94 22.61 -23.62
CA GLY J 90 -41.42 21.46 -24.45
C GLY J 90 -40.24 20.68 -23.85
N TYR J 91 -39.75 21.20 -22.72
CA TYR J 91 -38.75 20.59 -21.82
C TYR J 91 -37.29 20.62 -22.35
N GLY J 92 -36.98 21.61 -23.20
CA GLY J 92 -35.63 21.87 -23.74
C GLY J 92 -35.73 22.40 -25.16
N GLY J 93 -34.67 22.29 -25.93
CA GLY J 93 -34.72 22.82 -27.29
C GLY J 93 -35.52 21.90 -28.19
N PRO J 94 -35.40 22.06 -29.53
CA PRO J 94 -36.14 21.27 -30.55
C PRO J 94 -36.12 19.75 -30.27
N ILE J 95 -34.94 19.21 -29.97
CA ILE J 95 -34.78 17.78 -29.59
C ILE J 95 -35.82 17.31 -28.54
N MET J 96 -36.01 18.12 -27.50
CA MET J 96 -36.88 17.74 -26.42
C MET J 96 -38.31 17.94 -26.80
N VAL J 97 -38.57 18.99 -27.58
CA VAL J 97 -39.92 19.32 -28.04
C VAL J 97 -40.48 18.23 -28.92
N ALA J 98 -39.67 17.79 -29.90
CA ALA J 98 -39.84 16.52 -30.62
C ALA J 98 -40.15 15.27 -29.75
N ARG J 99 -39.20 14.88 -28.86
CA ARG J 99 -39.36 13.80 -27.87
C ARG J 99 -40.67 13.85 -27.09
N THR J 100 -41.01 15.02 -26.55
CA THR J 100 -42.29 15.35 -25.93
C THR J 100 -43.48 15.09 -26.83
N THR J 101 -43.46 15.70 -28.02
CA THR J 101 -44.51 15.48 -29.03
C THR J 101 -44.73 14.01 -29.38
N GLU J 102 -43.66 13.25 -29.56
CA GLU J 102 -43.76 11.81 -29.90
C GLU J 102 -44.26 10.94 -28.75
N GLN J 103 -43.82 11.24 -27.52
CA GLN J 103 -44.22 10.55 -26.33
C GLN J 103 -45.71 10.88 -25.97
N TYR J 104 -46.07 12.15 -25.99
CA TYR J 104 -47.50 12.55 -25.93
C TYR J 104 -48.39 11.86 -27.03
N SER J 105 -47.92 11.72 -28.26
CA SER J 105 -48.70 11.05 -29.33
C SER J 105 -49.00 9.60 -28.99
N ARG J 106 -47.93 8.82 -28.73
CA ARG J 106 -47.94 7.43 -28.35
C ARG J 106 -48.82 7.22 -27.11
N SER J 107 -48.68 8.15 -26.16
CA SER J 107 -49.49 8.16 -24.95
C SER J 107 -50.97 8.29 -25.22
N GLY J 108 -51.34 8.70 -26.44
CA GLY J 108 -52.76 8.88 -26.83
C GLY J 108 -53.37 10.22 -26.46
N VAL J 109 -52.52 11.18 -26.14
CA VAL J 109 -52.90 12.59 -25.97
C VAL J 109 -53.43 13.25 -27.29
N ALA J 110 -54.49 14.06 -27.17
CA ALA J 110 -55.23 14.56 -28.34
C ALA J 110 -54.63 15.86 -28.81
N ALA J 111 -54.19 16.67 -27.86
CA ALA J 111 -53.60 17.97 -28.16
C ALA J 111 -52.72 18.36 -27.00
N PHE J 112 -51.79 19.28 -27.25
CA PHE J 112 -50.95 19.87 -26.17
C PHE J 112 -50.51 21.28 -26.56
N HIS J 113 -50.17 22.08 -25.54
CA HIS J 113 -49.75 23.49 -25.73
C HIS J 113 -48.34 23.89 -25.31
N ILE J 114 -47.56 24.43 -26.24
CA ILE J 114 -46.21 24.95 -25.95
C ILE J 114 -46.23 26.43 -25.76
N GLU J 115 -45.52 26.93 -24.77
CA GLU J 115 -45.51 28.38 -24.57
C GLU J 115 -44.17 29.06 -24.95
N ASP J 116 -44.13 30.38 -24.81
CA ASP J 116 -43.04 31.17 -25.32
C ASP J 116 -42.19 31.75 -24.17
N GLN J 117 -42.31 31.12 -23.01
CA GLN J 117 -41.51 31.47 -21.86
C GLN J 117 -40.14 30.77 -21.86
N VAL J 118 -39.16 31.52 -21.38
CA VAL J 118 -37.98 30.97 -20.77
C VAL J 118 -38.24 29.61 -20.03
N GLN J 119 -37.29 28.67 -20.07
CA GLN J 119 -37.50 27.36 -19.39
C GLN J 119 -37.02 27.37 -17.92
N ILE J 130 -40.90 36.05 -17.74
CA ILE J 130 -39.78 36.22 -18.70
C ILE J 130 -39.96 35.35 -19.97
N LEU J 131 -39.75 35.97 -21.13
CA LEU J 131 -40.19 35.39 -22.43
C LEU J 131 -39.05 35.22 -23.47
N VAL J 132 -39.22 34.27 -24.38
CA VAL J 132 -38.23 34.05 -25.43
C VAL J 132 -38.55 34.91 -26.69
N ASP J 133 -37.60 35.11 -27.61
CA ASP J 133 -37.91 35.82 -28.85
C ASP J 133 -38.77 34.95 -29.79
N THR J 134 -39.47 35.56 -30.75
CA THR J 134 -40.32 34.83 -31.71
C THR J 134 -39.61 33.70 -32.47
N ASP J 135 -38.45 34.01 -33.05
CA ASP J 135 -37.68 33.01 -33.74
C ASP J 135 -37.56 31.76 -32.88
N THR J 136 -37.14 31.88 -31.61
CA THR J 136 -36.93 30.72 -30.74
C THR J 136 -38.25 30.01 -30.47
N TYR J 137 -39.30 30.80 -30.31
CA TYR J 137 -40.64 30.27 -30.10
C TYR J 137 -41.22 29.47 -31.30
N VAL J 138 -41.02 29.96 -32.51
CA VAL J 138 -41.53 29.31 -33.72
C VAL J 138 -40.72 28.05 -33.99
N THR J 139 -39.45 28.07 -33.55
CA THR J 139 -38.56 26.92 -33.59
C THR J 139 -39.08 25.75 -32.76
N ARG J 140 -39.67 26.04 -31.59
CA ARG J 140 -40.27 25.01 -30.76
C ARG J 140 -41.54 24.43 -31.39
N ILE J 141 -42.39 25.31 -31.93
CA ILE J 141 -43.59 24.86 -32.56
C ILE J 141 -43.30 24.15 -33.90
N ARG J 142 -42.34 24.62 -34.67
CA ARG J 142 -41.96 23.91 -35.92
C ARG J 142 -41.40 22.51 -35.64
N ALA J 143 -40.63 22.37 -34.56
CA ALA J 143 -40.11 21.05 -34.17
C ALA J 143 -41.24 20.08 -33.75
N ALA J 144 -42.33 20.60 -33.21
CA ALA J 144 -43.44 19.80 -32.81
C ALA J 144 -44.27 19.36 -34.01
N VAL J 145 -44.56 20.33 -34.90
CA VAL J 145 -45.27 20.06 -36.15
C VAL J 145 -44.47 19.03 -36.98
N GLN J 146 -43.14 19.23 -37.09
CA GLN J 146 -42.37 18.36 -37.96
C GLN J 146 -42.24 16.98 -37.35
N ALA J 147 -42.22 16.90 -36.01
CA ALA J 147 -42.05 15.63 -35.26
C ALA J 147 -43.29 14.75 -35.37
N ARG J 148 -44.46 15.40 -35.35
CA ARG J 148 -45.73 14.67 -35.49
C ARG J 148 -45.92 14.18 -36.93
N GLN J 149 -45.39 14.93 -37.88
CA GLN J 149 -45.57 14.64 -39.30
C GLN J 149 -44.64 13.53 -39.72
N ARG J 150 -43.43 13.51 -39.17
CA ARG J 150 -42.60 12.31 -39.28
C ARG J 150 -43.23 11.04 -38.74
N ILE J 151 -43.96 11.11 -37.61
CA ILE J 151 -44.49 9.88 -37.04
C ILE J 151 -45.88 9.55 -37.55
N GLY J 152 -46.42 10.43 -38.43
CA GLY J 152 -47.80 10.31 -38.98
C GLY J 152 -48.91 10.47 -37.95
N SER J 153 -48.64 11.28 -36.94
CA SER J 153 -49.57 11.53 -35.84
C SER J 153 -50.44 12.73 -36.14
N ASP J 154 -51.70 12.65 -35.71
CA ASP J 154 -52.67 13.74 -35.80
C ASP J 154 -52.70 14.64 -34.57
N ILE J 155 -51.77 14.41 -33.62
CA ILE J 155 -51.82 15.17 -32.35
C ILE J 155 -51.94 16.68 -32.63
N VAL J 156 -52.84 17.36 -31.94
CA VAL J 156 -53.10 18.77 -32.22
C VAL J 156 -52.10 19.68 -31.47
N VAL J 157 -51.32 20.47 -32.24
CA VAL J 157 -50.37 21.50 -31.73
C VAL J 157 -51.08 22.90 -31.43
N ILE J 158 -51.22 23.20 -30.14
CA ILE J 158 -51.77 24.47 -29.64
C ILE J 158 -50.61 25.42 -29.30
N ALA J 159 -50.46 26.48 -30.09
CA ALA J 159 -49.49 27.55 -29.79
C ALA J 159 -50.05 28.46 -28.70
N ARG J 160 -49.37 28.53 -27.55
CA ARG J 160 -49.69 29.47 -26.49
C ARG J 160 -48.73 30.67 -26.47
N THR J 161 -49.26 31.88 -26.31
CA THR J 161 -48.41 33.01 -25.99
C THR J 161 -48.79 33.65 -24.62
N ASP J 162 -47.77 33.84 -23.77
CA ASP J 162 -47.89 34.51 -22.48
C ASP J 162 -47.40 35.95 -22.56
N SER J 163 -47.43 36.53 -23.77
CA SER J 163 -46.75 37.80 -24.07
C SER J 163 -47.64 39.00 -24.02
N LEU J 164 -48.95 38.82 -23.83
CA LEU J 164 -49.88 39.94 -23.88
C LEU J 164 -49.45 41.06 -22.93
N GLN J 165 -49.13 40.75 -21.68
CA GLN J 165 -48.78 41.83 -20.72
C GLN J 165 -47.38 42.45 -20.93
N THR J 166 -46.42 41.66 -21.39
CA THR J 166 -45.06 42.16 -21.60
C THR J 166 -44.94 43.01 -22.89
N HIS J 167 -45.65 42.61 -23.95
CA HIS J 167 -45.36 43.06 -25.32
C HIS J 167 -46.53 43.77 -25.99
N GLY J 168 -47.72 43.66 -25.39
CA GLY J 168 -48.92 44.33 -25.91
C GLY J 168 -49.68 43.44 -26.88
N TYR J 169 -50.94 43.82 -27.18
CA TYR J 169 -51.86 42.99 -27.97
C TYR J 169 -51.40 42.65 -29.39
N GLU J 170 -51.04 43.68 -30.16
CA GLU J 170 -50.58 43.51 -31.57
C GLU J 170 -49.37 42.62 -31.82
N GLU J 171 -48.41 42.61 -30.90
CA GLU J 171 -47.31 41.64 -31.08
C GLU J 171 -47.49 40.27 -30.37
N SER J 172 -48.46 40.19 -29.45
CA SER J 172 -49.00 38.87 -29.04
C SER J 172 -49.72 38.13 -30.17
N VAL J 173 -50.58 38.83 -30.91
CA VAL J 173 -51.18 38.25 -32.13
C VAL J 173 -50.18 37.90 -33.21
N ALA J 174 -49.08 38.64 -33.32
CA ALA J 174 -48.07 38.37 -34.34
C ALA J 174 -47.29 37.08 -34.13
N ARG J 175 -46.97 36.71 -32.85
CA ARG J 175 -46.34 35.44 -32.45
C ARG J 175 -47.29 34.26 -32.64
N LEU J 176 -48.59 34.52 -32.49
CA LEU J 176 -49.65 33.56 -32.89
C LEU J 176 -49.73 33.31 -34.41
N ARG J 177 -49.84 34.36 -35.24
CA ARG J 177 -49.71 34.18 -36.71
C ARG J 177 -48.44 33.38 -37.08
N ALA J 178 -47.29 33.72 -36.50
CA ALA J 178 -46.01 33.01 -36.70
C ALA J 178 -46.11 31.51 -36.43
N ALA J 179 -46.72 31.21 -35.29
CA ALA J 179 -47.03 29.84 -34.84
C ALA J 179 -48.00 29.18 -35.85
N ARG J 180 -49.05 29.92 -36.26
CA ARG J 180 -49.92 29.56 -37.42
C ARG J 180 -49.13 29.23 -38.67
N ASP J 181 -48.10 30.01 -39.00
CA ASP J 181 -47.46 29.85 -40.28
C ASP J 181 -46.56 28.62 -40.28
N ALA J 182 -46.10 28.23 -39.09
CA ALA J 182 -45.20 27.08 -38.88
C ALA J 182 -45.95 25.73 -38.73
N GLY J 183 -47.28 25.81 -38.59
CA GLY J 183 -48.19 24.67 -38.69
C GLY J 183 -48.97 24.33 -37.44
N ALA J 184 -49.01 25.28 -36.48
CA ALA J 184 -49.72 25.11 -35.25
C ALA J 184 -51.17 25.05 -35.61
N ASP J 185 -51.94 24.27 -34.85
CA ASP J 185 -53.32 23.96 -35.17
C ASP J 185 -54.36 24.91 -34.49
N VAL J 186 -54.00 25.43 -33.30
CA VAL J 186 -54.88 26.23 -32.41
C VAL J 186 -54.07 27.38 -31.79
N GLY J 187 -54.66 28.56 -31.63
CA GLY J 187 -54.02 29.70 -30.95
C GLY J 187 -54.61 29.79 -29.56
N PHE J 188 -53.76 30.13 -28.59
CA PHE J 188 -54.10 30.23 -27.17
C PHE J 188 -53.43 31.55 -26.73
N LEU J 189 -54.14 32.67 -26.89
CA LEU J 189 -53.77 33.96 -26.24
C LEU J 189 -54.06 33.85 -24.75
N GLU J 190 -53.02 33.63 -23.95
CA GLU J 190 -53.19 33.55 -22.51
C GLU J 190 -53.52 34.90 -21.91
N GLY J 191 -54.55 34.92 -21.07
CA GLY J 191 -54.77 36.06 -20.17
C GLY J 191 -55.56 37.16 -20.83
N ILE J 192 -56.44 36.79 -21.78
CA ILE J 192 -57.37 37.70 -22.47
C ILE J 192 -58.12 38.59 -21.50
N THR J 193 -58.11 39.88 -21.80
CA THR J 193 -58.33 40.90 -20.76
C THR J 193 -59.76 41.54 -20.75
N SER J 194 -60.48 41.31 -21.84
CA SER J 194 -61.82 41.81 -21.99
C SER J 194 -62.55 40.92 -22.97
N ARG J 195 -63.87 41.08 -22.99
CA ARG J 195 -64.72 40.53 -24.06
C ARG J 195 -64.39 41.13 -25.43
N GLU J 196 -64.17 42.45 -25.50
CA GLU J 196 -63.78 43.14 -26.74
C GLU J 196 -62.44 42.61 -27.33
N MET J 197 -61.44 42.39 -26.48
CA MET J 197 -60.22 41.74 -26.95
C MET J 197 -60.39 40.29 -27.44
N ALA J 198 -61.23 39.48 -26.77
CA ALA J 198 -61.59 38.13 -27.28
C ALA J 198 -62.18 38.10 -28.71
N ARG J 199 -63.21 38.91 -28.96
CA ARG J 199 -63.82 39.06 -30.30
C ARG J 199 -62.82 39.59 -31.35
N GLN J 200 -61.92 40.48 -30.93
CA GLN J 200 -60.88 41.03 -31.84
C GLN J 200 -59.90 39.97 -32.32
N VAL J 201 -59.40 39.17 -31.38
CA VAL J 201 -58.46 38.09 -31.69
C VAL J 201 -59.10 36.96 -32.48
N ILE J 202 -60.35 36.63 -32.17
CA ILE J 202 -61.14 35.70 -33.00
C ILE J 202 -61.22 36.22 -34.45
N GLN J 203 -61.58 37.51 -34.60
CA GLN J 203 -61.62 38.16 -35.90
C GLN J 203 -60.23 38.19 -36.57
N ASP J 204 -59.22 38.65 -35.82
CA ASP J 204 -57.85 38.80 -36.31
C ASP J 204 -57.21 37.49 -36.79
N LEU J 205 -57.73 36.36 -36.35
CA LEU J 205 -57.12 35.09 -36.69
C LEU J 205 -58.18 34.24 -37.40
N ALA J 206 -59.06 34.93 -38.12
CA ALA J 206 -60.20 34.33 -38.84
C ALA J 206 -59.82 33.08 -39.64
N GLY J 207 -60.56 32.01 -39.44
CA GLY J 207 -60.28 30.75 -40.08
C GLY J 207 -59.50 29.78 -39.20
N TRP J 208 -58.77 30.26 -38.20
CA TRP J 208 -57.84 29.43 -37.42
C TRP J 208 -58.33 29.25 -35.97
N PRO J 209 -58.65 28.00 -35.56
CA PRO J 209 -59.20 27.63 -34.24
C PRO J 209 -58.54 28.32 -33.00
N LEU J 210 -59.37 28.90 -32.13
CA LEU J 210 -58.82 29.58 -30.92
C LEU J 210 -59.31 28.99 -29.60
N LEU J 211 -58.35 28.90 -28.65
CA LEU J 211 -58.64 28.48 -27.26
C LEU J 211 -58.84 29.65 -26.25
N LEU J 212 -59.90 29.57 -25.46
CA LEU J 212 -60.07 30.46 -24.31
C LEU J 212 -59.69 29.71 -23.05
N ASN J 213 -58.74 30.25 -22.31
CA ASN J 213 -58.43 29.69 -21.00
C ASN J 213 -59.21 30.43 -19.95
N MET J 214 -60.10 29.74 -19.26
CA MET J 214 -61.02 30.36 -18.30
C MET J 214 -60.73 29.92 -16.86
N VAL J 215 -59.72 30.55 -16.25
CA VAL J 215 -59.54 30.55 -14.81
C VAL J 215 -60.14 31.85 -14.25
N GLU J 216 -61.25 31.74 -13.50
CA GLU J 216 -61.75 32.85 -12.64
C GLU J 216 -60.74 32.93 -11.45
N HIS J 217 -60.43 34.08 -10.86
CA HIS J 217 -60.86 35.44 -11.10
C HIS J 217 -59.54 36.14 -11.44
N GLY J 218 -59.06 35.87 -12.66
CA GLY J 218 -57.77 36.33 -13.15
C GLY J 218 -58.03 37.60 -13.94
N ALA J 219 -57.36 37.73 -15.07
CA ALA J 219 -57.48 38.89 -15.93
C ALA J 219 -58.56 38.73 -17.02
N THR J 220 -59.02 37.49 -17.25
CA THR J 220 -60.18 37.21 -18.13
C THR J 220 -61.56 37.38 -17.41
N PRO J 221 -62.52 38.12 -18.04
CA PRO J 221 -63.88 38.09 -17.49
C PRO J 221 -64.45 36.65 -17.57
N SER J 222 -65.34 36.33 -16.62
CA SER J 222 -66.21 35.16 -16.66
C SER J 222 -67.02 35.03 -17.98
N ILE J 223 -66.55 34.14 -18.86
CA ILE J 223 -67.17 33.81 -20.14
C ILE J 223 -67.53 32.31 -20.13
N SER J 224 -68.82 32.03 -20.25
CA SER J 224 -69.33 30.66 -20.16
C SER J 224 -68.90 29.89 -21.39
N ALA J 225 -69.03 28.57 -21.37
CA ALA J 225 -68.84 27.72 -22.54
C ALA J 225 -69.67 28.24 -23.77
N ALA J 226 -70.97 28.38 -23.61
CA ALA J 226 -71.86 28.80 -24.71
C ALA J 226 -71.59 30.22 -25.24
N GLU J 227 -71.19 31.14 -24.35
CA GLU J 227 -70.66 32.42 -24.85
C GLU J 227 -69.36 32.37 -25.69
N ALA J 228 -68.32 31.71 -25.18
CA ALA J 228 -67.08 31.52 -25.95
C ALA J 228 -67.40 30.97 -27.37
N LYS J 229 -68.21 29.92 -27.47
CA LYS J 229 -68.68 29.37 -28.73
C LYS J 229 -69.39 30.40 -29.63
N GLU J 230 -70.24 31.22 -29.04
CA GLU J 230 -70.92 32.28 -29.78
C GLU J 230 -69.98 33.39 -30.34
N MET J 231 -68.92 33.72 -29.59
CA MET J 231 -67.87 34.69 -29.99
C MET J 231 -67.08 34.09 -31.14
N GLY J 232 -66.78 32.79 -31.04
CA GLY J 232 -66.10 32.06 -32.07
C GLY J 232 -64.93 31.26 -31.60
N PHE J 233 -64.68 31.15 -30.29
CA PHE J 233 -63.63 30.23 -29.86
C PHE J 233 -63.98 28.76 -30.28
N ARG J 234 -62.99 27.87 -30.38
CA ARG J 234 -63.33 26.47 -30.64
C ARG J 234 -63.08 25.56 -29.44
N ILE J 235 -62.37 26.09 -28.48
CA ILE J 235 -62.08 25.36 -27.25
C ILE J 235 -62.26 26.30 -26.07
N ILE J 236 -62.79 25.79 -24.98
CA ILE J 236 -62.66 26.46 -23.66
C ILE J 236 -62.11 25.45 -22.62
N ILE J 237 -61.14 25.87 -21.83
CA ILE J 237 -60.60 25.04 -20.76
C ILE J 237 -60.91 25.67 -19.38
N PHE J 238 -61.11 24.83 -18.39
CA PHE J 238 -61.47 25.28 -17.02
C PHE J 238 -60.44 24.69 -16.01
N PRO J 239 -59.22 25.25 -16.01
CA PRO J 239 -58.10 24.53 -15.27
C PRO J 239 -58.30 24.26 -13.77
N PHE J 240 -59.18 25.01 -13.10
CA PHE J 240 -59.38 24.96 -11.66
C PHE J 240 -60.69 24.31 -11.24
N ALA J 241 -61.41 23.74 -12.22
CA ALA J 241 -62.68 22.98 -12.03
C ALA J 241 -62.69 21.97 -10.86
N ALA J 242 -61.60 21.19 -10.74
CA ALA J 242 -61.38 20.10 -9.77
C ALA J 242 -60.52 20.52 -8.63
N LEU J 243 -59.45 21.27 -8.92
CA LEU J 243 -58.50 21.77 -7.89
C LEU J 243 -59.08 22.61 -6.72
N GLY J 244 -59.88 23.62 -7.05
CA GLY J 244 -60.45 24.50 -6.04
C GLY J 244 -61.45 23.79 -5.13
N PRO J 245 -62.47 23.12 -5.72
CA PRO J 245 -63.45 22.35 -4.94
C PRO J 245 -62.80 21.28 -4.02
N ALA J 246 -61.86 20.50 -4.58
CA ALA J 246 -61.06 19.49 -3.85
C ALA J 246 -60.30 20.00 -2.62
N VAL J 247 -59.52 21.09 -2.74
CA VAL J 247 -58.78 21.68 -1.60
C VAL J 247 -59.64 22.20 -0.44
N ALA J 248 -60.75 22.85 -0.82
CA ALA J 248 -61.74 23.34 0.11
C ALA J 248 -62.38 22.25 0.91
N ALA J 249 -62.80 21.15 0.25
CA ALA J 249 -63.41 20.01 0.97
C ALA J 249 -62.41 19.30 1.91
N MET J 250 -61.28 18.85 1.37
CA MET J 250 -60.19 18.36 2.20
C MET J 250 -59.85 19.27 3.42
N ARG J 251 -59.91 20.59 3.25
CA ARG J 251 -59.54 21.51 4.34
C ARG J 251 -60.57 21.44 5.45
N GLU J 252 -61.80 21.80 5.10
CA GLU J 252 -62.96 21.67 5.98
C GLU J 252 -62.89 20.30 6.68
N ALA J 253 -62.74 19.22 5.89
CA ALA J 253 -62.68 17.84 6.38
C ALA J 253 -61.58 17.53 7.42
N MET J 254 -60.38 18.02 7.13
CA MET J 254 -59.22 17.83 8.00
C MET J 254 -59.32 18.59 9.35
N GLU J 255 -59.74 19.86 9.29
CA GLU J 255 -59.93 20.70 10.49
C GLU J 255 -61.07 20.20 11.36
N LYS J 256 -62.08 19.63 10.73
CA LYS J 256 -63.14 18.83 11.39
C LYS J 256 -62.60 17.52 12.03
N LEU J 257 -61.73 16.78 11.33
CA LEU J 257 -61.16 15.62 11.95
C LEU J 257 -60.30 16.01 13.18
N LYS J 258 -59.58 17.13 13.05
CA LYS J 258 -58.68 17.64 14.10
C LYS J 258 -59.41 18.08 15.38
N ARG J 259 -60.55 18.77 15.22
CA ARG J 259 -61.43 19.12 16.36
C ARG J 259 -62.05 17.88 17.04
N ASP J 260 -62.63 16.98 16.25
CA ASP J 260 -63.44 15.83 16.71
C ASP J 260 -62.67 14.56 17.09
N GLY J 261 -61.62 14.25 16.34
CA GLY J 261 -60.90 12.99 16.52
C GLY J 261 -61.57 11.77 15.90
N ILE J 262 -62.54 12.04 15.02
CA ILE J 262 -63.09 11.08 14.05
C ILE J 262 -63.61 11.90 12.89
N PRO J 263 -63.62 11.33 11.68
CA PRO J 263 -63.98 12.18 10.55
C PRO J 263 -65.46 12.49 10.24
N GLY J 264 -66.41 11.67 10.70
CA GLY J 264 -67.85 11.94 10.46
C GLY J 264 -68.18 12.13 8.99
N LEU J 265 -67.55 11.32 8.15
CA LEU J 265 -67.85 11.18 6.71
C LEU J 265 -69.28 10.72 6.49
N ASP J 266 -69.88 11.20 5.40
CA ASP J 266 -71.21 10.75 5.03
C ASP J 266 -71.27 9.27 4.67
N LYS J 267 -72.43 8.65 4.89
CA LYS J 267 -72.70 7.20 4.69
C LYS J 267 -72.39 6.69 3.29
N GLU J 268 -72.37 7.60 2.31
CA GLU J 268 -72.11 7.30 0.92
C GLU J 268 -70.63 7.34 0.57
N MET J 269 -69.81 8.02 1.39
CA MET J 269 -68.34 8.10 1.21
C MET J 269 -67.69 6.89 1.82
N THR J 270 -67.49 5.88 0.96
CA THR J 270 -67.03 4.55 1.35
C THR J 270 -66.10 4.03 0.26
N PRO J 271 -65.24 3.05 0.60
CA PRO J 271 -64.38 2.51 -0.44
C PRO J 271 -65.17 1.96 -1.66
N GLN J 272 -66.26 1.24 -1.43
CA GLN J 272 -67.17 0.77 -2.49
C GLN J 272 -67.55 1.86 -3.46
N MET J 273 -67.83 3.07 -2.98
CA MET J 273 -68.14 4.14 -3.92
C MET J 273 -66.89 4.65 -4.57
N LEU J 274 -65.76 4.66 -3.87
CA LEU J 274 -64.48 5.02 -4.54
C LEU J 274 -64.11 4.08 -5.69
N PHE J 275 -64.38 2.78 -5.48
CA PHE J 275 -64.08 1.74 -6.46
C PHE J 275 -65.10 1.75 -7.59
N ARG J 276 -66.33 2.19 -7.31
CA ARG J 276 -67.36 2.38 -8.35
C ARG J 276 -67.04 3.62 -9.22
N VAL J 277 -66.55 4.70 -8.58
CA VAL J 277 -66.15 5.94 -9.25
C VAL J 277 -65.09 5.63 -10.30
N CYS J 278 -64.12 4.79 -9.90
CA CYS J 278 -62.96 4.37 -10.69
C CYS J 278 -63.21 3.13 -11.54
N GLY J 279 -64.43 3.01 -12.06
CA GLY J 279 -64.84 1.93 -12.98
C GLY J 279 -64.50 0.50 -12.62
N LEU J 280 -64.97 0.05 -11.44
CA LEU J 280 -64.82 -1.32 -10.91
C LEU J 280 -65.52 -2.35 -11.79
N ASP J 281 -66.72 -1.94 -12.25
CA ASP J 281 -67.63 -2.80 -12.99
C ASP J 281 -67.11 -3.11 -14.39
N GLU J 282 -66.20 -2.27 -14.88
CA GLU J 282 -65.58 -2.50 -16.19
C GLU J 282 -64.29 -3.38 -16.04
N SER J 283 -63.60 -3.23 -14.91
CA SER J 283 -62.46 -4.08 -14.57
C SER J 283 -62.90 -5.52 -14.46
N MET J 284 -63.95 -5.78 -13.72
CA MET J 284 -64.38 -7.17 -13.61
C MET J 284 -64.97 -7.73 -14.90
N LYS J 285 -65.52 -6.85 -15.72
CA LYS J 285 -65.98 -7.21 -17.08
C LYS J 285 -64.83 -7.70 -17.93
N VAL J 286 -63.74 -6.94 -17.95
CA VAL J 286 -62.44 -7.32 -18.55
C VAL J 286 -61.89 -8.69 -18.07
N ASP J 287 -61.94 -8.87 -16.75
CA ASP J 287 -61.39 -10.04 -16.05
C ASP J 287 -62.26 -11.27 -16.30
N ALA J 288 -63.57 -11.07 -16.30
CA ALA J 288 -64.50 -12.18 -16.54
C ALA J 288 -64.48 -12.51 -18.01
N GLN J 289 -64.30 -11.52 -18.86
CA GLN J 289 -64.24 -11.78 -20.30
C GLN J 289 -63.06 -12.69 -20.65
N ALA J 290 -61.93 -12.50 -19.95
CA ALA J 290 -60.69 -13.29 -20.15
C ALA J 290 -60.76 -14.74 -19.60
N GLY J 291 -61.37 -14.91 -18.43
CA GLY J 291 -61.69 -16.22 -17.88
C GLY J 291 -62.87 -16.84 -18.61
N VAL K 3 -26.61 5.32 7.98
CA VAL K 3 -25.31 4.94 7.29
C VAL K 3 -25.32 5.25 5.75
N THR K 4 -24.53 6.24 5.28
CA THR K 4 -24.19 6.37 3.81
C THR K 4 -22.68 6.51 3.54
N ALA K 5 -22.29 6.19 2.30
CA ALA K 5 -20.89 6.21 1.87
C ALA K 5 -20.39 7.66 1.67
N ALA K 6 -21.26 8.64 1.88
CA ALA K 6 -20.92 10.06 1.80
C ALA K 6 -20.07 10.49 2.97
N THR K 7 -20.41 10.02 4.18
CA THR K 7 -19.56 10.16 5.38
C THR K 7 -18.15 9.55 5.27
N SER K 8 -18.02 8.33 4.75
CA SER K 8 -16.68 7.76 4.67
C SER K 8 -15.85 8.37 3.54
N LEU K 9 -16.52 8.75 2.44
CA LEU K 9 -15.88 9.57 1.38
C LEU K 9 -15.36 10.93 1.86
N ARG K 10 -16.14 11.61 2.69
CA ARG K 10 -15.86 12.93 3.28
C ARG K 10 -14.70 12.90 4.30
N ARG K 11 -14.75 11.90 5.19
CA ARG K 11 -13.68 11.69 6.17
C ARG K 11 -12.37 11.30 5.46
N ALA K 12 -12.49 10.57 4.35
CA ALA K 12 -11.34 10.21 3.51
C ALA K 12 -10.73 11.44 2.81
N LEU K 13 -11.56 12.36 2.33
CA LEU K 13 -11.03 13.54 1.69
C LEU K 13 -10.44 14.49 2.71
N GLU K 14 -10.77 14.30 3.98
CA GLU K 14 -10.18 15.13 5.04
C GLU K 14 -8.79 14.62 5.44
N ASN K 15 -8.57 13.34 5.22
CA ASN K 15 -7.26 12.70 5.42
C ASN K 15 -6.38 13.03 4.22
N PRO K 16 -5.25 13.74 4.41
CA PRO K 16 -4.54 14.26 3.22
C PRO K 16 -3.86 13.21 2.33
N ASP K 17 -3.75 11.97 2.87
CA ASP K 17 -3.05 10.84 2.20
C ASP K 17 -3.91 9.99 1.24
N SER K 18 -5.24 10.03 1.42
CA SER K 18 -6.24 9.23 0.66
C SER K 18 -6.41 9.65 -0.79
N PHE K 19 -6.41 8.70 -1.70
CA PHE K 19 -6.54 9.00 -3.10
C PHE K 19 -7.66 8.10 -3.60
N ILE K 20 -8.58 8.65 -4.36
CA ILE K 20 -9.79 7.94 -4.73
C ILE K 20 -9.71 7.65 -6.23
N VAL K 21 -9.83 6.36 -6.62
CA VAL K 21 -9.88 5.94 -8.03
C VAL K 21 -11.29 5.41 -8.41
N ALA K 22 -12.00 6.13 -9.30
CA ALA K 22 -13.36 5.76 -9.68
C ALA K 22 -13.51 5.46 -11.18
N PRO K 23 -13.68 4.17 -11.55
CA PRO K 23 -13.96 3.85 -12.97
C PRO K 23 -15.35 4.35 -13.34
N GLY K 24 -15.59 4.59 -14.64
CA GLY K 24 -16.88 5.09 -15.11
C GLY K 24 -17.80 3.96 -15.45
N VAL K 25 -18.99 4.01 -14.87
CA VAL K 25 -20.03 2.99 -15.07
C VAL K 25 -21.39 3.66 -15.50
N TYR K 26 -22.12 3.01 -16.40
CA TYR K 26 -23.37 3.63 -16.88
C TYR K 26 -24.69 2.89 -16.48
N ASP K 27 -24.55 1.67 -15.95
CA ASP K 27 -25.65 0.76 -15.67
C ASP K 27 -25.31 -0.23 -14.57
N GLY K 28 -26.22 -1.17 -14.36
CA GLY K 28 -26.09 -2.16 -13.31
C GLY K 28 -25.08 -3.22 -13.64
N LEU K 29 -25.02 -3.65 -14.92
CA LEU K 29 -24.00 -4.61 -15.41
C LEU K 29 -22.57 -4.10 -15.25
N SER K 30 -22.29 -2.93 -15.86
CA SER K 30 -20.98 -2.26 -15.72
C SER K 30 -20.56 -1.98 -14.28
N ALA K 31 -21.52 -1.61 -13.40
CA ALA K 31 -21.25 -1.34 -11.95
C ALA K 31 -20.88 -2.58 -11.15
N ARG K 32 -21.70 -3.63 -11.28
CA ARG K 32 -21.35 -4.99 -10.88
C ARG K 32 -19.92 -5.43 -11.28
N VAL K 33 -19.60 -5.31 -12.59
CA VAL K 33 -18.25 -5.60 -13.17
C VAL K 33 -17.10 -4.75 -12.58
N ALA K 34 -17.28 -3.43 -12.40
CA ALA K 34 -16.23 -2.59 -11.83
C ALA K 34 -15.88 -3.00 -10.37
N LEU K 35 -16.91 -3.24 -9.57
CA LEU K 35 -16.81 -3.76 -8.20
C LEU K 35 -16.15 -5.17 -8.12
N SER K 36 -16.57 -6.09 -8.98
CA SER K 36 -15.88 -7.37 -9.13
C SER K 36 -14.37 -7.17 -9.31
N ALA K 37 -14.01 -6.24 -10.21
CA ALA K 37 -12.62 -5.87 -10.48
C ALA K 37 -11.85 -5.43 -9.22
N GLY K 38 -12.55 -4.95 -8.19
CA GLY K 38 -11.94 -4.64 -6.90
C GLY K 38 -11.78 -3.18 -6.54
N PHE K 39 -12.47 -2.30 -7.29
CA PHE K 39 -12.50 -0.84 -7.09
C PHE K 39 -13.28 -0.37 -5.85
N ASP K 40 -12.79 0.70 -5.25
CA ASP K 40 -13.32 1.19 -3.97
C ASP K 40 -14.19 2.40 -4.11
N ALA K 41 -14.55 2.74 -5.35
CA ALA K 41 -15.42 3.88 -5.69
C ALA K 41 -15.92 3.69 -7.13
N LEU K 42 -17.02 4.36 -7.50
CA LEU K 42 -17.47 4.33 -8.88
C LEU K 42 -17.82 5.74 -9.31
N TYR K 43 -17.89 5.95 -10.60
CA TYR K 43 -18.23 7.22 -11.13
C TYR K 43 -19.31 6.90 -12.13
N MET K 44 -20.49 7.51 -11.95
CA MET K 44 -21.55 7.41 -12.92
C MET K 44 -21.50 8.47 -14.02
N THR K 45 -21.16 8.00 -15.21
CA THR K 45 -21.11 8.85 -16.41
C THR K 45 -22.50 9.20 -16.90
N GLY K 46 -22.63 10.47 -17.28
CA GLY K 46 -23.95 11.04 -17.72
C GLY K 46 -24.16 10.73 -19.18
N ALA K 47 -23.06 10.88 -19.95
CA ALA K 47 -23.02 10.49 -21.39
C ALA K 47 -23.39 9.00 -21.58
N GLY K 48 -22.89 8.18 -20.65
CA GLY K 48 -23.12 6.77 -20.60
C GLY K 48 -24.57 6.48 -20.31
N THR K 49 -25.15 7.09 -19.25
CA THR K 49 -26.56 6.86 -18.99
C THR K 49 -27.52 7.38 -20.05
N ALA K 50 -27.14 8.44 -20.79
CA ALA K 50 -27.94 8.92 -21.93
C ALA K 50 -27.90 7.93 -23.06
N ALA K 51 -26.72 7.38 -23.34
CA ALA K 51 -26.54 6.23 -24.26
C ALA K 51 -27.34 4.97 -23.88
N SER K 52 -27.24 4.56 -22.62
CA SER K 52 -27.92 3.39 -22.13
C SER K 52 -29.42 3.55 -21.86
N VAL K 53 -29.82 4.56 -21.07
CA VAL K 53 -31.21 4.77 -20.70
C VAL K 53 -32.04 5.26 -21.89
N HIS K 54 -31.41 5.91 -22.89
CA HIS K 54 -32.15 6.59 -24.03
C HIS K 54 -31.67 6.24 -25.47
N GLY K 55 -30.49 5.67 -25.61
CA GLY K 55 -29.93 5.43 -26.93
C GLY K 55 -29.65 6.74 -27.66
N GLN K 56 -29.27 7.77 -26.90
CA GLN K 56 -29.00 9.11 -27.50
C GLN K 56 -27.57 9.58 -27.19
N ALA K 57 -27.18 10.69 -27.83
CA ALA K 57 -25.93 11.35 -27.47
C ALA K 57 -26.21 12.13 -26.20
N ASP K 58 -25.14 12.62 -25.59
CA ASP K 58 -25.25 13.46 -24.40
C ASP K 58 -25.65 14.91 -24.78
N LEU K 59 -26.95 15.13 -24.87
CA LEU K 59 -27.46 16.43 -25.33
C LEU K 59 -28.30 17.15 -24.28
N GLY K 60 -28.09 16.93 -22.99
CA GLY K 60 -29.02 17.49 -21.97
C GLY K 60 -30.42 16.89 -22.07
N ILE K 61 -30.47 15.57 -22.32
CA ILE K 61 -31.69 14.82 -22.70
C ILE K 61 -32.27 13.97 -21.52
N CYS K 62 -31.38 13.51 -20.62
CA CYS K 62 -31.73 12.86 -19.34
C CYS K 62 -32.30 13.82 -18.31
N THR K 63 -33.50 13.52 -17.77
CA THR K 63 -34.14 14.43 -16.79
C THR K 63 -33.63 14.13 -15.36
N LEU K 64 -34.05 14.89 -14.34
CA LEU K 64 -33.70 14.50 -12.97
C LEU K 64 -34.20 13.07 -12.68
N ASN K 65 -35.49 12.78 -12.92
CA ASN K 65 -36.02 11.39 -12.95
C ASN K 65 -35.01 10.32 -13.46
N ASP K 66 -34.48 10.49 -14.68
CA ASP K 66 -33.51 9.53 -15.29
C ASP K 66 -32.17 9.41 -14.55
N MET K 67 -31.54 10.53 -14.24
CA MET K 67 -30.22 10.55 -13.62
C MET K 67 -30.22 9.97 -12.22
N ARG K 68 -31.24 10.37 -11.44
CA ARG K 68 -31.48 9.96 -10.06
C ARG K 68 -31.75 8.44 -9.90
N ALA K 69 -32.51 7.87 -10.84
CA ALA K 69 -32.87 6.44 -10.79
C ALA K 69 -31.65 5.55 -10.98
N ASN K 70 -30.83 5.90 -11.97
CA ASN K 70 -29.52 5.29 -12.17
C ASN K 70 -28.53 5.51 -11.00
N ALA K 71 -28.42 6.75 -10.51
CA ALA K 71 -27.48 7.08 -9.45
C ALA K 71 -27.75 6.17 -8.25
N GLU K 72 -29.05 6.00 -7.97
CA GLU K 72 -29.53 5.30 -6.77
C GLU K 72 -29.38 3.80 -6.93
N MET K 73 -29.66 3.26 -8.13
CA MET K 73 -29.44 1.82 -8.30
C MET K 73 -27.99 1.46 -8.29
N ILE K 74 -27.14 2.33 -8.84
CA ILE K 74 -25.68 2.09 -8.86
C ILE K 74 -25.17 2.19 -7.44
N SER K 75 -25.66 3.15 -6.68
CA SER K 75 -25.19 3.40 -5.31
C SER K 75 -25.48 2.33 -4.28
N ASN K 76 -26.47 1.48 -4.54
CA ASN K 76 -26.91 0.49 -3.56
C ASN K 76 -26.70 -0.97 -3.97
N ILE K 77 -25.98 -1.17 -5.08
CA ILE K 77 -25.39 -2.48 -5.40
C ILE K 77 -24.46 -2.92 -4.23
N SER K 78 -23.74 -1.95 -3.69
CA SER K 78 -22.79 -2.13 -2.63
C SER K 78 -22.86 -0.82 -1.81
N PRO K 79 -23.77 -0.75 -0.80
CA PRO K 79 -23.93 0.54 -0.12
C PRO K 79 -22.65 1.21 0.39
N SER K 80 -21.60 0.42 0.69
CA SER K 80 -20.41 0.96 1.32
C SER K 80 -19.40 1.57 0.36
N THR K 81 -19.57 1.31 -0.94
CA THR K 81 -18.69 1.84 -2.00
C THR K 81 -19.14 3.24 -2.44
N PRO K 82 -18.27 4.26 -2.30
CA PRO K 82 -18.81 5.57 -2.56
C PRO K 82 -19.02 5.71 -4.05
N VAL K 83 -20.17 6.28 -4.42
CA VAL K 83 -20.54 6.52 -5.82
C VAL K 83 -20.57 8.02 -6.03
N ILE K 84 -19.82 8.46 -7.06
CA ILE K 84 -19.77 9.87 -7.53
C ILE K 84 -20.56 9.98 -8.83
N ALA K 85 -21.55 10.86 -8.84
CA ALA K 85 -22.49 10.89 -9.98
C ALA K 85 -22.55 12.24 -10.67
N ASP K 86 -22.66 12.18 -11.99
CA ASP K 86 -23.00 13.37 -12.74
C ASP K 86 -24.31 13.93 -12.23
N ALA K 87 -24.36 15.21 -11.87
CA ALA K 87 -25.68 15.87 -11.65
C ALA K 87 -25.84 17.04 -12.64
N ASP K 88 -25.22 16.92 -13.82
CA ASP K 88 -25.22 17.98 -14.85
C ASP K 88 -25.23 19.39 -14.23
N THR K 89 -26.20 20.21 -14.62
CA THR K 89 -26.33 21.60 -14.16
C THR K 89 -27.34 21.71 -12.96
N GLY K 90 -27.89 20.56 -12.53
CA GLY K 90 -28.82 20.54 -11.40
C GLY K 90 -30.29 20.64 -11.78
N TYR K 91 -30.59 20.63 -13.08
CA TYR K 91 -31.95 20.39 -13.67
C TYR K 91 -32.93 21.55 -13.54
N GLY K 92 -32.39 22.75 -13.23
CA GLY K 92 -33.13 24.00 -13.10
C GLY K 92 -32.55 25.04 -12.12
N GLY K 93 -33.43 25.84 -11.50
CA GLY K 93 -33.02 27.00 -10.68
C GLY K 93 -32.40 26.51 -9.38
N PRO K 94 -32.11 27.41 -8.40
CA PRO K 94 -31.87 26.97 -7.02
C PRO K 94 -32.89 25.94 -6.46
N ILE K 95 -34.21 26.08 -6.72
CA ILE K 95 -35.20 25.06 -6.28
C ILE K 95 -34.84 23.61 -6.75
N MET K 96 -34.47 23.47 -8.03
CA MET K 96 -34.12 22.17 -8.64
C MET K 96 -32.74 21.58 -8.31
N VAL K 97 -31.77 22.46 -8.01
CA VAL K 97 -30.46 22.06 -7.48
C VAL K 97 -30.64 21.38 -6.11
N ALA K 98 -31.38 22.05 -5.22
CA ALA K 98 -31.71 21.58 -3.86
C ALA K 98 -32.36 20.22 -3.87
N ARG K 99 -33.35 20.02 -4.74
CA ARG K 99 -34.06 18.76 -4.89
C ARG K 99 -33.18 17.68 -5.49
N THR K 100 -32.25 18.07 -6.39
CA THR K 100 -31.24 17.09 -6.87
C THR K 100 -30.38 16.71 -5.66
N THR K 101 -29.90 17.71 -4.91
CA THR K 101 -29.03 17.49 -3.74
C THR K 101 -29.66 16.49 -2.77
N GLU K 102 -30.97 16.62 -2.56
CA GLU K 102 -31.74 15.93 -1.52
C GLU K 102 -32.09 14.54 -1.94
N GLN K 103 -32.61 14.42 -3.15
CA GLN K 103 -32.83 13.13 -3.79
C GLN K 103 -31.54 12.30 -3.89
N TYR K 104 -30.50 12.83 -4.54
CA TYR K 104 -29.17 12.24 -4.53
C TYR K 104 -28.68 11.75 -3.14
N SER K 105 -28.90 12.54 -2.07
CA SER K 105 -28.43 12.17 -0.73
C SER K 105 -29.19 11.00 -0.18
N ARG K 106 -30.51 11.04 -0.28
CA ARG K 106 -31.39 9.97 0.19
C ARG K 106 -31.23 8.69 -0.63
N SER K 107 -30.83 8.83 -1.89
CA SER K 107 -30.43 7.70 -2.72
C SER K 107 -29.12 7.00 -2.31
N GLY K 108 -28.45 7.53 -1.27
CA GLY K 108 -27.09 7.15 -0.85
C GLY K 108 -25.91 7.44 -1.82
N VAL K 109 -26.04 8.45 -2.72
CA VAL K 109 -24.93 8.98 -3.53
C VAL K 109 -23.86 9.60 -2.60
N ALA K 110 -22.59 9.26 -2.84
CA ALA K 110 -21.48 9.73 -2.00
C ALA K 110 -21.01 11.12 -2.42
N ALA K 111 -21.09 11.38 -3.74
CA ALA K 111 -20.67 12.67 -4.33
C ALA K 111 -21.44 13.01 -5.62
N PHE K 112 -21.60 14.31 -5.93
CA PHE K 112 -22.08 14.70 -7.26
C PHE K 112 -21.39 15.97 -7.73
N HIS K 113 -21.34 16.20 -9.03
CA HIS K 113 -20.77 17.43 -9.56
C HIS K 113 -21.78 18.28 -10.29
N ILE K 114 -21.67 19.59 -10.15
CA ILE K 114 -22.55 20.57 -10.84
C ILE K 114 -21.65 21.49 -11.66
N GLU K 115 -22.03 21.68 -12.90
CA GLU K 115 -21.30 22.49 -13.83
C GLU K 115 -21.93 23.83 -14.08
N ASP K 116 -21.36 24.59 -14.99
CA ASP K 116 -21.62 25.99 -15.09
C ASP K 116 -21.97 26.33 -16.51
N GLN K 117 -22.37 25.31 -17.22
CA GLN K 117 -22.96 25.39 -18.55
C GLN K 117 -24.44 25.74 -18.47
N VAL K 118 -24.98 26.18 -19.60
CA VAL K 118 -26.41 26.39 -19.74
C VAL K 118 -27.14 25.06 -19.55
N GLN K 119 -28.39 25.12 -19.13
CA GLN K 119 -29.18 23.92 -18.88
C GLN K 119 -29.41 23.06 -20.13
N ILE K 130 -21.87 26.77 -24.43
CA ILE K 130 -22.47 28.01 -23.87
C ILE K 130 -22.53 27.95 -22.32
N LEU K 131 -22.08 29.02 -21.66
CA LEU K 131 -21.82 28.99 -20.22
C LEU K 131 -22.64 30.03 -19.49
N VAL K 132 -23.17 29.71 -18.30
CA VAL K 132 -23.76 30.74 -17.40
C VAL K 132 -22.64 31.57 -16.75
N ASP K 133 -22.98 32.68 -16.10
CA ASP K 133 -21.99 33.58 -15.49
C ASP K 133 -21.66 33.23 -14.04
N THR K 134 -20.63 33.83 -13.48
CA THR K 134 -20.08 33.29 -12.26
C THR K 134 -21.05 33.38 -11.03
N ASP K 135 -21.84 34.46 -10.95
CA ASP K 135 -22.90 34.60 -9.93
C ASP K 135 -23.97 33.51 -10.06
N THR K 136 -24.43 33.23 -11.29
CA THR K 136 -25.48 32.25 -11.50
C THR K 136 -24.91 30.87 -11.14
N TYR K 137 -23.70 30.58 -11.61
CA TYR K 137 -22.94 29.38 -11.15
C TYR K 137 -22.84 29.29 -9.60
N VAL K 138 -22.39 30.36 -8.95
CA VAL K 138 -22.16 30.32 -7.51
C VAL K 138 -23.47 30.11 -6.77
N THR K 139 -24.54 30.39 -7.47
CA THR K 139 -25.90 30.24 -6.98
C THR K 139 -26.29 28.77 -6.98
N ARG K 140 -25.86 28.04 -8.01
CA ARG K 140 -26.08 26.62 -8.04
C ARG K 140 -25.35 25.93 -6.91
N ILE K 141 -24.13 26.38 -6.65
CA ILE K 141 -23.31 25.68 -5.70
C ILE K 141 -23.75 26.00 -4.26
N ARG K 142 -24.11 27.24 -4.01
CA ARG K 142 -24.63 27.58 -2.70
C ARG K 142 -25.97 26.86 -2.48
N ALA K 143 -26.81 26.71 -3.51
CA ALA K 143 -28.09 25.97 -3.39
C ALA K 143 -27.82 24.54 -2.96
N ALA K 144 -26.92 23.86 -3.67
CA ALA K 144 -26.39 22.55 -3.31
C ALA K 144 -25.92 22.45 -1.86
N VAL K 145 -24.99 23.32 -1.41
CA VAL K 145 -24.42 23.24 -0.05
C VAL K 145 -25.44 23.42 1.07
N GLN K 146 -26.27 24.46 0.97
CA GLN K 146 -27.31 24.74 1.98
C GLN K 146 -28.36 23.65 1.99
N ALA K 147 -28.64 23.03 0.82
CA ALA K 147 -29.66 21.95 0.76
C ALA K 147 -29.23 20.73 1.58
N ARG K 148 -27.95 20.38 1.50
CA ARG K 148 -27.43 19.25 2.27
C ARG K 148 -27.29 19.54 3.79
N GLN K 149 -26.99 20.78 4.19
CA GLN K 149 -26.88 21.14 5.61
C GLN K 149 -28.20 21.00 6.34
N ARG K 150 -29.26 21.48 5.68
CA ARG K 150 -30.67 21.33 6.11
C ARG K 150 -31.07 19.90 6.46
N ILE K 151 -30.76 18.98 5.55
CA ILE K 151 -31.10 17.57 5.73
C ILE K 151 -30.12 16.76 6.63
N GLY K 152 -28.98 17.38 6.97
CA GLY K 152 -27.93 16.70 7.70
C GLY K 152 -27.08 15.77 6.84
N SER K 153 -27.06 16.00 5.52
CA SER K 153 -26.35 15.16 4.59
C SER K 153 -24.88 15.50 4.57
N ASP K 154 -24.08 14.47 4.31
CA ASP K 154 -22.66 14.56 4.18
C ASP K 154 -22.21 14.38 2.69
N ILE K 155 -23.20 14.33 1.79
CA ILE K 155 -22.92 14.25 0.34
C ILE K 155 -21.84 15.28 -0.03
N VAL K 156 -20.82 14.85 -0.79
CA VAL K 156 -19.72 15.72 -1.24
C VAL K 156 -20.16 16.49 -2.46
N VAL K 157 -20.06 17.83 -2.37
CA VAL K 157 -20.36 18.74 -3.49
C VAL K 157 -19.12 19.11 -4.28
N ILE K 158 -19.09 18.66 -5.54
CA ILE K 158 -17.95 18.81 -6.46
C ILE K 158 -18.22 19.85 -7.54
N ALA K 159 -17.44 20.93 -7.56
CA ALA K 159 -17.66 22.05 -8.48
C ALA K 159 -16.90 21.87 -9.80
N ARG K 160 -17.66 21.70 -10.88
CA ARG K 160 -17.11 21.49 -12.22
C ARG K 160 -17.28 22.75 -13.02
N THR K 161 -16.21 23.12 -13.70
CA THR K 161 -16.27 24.18 -14.68
C THR K 161 -15.83 23.60 -16.03
N ASP K 162 -16.62 23.93 -17.05
CA ASP K 162 -16.21 23.69 -18.41
C ASP K 162 -15.62 24.91 -19.14
N SER K 163 -15.17 25.89 -18.37
CA SER K 163 -14.73 27.17 -18.94
C SER K 163 -13.35 27.18 -19.58
N LEU K 164 -12.48 26.18 -19.33
CA LEU K 164 -11.09 26.20 -19.85
C LEU K 164 -11.02 26.37 -21.38
N GLN K 165 -11.73 25.48 -22.10
CA GLN K 165 -11.66 25.38 -23.54
C GLN K 165 -12.12 26.63 -24.22
N THR K 166 -13.13 27.29 -23.64
CA THR K 166 -13.86 28.37 -24.29
C THR K 166 -13.46 29.78 -23.77
N HIS K 167 -13.10 29.90 -22.46
CA HIS K 167 -12.69 31.16 -21.80
C HIS K 167 -11.27 31.19 -21.23
N GLY K 168 -10.63 30.02 -21.15
CA GLY K 168 -9.24 29.87 -20.71
C GLY K 168 -9.00 29.77 -19.22
N TYR K 169 -7.72 29.61 -18.84
CA TYR K 169 -7.27 29.20 -17.48
C TYR K 169 -7.55 30.13 -16.33
N GLU K 170 -7.35 31.44 -16.50
CA GLU K 170 -7.68 32.40 -15.42
C GLU K 170 -9.19 32.49 -15.14
N GLU K 171 -10.03 32.48 -16.18
CA GLU K 171 -11.47 32.33 -15.94
C GLU K 171 -11.81 31.12 -15.07
N SER K 172 -11.20 29.98 -15.37
CA SER K 172 -11.65 28.71 -14.80
C SER K 172 -11.10 28.44 -13.40
N VAL K 173 -9.90 28.93 -13.09
CA VAL K 173 -9.48 28.98 -11.68
C VAL K 173 -10.29 30.01 -10.89
N ALA K 174 -10.62 31.16 -11.48
CA ALA K 174 -11.53 32.17 -10.83
C ALA K 174 -12.88 31.57 -10.44
N ARG K 175 -13.47 30.77 -11.34
CA ARG K 175 -14.79 30.10 -11.15
C ARG K 175 -14.76 29.04 -10.05
N LEU K 176 -13.67 28.29 -10.00
CA LEU K 176 -13.42 27.31 -8.95
C LEU K 176 -13.19 27.93 -7.58
N ARG K 177 -12.50 29.07 -7.46
CA ARG K 177 -12.28 29.70 -6.14
C ARG K 177 -13.59 30.26 -5.59
N ALA K 178 -14.41 30.81 -6.48
CA ALA K 178 -15.76 31.24 -6.10
C ALA K 178 -16.63 30.07 -5.54
N ALA K 179 -16.65 28.97 -6.26
CA ALA K 179 -17.27 27.71 -5.82
C ALA K 179 -16.66 27.26 -4.44
N ARG K 180 -15.35 27.23 -4.32
CA ARG K 180 -14.71 26.92 -3.02
C ARG K 180 -15.19 27.84 -1.91
N ASP K 181 -15.22 29.17 -2.15
CA ASP K 181 -15.62 30.14 -1.08
C ASP K 181 -17.06 29.93 -0.64
N ALA K 182 -17.85 29.36 -1.55
CA ALA K 182 -19.25 29.07 -1.31
C ALA K 182 -19.49 27.63 -0.78
N GLY K 183 -18.42 26.95 -0.38
CA GLY K 183 -18.57 25.72 0.38
C GLY K 183 -18.54 24.42 -0.40
N ALA K 184 -18.17 24.50 -1.68
CA ALA K 184 -17.96 23.30 -2.47
C ALA K 184 -16.77 22.54 -1.89
N ASP K 185 -16.82 21.21 -2.00
CA ASP K 185 -15.89 20.31 -1.29
C ASP K 185 -14.66 19.95 -2.13
N VAL K 186 -14.84 19.89 -3.46
CA VAL K 186 -13.86 19.36 -4.42
C VAL K 186 -13.96 20.20 -5.72
N GLY K 187 -12.84 20.52 -6.38
CA GLY K 187 -12.86 21.26 -7.64
C GLY K 187 -12.60 20.39 -8.85
N PHE K 188 -13.26 20.68 -9.97
CA PHE K 188 -13.26 19.78 -11.13
C PHE K 188 -13.08 20.73 -12.33
N LEU K 189 -11.81 20.90 -12.72
CA LEU K 189 -11.45 21.68 -13.93
C LEU K 189 -11.48 20.65 -15.04
N GLU K 190 -12.54 20.70 -15.82
CA GLU K 190 -12.68 19.82 -16.99
C GLU K 190 -11.72 20.19 -18.14
N GLY K 191 -11.17 19.15 -18.77
CA GLY K 191 -10.45 19.34 -20.03
C GLY K 191 -9.00 19.85 -19.94
N ILE K 192 -8.46 19.87 -18.71
CA ILE K 192 -7.04 20.18 -18.44
C ILE K 192 -6.14 19.68 -19.56
N THR K 193 -5.31 20.57 -20.11
CA THR K 193 -4.72 20.37 -21.42
C THR K 193 -3.28 19.88 -21.42
N SER K 194 -2.64 19.93 -20.26
CA SER K 194 -1.22 19.61 -20.15
C SER K 194 -0.80 19.15 -18.75
N ARG K 195 0.30 18.36 -18.72
CA ARG K 195 0.84 17.82 -17.44
C ARG K 195 1.31 18.95 -16.57
N GLU K 196 1.83 20.00 -17.20
CA GLU K 196 2.27 21.23 -16.51
C GLU K 196 1.05 21.92 -15.84
N MET K 197 0.01 22.15 -16.63
CA MET K 197 -1.25 22.74 -16.11
C MET K 197 -1.91 21.94 -14.99
N ALA K 198 -1.88 20.62 -15.09
CA ALA K 198 -2.33 19.74 -14.00
C ALA K 198 -1.52 19.91 -12.72
N ARG K 199 -0.19 19.95 -12.80
CA ARG K 199 0.62 20.21 -11.59
C ARG K 199 0.37 21.62 -11.03
N GLN K 200 0.00 22.55 -11.92
CA GLN K 200 -0.17 23.94 -11.55
C GLN K 200 -1.50 24.31 -10.90
N VAL K 201 -2.59 23.74 -11.38
CA VAL K 201 -3.93 23.98 -10.78
C VAL K 201 -4.03 23.49 -9.33
N ILE K 202 -3.22 22.50 -9.00
CA ILE K 202 -3.12 21.99 -7.65
C ILE K 202 -2.43 22.98 -6.74
N GLN K 203 -1.34 23.58 -7.21
CA GLN K 203 -0.68 24.61 -6.43
C GLN K 203 -1.61 25.83 -6.27
N ASP K 204 -2.23 26.31 -7.38
CA ASP K 204 -3.06 27.54 -7.36
C ASP K 204 -4.26 27.42 -6.43
N LEU K 205 -4.73 26.18 -6.26
CA LEU K 205 -5.86 25.86 -5.38
C LEU K 205 -5.43 24.99 -4.15
N ALA K 206 -4.19 25.17 -3.69
CA ALA K 206 -3.65 24.39 -2.57
C ALA K 206 -4.47 24.50 -1.26
N GLY K 207 -4.77 23.37 -0.64
CA GLY K 207 -5.74 23.29 0.45
C GLY K 207 -6.99 22.48 0.08
N TRP K 208 -7.46 22.62 -1.16
CA TRP K 208 -8.74 22.14 -1.65
C TRP K 208 -8.53 20.91 -2.57
N PRO K 209 -9.23 19.79 -2.27
CA PRO K 209 -9.26 18.57 -3.07
C PRO K 209 -9.71 18.83 -4.50
N LEU K 210 -8.99 18.29 -5.45
CA LEU K 210 -9.30 18.43 -6.85
C LEU K 210 -9.44 17.09 -7.52
N LEU K 211 -10.13 17.07 -8.65
CA LEU K 211 -10.62 15.88 -9.24
C LEU K 211 -10.12 15.83 -10.66
N LEU K 212 -9.40 14.81 -11.01
CA LEU K 212 -8.98 14.77 -12.40
C LEU K 212 -9.91 13.88 -13.23
N ASN K 213 -10.47 14.43 -14.34
CA ASN K 213 -11.28 13.65 -15.26
C ASN K 213 -10.41 13.03 -16.33
N MET K 214 -10.34 11.68 -16.39
CA MET K 214 -9.48 11.00 -17.38
C MET K 214 -10.21 10.18 -18.49
N VAL K 215 -10.61 10.89 -19.53
CA VAL K 215 -11.18 10.34 -20.73
C VAL K 215 -9.99 10.47 -21.70
N GLU K 216 -9.48 9.34 -22.21
CA GLU K 216 -8.32 9.33 -23.08
C GLU K 216 -8.67 9.73 -24.49
N HIS K 217 -7.65 10.20 -25.21
CA HIS K 217 -7.74 10.71 -26.59
C HIS K 217 -8.49 12.06 -26.79
N GLY K 218 -8.73 12.83 -25.70
CA GLY K 218 -9.34 14.19 -25.80
C GLY K 218 -8.33 15.33 -25.71
N ALA K 219 -8.73 16.44 -25.03
CA ALA K 219 -7.89 17.62 -24.74
C ALA K 219 -6.88 17.39 -23.64
N THR K 220 -7.00 16.23 -22.97
CA THR K 220 -6.20 15.93 -21.74
C THR K 220 -5.15 14.83 -21.96
N PRO K 221 -3.87 15.09 -21.65
CA PRO K 221 -2.88 14.01 -21.78
C PRO K 221 -3.24 12.74 -20.98
N SER K 222 -2.85 11.57 -21.47
CA SER K 222 -2.84 10.31 -20.64
C SER K 222 -2.04 10.38 -19.32
N ILE K 223 -2.75 10.44 -18.20
CA ILE K 223 -2.17 10.58 -16.86
C ILE K 223 -2.87 9.50 -16.04
N SER K 224 -2.09 8.47 -15.69
CA SER K 224 -2.54 7.35 -14.85
C SER K 224 -2.93 7.83 -13.47
N ALA K 225 -3.67 6.99 -12.76
CA ALA K 225 -3.93 7.10 -11.35
C ALA K 225 -2.70 7.40 -10.46
N ALA K 226 -1.55 6.73 -10.70
CA ALA K 226 -0.34 6.96 -9.86
C ALA K 226 0.25 8.37 -10.10
N GLU K 227 0.16 8.88 -11.35
CA GLU K 227 0.66 10.22 -11.69
C GLU K 227 -0.26 11.27 -11.11
N ALA K 228 -1.56 10.99 -11.17
CA ALA K 228 -2.58 11.92 -10.65
C ALA K 228 -2.43 12.13 -9.15
N LYS K 229 -2.18 11.04 -8.43
CA LYS K 229 -1.84 11.09 -7.00
C LYS K 229 -0.53 11.87 -6.67
N GLU K 230 0.52 11.67 -7.47
CA GLU K 230 1.79 12.43 -7.35
C GLU K 230 1.54 13.92 -7.58
N MET K 231 0.76 14.24 -8.62
CA MET K 231 0.33 15.60 -8.90
C MET K 231 -0.27 16.32 -7.70
N GLY K 232 -1.09 15.61 -6.89
CA GLY K 232 -1.85 16.19 -5.75
C GLY K 232 -3.36 16.00 -5.84
N PHE K 233 -3.85 15.44 -6.95
CA PHE K 233 -5.27 15.17 -7.04
C PHE K 233 -5.76 14.25 -5.91
N ARG K 234 -7.00 14.48 -5.51
CA ARG K 234 -7.53 13.69 -4.42
C ARG K 234 -8.47 12.61 -4.97
N ILE K 235 -8.89 12.79 -6.23
CA ILE K 235 -9.81 11.88 -6.93
C ILE K 235 -9.41 11.85 -8.39
N ILE K 236 -9.49 10.68 -9.00
CA ILE K 236 -9.39 10.53 -10.47
C ILE K 236 -10.56 9.63 -10.96
N ILE K 237 -11.21 10.05 -12.06
CA ILE K 237 -12.30 9.29 -12.67
C ILE K 237 -11.95 8.83 -14.11
N PHE K 238 -12.56 7.74 -14.57
CA PHE K 238 -12.32 7.24 -15.90
C PHE K 238 -13.66 6.97 -16.52
N PRO K 239 -14.38 8.02 -16.97
CA PRO K 239 -15.77 7.90 -17.45
C PRO K 239 -16.01 6.86 -18.56
N PHE K 240 -15.03 6.69 -19.45
CA PHE K 240 -15.24 5.92 -20.68
C PHE K 240 -14.75 4.52 -20.58
N ALA K 241 -14.43 4.12 -19.32
CA ALA K 241 -13.65 2.90 -19.04
C ALA K 241 -14.42 1.62 -19.36
N ALA K 242 -15.75 1.66 -19.14
CA ALA K 242 -16.69 0.58 -19.49
C ALA K 242 -17.39 0.76 -20.85
N LEU K 243 -17.81 1.97 -21.22
CA LEU K 243 -18.43 2.24 -22.55
C LEU K 243 -17.57 1.92 -23.78
N GLY K 244 -16.36 2.42 -23.82
CA GLY K 244 -15.37 2.01 -24.77
C GLY K 244 -15.42 0.57 -25.16
N PRO K 245 -15.12 -0.31 -24.27
CA PRO K 245 -14.87 -1.68 -24.67
C PRO K 245 -16.15 -2.47 -24.87
N ALA K 246 -17.17 -2.04 -24.20
CA ALA K 246 -18.55 -2.51 -24.44
C ALA K 246 -19.04 -2.24 -25.84
N VAL K 247 -18.93 -1.01 -26.33
CA VAL K 247 -19.34 -0.71 -27.73
C VAL K 247 -18.57 -1.50 -28.80
N ALA K 248 -17.25 -1.52 -28.67
CA ALA K 248 -16.42 -2.31 -29.61
C ALA K 248 -16.79 -3.79 -29.63
N ALA K 249 -16.80 -4.45 -28.48
CA ALA K 249 -17.26 -5.85 -28.36
C ALA K 249 -18.66 -6.15 -28.95
N MET K 250 -19.65 -5.30 -28.68
CA MET K 250 -21.01 -5.47 -29.26
C MET K 250 -21.05 -5.22 -30.76
N ARG K 251 -20.31 -4.22 -31.25
CA ARG K 251 -20.19 -4.05 -32.71
C ARG K 251 -19.62 -5.29 -33.45
N GLU K 252 -18.48 -5.79 -33.01
CA GLU K 252 -17.84 -6.92 -33.67
C GLU K 252 -18.64 -8.21 -33.57
N ALA K 253 -19.19 -8.46 -32.37
CA ALA K 253 -20.13 -9.56 -32.12
C ALA K 253 -21.36 -9.51 -33.03
N MET K 254 -22.00 -8.32 -33.12
CA MET K 254 -23.19 -8.15 -33.97
C MET K 254 -22.87 -8.41 -35.44
N GLU K 255 -21.78 -7.81 -35.89
CA GLU K 255 -21.30 -7.98 -37.25
C GLU K 255 -20.99 -9.46 -37.57
N LYS K 256 -20.40 -10.17 -36.60
CA LYS K 256 -20.16 -11.59 -36.60
C LYS K 256 -21.47 -12.40 -36.75
N LEU K 257 -22.50 -12.01 -36.02
CA LEU K 257 -23.81 -12.65 -36.12
C LEU K 257 -24.53 -12.38 -37.44
N LYS K 258 -24.27 -11.22 -38.05
CA LYS K 258 -24.86 -10.86 -39.33
C LYS K 258 -24.35 -11.76 -40.48
N ARG K 259 -23.07 -12.12 -40.49
CA ARG K 259 -22.59 -12.97 -41.60
C ARG K 259 -22.59 -14.45 -41.29
N ASP K 260 -22.52 -14.79 -39.99
CA ASP K 260 -22.51 -16.19 -39.57
C ASP K 260 -23.91 -16.76 -39.33
N GLY K 261 -24.77 -16.01 -38.65
CA GLY K 261 -26.18 -16.40 -38.46
C GLY K 261 -26.42 -17.17 -37.18
N ILE K 262 -25.50 -17.00 -36.25
CA ILE K 262 -25.37 -17.71 -34.99
C ILE K 262 -24.19 -16.98 -34.31
N PRO K 263 -24.36 -16.60 -33.01
CA PRO K 263 -23.40 -15.66 -32.38
C PRO K 263 -21.95 -16.13 -32.41
N GLY K 264 -21.77 -17.45 -32.23
CA GLY K 264 -20.48 -18.08 -31.97
C GLY K 264 -19.90 -17.65 -30.63
N LEU K 265 -20.74 -17.46 -29.64
CA LEU K 265 -20.28 -16.95 -28.37
C LEU K 265 -19.37 -17.95 -27.71
N ASP K 266 -18.75 -17.51 -26.63
CA ASP K 266 -17.76 -18.29 -25.94
C ASP K 266 -18.50 -19.16 -24.93
N LYS K 267 -18.10 -20.43 -24.79
CA LYS K 267 -18.74 -21.38 -23.82
C LYS K 267 -18.88 -20.81 -22.37
N GLU K 268 -18.32 -19.62 -22.16
CA GLU K 268 -18.23 -18.93 -20.89
C GLU K 268 -19.34 -17.86 -20.73
N MET K 269 -19.88 -17.41 -21.86
CA MET K 269 -20.94 -16.40 -21.94
C MET K 269 -22.31 -17.07 -21.86
N THR K 270 -22.73 -17.25 -20.61
CA THR K 270 -23.80 -18.14 -20.23
C THR K 270 -24.75 -17.30 -19.30
N PRO K 271 -26.08 -17.49 -19.43
CA PRO K 271 -27.03 -16.82 -18.50
C PRO K 271 -26.71 -17.06 -17.01
N GLN K 272 -26.17 -18.23 -16.68
CA GLN K 272 -25.73 -18.56 -15.32
C GLN K 272 -24.48 -17.72 -14.90
N MET K 273 -23.62 -17.34 -15.84
CA MET K 273 -22.50 -16.41 -15.55
C MET K 273 -23.03 -15.00 -15.22
N LEU K 274 -23.98 -14.55 -16.01
CA LEU K 274 -24.52 -13.22 -15.84
C LEU K 274 -25.14 -13.07 -14.45
N PHE K 275 -25.91 -14.08 -14.07
CA PHE K 275 -26.65 -14.08 -12.82
C PHE K 275 -25.67 -14.00 -11.67
N ARG K 276 -24.54 -14.72 -11.80
CA ARG K 276 -23.51 -14.75 -10.78
C ARG K 276 -22.72 -13.41 -10.72
N VAL K 277 -22.49 -12.80 -11.89
CA VAL K 277 -21.92 -11.47 -11.99
C VAL K 277 -22.83 -10.44 -11.32
N CYS K 278 -24.15 -10.69 -11.38
CA CYS K 278 -25.21 -9.83 -10.83
C CYS K 278 -25.70 -10.19 -9.42
N GLY K 279 -24.85 -10.81 -8.63
CA GLY K 279 -25.14 -11.08 -7.25
C GLY K 279 -26.20 -12.12 -6.95
N LEU K 280 -26.30 -13.20 -7.74
CA LEU K 280 -27.34 -14.20 -7.48
C LEU K 280 -27.17 -14.85 -6.09
N ASP K 281 -25.92 -15.06 -5.67
CA ASP K 281 -25.69 -15.73 -4.38
C ASP K 281 -26.08 -14.91 -3.14
N GLU K 282 -25.89 -13.60 -3.17
CA GLU K 282 -26.43 -12.76 -2.07
C GLU K 282 -27.98 -12.62 -2.09
N SER K 283 -28.56 -12.62 -3.29
CA SER K 283 -30.00 -12.59 -3.42
C SER K 283 -30.59 -13.86 -2.84
N MET K 284 -29.88 -14.96 -3.03
CA MET K 284 -30.24 -16.27 -2.47
C MET K 284 -30.07 -16.43 -0.91
N LYS K 285 -29.07 -15.75 -0.36
CA LYS K 285 -28.78 -15.64 1.08
C LYS K 285 -29.92 -14.89 1.80
N VAL K 286 -30.32 -13.74 1.25
CA VAL K 286 -31.43 -12.88 1.77
C VAL K 286 -32.68 -13.72 1.87
N ASP K 287 -32.92 -14.47 0.81
CA ASP K 287 -34.08 -15.37 0.70
C ASP K 287 -34.05 -16.43 1.78
N ALA K 288 -32.92 -17.16 1.89
CA ALA K 288 -32.76 -18.15 2.95
C ALA K 288 -32.86 -17.59 4.39
N GLN K 289 -32.36 -16.36 4.64
CA GLN K 289 -32.44 -15.70 5.98
C GLN K 289 -33.89 -15.34 6.40
N ALA K 290 -34.68 -14.87 5.43
CA ALA K 290 -36.12 -14.62 5.56
C ALA K 290 -36.94 -15.92 5.77
N GLY K 291 -36.31 -17.06 5.50
CA GLY K 291 -36.91 -18.39 5.67
C GLY K 291 -36.77 -19.14 6.99
N GLY K 292 -35.82 -18.71 7.84
CA GLY K 292 -35.60 -19.29 9.17
C GLY K 292 -34.21 -18.99 9.75
N THR L 4 -47.61 1.54 -36.77
CA THR L 4 -46.64 0.87 -35.86
C THR L 4 -46.00 -0.32 -36.60
N ALA L 5 -44.81 -0.75 -36.15
CA ALA L 5 -44.07 -1.89 -36.75
C ALA L 5 -44.74 -3.24 -36.42
N ALA L 6 -45.63 -3.25 -35.42
CA ALA L 6 -46.45 -4.42 -35.16
C ALA L 6 -47.23 -4.84 -36.41
N THR L 7 -47.56 -3.89 -37.28
CA THR L 7 -48.35 -4.14 -38.49
C THR L 7 -47.54 -4.80 -39.59
N SER L 8 -46.29 -4.40 -39.80
CA SER L 8 -45.50 -5.03 -40.84
C SER L 8 -45.04 -6.44 -40.42
N LEU L 9 -44.83 -6.62 -39.12
CA LEU L 9 -44.47 -7.92 -38.54
C LEU L 9 -45.61 -8.93 -38.71
N ARG L 10 -46.78 -8.55 -38.28
CA ARG L 10 -48.00 -9.23 -38.65
C ARG L 10 -48.06 -9.71 -40.07
N ARG L 11 -47.82 -8.82 -41.01
CA ARG L 11 -47.92 -9.18 -42.43
C ARG L 11 -46.87 -10.18 -42.89
N ALA L 12 -45.66 -10.04 -42.36
CA ALA L 12 -44.56 -10.96 -42.67
C ALA L 12 -44.95 -12.35 -42.16
N LEU L 13 -45.38 -12.40 -40.92
CA LEU L 13 -45.88 -13.61 -40.32
C LEU L 13 -47.13 -14.21 -41.03
N GLU L 14 -47.82 -13.42 -41.88
CA GLU L 14 -48.83 -14.00 -42.80
C GLU L 14 -48.19 -14.46 -44.11
N ASN L 15 -46.93 -14.07 -44.31
CA ASN L 15 -46.20 -14.46 -45.50
C ASN L 15 -45.31 -15.69 -45.24
N PRO L 16 -45.70 -16.85 -45.84
CA PRO L 16 -45.03 -18.15 -45.72
C PRO L 16 -43.50 -18.06 -45.75
N ASP L 17 -42.95 -17.27 -46.68
CA ASP L 17 -41.50 -17.20 -46.93
C ASP L 17 -40.71 -16.19 -46.10
N SER L 18 -41.38 -15.38 -45.28
CA SER L 18 -40.65 -14.42 -44.42
C SER L 18 -40.06 -15.16 -43.26
N PHE L 19 -38.84 -14.78 -42.87
CA PHE L 19 -38.20 -15.34 -41.70
C PHE L 19 -37.55 -14.22 -40.91
N ILE L 20 -37.77 -14.20 -39.59
CA ILE L 20 -37.42 -13.05 -38.78
C ILE L 20 -36.19 -13.34 -37.95
N VAL L 21 -35.21 -12.45 -38.03
CA VAL L 21 -33.93 -12.63 -37.34
C VAL L 21 -33.75 -11.43 -36.42
N ALA L 22 -33.76 -11.67 -35.10
CA ALA L 22 -33.70 -10.60 -34.11
C ALA L 22 -32.68 -10.83 -32.94
N PRO L 23 -31.58 -10.05 -32.87
CA PRO L 23 -30.59 -10.14 -31.80
C PRO L 23 -31.13 -9.64 -30.48
N GLY L 24 -30.51 -10.13 -29.40
CA GLY L 24 -30.86 -9.74 -28.05
C GLY L 24 -30.12 -8.47 -27.62
N VAL L 25 -30.91 -7.52 -27.10
CA VAL L 25 -30.51 -6.18 -26.90
C VAL L 25 -31.18 -5.81 -25.55
N TYR L 26 -30.53 -5.02 -24.70
CA TYR L 26 -31.03 -4.81 -23.31
C TYR L 26 -31.10 -3.33 -22.94
N ASP L 27 -30.52 -2.49 -23.79
CA ASP L 27 -30.53 -1.05 -23.58
C ASP L 27 -30.42 -0.26 -24.88
N GLY L 28 -30.22 1.04 -24.72
CA GLY L 28 -30.07 1.99 -25.82
C GLY L 28 -28.86 1.69 -26.66
N LEU L 29 -27.73 1.48 -26.00
CA LEU L 29 -26.47 1.16 -26.68
C LEU L 29 -26.46 -0.10 -27.54
N SER L 30 -26.82 -1.23 -26.94
CA SER L 30 -26.91 -2.49 -27.68
C SER L 30 -27.90 -2.43 -28.84
N ALA L 31 -28.96 -1.63 -28.68
CA ALA L 31 -29.99 -1.53 -29.72
C ALA L 31 -29.44 -0.86 -30.96
N ARG L 32 -28.77 0.29 -30.73
CA ARG L 32 -28.06 1.14 -31.70
C ARG L 32 -27.00 0.34 -32.43
N VAL L 33 -26.31 -0.52 -31.67
CA VAL L 33 -25.18 -1.29 -32.21
C VAL L 33 -25.72 -2.43 -33.07
N ALA L 34 -26.85 -3.02 -32.68
CA ALA L 34 -27.56 -4.05 -33.49
C ALA L 34 -28.10 -3.56 -34.84
N LEU L 35 -28.89 -2.48 -34.80
CA LEU L 35 -29.38 -1.75 -35.99
C LEU L 35 -28.27 -1.41 -36.96
N SER L 36 -27.14 -0.92 -36.44
CA SER L 36 -26.05 -0.43 -37.31
C SER L 36 -25.35 -1.57 -37.99
N ALA L 37 -25.43 -2.78 -37.39
CA ALA L 37 -24.91 -4.01 -38.00
C ALA L 37 -25.82 -4.51 -39.13
N GLY L 38 -27.01 -3.92 -39.25
CA GLY L 38 -27.88 -4.18 -40.38
C GLY L 38 -29.09 -5.04 -40.07
N PHE L 39 -29.26 -5.39 -38.80
CA PHE L 39 -30.43 -6.17 -38.38
C PHE L 39 -31.80 -5.54 -38.68
N ASP L 40 -32.80 -6.41 -38.87
CA ASP L 40 -34.13 -6.03 -39.35
C ASP L 40 -35.25 -6.22 -38.31
N ALA L 41 -34.87 -6.84 -37.17
CA ALA L 41 -35.68 -6.87 -35.94
C ALA L 41 -34.75 -6.94 -34.76
N LEU L 42 -35.26 -6.59 -33.60
CA LEU L 42 -34.50 -6.63 -32.37
C LEU L 42 -35.32 -7.38 -31.34
N TYR L 43 -34.61 -8.02 -30.39
CA TYR L 43 -35.28 -8.74 -29.31
C TYR L 43 -34.73 -8.21 -28.02
N MET L 44 -35.65 -7.68 -27.21
CA MET L 44 -35.38 -7.20 -25.90
C MET L 44 -35.45 -8.28 -24.82
N THR L 45 -34.25 -8.63 -24.35
CA THR L 45 -34.03 -9.62 -23.29
C THR L 45 -34.46 -9.11 -21.91
N GLY L 46 -35.29 -9.93 -21.25
CA GLY L 46 -35.71 -9.71 -19.89
C GLY L 46 -34.55 -9.86 -18.91
N ALA L 47 -33.72 -10.90 -19.12
CA ALA L 47 -32.60 -11.15 -18.24
C ALA L 47 -31.69 -9.92 -18.34
N GLY L 48 -31.35 -9.50 -19.59
CA GLY L 48 -30.58 -8.28 -19.85
C GLY L 48 -31.16 -6.99 -19.27
N THR L 49 -32.46 -6.80 -19.40
CA THR L 49 -33.05 -5.66 -18.69
C THR L 49 -32.90 -5.67 -17.12
N ALA L 50 -33.12 -6.84 -16.51
CA ALA L 50 -32.93 -6.92 -15.05
C ALA L 50 -31.52 -6.45 -14.69
N ALA L 51 -30.52 -7.01 -15.36
CA ALA L 51 -29.08 -6.70 -15.21
C ALA L 51 -28.68 -5.24 -15.34
N SER L 52 -29.09 -4.65 -16.48
CA SER L 52 -28.79 -3.28 -16.83
C SER L 52 -29.58 -2.28 -15.95
N VAL L 53 -30.89 -2.47 -15.83
CA VAL L 53 -31.63 -1.43 -15.16
C VAL L 53 -31.55 -1.56 -13.65
N HIS L 54 -31.14 -2.75 -13.15
CA HIS L 54 -31.15 -3.04 -11.68
C HIS L 54 -29.87 -3.59 -11.14
N GLY L 55 -28.99 -4.08 -12.01
CA GLY L 55 -27.77 -4.82 -11.60
C GLY L 55 -28.07 -6.10 -10.81
N GLN L 56 -29.11 -6.79 -11.24
CA GLN L 56 -29.72 -7.86 -10.47
C GLN L 56 -29.97 -9.07 -11.41
N ALA L 57 -29.97 -10.30 -10.86
CA ALA L 57 -30.29 -11.51 -11.68
C ALA L 57 -31.76 -11.47 -12.19
N ASP L 58 -32.09 -12.43 -13.05
CA ASP L 58 -33.44 -12.45 -13.62
C ASP L 58 -34.27 -13.34 -12.71
N LEU L 59 -34.92 -12.66 -11.75
CA LEU L 59 -35.50 -13.23 -10.56
C LEU L 59 -36.89 -12.65 -10.34
N GLY L 60 -37.50 -12.10 -11.39
CA GLY L 60 -38.82 -11.46 -11.30
C GLY L 60 -38.71 -10.13 -10.58
N ILE L 61 -37.57 -9.44 -10.77
CA ILE L 61 -37.29 -8.16 -10.10
C ILE L 61 -37.94 -6.98 -10.84
N CYS L 62 -37.98 -7.02 -12.16
CA CYS L 62 -38.48 -5.90 -12.95
C CYS L 62 -39.97 -5.77 -12.85
N THR L 63 -40.42 -4.54 -12.84
CA THR L 63 -41.86 -4.34 -12.79
C THR L 63 -42.37 -4.08 -14.20
N LEU L 64 -43.69 -3.93 -14.35
CA LEU L 64 -44.25 -3.41 -15.60
C LEU L 64 -43.67 -2.02 -15.96
N ASN L 65 -43.59 -1.09 -15.01
CA ASN L 65 -42.88 0.18 -15.26
C ASN L 65 -41.51 -0.03 -15.88
N ASP L 66 -40.70 -0.86 -15.26
CA ASP L 66 -39.33 -1.07 -15.72
C ASP L 66 -39.28 -1.69 -17.11
N MET L 67 -40.11 -2.69 -17.38
CA MET L 67 -40.02 -3.43 -18.62
C MET L 67 -40.57 -2.62 -19.78
N ARG L 68 -41.63 -1.87 -19.48
CA ARG L 68 -42.30 -1.03 -20.43
C ARG L 68 -41.46 0.21 -20.80
N ALA L 69 -40.68 0.75 -19.87
CA ALA L 69 -39.86 1.90 -20.20
C ALA L 69 -38.70 1.49 -21.13
N ASN L 70 -37.95 0.46 -20.74
CA ASN L 70 -36.91 -0.16 -21.62
C ASN L 70 -37.38 -0.50 -23.07
N ALA L 71 -38.56 -1.13 -23.21
CA ALA L 71 -39.07 -1.59 -24.50
C ALA L 71 -39.67 -0.46 -25.35
N GLU L 72 -40.23 0.56 -24.72
CA GLU L 72 -40.67 1.69 -25.53
C GLU L 72 -39.48 2.41 -26.15
N MET L 73 -38.44 2.62 -25.36
CA MET L 73 -37.31 3.36 -25.88
C MET L 73 -36.52 2.59 -26.90
N ILE L 74 -36.39 1.27 -26.72
CA ILE L 74 -35.73 0.40 -27.73
C ILE L 74 -36.52 0.42 -29.08
N SER L 75 -37.84 0.22 -29.00
CA SER L 75 -38.77 0.20 -30.13
C SER L 75 -38.71 1.46 -31.01
N ASN L 76 -38.31 2.55 -30.38
CA ASN L 76 -38.33 3.85 -31.00
C ASN L 76 -37.05 4.51 -31.50
N ILE L 77 -35.90 3.93 -31.20
CA ILE L 77 -34.65 4.30 -31.84
C ILE L 77 -34.79 4.14 -33.37
N SER L 78 -35.52 3.10 -33.79
CA SER L 78 -35.85 2.86 -35.20
C SER L 78 -37.21 2.19 -35.25
N PRO L 79 -38.24 3.01 -35.46
CA PRO L 79 -39.68 2.76 -35.34
C PRO L 79 -40.29 1.89 -36.46
N SER L 80 -39.56 1.80 -37.58
CA SER L 80 -39.77 0.83 -38.67
C SER L 80 -39.23 -0.58 -38.38
N THR L 81 -38.43 -0.74 -37.32
CA THR L 81 -37.81 -2.03 -36.99
C THR L 81 -38.54 -2.79 -35.88
N PRO L 82 -39.13 -3.95 -36.23
CA PRO L 82 -39.91 -4.72 -35.28
C PRO L 82 -39.13 -5.04 -34.01
N VAL L 83 -39.68 -4.72 -32.85
CA VAL L 83 -39.09 -5.12 -31.59
C VAL L 83 -39.96 -6.19 -30.93
N ILE L 84 -39.37 -7.35 -30.67
CA ILE L 84 -40.02 -8.43 -29.91
C ILE L 84 -39.50 -8.33 -28.48
N ALA L 85 -40.38 -7.96 -27.55
CA ALA L 85 -40.07 -7.71 -26.11
C ALA L 85 -40.59 -8.77 -25.12
N ASP L 86 -39.72 -9.19 -24.20
CA ASP L 86 -40.15 -9.95 -23.01
C ASP L 86 -41.27 -9.24 -22.26
N ALA L 87 -42.30 -9.99 -21.90
CA ALA L 87 -43.39 -9.48 -21.05
C ALA L 87 -43.59 -10.34 -19.77
N ASP L 88 -42.61 -11.19 -19.50
CA ASP L 88 -42.67 -12.14 -18.40
C ASP L 88 -44.02 -12.85 -18.35
N THR L 89 -44.68 -12.75 -17.19
CA THR L 89 -46.03 -13.32 -17.03
C THR L 89 -47.13 -12.26 -17.17
N GLY L 90 -46.80 -11.06 -17.60
CA GLY L 90 -47.82 -10.00 -17.70
C GLY L 90 -48.15 -9.27 -16.40
N TYR L 91 -47.42 -9.53 -15.30
CA TYR L 91 -47.39 -8.67 -14.06
C TYR L 91 -48.64 -8.65 -13.18
N GLY L 92 -49.45 -9.68 -13.35
CA GLY L 92 -50.57 -9.95 -12.45
C GLY L 92 -51.66 -10.77 -13.11
N GLY L 93 -52.91 -10.51 -12.70
CA GLY L 93 -54.10 -11.10 -13.35
C GLY L 93 -54.48 -10.47 -14.69
N PRO L 94 -55.69 -10.79 -15.23
CA PRO L 94 -56.04 -10.27 -16.58
C PRO L 94 -56.08 -8.73 -16.65
N ILE L 95 -56.35 -8.07 -15.52
CA ILE L 95 -56.30 -6.60 -15.47
C ILE L 95 -54.87 -6.10 -15.78
N MET L 96 -53.84 -6.76 -15.22
CA MET L 96 -52.47 -6.42 -15.51
C MET L 96 -51.99 -6.88 -16.90
N VAL L 97 -52.34 -8.10 -17.28
CA VAL L 97 -51.97 -8.62 -18.61
C VAL L 97 -52.50 -7.68 -19.71
N ALA L 98 -53.73 -7.16 -19.51
CA ALA L 98 -54.35 -6.23 -20.44
C ALA L 98 -53.60 -4.90 -20.47
N ARG L 99 -53.31 -4.34 -19.29
CA ARG L 99 -52.50 -3.10 -19.17
C ARG L 99 -51.06 -3.20 -19.72
N THR L 100 -50.52 -4.43 -19.67
CA THR L 100 -49.23 -4.73 -20.30
C THR L 100 -49.39 -4.70 -21.82
N THR L 101 -50.46 -5.35 -22.30
CA THR L 101 -50.68 -5.47 -23.74
C THR L 101 -50.88 -4.06 -24.31
N GLU L 102 -51.66 -3.23 -23.63
CA GLU L 102 -51.94 -1.90 -24.10
C GLU L 102 -50.74 -0.96 -24.12
N GLN L 103 -50.03 -0.89 -22.99
CA GLN L 103 -48.80 -0.09 -22.86
C GLN L 103 -47.71 -0.56 -23.80
N TYR L 104 -47.57 -1.86 -23.97
CA TYR L 104 -46.66 -2.33 -25.02
C TYR L 104 -47.11 -1.87 -26.42
N SER L 105 -48.44 -1.80 -26.64
CA SER L 105 -49.05 -1.39 -27.93
C SER L 105 -48.81 0.10 -28.21
N ARG L 106 -49.21 0.93 -27.25
CA ARG L 106 -48.85 2.36 -27.22
C ARG L 106 -47.35 2.61 -27.43
N SER L 107 -46.50 1.83 -26.80
CA SER L 107 -45.06 2.05 -26.87
C SER L 107 -44.47 1.89 -28.29
N GLY L 108 -45.22 1.23 -29.15
CA GLY L 108 -44.79 0.84 -30.50
C GLY L 108 -44.13 -0.54 -30.57
N VAL L 109 -44.31 -1.40 -29.54
CA VAL L 109 -43.79 -2.78 -29.58
C VAL L 109 -44.42 -3.60 -30.73
N ALA L 110 -43.64 -4.45 -31.38
CA ALA L 110 -44.17 -5.26 -32.48
C ALA L 110 -44.73 -6.60 -31.97
N ALA L 111 -44.06 -7.18 -30.98
CA ALA L 111 -44.36 -8.50 -30.49
C ALA L 111 -44.01 -8.49 -28.99
N PHE L 112 -44.72 -9.29 -28.19
CA PHE L 112 -44.35 -9.58 -26.76
C PHE L 112 -44.71 -11.05 -26.51
N HIS L 113 -43.93 -11.70 -25.64
CA HIS L 113 -44.24 -13.08 -25.16
C HIS L 113 -44.62 -13.14 -23.67
N ILE L 114 -45.76 -13.77 -23.37
CA ILE L 114 -46.20 -14.05 -21.98
C ILE L 114 -46.04 -15.55 -21.75
N GLU L 115 -45.57 -15.91 -20.57
CA GLU L 115 -45.27 -17.29 -20.28
C GLU L 115 -46.17 -17.87 -19.14
N ASP L 116 -45.97 -19.15 -18.84
CA ASP L 116 -46.85 -19.89 -17.87
C ASP L 116 -46.36 -20.07 -16.42
N GLN L 117 -45.30 -19.36 -16.04
CA GLN L 117 -44.74 -19.40 -14.68
C GLN L 117 -45.63 -18.70 -13.66
N VAL L 118 -45.47 -19.05 -12.38
CA VAL L 118 -46.00 -18.21 -11.27
C VAL L 118 -45.40 -16.76 -11.36
N GLN L 119 -46.13 -15.74 -10.93
CA GLN L 119 -45.60 -14.34 -11.02
C GLN L 119 -44.46 -14.09 -10.00
N THR L 120 -44.66 -14.69 -8.82
CA THR L 120 -43.82 -14.62 -7.62
C THR L 120 -43.45 -16.05 -7.27
N LYS L 121 -42.19 -16.42 -7.47
CA LYS L 121 -41.69 -17.68 -6.85
C LYS L 121 -41.63 -17.56 -5.32
N ARG L 122 -41.86 -18.70 -4.67
CA ARG L 122 -41.99 -18.76 -3.22
C ARG L 122 -40.59 -18.62 -2.55
N CYS L 123 -40.53 -18.08 -1.33
CA CYS L 123 -39.26 -18.12 -0.58
C CYS L 123 -38.68 -19.56 -0.64
N GLY L 124 -37.36 -19.64 -0.79
CA GLY L 124 -36.71 -20.91 -1.08
C GLY L 124 -36.87 -21.35 -2.53
N HIS L 125 -37.53 -20.57 -3.36
CA HIS L 125 -37.70 -21.02 -4.72
C HIS L 125 -37.12 -20.19 -5.85
N LEU L 126 -36.21 -19.29 -5.52
CA LEU L 126 -35.85 -18.24 -6.45
C LEU L 126 -34.94 -18.73 -7.53
N ALA L 127 -35.24 -18.40 -8.77
CA ALA L 127 -34.44 -19.02 -9.88
C ALA L 127 -34.90 -20.46 -10.06
N GLY L 128 -35.83 -20.68 -11.01
CA GLY L 128 -36.49 -22.01 -11.25
C GLY L 128 -37.82 -21.87 -12.00
N LYS L 129 -38.50 -22.97 -12.15
CA LYS L 129 -39.79 -22.92 -12.75
C LYS L 129 -40.78 -23.64 -11.85
N ILE L 130 -41.55 -22.85 -11.15
CA ILE L 130 -42.84 -23.20 -10.69
C ILE L 130 -43.86 -22.56 -11.62
N LEU L 131 -44.76 -23.36 -12.11
CA LEU L 131 -45.74 -22.98 -13.14
C LEU L 131 -47.15 -22.82 -12.63
N VAL L 132 -47.99 -22.37 -13.54
CA VAL L 132 -49.42 -22.08 -13.30
C VAL L 132 -50.20 -23.12 -14.13
N ASP L 133 -51.48 -23.33 -13.88
CA ASP L 133 -52.23 -24.34 -14.67
C ASP L 133 -52.59 -23.82 -16.09
N THR L 134 -52.86 -24.74 -17.01
CA THR L 134 -53.26 -24.37 -18.39
C THR L 134 -54.32 -23.27 -18.45
N ASP L 135 -55.40 -23.43 -17.68
CA ASP L 135 -56.52 -22.46 -17.67
C ASP L 135 -56.11 -21.05 -17.18
N THR L 136 -55.37 -20.97 -16.07
CA THR L 136 -54.75 -19.69 -15.68
C THR L 136 -53.83 -19.09 -16.79
N TYR L 137 -53.08 -19.94 -17.48
CA TYR L 137 -52.16 -19.53 -18.57
C TYR L 137 -52.90 -18.95 -19.80
N VAL L 138 -53.84 -19.74 -20.32
CA VAL L 138 -54.80 -19.36 -21.38
C VAL L 138 -55.61 -18.11 -21.01
N THR L 139 -55.93 -17.95 -19.74
CA THR L 139 -56.53 -16.69 -19.28
C THR L 139 -55.60 -15.49 -19.54
N ARG L 140 -54.27 -15.72 -19.46
CA ARG L 140 -53.24 -14.69 -19.76
C ARG L 140 -53.25 -14.36 -21.24
N ILE L 141 -53.21 -15.40 -22.09
CA ILE L 141 -53.24 -15.30 -23.56
C ILE L 141 -54.51 -14.63 -24.08
N ARG L 142 -55.64 -15.01 -23.48
CA ARG L 142 -56.93 -14.47 -23.88
C ARG L 142 -57.05 -12.97 -23.49
N ALA L 143 -56.83 -12.64 -22.20
CA ALA L 143 -56.71 -11.26 -21.69
C ALA L 143 -55.93 -10.32 -22.63
N ALA L 144 -54.81 -10.84 -23.19
CA ALA L 144 -53.89 -10.17 -24.16
C ALA L 144 -54.54 -10.00 -25.56
N VAL L 145 -54.91 -11.08 -26.24
CA VAL L 145 -55.64 -11.02 -27.52
C VAL L 145 -56.89 -10.10 -27.51
N GLN L 146 -57.69 -10.22 -26.47
CA GLN L 146 -58.83 -9.34 -26.28
C GLN L 146 -58.50 -7.89 -26.14
N ALA L 147 -57.45 -7.62 -25.35
CA ALA L 147 -56.98 -6.27 -25.02
C ALA L 147 -56.51 -5.54 -26.25
N ARG L 148 -55.68 -6.23 -27.03
CA ARG L 148 -55.17 -5.73 -28.30
C ARG L 148 -56.28 -5.58 -29.38
N GLN L 149 -57.37 -6.31 -29.22
CA GLN L 149 -58.48 -6.25 -30.17
C GLN L 149 -59.36 -5.08 -29.85
N ARG L 150 -59.49 -4.82 -28.56
CA ARG L 150 -60.22 -3.66 -28.04
C ARG L 150 -59.60 -2.34 -28.48
N ILE L 151 -58.26 -2.25 -28.55
CA ILE L 151 -57.57 -0.98 -28.96
C ILE L 151 -57.24 -0.86 -30.46
N GLY L 152 -57.58 -1.92 -31.20
CA GLY L 152 -57.31 -1.97 -32.62
C GLY L 152 -55.83 -2.15 -32.88
N SER L 153 -55.16 -2.91 -32.01
CA SER L 153 -53.71 -3.10 -32.05
C SER L 153 -53.25 -4.41 -32.73
N ASP L 154 -52.35 -4.31 -33.72
CA ASP L 154 -51.81 -5.49 -34.44
C ASP L 154 -50.63 -6.18 -33.73
N ILE L 155 -50.33 -5.76 -32.52
CA ILE L 155 -49.20 -6.32 -31.83
C ILE L 155 -49.30 -7.84 -31.84
N VAL L 156 -48.17 -8.49 -32.13
CA VAL L 156 -48.09 -9.96 -32.16
C VAL L 156 -47.97 -10.57 -30.73
N VAL L 157 -48.97 -11.40 -30.38
CA VAL L 157 -48.96 -12.15 -29.12
C VAL L 157 -48.27 -13.49 -29.25
N ILE L 158 -47.17 -13.64 -28.48
CA ILE L 158 -46.28 -14.81 -28.52
C ILE L 158 -46.44 -15.74 -27.32
N ALA L 159 -46.91 -16.96 -27.60
CA ALA L 159 -47.25 -17.88 -26.52
C ALA L 159 -46.01 -18.65 -26.09
N ARG L 160 -45.54 -18.41 -24.88
CA ARG L 160 -44.38 -19.13 -24.35
C ARG L 160 -44.71 -20.12 -23.27
N THR L 161 -44.26 -21.35 -23.44
CA THR L 161 -44.27 -22.33 -22.37
C THR L 161 -42.87 -22.71 -21.82
N ASP L 162 -42.76 -22.69 -20.49
CA ASP L 162 -41.63 -23.24 -19.71
C ASP L 162 -41.84 -24.67 -19.19
N SER L 163 -42.93 -25.26 -19.63
CA SER L 163 -43.37 -26.56 -19.15
C SER L 163 -42.59 -27.74 -19.78
N LEU L 164 -41.66 -27.50 -20.69
CA LEU L 164 -40.93 -28.66 -21.24
C LEU L 164 -40.34 -29.57 -20.13
N GLN L 165 -39.59 -28.99 -19.19
CA GLN L 165 -38.92 -29.79 -18.14
C GLN L 165 -39.75 -30.09 -16.90
N THR L 166 -40.57 -29.10 -16.48
CA THR L 166 -41.48 -29.21 -15.30
C THR L 166 -42.64 -30.19 -15.52
N HIS L 167 -43.09 -30.30 -16.76
CA HIS L 167 -44.23 -31.17 -17.13
C HIS L 167 -43.92 -32.21 -18.20
N GLY L 168 -42.99 -31.92 -19.12
CA GLY L 168 -42.72 -32.76 -20.30
C GLY L 168 -43.26 -32.25 -21.65
N TYR L 169 -42.74 -32.83 -22.75
CA TYR L 169 -43.12 -32.48 -24.14
C TYR L 169 -44.62 -32.50 -24.45
N GLU L 170 -45.29 -33.64 -24.24
CA GLU L 170 -46.74 -33.74 -24.52
C GLU L 170 -47.57 -32.60 -23.91
N GLU L 171 -47.22 -32.20 -22.70
CA GLU L 171 -47.91 -31.14 -22.00
C GLU L 171 -47.65 -29.76 -22.60
N SER L 172 -46.38 -29.46 -22.92
CA SER L 172 -45.98 -28.21 -23.67
C SER L 172 -46.72 -28.05 -25.01
N VAL L 173 -46.85 -29.14 -25.76
CA VAL L 173 -47.56 -29.10 -27.02
C VAL L 173 -49.01 -28.79 -26.77
N ALA L 174 -49.59 -29.39 -25.74
CA ALA L 174 -50.99 -29.14 -25.40
C ALA L 174 -51.17 -27.69 -24.94
N ARG L 175 -50.15 -27.17 -24.26
CA ARG L 175 -50.22 -25.78 -23.76
C ARG L 175 -50.16 -24.77 -24.92
N LEU L 176 -49.40 -25.15 -25.95
CA LEU L 176 -49.25 -24.37 -27.16
C LEU L 176 -50.53 -24.32 -28.01
N ARG L 177 -51.12 -25.49 -28.25
CA ARG L 177 -52.42 -25.66 -28.96
C ARG L 177 -53.55 -24.91 -28.27
N ALA L 178 -53.59 -24.95 -26.95
CA ALA L 178 -54.56 -24.21 -26.16
C ALA L 178 -54.48 -22.70 -26.38
N ALA L 179 -53.25 -22.20 -26.28
CA ALA L 179 -52.86 -20.80 -26.51
C ALA L 179 -53.16 -20.34 -27.92
N ARG L 180 -52.71 -21.10 -28.91
CA ARG L 180 -53.16 -20.97 -30.30
C ARG L 180 -54.69 -20.79 -30.42
N ASP L 181 -55.47 -21.70 -29.80
CA ASP L 181 -56.94 -21.67 -29.89
C ASP L 181 -57.55 -20.48 -29.13
N ALA L 182 -56.80 -19.92 -28.18
CA ALA L 182 -57.16 -18.70 -27.47
C ALA L 182 -56.65 -17.43 -28.20
N GLY L 183 -56.05 -17.65 -29.39
CA GLY L 183 -55.77 -16.57 -30.36
C GLY L 183 -54.38 -15.96 -30.44
N ALA L 184 -53.35 -16.68 -29.99
CA ALA L 184 -51.97 -16.19 -29.99
C ALA L 184 -51.39 -16.43 -31.37
N ASP L 185 -50.50 -15.54 -31.81
CA ASP L 185 -50.03 -15.51 -33.22
C ASP L 185 -48.84 -16.45 -33.45
N VAL L 186 -48.04 -16.63 -32.39
CA VAL L 186 -46.77 -17.37 -32.48
C VAL L 186 -46.54 -18.37 -31.29
N GLY L 187 -46.05 -19.56 -31.61
CA GLY L 187 -45.55 -20.53 -30.59
C GLY L 187 -44.15 -20.25 -30.09
N PHE L 188 -43.88 -20.57 -28.84
CA PHE L 188 -42.53 -20.36 -28.24
C PHE L 188 -42.35 -21.49 -27.20
N LEU L 189 -41.78 -22.61 -27.67
CA LEU L 189 -41.45 -23.75 -26.84
C LEU L 189 -40.07 -23.51 -26.21
N GLU L 190 -40.02 -23.01 -24.96
CA GLU L 190 -38.72 -22.69 -24.32
C GLU L 190 -37.88 -23.94 -24.06
N GLY L 191 -36.60 -23.83 -24.43
CA GLY L 191 -35.56 -24.84 -24.18
C GLY L 191 -35.62 -26.10 -25.05
N ILE L 192 -35.85 -25.95 -26.36
CA ILE L 192 -35.95 -27.10 -27.27
C ILE L 192 -34.67 -27.92 -27.10
N THR L 193 -34.81 -29.25 -26.94
CA THR L 193 -33.72 -30.10 -26.42
C THR L 193 -32.91 -30.85 -27.49
N SER L 194 -33.38 -30.82 -28.74
CA SER L 194 -32.68 -31.51 -29.82
C SER L 194 -33.16 -31.00 -31.18
N ARG L 195 -32.38 -31.23 -32.24
CA ARG L 195 -32.80 -30.88 -33.62
C ARG L 195 -34.09 -31.60 -33.89
N GLU L 196 -34.10 -32.89 -33.56
CA GLU L 196 -35.25 -33.80 -33.76
C GLU L 196 -36.47 -33.28 -33.01
N MET L 197 -36.29 -32.81 -31.78
CA MET L 197 -37.41 -32.17 -31.05
C MET L 197 -37.98 -30.93 -31.75
N ALA L 198 -37.11 -29.98 -32.11
CA ALA L 198 -37.47 -28.84 -32.95
C ALA L 198 -38.32 -29.11 -34.25
N ARG L 199 -37.97 -30.11 -35.05
CA ARG L 199 -38.81 -30.51 -36.22
C ARG L 199 -40.18 -31.03 -35.83
N GLN L 200 -40.23 -31.82 -34.76
CA GLN L 200 -41.46 -32.39 -34.24
C GLN L 200 -42.47 -31.28 -33.85
N VAL L 201 -41.99 -30.23 -33.17
CA VAL L 201 -42.86 -29.10 -32.72
C VAL L 201 -43.45 -28.38 -33.88
N ILE L 202 -42.65 -28.18 -34.93
CA ILE L 202 -43.06 -27.50 -36.15
C ILE L 202 -44.24 -28.25 -36.81
N GLN L 203 -44.16 -29.58 -36.80
CA GLN L 203 -45.19 -30.45 -37.39
C GLN L 203 -46.43 -30.54 -36.51
N ASP L 204 -46.21 -30.73 -35.20
CA ASP L 204 -47.29 -30.85 -34.22
C ASP L 204 -48.14 -29.59 -34.18
N LEU L 205 -47.54 -28.43 -34.48
CA LEU L 205 -48.24 -27.13 -34.57
C LEU L 205 -48.20 -26.45 -35.96
N ALA L 206 -48.00 -27.26 -37.02
CA ALA L 206 -47.90 -26.82 -38.42
C ALA L 206 -48.95 -25.78 -38.86
N GLY L 207 -48.48 -24.81 -39.67
CA GLY L 207 -49.32 -23.69 -40.13
C GLY L 207 -49.54 -22.69 -39.02
N TRP L 208 -48.82 -22.89 -37.90
CA TRP L 208 -48.79 -21.89 -36.83
C TRP L 208 -47.33 -21.48 -36.66
N PRO L 209 -47.06 -20.16 -36.70
CA PRO L 209 -45.65 -19.81 -36.67
C PRO L 209 -45.02 -20.13 -35.29
N LEU L 210 -43.81 -20.72 -35.33
CA LEU L 210 -42.97 -20.99 -34.13
C LEU L 210 -41.69 -20.14 -34.09
N LEU L 211 -41.32 -19.68 -32.90
CA LEU L 211 -40.08 -18.93 -32.61
C LEU L 211 -39.06 -19.88 -31.98
N LEU L 212 -37.84 -19.98 -32.51
CA LEU L 212 -36.66 -20.62 -31.83
C LEU L 212 -35.92 -19.60 -30.93
N ASN L 213 -35.70 -19.97 -29.67
CA ASN L 213 -34.90 -19.19 -28.75
C ASN L 213 -33.48 -19.79 -28.68
N MET L 214 -32.51 -19.08 -29.26
CA MET L 214 -31.16 -19.61 -29.52
C MET L 214 -30.09 -18.95 -28.60
N VAL L 215 -30.15 -19.25 -27.30
CA VAL L 215 -29.03 -18.98 -26.38
C VAL L 215 -28.16 -20.26 -26.45
N GLU L 216 -26.91 -20.11 -26.88
CA GLU L 216 -25.98 -21.27 -26.99
C GLU L 216 -25.43 -21.69 -25.61
N HIS L 217 -24.87 -22.91 -25.56
CA HIS L 217 -24.27 -23.60 -24.35
C HIS L 217 -25.24 -24.04 -23.23
N GLY L 218 -26.50 -24.23 -23.62
CA GLY L 218 -27.56 -24.64 -22.70
C GLY L 218 -28.18 -25.92 -23.21
N ALA L 219 -29.44 -26.20 -22.86
CA ALA L 219 -30.14 -27.46 -23.23
C ALA L 219 -30.35 -27.65 -24.74
N THR L 220 -30.40 -26.52 -25.45
CA THR L 220 -30.69 -26.50 -26.90
C THR L 220 -29.45 -26.48 -27.87
N PRO L 221 -29.46 -27.38 -28.89
CA PRO L 221 -28.32 -27.45 -29.79
C PRO L 221 -28.17 -26.17 -30.65
N SER L 222 -27.00 -25.98 -31.27
CA SER L 222 -26.70 -24.78 -32.04
C SER L 222 -27.30 -24.81 -33.46
N ILE L 223 -28.33 -24.01 -33.65
CA ILE L 223 -29.13 -23.99 -34.89
C ILE L 223 -29.05 -22.56 -35.44
N SER L 224 -28.39 -22.40 -36.60
CA SER L 224 -28.26 -21.11 -37.28
C SER L 224 -29.62 -20.60 -37.77
N ALA L 225 -29.72 -19.27 -37.98
CA ALA L 225 -30.80 -18.63 -38.73
C ALA L 225 -31.20 -19.43 -40.01
N ALA L 226 -30.18 -19.78 -40.79
CA ALA L 226 -30.39 -20.53 -42.02
C ALA L 226 -31.14 -21.87 -41.81
N GLU L 227 -30.73 -22.63 -40.78
CA GLU L 227 -31.27 -23.96 -40.56
C GLU L 227 -32.64 -23.93 -39.90
N ALA L 228 -32.80 -22.96 -38.99
CA ALA L 228 -34.09 -22.63 -38.37
C ALA L 228 -35.18 -22.33 -39.43
N LYS L 229 -34.85 -21.54 -40.45
CA LYS L 229 -35.78 -21.28 -41.56
C LYS L 229 -36.11 -22.55 -42.40
N GLU L 230 -35.11 -23.43 -42.61
CA GLU L 230 -35.28 -24.66 -43.42
C GLU L 230 -36.08 -25.72 -42.66
N MET L 231 -36.08 -25.64 -41.33
CA MET L 231 -36.90 -26.53 -40.48
C MET L 231 -38.33 -26.10 -40.54
N GLY L 232 -38.50 -24.77 -40.62
CA GLY L 232 -39.77 -24.09 -40.74
C GLY L 232 -40.11 -23.18 -39.59
N PHE L 233 -39.11 -22.76 -38.79
CA PHE L 233 -39.33 -21.71 -37.80
C PHE L 233 -39.61 -20.44 -38.54
N ARG L 234 -40.41 -19.58 -37.91
CA ARG L 234 -40.74 -18.32 -38.51
C ARG L 234 -40.05 -17.12 -37.85
N ILE L 235 -39.64 -17.29 -36.59
CA ILE L 235 -38.74 -16.33 -35.91
C ILE L 235 -37.55 -17.03 -35.19
N ILE L 236 -36.35 -16.47 -35.33
CA ILE L 236 -35.22 -16.81 -34.45
C ILE L 236 -34.71 -15.58 -33.65
N ILE L 237 -34.53 -15.71 -32.32
CA ILE L 237 -34.02 -14.66 -31.43
C ILE L 237 -32.69 -15.10 -30.82
N PHE L 238 -31.72 -14.18 -30.60
CA PHE L 238 -30.43 -14.48 -29.91
C PHE L 238 -30.21 -13.62 -28.67
N PRO L 239 -30.81 -14.06 -27.54
CA PRO L 239 -30.87 -13.22 -26.32
C PRO L 239 -29.53 -12.76 -25.76
N PHE L 240 -28.45 -13.45 -26.09
CA PHE L 240 -27.09 -13.19 -25.56
C PHE L 240 -26.10 -12.52 -26.57
N ALA L 241 -26.58 -12.34 -27.78
CA ALA L 241 -25.84 -11.59 -28.78
C ALA L 241 -25.02 -10.36 -28.25
N ALA L 242 -25.62 -9.44 -27.49
CA ALA L 242 -24.87 -8.30 -26.98
C ALA L 242 -24.35 -8.56 -25.55
N LEU L 243 -25.13 -9.25 -24.75
CA LEU L 243 -24.82 -9.37 -23.32
C LEU L 243 -23.49 -10.10 -23.10
N GLY L 244 -23.33 -11.30 -23.64
CA GLY L 244 -22.07 -12.05 -23.42
C GLY L 244 -20.81 -11.20 -23.70
N PRO L 245 -20.64 -10.78 -24.98
CA PRO L 245 -19.63 -9.81 -25.42
C PRO L 245 -19.43 -8.61 -24.46
N ALA L 246 -20.46 -7.77 -24.30
CA ALA L 246 -20.38 -6.58 -23.44
C ALA L 246 -19.83 -6.93 -22.05
N VAL L 247 -20.15 -8.10 -21.49
CA VAL L 247 -19.62 -8.46 -20.15
C VAL L 247 -18.17 -8.94 -20.12
N ALA L 248 -17.78 -9.73 -21.09
CA ALA L 248 -16.41 -10.20 -21.19
C ALA L 248 -15.48 -9.00 -21.42
N ALA L 249 -15.84 -8.19 -22.39
CA ALA L 249 -15.07 -7.00 -22.70
C ALA L 249 -14.90 -6.03 -21.53
N MET L 250 -15.94 -5.88 -20.72
CA MET L 250 -15.94 -4.88 -19.69
C MET L 250 -15.07 -5.41 -18.53
N ARG L 251 -15.17 -6.71 -18.28
CA ARG L 251 -14.45 -7.37 -17.20
C ARG L 251 -12.94 -7.22 -17.39
N GLU L 252 -12.45 -7.57 -18.57
CA GLU L 252 -11.02 -7.51 -18.83
C GLU L 252 -10.45 -6.08 -18.95
N ALA L 253 -11.32 -5.09 -19.18
CA ALA L 253 -10.95 -3.68 -19.37
C ALA L 253 -10.78 -3.07 -18.00
N MET L 254 -11.61 -3.55 -17.07
CA MET L 254 -11.66 -3.15 -15.67
C MET L 254 -10.51 -3.74 -14.87
N GLU L 255 -10.27 -5.03 -15.01
CA GLU L 255 -9.13 -5.71 -14.38
C GLU L 255 -7.84 -5.08 -14.87
N LYS L 256 -7.81 -4.78 -16.18
CA LYS L 256 -6.70 -4.04 -16.82
C LYS L 256 -6.48 -2.61 -16.31
N LEU L 257 -7.57 -1.88 -16.07
CA LEU L 257 -7.49 -0.57 -15.42
C LEU L 257 -7.09 -0.66 -13.95
N LYS L 258 -7.56 -1.69 -13.22
CA LYS L 258 -7.02 -1.97 -11.87
C LYS L 258 -5.51 -2.17 -11.84
N ARG L 259 -4.97 -2.94 -12.81
CA ARG L 259 -3.53 -3.24 -12.87
C ARG L 259 -2.62 -2.04 -13.23
N ASP L 260 -3.00 -1.34 -14.31
CA ASP L 260 -2.20 -0.23 -14.89
C ASP L 260 -2.45 1.13 -14.32
N GLY L 261 -3.68 1.38 -13.91
CA GLY L 261 -4.08 2.68 -13.40
C GLY L 261 -4.36 3.69 -14.50
N ILE L 262 -4.73 3.19 -15.68
CA ILE L 262 -5.05 3.97 -16.88
C ILE L 262 -5.85 3.01 -17.75
N PRO L 263 -7.04 3.43 -18.27
CA PRO L 263 -7.85 2.51 -19.06
C PRO L 263 -7.08 1.88 -20.26
N GLY L 264 -6.26 2.69 -20.94
CA GLY L 264 -5.45 2.25 -22.09
C GLY L 264 -6.31 1.78 -23.26
N LEU L 265 -7.33 2.57 -23.61
CA LEU L 265 -8.30 2.24 -24.67
C LEU L 265 -7.86 2.58 -26.12
N ASP L 266 -8.42 1.86 -27.07
CA ASP L 266 -8.05 2.00 -28.46
C ASP L 266 -8.29 3.42 -28.98
N LYS L 267 -7.44 3.87 -29.91
CA LYS L 267 -7.59 5.21 -30.58
C LYS L 267 -9.05 5.68 -30.87
N GLU L 268 -9.88 4.82 -31.46
CA GLU L 268 -11.26 5.16 -31.82
C GLU L 268 -12.30 5.12 -30.68
N MET L 269 -11.91 4.71 -29.45
CA MET L 269 -12.83 4.74 -28.27
C MET L 269 -12.95 6.15 -27.59
N THR L 270 -13.77 7.00 -28.20
CA THR L 270 -13.88 8.42 -27.86
C THR L 270 -15.36 8.69 -27.62
N PRO L 271 -15.73 9.72 -26.81
CA PRO L 271 -17.15 10.15 -26.75
C PRO L 271 -17.78 10.49 -28.13
N GLN L 272 -17.00 11.10 -29.03
CA GLN L 272 -17.51 11.34 -30.43
C GLN L 272 -17.96 10.04 -31.14
N MET L 273 -17.25 8.94 -30.89
CA MET L 273 -17.63 7.63 -31.42
C MET L 273 -18.95 7.20 -30.82
N LEU L 274 -19.07 7.27 -29.50
CA LEU L 274 -20.29 6.85 -28.81
C LEU L 274 -21.51 7.62 -29.35
N PHE L 275 -21.34 8.95 -29.49
CA PHE L 275 -22.31 9.91 -30.03
C PHE L 275 -22.70 9.70 -31.48
N ARG L 276 -21.70 9.47 -32.37
CA ARG L 276 -21.92 8.88 -33.71
C ARG L 276 -22.81 7.64 -33.67
N VAL L 277 -22.45 6.70 -32.81
CA VAL L 277 -23.19 5.45 -32.66
C VAL L 277 -24.70 5.69 -32.31
N CYS L 278 -24.99 6.74 -31.52
CA CYS L 278 -26.27 6.99 -30.84
C CYS L 278 -27.05 8.08 -31.57
N GLY L 279 -26.81 8.17 -32.88
CA GLY L 279 -27.54 9.03 -33.80
C GLY L 279 -27.41 10.54 -33.68
N LEU L 280 -26.21 11.07 -33.37
CA LEU L 280 -25.98 12.54 -33.29
C LEU L 280 -26.37 13.26 -34.59
N ASP L 281 -26.08 12.64 -35.73
CA ASP L 281 -26.30 13.25 -37.04
C ASP L 281 -27.79 13.47 -37.31
N GLU L 282 -28.63 12.44 -37.10
CA GLU L 282 -30.12 12.59 -37.09
C GLU L 282 -30.62 13.60 -36.04
N SER L 283 -29.99 13.66 -34.87
CA SER L 283 -30.39 14.61 -33.82
C SER L 283 -30.11 16.03 -34.23
N MET L 284 -29.02 16.20 -34.96
CA MET L 284 -28.65 17.48 -35.53
C MET L 284 -29.48 17.86 -36.79
N LYS L 285 -29.97 16.89 -37.56
CA LYS L 285 -30.85 17.19 -38.71
C LYS L 285 -32.16 17.68 -38.14
N VAL L 286 -32.72 16.93 -37.17
CA VAL L 286 -33.91 17.34 -36.43
C VAL L 286 -33.85 18.81 -35.92
N ASP L 287 -32.77 19.13 -35.21
CA ASP L 287 -32.49 20.49 -34.68
C ASP L 287 -32.38 21.56 -35.76
N ALA L 288 -31.71 21.25 -36.89
CA ALA L 288 -31.58 22.18 -38.03
C ALA L 288 -32.88 22.35 -38.85
N GLN L 289 -33.65 21.27 -38.98
CA GLN L 289 -34.99 21.33 -39.58
C GLN L 289 -35.88 22.32 -38.84
N ALA L 290 -35.99 22.18 -37.52
CA ALA L 290 -36.74 23.08 -36.63
C ALA L 290 -36.30 24.57 -36.66
N GLY L 291 -35.04 24.83 -37.03
CA GLY L 291 -34.51 26.18 -36.99
C GLY L 291 -33.06 26.30 -37.43
MG MG M . -12.92 -41.79 16.08
MG MG N . 8.02 -20.99 3.57
MG MG O . 16.01 -18.55 28.09
MG MG P . 6.79 -48.83 30.41
MG MG Q . 49.16 33.64 -18.87
MG MG R . 28.53 11.28 -14.81
MG MG S . 30.15 16.77 9.99
MG MG T . 35.88 45.71 -1.03
MG MG U . -52.87 -1.81 0.20
MG MG V . -47.42 24.99 -17.72
MG MG W . -23.69 15.15 -18.09
MG MG X . -37.68 -12.50 -17.78
#